data_2DR6
#
_entry.id   2DR6
#
_cell.length_a   227.046
_cell.length_b   134.561
_cell.length_c   161.697
_cell.angle_alpha   90.00
_cell.angle_beta   98.08
_cell.angle_gamma   90.00
#
_symmetry.space_group_name_H-M   'C 1 2 1'
#
loop_
_entity.id
_entity.type
_entity.pdbx_description
1 polymer ACRB
2 non-polymer DOXORUBICIN
#
_entity_poly.entity_id   1
_entity_poly.type   'polypeptide(L)'
_entity_poly.pdbx_seq_one_letter_code
;MPNFFIDRPIFAWVIAIIIMLAGGLAILKLPVAQYPTIAPPAVTISASYPGADAKTVQDTVTQVIEQNMNGIDNLMYMSS
NSDSTGTVQITLTFESGTDADIAQVQVQNKLQLAMPLLPQEVQQQGVSVEKSSSSFLMVVGVINTDGTMTQEDISDYVAA
NMKDAISRTSGVGDVQLFGSQYAMRIWMNPNELNKFQLTPVDVITAIKAQNAQVAAGQLGGTPPVKGQQLNASIIAQTRL
TSTEEFGKILLKVNQDGSRVLLRDVAKIELGGENYDIIAEFNGQPASGLGIKLATGANALDTAAAIRAELAKMEPFFPSG
LKIVYPYDTTPFVKISIHEVVKTLVEAIILVFLVMYLFLQNFRATLIPTIAVPVVLLGTFAVLAAFGFSINTLTMFGMVL
AIGLLVDDAIVVVENVERVMAEEGLPPKEATRKSMGQIQGALVGIAMVLSAVFVPMAFFGGSTGAIYRQFSITIVSAMAL
SVLVALILTPALCATMLKPIAKGDHGEGKKGFFGWFNRMFEKSTHHYTDSVGGILRSTGRYLVLYLIIVVGMAYLFVRLP
SSFLPDEDQGVFMTMVQLPAGATQERTQKVLNEVTHYYLTKEKNNVESVFAVNGFGFAGRGQNTGIAFVSLKDWADRPGE
ENKVEAITMRATRAFSQIKDAMVFAFNLPAIVELGTATGFDFELIDQAGLGHEKLTQARNQLLAEAAKHPDMLTSVRPNG
LEDTPQFKIDIDQEKAQALGVSINDINTTLGAAWGGSYVNDFIDRGRVKKVYVMSEAKYRMLPDDIGDWYVRAADGQMVP
FSAFSSSRWEYGSPRLERYNGLPSMEILGQAAPGKSTGEAMELMEQLASKLPTGVGYDWTGMSYQERLSGNQAPSLYAIS
LIVVFLCLAALYESWSIPFSVMLVVPLGVIGALLAATFRGLTNDVYFQVGLLTTIGLSAKNAILIVEFAKDLMDKEGKGL
IEATLDAVRMRLRPILMTSLAFILGVMPLVISTGAGSGAQNAVGTGVMGGMVTATVLAIFFVPVFFVVVRRRFSRKNEDI
EHSHTVDHHHHHH
;
_entity_poly.pdbx_strand_id   A,B,C
#
# COMPACT_ATOMS: atom_id res chain seq x y z
N MET A 1 -36.91 24.73 2.45
CA MET A 1 -36.00 24.59 3.64
C MET A 1 -35.89 25.88 4.48
N PRO A 2 -35.50 27.05 3.84
CA PRO A 2 -35.05 28.26 4.61
C PRO A 2 -36.26 28.92 5.22
N ASN A 3 -37.42 28.55 4.69
CA ASN A 3 -38.72 28.73 5.29
C ASN A 3 -38.76 27.91 6.64
N PHE A 4 -38.74 26.55 6.59
CA PHE A 4 -38.69 25.72 7.85
C PHE A 4 -37.52 26.10 8.82
N PHE A 5 -36.49 26.77 8.29
CA PHE A 5 -35.37 27.34 9.06
C PHE A 5 -35.49 28.74 9.59
N ILE A 6 -36.20 29.62 8.87
CA ILE A 6 -36.29 31.03 9.28
C ILE A 6 -36.97 30.87 10.56
N ASP A 7 -37.88 29.89 10.55
CA ASP A 7 -38.64 29.50 11.69
C ASP A 7 -37.78 29.17 12.92
N ARG A 8 -37.28 27.95 13.03
CA ARG A 8 -36.33 27.74 14.10
C ARG A 8 -35.00 28.25 13.58
N PRO A 9 -34.61 29.48 13.97
CA PRO A 9 -33.27 29.91 13.62
C PRO A 9 -32.33 29.67 14.83
N ILE A 10 -32.86 29.12 15.92
CA ILE A 10 -31.99 28.69 17.00
C ILE A 10 -31.00 27.53 16.62
N PHE A 11 -31.55 26.52 15.89
CA PHE A 11 -30.88 25.43 15.08
C PHE A 11 -29.87 26.07 14.12
N ALA A 12 -30.29 26.64 12.99
CA ALA A 12 -29.33 27.15 12.00
C ALA A 12 -28.19 27.93 12.58
N TRP A 13 -28.18 28.14 13.91
CA TRP A 13 -26.96 28.52 14.68
C TRP A 13 -26.09 27.38 15.31
N VAL A 14 -26.69 26.31 15.82
CA VAL A 14 -25.94 25.06 16.06
C VAL A 14 -25.13 24.59 14.85
N ILE A 15 -25.80 24.04 13.82
CA ILE A 15 -25.27 24.08 12.45
C ILE A 15 -24.18 25.16 12.22
N ALA A 16 -24.44 26.42 12.54
CA ALA A 16 -23.41 27.45 12.31
C ALA A 16 -22.24 27.36 13.27
N ILE A 17 -22.46 26.64 14.38
CA ILE A 17 -21.39 26.46 15.34
C ILE A 17 -20.61 25.21 14.96
N ILE A 18 -21.22 24.06 14.63
CA ILE A 18 -20.30 22.90 14.33
C ILE A 18 -19.34 23.34 13.22
N ILE A 19 -19.85 23.45 11.99
CA ILE A 19 -19.16 24.03 10.82
C ILE A 19 -18.05 24.91 11.22
N MET A 20 -18.30 25.74 12.19
CA MET A 20 -17.29 26.62 12.70
C MET A 20 -16.33 25.83 13.52
N LEU A 21 -16.74 25.25 14.64
CA LEU A 21 -15.83 24.39 15.40
C LEU A 21 -14.91 23.53 14.53
N ALA A 22 -15.52 22.90 13.54
CA ALA A 22 -14.79 22.01 12.63
C ALA A 22 -13.65 22.66 11.80
N GLY A 23 -13.74 23.94 11.43
CA GLY A 23 -12.55 24.67 10.97
C GLY A 23 -11.54 25.16 12.02
N GLY A 24 -11.63 24.69 13.27
CA GLY A 24 -10.73 25.17 14.34
C GLY A 24 -9.80 24.03 14.68
N LEU A 25 -10.43 22.88 14.88
CA LEU A 25 -9.81 21.58 14.80
C LEU A 25 -9.09 21.51 13.50
N ALA A 26 -9.82 21.63 12.38
CA ALA A 26 -9.19 21.67 11.07
C ALA A 26 -8.13 22.77 10.86
N ILE A 27 -8.31 24.02 11.31
CA ILE A 27 -7.15 24.98 11.29
C ILE A 27 -5.93 24.44 12.00
N LEU A 28 -6.11 24.02 13.25
CA LEU A 28 -5.09 23.22 13.88
C LEU A 28 -4.59 21.97 13.09
N LYS A 29 -5.51 21.05 12.73
CA LYS A 29 -5.10 19.83 11.99
C LYS A 29 -4.58 20.11 10.53
N LEU A 30 -4.02 21.28 10.27
CA LEU A 30 -3.68 21.58 8.90
C LEU A 30 -2.16 21.74 8.61
N PRO A 31 -1.62 20.97 7.63
CA PRO A 31 -0.34 21.17 7.03
C PRO A 31 -0.15 22.55 6.49
N VAL A 32 1.08 22.98 6.34
CA VAL A 32 1.43 24.35 5.98
C VAL A 32 2.84 24.32 5.50
N ALA A 33 3.04 25.01 4.39
CA ALA A 33 4.10 24.62 3.56
C ALA A 33 3.96 25.43 2.36
N GLN A 34 5.12 25.83 1.83
CA GLN A 34 5.14 26.74 0.68
C GLN A 34 4.31 26.26 -0.45
N TYR A 35 4.59 25.12 -1.03
CA TYR A 35 3.65 24.62 -2.03
C TYR A 35 3.23 23.30 -1.55
N PRO A 36 2.35 22.62 -2.27
CA PRO A 36 2.10 21.20 -1.98
C PRO A 36 3.01 20.26 -2.87
N THR A 37 2.46 19.26 -3.56
CA THR A 37 3.29 18.20 -4.00
C THR A 37 2.88 18.03 -5.36
N ILE A 38 3.68 18.55 -6.23
CA ILE A 38 3.10 18.66 -7.50
C ILE A 38 4.00 18.14 -8.62
N ALA A 39 5.21 17.67 -8.27
CA ALA A 39 6.11 17.07 -9.28
C ALA A 39 6.00 15.54 -9.38
N PRO A 40 6.31 14.93 -10.57
CA PRO A 40 5.94 13.50 -10.43
C PRO A 40 7.09 12.91 -9.64
N PRO A 41 6.85 11.79 -8.95
CA PRO A 41 7.75 11.23 -7.98
C PRO A 41 8.89 10.48 -8.76
N ALA A 42 10.05 11.11 -8.60
CA ALA A 42 11.22 10.54 -9.17
C ALA A 42 11.88 9.81 -7.99
N VAL A 43 12.54 8.69 -8.37
CA VAL A 43 13.68 8.17 -7.71
C VAL A 43 15.01 8.35 -8.55
N THR A 44 15.84 9.19 -7.96
CA THR A 44 17.34 9.17 -8.18
C THR A 44 18.16 7.97 -7.51
N ILE A 45 19.21 7.59 -8.26
CA ILE A 45 20.19 6.45 -8.04
C ILE A 45 21.53 6.93 -8.35
N SER A 46 22.12 7.03 -7.14
CA SER A 46 23.44 7.65 -6.95
C SER A 46 24.46 6.53 -6.76
N ALA A 47 25.70 6.74 -7.37
CA ALA A 47 26.81 5.76 -7.48
C ALA A 47 28.05 6.59 -7.76
N SER A 48 29.20 6.02 -7.34
CA SER A 48 30.59 6.55 -7.10
C SER A 48 31.59 5.36 -6.90
N TYR A 49 32.87 5.60 -7.34
CA TYR A 49 33.85 4.55 -7.87
C TYR A 49 35.19 5.09 -7.95
N PRO A 50 35.66 5.63 -6.89
CA PRO A 50 36.64 6.74 -6.90
C PRO A 50 37.50 6.82 -8.24
N GLY A 51 37.88 7.99 -8.79
CA GLY A 51 38.52 7.93 -10.11
C GLY A 51 37.92 6.98 -11.22
N ALA A 52 36.73 7.19 -11.68
CA ALA A 52 36.58 6.55 -12.91
C ALA A 52 37.04 7.51 -14.06
N ASP A 53 35.99 7.82 -14.83
CA ASP A 53 35.94 8.54 -16.09
C ASP A 53 34.61 7.98 -16.54
N ALA A 54 33.97 8.65 -17.53
CA ALA A 54 32.73 8.12 -18.12
C ALA A 54 32.84 6.73 -18.65
N LYS A 55 33.21 6.36 -19.92
CA LYS A 55 32.90 4.90 -20.41
C LYS A 55 32.93 3.86 -19.23
N THR A 56 34.08 3.97 -18.53
CA THR A 56 34.42 3.25 -17.31
C THR A 56 33.41 3.39 -16.16
N VAL A 57 32.46 4.37 -16.24
CA VAL A 57 31.31 4.24 -15.32
C VAL A 57 30.11 3.75 -16.03
N GLN A 58 29.93 4.31 -17.26
CA GLN A 58 28.84 3.87 -17.98
C GLN A 58 28.92 2.26 -18.15
N ASP A 59 30.12 1.74 -18.40
CA ASP A 59 30.07 0.40 -18.86
C ASP A 59 30.43 -0.49 -17.60
N THR A 60 31.01 0.16 -16.62
CA THR A 60 31.18 -0.72 -15.37
C THR A 60 29.94 -0.79 -14.50
N VAL A 61 29.12 0.41 -14.79
CA VAL A 61 27.90 0.94 -13.90
C VAL A 61 26.36 1.05 -14.23
N THR A 62 26.21 2.18 -14.89
CA THR A 62 24.80 2.41 -15.66
C THR A 62 23.89 1.48 -16.57
N GLN A 63 24.41 1.16 -17.64
CA GLN A 63 24.06 -0.12 -17.91
C GLN A 63 23.62 -1.20 -17.03
N VAL A 64 23.73 -2.52 -17.53
CA VAL A 64 23.44 -3.54 -16.52
C VAL A 64 22.41 -2.90 -15.59
N ILE A 65 22.66 -1.67 -15.16
CA ILE A 65 22.25 -1.42 -13.77
C ILE A 65 20.92 -1.25 -14.11
N GLU A 66 20.50 -0.01 -14.94
CA GLU A 66 19.43 -0.28 -16.47
C GLU A 66 19.06 -1.67 -16.89
N GLN A 67 19.61 -1.99 -17.95
CA GLN A 67 19.36 -3.39 -18.01
C GLN A 67 18.65 -4.33 -16.89
N ASN A 68 18.09 -3.89 -15.75
CA ASN A 68 17.78 -4.99 -14.68
C ASN A 68 16.79 -3.99 -14.05
N MET A 69 16.85 -2.56 -14.24
CA MET A 69 15.41 -1.61 -13.63
C MET A 69 14.13 -2.06 -14.38
N ASN A 70 13.35 -3.21 -14.10
CA ASN A 70 12.84 -3.88 -15.30
C ASN A 70 11.79 -4.60 -14.74
N GLY A 71 10.65 -3.98 -14.19
CA GLY A 71 9.55 -4.90 -13.68
C GLY A 71 9.15 -4.21 -12.28
N ILE A 72 9.67 -2.99 -11.93
CA ILE A 72 8.88 -2.00 -11.34
C ILE A 72 7.74 -1.49 -12.62
N ASP A 73 6.29 -1.71 -12.35
CA ASP A 73 5.07 -0.87 -11.95
C ASP A 73 5.21 0.47 -12.58
N ASN A 74 4.35 1.34 -12.29
CA ASN A 74 4.18 2.59 -12.91
C ASN A 74 5.29 3.37 -13.33
N LEU A 75 6.19 2.84 -14.10
CA LEU A 75 7.16 4.02 -14.48
C LEU A 75 6.97 4.86 -15.93
N MET A 76 7.03 6.20 -15.81
CA MET A 76 6.93 7.10 -16.98
C MET A 76 8.00 6.88 -17.80
N TYR A 77 8.83 7.85 -18.15
CA TYR A 77 10.28 7.53 -18.52
C TYR A 77 11.57 7.46 -17.25
N MET A 78 12.70 6.75 -17.61
CA MET A 78 14.16 7.02 -17.10
C MET A 78 15.34 7.65 -17.91
N SER A 79 15.90 8.77 -17.44
CA SER A 79 17.36 8.91 -17.55
C SER A 79 18.38 8.78 -16.13
N SER A 80 19.59 9.45 -16.29
CA SER A 80 20.89 8.83 -16.24
C SER A 80 21.84 9.67 -16.95
N ASN A 81 22.68 10.23 -16.09
CA ASN A 81 24.06 10.48 -16.48
C ASN A 81 25.06 9.85 -15.56
N SER A 82 26.18 9.55 -16.36
CA SER A 82 27.68 9.09 -15.97
C SER A 82 28.80 9.94 -16.40
N ASP A 83 29.32 10.54 -15.34
CA ASP A 83 30.32 11.58 -15.60
C ASP A 83 31.73 11.24 -14.99
N SER A 84 32.59 12.21 -15.04
CA SER A 84 33.92 11.91 -14.94
C SER A 84 34.47 11.96 -13.44
N THR A 85 33.82 11.36 -12.44
CA THR A 85 34.32 11.61 -11.13
C THR A 85 33.72 10.57 -10.24
N GLY A 86 33.27 9.57 -10.91
CA GLY A 86 32.56 8.52 -10.24
C GLY A 86 31.03 8.60 -10.58
N THR A 87 30.35 9.73 -10.97
CA THR A 87 28.95 9.56 -10.44
C THR A 87 27.78 9.05 -11.27
N VAL A 88 26.87 8.41 -10.63
CA VAL A 88 25.78 7.98 -11.45
C VAL A 88 24.55 8.25 -10.65
N GLN A 89 24.12 9.51 -10.84
CA GLN A 89 22.69 9.62 -11.17
C GLN A 89 22.02 8.93 -12.38
N ILE A 90 20.77 8.67 -11.91
CA ILE A 90 19.75 7.79 -12.37
C ILE A 90 18.45 7.82 -11.52
N THR A 91 17.91 9.04 -11.46
CA THR A 91 16.43 9.16 -11.81
C THR A 91 15.57 8.59 -13.03
N LEU A 92 14.43 8.10 -12.49
CA LEU A 92 13.34 7.41 -12.93
C LEU A 92 12.17 8.18 -12.08
N THR A 93 11.68 9.23 -12.82
CA THR A 93 10.23 9.67 -12.90
C THR A 93 9.18 8.72 -13.36
N PHE A 94 8.11 8.77 -12.55
CA PHE A 94 6.88 7.77 -12.44
C PHE A 94 5.55 8.51 -12.58
N GLU A 95 4.55 7.67 -12.86
CA GLU A 95 3.21 8.05 -13.36
C GLU A 95 2.59 8.93 -12.30
N SER A 96 2.04 10.09 -12.72
CA SER A 96 1.25 11.02 -11.91
C SER A 96 1.37 11.06 -10.37
N GLY A 97 0.85 10.08 -9.66
CA GLY A 97 0.75 10.23 -8.27
C GLY A 97 0.64 8.78 -8.12
N THR A 98 1.82 8.16 -8.18
CA THR A 98 1.98 6.82 -7.57
C THR A 98 2.21 6.83 -6.08
N ASP A 99 2.33 5.61 -5.60
CA ASP A 99 3.13 5.52 -4.43
C ASP A 99 4.61 5.71 -4.44
N ALA A 100 5.12 6.92 -4.15
CA ALA A 100 6.57 7.08 -3.76
C ALA A 100 7.19 5.93 -2.77
N ASP A 101 6.73 5.74 -1.51
CA ASP A 101 7.19 4.54 -0.87
C ASP A 101 7.01 3.40 -1.74
N ILE A 102 5.88 2.99 -2.16
CA ILE A 102 6.03 1.85 -2.97
C ILE A 102 7.00 1.92 -4.32
N ALA A 103 7.26 3.09 -4.98
CA ALA A 103 8.07 3.02 -6.28
C ALA A 103 9.47 2.47 -5.96
N GLN A 104 10.18 3.57 -5.43
CA GLN A 104 11.39 3.57 -4.48
C GLN A 104 11.53 2.21 -3.89
N VAL A 105 10.71 1.67 -3.07
CA VAL A 105 11.08 0.27 -2.91
C VAL A 105 11.86 -0.60 -4.09
N GLN A 106 11.05 -1.63 -4.57
CA GLN A 106 10.87 -1.98 -6.11
C GLN A 106 11.91 -1.59 -7.07
N VAL A 107 12.08 -0.13 -7.10
CA VAL A 107 12.97 0.55 -8.01
C VAL A 107 14.17 -0.35 -7.59
N GLN A 108 14.91 0.25 -6.53
CA GLN A 108 15.66 -0.46 -5.42
C GLN A 108 15.33 -1.86 -5.16
N ASN A 109 14.50 -2.15 -4.35
CA ASN A 109 14.62 -3.52 -4.13
C ASN A 109 14.83 -4.47 -5.32
N LYS A 110 15.31 -4.13 -6.54
CA LYS A 110 15.26 -4.86 -7.90
C LYS A 110 16.70 -4.34 -8.46
N LEU A 111 17.21 -3.15 -8.00
CA LEU A 111 18.70 -3.00 -7.40
C LEU A 111 19.28 -4.18 -6.56
N GLN A 112 18.69 -4.52 -5.48
CA GLN A 112 19.17 -5.62 -4.95
C GLN A 112 19.70 -6.85 -5.83
N LEU A 113 20.10 -6.81 -7.05
CA LEU A 113 20.28 -8.11 -7.79
C LEU A 113 21.42 -8.07 -8.89
N ALA A 114 21.91 -6.86 -8.74
CA ALA A 114 21.89 -5.88 -9.77
C ALA A 114 23.14 -6.20 -9.69
N MET A 115 23.35 -5.90 -8.31
CA MET A 115 24.64 -5.57 -7.46
C MET A 115 25.66 -6.70 -7.73
N PRO A 116 25.22 -7.84 -7.42
CA PRO A 116 26.01 -8.75 -8.06
C PRO A 116 26.63 -8.50 -9.32
N LEU A 117 26.77 -7.39 -10.05
CA LEU A 117 27.68 -7.44 -11.13
C LEU A 117 28.03 -5.96 -11.16
N LEU A 118 27.61 -5.32 -10.14
CA LEU A 118 28.28 -4.08 -9.92
C LEU A 118 29.78 -4.29 -9.34
N PRO A 119 30.79 -3.42 -9.66
CA PRO A 119 32.07 -3.98 -9.43
C PRO A 119 32.63 -3.66 -7.99
N GLN A 120 33.27 -4.63 -7.38
CA GLN A 120 33.61 -4.54 -5.87
C GLN A 120 34.04 -3.18 -5.30
N GLU A 121 34.06 -2.18 -6.17
CA GLU A 121 34.66 -0.93 -5.78
C GLU A 121 33.41 -0.19 -5.40
N VAL A 122 32.32 -0.56 -6.07
CA VAL A 122 31.15 0.30 -5.99
C VAL A 122 30.41 -0.32 -4.84
N GLN A 123 30.18 -1.61 -5.02
CA GLN A 123 29.54 -2.41 -4.02
C GLN A 123 29.86 -1.97 -2.61
N GLN A 124 31.08 -1.57 -2.38
CA GLN A 124 31.52 -1.08 -1.17
C GLN A 124 31.09 0.35 -0.95
N GLN A 125 31.09 1.32 -1.87
CA GLN A 125 30.70 2.66 -1.31
C GLN A 125 29.22 2.83 -1.20
N GLY A 126 28.44 1.79 -1.49
CA GLY A 126 27.01 1.94 -1.55
C GLY A 126 26.46 2.57 -2.83
N VAL A 127 25.57 1.88 -3.44
CA VAL A 127 24.58 2.64 -4.08
C VAL A 127 23.44 2.86 -3.07
N SER A 128 23.11 4.13 -2.93
CA SER A 128 21.82 4.63 -2.47
C SER A 128 20.79 5.12 -3.63
N VAL A 129 19.53 4.89 -3.25
CA VAL A 129 18.34 4.92 -4.08
C VAL A 129 17.59 5.80 -3.08
N GLU A 130 16.71 6.69 -3.63
CA GLU A 130 16.04 7.77 -2.83
C GLU A 130 15.14 8.65 -3.74
N LYS A 131 14.64 9.76 -3.16
CA LYS A 131 13.54 10.44 -3.80
C LYS A 131 13.88 11.78 -4.39
N SER A 132 13.62 12.08 -5.69
CA SER A 132 13.60 13.49 -6.21
C SER A 132 13.49 14.53 -5.06
N SER A 133 13.36 15.83 -5.34
CA SER A 133 13.60 16.88 -4.25
C SER A 133 15.19 17.10 -4.23
N SER A 134 15.71 18.28 -4.62
CA SER A 134 17.17 18.52 -4.38
C SER A 134 17.51 19.98 -3.96
N SER A 135 16.46 20.55 -3.29
CA SER A 135 16.15 21.90 -2.69
C SER A 135 14.84 21.79 -1.78
N PHE A 136 14.86 21.85 -0.43
CA PHE A 136 13.62 22.21 0.34
C PHE A 136 13.97 22.84 1.65
N LEU A 137 13.09 22.59 2.63
CA LEU A 137 12.94 23.52 3.75
C LEU A 137 14.12 24.45 3.86
N MET A 138 14.83 24.49 4.98
CA MET A 138 16.01 25.42 5.09
C MET A 138 17.39 24.81 4.89
N VAL A 139 18.38 25.69 4.66
CA VAL A 139 19.73 25.19 4.66
C VAL A 139 20.66 25.77 5.70
N VAL A 140 20.76 25.18 6.89
CA VAL A 140 21.61 25.81 7.88
C VAL A 140 23.00 25.78 7.27
N GLY A 141 23.91 26.66 7.68
CA GLY A 141 25.32 26.55 7.29
C GLY A 141 26.12 26.61 8.57
N VAL A 142 27.34 26.05 8.66
CA VAL A 142 28.08 26.23 9.88
C VAL A 142 29.41 26.84 9.62
N ILE A 143 29.60 28.10 10.00
CA ILE A 143 30.93 28.79 9.80
C ILE A 143 31.93 28.87 11.01
N ASN A 144 33.20 29.29 10.77
CA ASN A 144 34.16 29.43 11.90
C ASN A 144 34.29 30.81 12.49
N THR A 145 34.86 31.70 11.65
CA THR A 145 35.43 33.06 12.06
C THR A 145 36.68 33.08 13.03
N ASP A 146 37.65 32.17 12.80
CA ASP A 146 38.91 32.23 13.52
C ASP A 146 40.02 32.08 12.48
N GLY A 147 39.76 31.19 11.52
CA GLY A 147 40.76 30.68 10.64
C GLY A 147 41.23 29.43 11.36
N THR A 148 40.53 29.06 12.48
CA THR A 148 40.78 27.78 13.21
C THR A 148 40.42 26.61 12.29
N MET A 149 39.14 26.58 11.89
CA MET A 149 38.53 25.46 11.15
C MET A 149 38.55 25.53 9.60
N THR A 150 39.09 24.44 9.01
CA THR A 150 39.16 24.24 7.56
C THR A 150 37.78 23.85 7.20
N GLN A 151 37.60 23.37 5.98
CA GLN A 151 36.30 22.80 5.73
C GLN A 151 36.20 21.71 6.78
N GLU A 152 37.00 20.66 6.59
CA GLU A 152 36.66 19.32 7.08
C GLU A 152 36.35 19.25 8.52
N ASP A 153 37.14 19.89 9.36
CA ASP A 153 36.81 20.00 10.80
C ASP A 153 35.41 20.59 11.05
N ILE A 154 35.02 21.64 10.31
CA ILE A 154 33.64 22.08 10.33
C ILE A 154 32.65 21.01 9.82
N SER A 155 32.81 20.48 8.60
CA SER A 155 31.93 19.39 8.14
C SER A 155 31.87 18.25 9.18
N ASP A 156 33.03 17.78 9.60
CA ASP A 156 33.10 16.75 10.61
C ASP A 156 32.11 17.08 11.69
N TYR A 157 32.53 17.98 12.56
CA TYR A 157 31.74 18.42 13.74
C TYR A 157 30.27 18.44 13.61
N VAL A 158 29.82 19.07 12.52
CA VAL A 158 28.43 19.02 12.01
C VAL A 158 27.92 17.59 11.91
N ALA A 159 28.80 16.68 11.51
CA ALA A 159 28.34 15.36 11.21
C ALA A 159 28.39 14.59 12.50
N ALA A 160 29.15 15.19 13.39
CA ALA A 160 29.67 14.57 14.60
C ALA A 160 28.75 14.62 15.79
N ASN A 161 27.81 15.55 15.66
CA ASN A 161 27.32 16.31 16.80
C ASN A 161 26.05 17.07 16.57
N MET A 162 25.66 17.23 15.35
CA MET A 162 24.44 17.97 15.23
C MET A 162 23.55 17.32 14.23
N LYS A 163 24.12 16.94 13.08
CA LYS A 163 23.40 16.15 12.09
C LYS A 163 22.38 15.19 12.70
N ASP A 164 22.58 14.50 13.80
CA ASP A 164 21.37 13.75 14.14
C ASP A 164 20.40 14.48 15.05
N ALA A 165 21.01 15.43 15.77
CA ALA A 165 20.35 16.49 16.57
C ALA A 165 19.10 16.73 15.88
N ILE A 166 19.24 17.78 15.09
CA ILE A 166 18.33 18.19 14.04
C ILE A 166 17.53 17.08 13.38
N SER A 167 18.22 16.16 12.69
CA SER A 167 17.55 15.18 11.82
C SER A 167 16.47 14.29 12.54
N ARG A 168 16.39 14.50 13.87
CA ARG A 168 15.25 14.06 14.72
C ARG A 168 14.57 15.24 15.42
N THR A 169 13.60 15.88 14.75
CA THR A 169 12.80 16.94 15.36
C THR A 169 11.49 17.01 14.58
N SER A 170 10.34 16.76 15.22
CA SER A 170 9.06 17.24 14.69
C SER A 170 9.15 18.01 13.33
N GLY A 171 8.96 17.25 12.23
CA GLY A 171 9.35 17.67 10.84
C GLY A 171 10.56 16.96 10.20
N VAL A 172 11.58 17.73 9.85
CA VAL A 172 12.82 17.08 9.58
C VAL A 172 12.62 15.70 8.87
N GLY A 173 12.34 15.80 7.55
CA GLY A 173 12.10 14.67 6.59
C GLY A 173 13.29 13.85 6.04
N ASP A 174 14.50 14.39 6.37
CA ASP A 174 15.88 13.81 6.50
C ASP A 174 16.84 15.02 6.46
N VAL A 175 18.04 14.84 7.02
CA VAL A 175 19.17 15.83 7.00
C VAL A 175 20.15 15.53 5.82
N GLN A 176 20.85 16.48 5.19
CA GLN A 176 22.02 16.08 4.29
C GLN A 176 23.32 16.96 4.10
N LEU A 177 24.48 16.32 4.26
CA LEU A 177 25.64 17.06 4.76
C LEU A 177 26.50 17.87 3.80
N PHE A 178 26.86 19.06 4.21
CA PHE A 178 27.55 19.92 3.28
C PHE A 178 29.01 19.83 3.29
N GLY A 179 29.41 18.64 3.77
CA GLY A 179 30.79 18.20 4.07
C GLY A 179 30.90 16.68 4.02
N SER A 180 31.46 16.07 5.08
CA SER A 180 32.01 14.67 5.04
C SER A 180 31.99 13.87 6.33
N GLN A 181 32.86 14.31 7.24
CA GLN A 181 33.25 13.59 8.46
C GLN A 181 34.60 13.09 8.12
N TYR A 182 35.52 13.22 9.08
CA TYR A 182 36.95 12.83 8.96
C TYR A 182 37.20 11.58 8.20
N ALA A 183 38.40 11.48 7.66
CA ALA A 183 38.67 10.26 6.99
C ALA A 183 40.08 9.83 7.40
N MET A 184 40.32 8.56 7.70
CA MET A 184 41.73 8.25 7.78
C MET A 184 42.41 8.46 6.42
N ARG A 185 42.97 9.65 6.22
CA ARG A 185 43.71 9.88 5.03
C ARG A 185 45.12 9.24 5.18
N ILE A 186 45.89 9.12 4.11
CA ILE A 186 47.08 8.27 4.08
C ILE A 186 47.71 8.44 2.70
N TRP A 187 48.55 9.46 2.68
CA TRP A 187 49.14 10.00 1.51
C TRP A 187 50.58 9.55 1.34
N MET A 188 50.64 8.37 0.77
CA MET A 188 51.78 7.86 0.01
C MET A 188 52.78 8.92 -0.68
N ASN A 189 54.06 8.49 -0.97
CA ASN A 189 55.04 9.19 -1.95
C ASN A 189 56.15 8.34 -2.58
N PRO A 190 55.95 7.88 -3.84
CA PRO A 190 56.51 6.69 -4.47
C PRO A 190 57.98 6.65 -4.23
N ASN A 191 58.54 7.85 -4.03
CA ASN A 191 59.87 8.04 -3.43
C ASN A 191 60.04 7.46 -2.02
N GLU A 192 59.86 8.25 -0.98
CA GLU A 192 59.94 7.67 0.34
C GLU A 192 59.44 6.23 0.37
N LEU A 193 59.24 5.59 -0.76
CA LEU A 193 58.53 4.33 -0.70
C LEU A 193 59.14 3.34 -1.63
N ASN A 194 59.57 3.82 -2.82
CA ASN A 194 60.39 2.97 -3.73
C ASN A 194 61.73 2.68 -3.08
N LYS A 195 62.22 3.67 -2.30
CA LYS A 195 63.31 3.50 -1.35
C LYS A 195 63.08 2.23 -0.58
N PHE A 196 61.88 1.87 -0.18
CA PHE A 196 61.85 0.53 0.39
C PHE A 196 61.52 -0.60 -0.44
N GLN A 197 61.37 -0.39 -1.72
CA GLN A 197 61.02 -1.50 -2.58
C GLN A 197 59.52 -1.92 -2.43
N LEU A 198 58.75 -0.96 -1.92
CA LEU A 198 57.33 -1.12 -1.63
C LEU A 198 56.34 -0.40 -2.57
N THR A 199 55.28 -1.07 -3.00
CA THR A 199 54.29 -0.41 -3.85
C THR A 199 53.18 0.16 -2.96
N PRO A 200 52.15 0.81 -3.57
CA PRO A 200 50.95 1.11 -2.67
C PRO A 200 50.31 -0.20 -2.04
N VAL A 201 50.12 -1.21 -2.88
CA VAL A 201 49.71 -2.57 -2.50
C VAL A 201 50.06 -2.98 -1.09
N ASP A 202 51.35 -2.91 -0.81
CA ASP A 202 51.83 -3.40 0.45
C ASP A 202 51.43 -2.36 1.41
N VAL A 203 51.37 -1.11 0.99
CA VAL A 203 50.73 -0.21 1.89
C VAL A 203 49.35 -0.78 2.09
N ILE A 204 48.64 -1.08 1.00
CA ILE A 204 47.20 -1.45 1.07
C ILE A 204 46.95 -2.60 2.08
N THR A 205 47.50 -3.78 1.73
CA THR A 205 47.48 -4.95 2.57
C THR A 205 48.62 -4.71 3.51
N ALA A 206 48.28 -4.66 4.81
CA ALA A 206 49.06 -4.07 5.92
C ALA A 206 48.00 -3.28 6.67
N ILE A 207 47.66 -2.10 6.15
CA ILE A 207 46.42 -1.38 6.60
C ILE A 207 45.21 -2.33 6.68
N LYS A 208 45.11 -3.32 5.77
CA LYS A 208 44.13 -4.36 5.91
C LYS A 208 44.35 -5.17 7.16
N ALA A 209 45.35 -6.00 7.25
CA ALA A 209 45.24 -6.82 8.45
C ALA A 209 45.84 -6.18 9.68
N GLN A 210 46.57 -5.07 9.57
CA GLN A 210 46.97 -4.36 10.79
C GLN A 210 45.77 -3.75 11.47
N ASN A 211 44.63 -3.66 10.77
CA ASN A 211 43.45 -2.92 11.28
C ASN A 211 42.05 -3.58 11.01
N ALA A 212 41.70 -4.63 11.75
CA ALA A 212 40.50 -5.40 11.38
C ALA A 212 39.70 -5.81 12.59
N GLN A 213 38.94 -6.90 12.49
CA GLN A 213 38.22 -7.37 13.68
C GLN A 213 38.00 -8.75 13.54
N VAL A 214 38.50 -9.40 14.55
CA VAL A 214 38.59 -10.79 14.43
C VAL A 214 37.70 -11.40 15.44
N ALA A 215 36.89 -12.38 15.02
CA ALA A 215 36.08 -13.22 15.96
C ALA A 215 36.87 -13.67 17.20
N ALA A 216 36.29 -14.55 18.03
CA ALA A 216 36.96 -15.02 19.27
C ALA A 216 35.97 -15.53 20.29
N GLY A 217 36.02 -16.83 20.54
CA GLY A 217 35.19 -17.48 21.55
C GLY A 217 34.83 -16.72 22.85
N GLN A 218 34.02 -17.35 23.70
CA GLN A 218 33.71 -16.76 25.00
C GLN A 218 34.60 -17.51 25.95
N LEU A 219 34.04 -18.21 26.93
CA LEU A 219 34.85 -19.12 27.74
C LEU A 219 34.00 -20.36 28.03
N GLY A 220 32.69 -20.27 27.82
CA GLY A 220 31.90 -21.44 28.15
C GLY A 220 30.84 -21.76 27.16
N GLY A 221 29.81 -20.88 27.19
CA GLY A 221 28.57 -20.66 26.33
C GLY A 221 27.99 -21.66 25.36
N THR A 222 28.96 -22.20 24.67
CA THR A 222 28.87 -23.26 23.73
C THR A 222 28.66 -24.50 24.63
N PRO A 223 28.78 -25.72 24.13
CA PRO A 223 28.74 -26.64 25.27
C PRO A 223 30.06 -26.53 26.04
N PRO A 224 30.00 -26.38 27.39
CA PRO A 224 31.17 -26.44 28.29
C PRO A 224 31.34 -27.84 29.00
N VAL A 225 32.28 -27.90 29.96
CA VAL A 225 32.65 -29.14 30.71
C VAL A 225 32.04 -29.15 32.08
N LYS A 226 31.58 -30.32 32.52
CA LYS A 226 31.06 -30.42 33.86
C LYS A 226 31.44 -29.16 34.61
N GLY A 227 30.62 -28.74 35.57
CA GLY A 227 30.96 -27.72 36.58
C GLY A 227 32.02 -26.67 36.25
N GLN A 228 31.76 -25.91 35.23
CA GLN A 228 32.60 -24.81 35.05
C GLN A 228 32.17 -23.68 36.04
N GLN A 229 32.79 -22.51 35.92
CA GLN A 229 32.21 -21.25 36.46
C GLN A 229 32.63 -20.01 35.69
N LEU A 230 33.64 -20.15 34.83
CA LEU A 230 33.98 -19.02 33.97
C LEU A 230 33.35 -18.93 32.50
N ASN A 231 32.41 -17.99 32.35
CA ASN A 231 32.13 -17.44 31.05
C ASN A 231 32.72 -16.06 31.09
N ALA A 232 33.44 -15.67 30.04
CA ALA A 232 33.72 -14.27 29.71
C ALA A 232 33.66 -14.17 28.20
N SER A 233 34.08 -13.02 27.68
CA SER A 233 34.17 -12.90 26.25
C SER A 233 35.62 -12.42 25.88
N ILE A 234 36.36 -13.25 25.11
CA ILE A 234 37.72 -12.92 24.61
C ILE A 234 37.70 -11.77 23.63
N ILE A 235 38.72 -10.95 23.65
CA ILE A 235 38.68 -9.78 22.85
C ILE A 235 39.83 -9.58 21.89
N ALA A 236 39.86 -10.33 20.78
CA ALA A 236 40.94 -10.19 19.78
C ALA A 236 41.04 -8.79 19.21
N GLN A 237 41.45 -8.72 17.96
CA GLN A 237 41.99 -7.49 17.39
C GLN A 237 40.92 -6.40 17.19
N THR A 238 41.36 -5.16 17.33
CA THR A 238 40.47 -4.03 17.33
C THR A 238 40.92 -2.90 16.44
N ARG A 239 39.95 -2.23 15.81
CA ARG A 239 40.27 -1.10 14.93
C ARG A 239 41.21 -0.14 15.68
N LEU A 240 42.23 0.30 14.94
CA LEU A 240 43.01 1.50 15.17
C LEU A 240 42.07 2.67 15.27
N THR A 241 42.51 3.71 15.93
CA THR A 241 41.59 4.73 16.16
C THR A 241 42.47 5.93 16.35
N SER A 242 43.51 6.07 15.55
CA SER A 242 44.09 7.41 15.44
C SER A 242 45.08 7.58 14.27
N THR A 243 45.57 8.80 14.07
CA THR A 243 46.69 9.08 13.17
C THR A 243 47.99 8.41 13.68
N GLU A 244 48.10 8.38 15.00
CA GLU A 244 49.20 7.71 15.63
C GLU A 244 49.14 6.24 15.26
N GLU A 245 48.55 5.41 16.11
CA GLU A 245 48.36 4.02 15.83
C GLU A 245 48.47 3.66 14.36
N PHE A 246 48.17 4.63 13.48
CA PHE A 246 48.20 4.32 12.05
C PHE A 246 49.58 4.38 11.48
N GLY A 247 50.30 5.45 11.86
CA GLY A 247 51.74 5.59 11.53
C GLY A 247 52.73 4.47 11.92
N LYS A 248 52.20 3.49 12.68
CA LYS A 248 52.90 2.35 13.22
C LYS A 248 52.49 1.04 12.56
N ILE A 249 52.76 0.91 11.27
CA ILE A 249 52.51 -0.38 10.58
C ILE A 249 53.82 -1.01 9.95
N LEU A 250 54.12 -2.26 10.31
CA LEU A 250 55.38 -2.85 9.82
C LEU A 250 55.18 -3.21 8.36
N LEU A 251 55.39 -2.23 7.48
CA LEU A 251 55.18 -2.45 6.06
C LEU A 251 56.26 -3.41 5.52
N LYS A 252 57.46 -3.29 6.12
CA LYS A 252 58.70 -4.10 5.83
C LYS A 252 59.56 -4.30 7.09
N VAL A 253 60.32 -5.41 7.08
CA VAL A 253 61.61 -5.59 7.86
C VAL A 253 62.90 -6.11 7.04
N ASN A 254 63.90 -5.25 6.72
CA ASN A 254 65.18 -5.75 6.13
C ASN A 254 66.11 -6.25 7.25
N GLN A 255 66.86 -7.34 7.02
CA GLN A 255 67.86 -7.89 7.98
C GLN A 255 68.96 -6.88 8.43
N ASP A 256 68.59 -5.97 9.34
CA ASP A 256 69.41 -4.91 9.99
C ASP A 256 68.60 -4.46 11.23
N GLY A 257 67.65 -5.34 11.61
CA GLY A 257 66.47 -5.05 12.46
C GLY A 257 65.67 -3.86 11.93
N SER A 258 65.21 -3.95 10.67
CA SER A 258 64.71 -2.75 9.91
C SER A 258 63.22 -2.36 9.99
N ARG A 259 63.02 -1.06 10.29
CA ARG A 259 61.70 -0.50 10.74
C ARG A 259 60.98 0.49 9.80
N VAL A 260 60.38 -0.11 8.77
CA VAL A 260 59.67 0.55 7.68
C VAL A 260 58.21 0.67 8.05
N LEU A 261 57.92 1.79 8.67
CA LEU A 261 56.60 2.01 9.15
C LEU A 261 55.78 2.50 8.00
N LEU A 262 54.54 2.92 8.31
CA LEU A 262 53.66 3.63 7.37
C LEU A 262 54.16 5.04 7.03
N ARG A 263 54.35 5.87 8.05
CA ARG A 263 54.71 7.26 7.80
C ARG A 263 56.09 7.37 7.26
N ASP A 264 56.70 6.22 7.01
CA ASP A 264 58.02 6.28 6.51
C ASP A 264 57.84 6.15 5.05
N VAL A 265 56.66 5.67 4.64
CA VAL A 265 56.24 5.66 3.22
C VAL A 265 55.14 6.69 2.92
N ALA A 266 54.50 7.23 3.94
CA ALA A 266 53.51 8.21 3.65
C ALA A 266 53.42 9.35 4.61
N LYS A 267 52.19 9.60 5.00
CA LYS A 267 51.86 10.62 5.92
C LYS A 267 50.37 10.45 6.34
N ILE A 268 50.13 9.97 7.57
CA ILE A 268 48.81 9.89 8.24
C ILE A 268 48.32 11.33 8.67
N GLU A 269 47.01 11.54 8.88
CA GLU A 269 46.39 12.90 9.05
C GLU A 269 44.91 12.69 9.02
N LEU A 270 44.10 13.38 9.85
CA LEU A 270 42.60 13.44 9.62
C LEU A 270 42.09 14.29 8.40
N GLY A 271 41.28 13.68 7.53
CA GLY A 271 41.16 14.29 6.26
C GLY A 271 39.72 14.25 6.11
N GLY A 272 39.31 14.80 4.96
CA GLY A 272 37.95 14.63 4.48
C GLY A 272 37.82 13.49 3.52
N GLU A 273 36.62 12.99 3.31
CA GLU A 273 36.46 12.01 2.28
C GLU A 273 36.50 12.60 0.88
N ASN A 274 35.74 13.56 0.46
CA ASN A 274 35.91 13.80 -0.96
C ASN A 274 36.64 15.06 -0.88
N TYR A 275 37.49 15.38 -1.82
CA TYR A 275 38.18 16.59 -1.58
C TYR A 275 37.75 17.58 -2.57
N ASP A 276 36.64 17.37 -3.23
CA ASP A 276 36.52 18.24 -4.40
C ASP A 276 35.25 19.10 -4.62
N ILE A 277 34.91 19.79 -3.52
CA ILE A 277 33.84 20.74 -3.39
C ILE A 277 34.25 21.70 -2.28
N ILE A 278 34.43 22.95 -2.64
CA ILE A 278 35.03 23.86 -1.75
C ILE A 278 33.85 24.72 -1.42
N ALA A 279 33.44 24.61 -0.18
CA ALA A 279 32.29 25.33 0.27
C ALA A 279 32.73 26.40 1.15
N GLU A 280 32.37 27.61 0.77
CA GLU A 280 32.42 28.70 1.73
C GLU A 280 31.24 29.72 1.58
N PHE A 281 31.05 30.38 2.70
CA PHE A 281 29.94 31.20 2.93
C PHE A 281 30.65 32.53 3.23
N ASN A 282 30.57 33.52 2.39
CA ASN A 282 31.18 34.72 2.85
C ASN A 282 32.71 34.62 3.15
N GLY A 283 33.39 34.03 2.16
CA GLY A 283 34.86 34.08 2.02
C GLY A 283 35.45 32.96 2.84
N GLN A 284 34.51 32.31 3.55
CA GLN A 284 34.76 31.59 4.78
C GLN A 284 34.47 30.11 4.77
N PRO A 285 35.38 29.32 5.38
CA PRO A 285 35.22 27.87 5.40
C PRO A 285 33.77 27.64 5.77
N ALA A 286 33.16 26.66 5.15
CA ALA A 286 31.77 26.45 5.36
C ALA A 286 31.50 24.99 5.51
N SER A 287 30.35 24.66 6.08
CA SER A 287 29.90 23.28 6.01
C SER A 287 28.42 23.14 6.48
N GLY A 288 27.55 23.90 5.82
CA GLY A 288 26.11 23.60 5.81
C GLY A 288 25.57 22.15 6.03
N LEU A 289 24.24 22.07 6.15
CA LEU A 289 23.46 20.86 6.42
C LEU A 289 21.99 21.13 5.96
N GLY A 290 21.66 20.79 4.69
CA GLY A 290 20.26 20.93 4.06
C GLY A 290 19.23 20.05 4.74
N ILE A 291 17.94 20.32 4.66
CA ILE A 291 17.03 19.58 5.56
C ILE A 291 15.72 19.76 5.08
N LYS A 292 14.92 18.71 4.88
CA LYS A 292 13.62 18.88 4.07
C LYS A 292 12.34 18.67 4.90
N LEU A 293 11.16 19.07 4.38
CA LEU A 293 9.83 18.93 5.12
C LEU A 293 9.69 17.83 6.19
N ALA A 294 8.81 16.86 5.99
CA ALA A 294 8.68 15.73 6.91
C ALA A 294 7.51 14.87 6.53
N THR A 295 6.85 15.36 5.45
CA THR A 295 5.56 14.90 4.84
C THR A 295 4.37 14.85 5.77
N GLY A 296 3.90 16.07 6.05
CA GLY A 296 2.63 16.34 6.64
C GLY A 296 2.85 17.02 7.94
N ALA A 297 3.93 17.80 8.04
CA ALA A 297 4.15 18.67 9.20
C ALA A 297 4.19 20.07 8.67
N ASN A 298 4.82 20.98 9.38
CA ASN A 298 4.47 22.32 9.01
C ASN A 298 5.63 23.29 8.91
N ALA A 299 5.92 23.65 7.69
CA ALA A 299 7.06 24.45 7.41
C ALA A 299 7.30 25.44 8.55
N LEU A 300 6.19 25.87 9.17
CA LEU A 300 6.25 27.03 10.06
C LEU A 300 6.80 26.57 11.36
N ASP A 301 6.10 25.66 12.06
CA ASP A 301 6.64 24.95 13.30
C ASP A 301 8.02 24.39 13.13
N THR A 302 8.17 23.63 12.05
CA THR A 302 9.39 22.93 11.78
C THR A 302 10.62 23.88 11.83
N ALA A 303 10.59 25.01 11.11
CA ALA A 303 11.79 25.86 11.07
C ALA A 303 12.10 26.28 12.49
N ALA A 304 11.08 26.83 13.14
CA ALA A 304 11.12 27.15 14.53
C ALA A 304 12.02 26.11 15.19
N ALA A 305 11.54 24.87 15.23
CA ALA A 305 12.15 23.79 16.00
C ALA A 305 13.63 23.51 15.66
N ILE A 306 13.98 23.80 14.42
CA ILE A 306 15.35 23.58 14.01
C ILE A 306 16.20 24.73 14.45
N ARG A 307 15.60 25.93 14.55
CA ARG A 307 16.25 27.14 15.09
C ARG A 307 16.46 26.95 16.57
N ALA A 308 15.47 26.25 17.11
CA ALA A 308 15.39 25.89 18.51
C ALA A 308 16.65 25.17 18.85
N GLU A 309 16.63 23.94 18.38
CA GLU A 309 17.64 22.98 18.59
C GLU A 309 19.07 23.51 18.44
N LEU A 310 19.37 24.16 17.34
CA LEU A 310 20.65 24.82 17.21
C LEU A 310 20.83 25.62 18.45
N ALA A 311 19.96 26.59 18.69
CA ALA A 311 20.06 27.44 19.88
C ALA A 311 20.46 26.70 21.20
N LYS A 312 19.90 25.53 21.47
CA LYS A 312 20.30 24.79 22.64
C LYS A 312 21.43 23.99 22.11
N MET A 313 22.72 24.35 22.29
CA MET A 313 23.85 23.53 21.69
C MET A 313 25.04 24.30 20.99
N GLU A 314 24.86 25.61 20.88
CA GLU A 314 25.92 26.57 20.48
C GLU A 314 26.41 27.21 21.78
N PRO A 315 25.85 26.71 22.84
CA PRO A 315 26.66 26.87 24.02
C PRO A 315 27.92 25.96 24.02
N PHE A 316 28.18 25.21 22.94
CA PHE A 316 29.25 24.16 22.88
C PHE A 316 30.46 24.30 21.88
N PHE A 317 31.07 23.13 21.57
CA PHE A 317 32.49 22.90 21.10
C PHE A 317 33.26 24.13 20.58
N PRO A 318 34.50 24.33 21.11
CA PRO A 318 35.34 25.60 21.12
C PRO A 318 35.34 26.53 19.85
N SER A 319 36.26 27.50 19.79
CA SER A 319 36.26 28.53 18.72
C SER A 319 34.84 29.18 18.47
N GLY A 320 34.72 29.91 17.35
CA GLY A 320 33.41 30.31 16.78
C GLY A 320 32.79 29.16 15.99
N LEU A 321 31.62 28.69 16.46
CA LEU A 321 30.70 27.78 15.71
C LEU A 321 29.40 28.52 15.19
N LYS A 322 29.57 29.74 14.66
CA LYS A 322 28.42 30.54 14.21
C LYS A 322 27.56 29.89 13.11
N ILE A 323 26.27 29.76 13.39
CA ILE A 323 25.36 28.92 12.60
C ILE A 323 24.40 29.68 11.62
N VAL A 324 24.82 30.02 10.40
CA VAL A 324 23.98 30.86 9.57
C VAL A 324 22.89 30.19 8.86
N TYR A 325 21.94 30.98 8.43
CA TYR A 325 20.82 30.41 7.75
C TYR A 325 20.74 30.91 6.35
N PRO A 326 21.62 30.47 5.45
CA PRO A 326 21.70 31.30 4.26
C PRO A 326 20.60 30.89 3.24
N TYR A 327 19.63 30.14 3.73
CA TYR A 327 18.42 29.90 2.99
C TYR A 327 17.41 29.47 4.03
N ASP A 328 16.20 30.04 3.96
CA ASP A 328 15.03 29.50 4.68
C ASP A 328 13.76 29.71 3.78
N THR A 329 12.97 28.69 3.59
CA THR A 329 11.68 28.97 3.02
C THR A 329 10.75 29.17 4.19
N THR A 330 10.87 30.30 4.87
CA THR A 330 10.08 30.54 6.14
C THR A 330 9.25 31.85 6.07
N PRO A 331 9.95 32.98 5.98
CA PRO A 331 9.31 34.18 5.57
C PRO A 331 8.33 33.84 4.50
N PHE A 332 8.85 33.30 3.43
CA PHE A 332 8.13 33.46 2.22
C PHE A 332 6.79 32.90 2.34
N VAL A 333 6.64 32.03 3.29
CA VAL A 333 5.32 31.64 3.57
C VAL A 333 4.64 32.68 4.51
N LYS A 334 5.02 32.65 5.79
CA LYS A 334 4.49 33.52 6.85
C LYS A 334 4.09 34.89 6.38
N ILE A 335 4.90 35.40 5.46
CA ILE A 335 4.75 36.71 4.98
C ILE A 335 3.65 36.64 3.97
N SER A 336 3.67 35.69 3.07
CA SER A 336 2.45 35.39 2.41
C SER A 336 1.33 35.25 3.46
N ILE A 337 1.11 34.08 4.01
CA ILE A 337 0.02 33.93 5.01
C ILE A 337 -0.54 35.24 5.68
N HIS A 338 0.24 35.83 6.58
CA HIS A 338 -0.06 37.18 7.07
C HIS A 338 -0.78 38.05 6.00
N GLU A 339 -0.23 38.23 4.81
CA GLU A 339 -0.88 39.07 3.76
C GLU A 339 -2.12 38.43 3.08
N VAL A 340 -2.36 37.17 3.39
CA VAL A 340 -3.49 36.56 2.84
C VAL A 340 -4.73 36.77 3.72
N VAL A 341 -4.76 36.22 4.93
CA VAL A 341 -5.82 36.62 5.85
C VAL A 341 -6.04 38.15 6.03
N LYS A 342 -5.02 38.95 5.69
CA LYS A 342 -5.11 40.41 5.61
C LYS A 342 -6.14 40.68 4.55
N THR A 343 -6.04 39.97 3.43
CA THR A 343 -7.01 40.15 2.36
C THR A 343 -8.43 39.83 2.85
N LEU A 344 -8.72 38.58 3.22
CA LEU A 344 -10.06 38.21 3.71
C LEU A 344 -10.53 39.25 4.69
N VAL A 345 -10.20 39.06 5.96
CA VAL A 345 -10.41 40.14 6.92
C VAL A 345 -10.76 41.52 6.27
N GLU A 346 -9.82 42.23 5.68
CA GLU A 346 -10.23 43.46 5.05
C GLU A 346 -11.33 43.32 3.97
N ALA A 347 -11.23 42.43 3.01
CA ALA A 347 -12.39 42.35 2.09
C ALA A 347 -13.76 42.17 2.83
N ILE A 348 -13.75 41.95 4.15
CA ILE A 348 -14.98 41.97 4.95
C ILE A 348 -15.31 43.39 5.38
N ILE A 349 -14.61 43.89 6.39
CA ILE A 349 -14.54 45.32 6.56
C ILE A 349 -15.20 46.07 5.41
N LEU A 350 -14.89 45.66 4.18
CA LEU A 350 -15.34 46.39 3.03
C LEU A 350 -16.79 46.13 2.77
N VAL A 351 -17.16 44.87 2.86
CA VAL A 351 -18.58 44.54 2.94
C VAL A 351 -19.39 45.40 3.93
N PHE A 352 -18.90 45.52 5.15
CA PHE A 352 -19.53 46.37 6.12
C PHE A 352 -19.62 47.82 5.65
N LEU A 353 -18.51 48.38 5.21
CA LEU A 353 -18.57 49.73 4.74
C LEU A 353 -19.39 49.84 3.46
N VAL A 354 -19.25 48.91 2.55
CA VAL A 354 -20.09 48.96 1.37
C VAL A 354 -21.47 48.37 1.78
N MET A 355 -21.73 48.40 3.10
CA MET A 355 -23.04 48.00 3.67
C MET A 355 -23.88 49.14 4.39
N TYR A 356 -23.22 50.18 4.94
CA TYR A 356 -23.86 51.49 5.29
C TYR A 356 -24.40 52.02 4.01
N LEU A 357 -23.46 52.48 3.17
CA LEU A 357 -23.78 53.02 1.87
C LEU A 357 -24.99 52.31 1.25
N PHE A 358 -24.99 51.02 1.03
CA PHE A 358 -26.20 50.60 0.35
C PHE A 358 -27.50 50.45 1.12
N LEU A 359 -27.35 50.07 2.37
CA LEU A 359 -28.44 50.00 3.28
C LEU A 359 -28.13 50.92 4.46
N GLN A 360 -28.79 52.06 4.54
CA GLN A 360 -28.81 52.65 5.84
C GLN A 360 -29.14 51.41 6.70
N ASN A 361 -28.24 51.02 7.62
CA ASN A 361 -28.50 49.91 8.58
C ASN A 361 -27.30 49.71 9.45
N PHE A 362 -27.29 48.57 10.16
CA PHE A 362 -26.18 48.06 10.97
C PHE A 362 -26.30 46.58 11.34
N ARG A 363 -27.44 46.18 11.84
CA ARG A 363 -27.65 44.79 12.15
C ARG A 363 -27.93 43.95 10.87
N ALA A 364 -27.55 44.52 9.72
CA ALA A 364 -27.64 43.88 8.39
C ALA A 364 -26.22 43.73 7.83
N THR A 365 -25.37 44.72 8.12
CA THR A 365 -23.95 44.65 7.78
C THR A 365 -23.35 43.78 8.82
N LEU A 366 -24.13 43.49 9.84
CA LEU A 366 -23.66 42.59 10.82
C LEU A 366 -23.85 41.17 10.30
N ILE A 367 -24.78 41.00 9.35
CA ILE A 367 -24.93 39.69 8.66
C ILE A 367 -23.70 39.24 7.79
N PRO A 368 -23.47 39.85 6.52
CA PRO A 368 -22.34 39.31 5.72
C PRO A 368 -21.18 38.94 6.68
N THR A 369 -20.92 39.84 7.62
CA THR A 369 -19.88 39.72 8.61
C THR A 369 -19.99 38.66 9.75
N ILE A 370 -21.11 38.00 9.97
CA ILE A 370 -20.94 36.68 10.58
C ILE A 370 -21.38 35.62 9.57
N ALA A 371 -21.17 35.83 8.28
CA ALA A 371 -21.49 34.68 7.44
C ALA A 371 -20.36 34.25 6.56
N VAL A 372 -19.70 35.20 5.89
CA VAL A 372 -18.41 34.88 5.27
C VAL A 372 -17.85 34.07 6.44
N PRO A 373 -17.15 34.68 7.44
CA PRO A 373 -16.38 33.93 8.44
C PRO A 373 -16.87 32.58 8.74
N VAL A 374 -18.17 32.42 8.88
CA VAL A 374 -18.66 31.05 8.97
C VAL A 374 -18.61 30.21 7.67
N VAL A 375 -18.53 30.84 6.49
CA VAL A 375 -18.25 30.08 5.23
C VAL A 375 -16.75 29.66 5.01
N LEU A 376 -15.79 30.61 5.14
CA LEU A 376 -14.34 30.34 5.44
C LEU A 376 -14.16 29.30 6.48
N LEU A 377 -14.40 29.64 7.71
CA LEU A 377 -14.03 28.64 8.69
C LEU A 377 -14.36 27.15 8.36
N GLY A 378 -15.32 26.91 7.47
CA GLY A 378 -15.72 25.51 7.23
C GLY A 378 -15.00 24.98 6.03
N THR A 379 -14.76 25.90 5.10
CA THR A 379 -13.84 25.72 4.02
C THR A 379 -12.46 25.49 4.63
N PHE A 380 -12.26 25.62 5.95
CA PHE A 380 -11.06 24.98 6.51
C PHE A 380 -11.17 23.51 6.77
N ALA A 381 -12.35 22.96 7.07
CA ALA A 381 -12.38 21.51 7.32
C ALA A 381 -12.86 20.64 6.16
N VAL A 382 -12.92 21.25 4.99
CA VAL A 382 -13.19 20.59 3.75
C VAL A 382 -11.85 20.27 3.17
N LEU A 383 -10.97 21.25 3.32
CA LEU A 383 -9.61 21.16 2.93
C LEU A 383 -8.96 20.03 3.73
N ALA A 384 -8.98 20.17 5.05
CA ALA A 384 -8.53 19.09 5.89
C ALA A 384 -9.27 17.77 5.66
N ALA A 385 -10.20 17.71 4.70
CA ALA A 385 -11.11 16.54 4.52
C ALA A 385 -10.83 15.78 3.22
N PHE A 386 -9.96 16.44 2.45
CA PHE A 386 -9.42 16.04 1.15
C PHE A 386 -7.92 16.27 1.34
N GLY A 387 -7.52 16.25 2.62
CA GLY A 387 -6.14 16.17 3.02
C GLY A 387 -5.53 17.52 2.95
N PHE A 388 -5.94 18.28 1.93
CA PHE A 388 -5.16 19.41 1.51
C PHE A 388 -4.43 20.09 2.70
N SER A 389 -4.28 21.39 2.61
CA SER A 389 -3.30 21.93 3.48
C SER A 389 -2.98 23.38 3.14
N ILE A 390 -2.26 24.02 4.00
CA ILE A 390 -2.23 25.44 3.91
C ILE A 390 -0.96 25.75 3.14
N ASN A 391 -1.13 26.25 1.92
CA ASN A 391 0.02 26.64 1.11
C ASN A 391 -0.41 27.64 0.12
N THR A 392 0.52 28.48 -0.22
CA THR A 392 0.35 29.51 -1.20
C THR A 392 -0.63 29.15 -2.35
N LEU A 393 -0.96 27.88 -2.61
CA LEU A 393 -1.83 27.67 -3.75
C LEU A 393 -3.20 27.73 -3.20
N THR A 394 -3.47 26.81 -2.31
CA THR A 394 -4.74 26.80 -1.56
C THR A 394 -5.19 28.21 -0.97
N MET A 395 -4.24 29.02 -0.50
CA MET A 395 -4.52 30.25 0.20
C MET A 395 -5.20 31.10 -0.74
N PHE A 396 -4.46 31.61 -1.71
CA PHE A 396 -5.04 32.36 -2.74
C PHE A 396 -6.17 31.61 -3.27
N GLY A 397 -6.20 30.32 -3.13
CA GLY A 397 -7.45 29.64 -3.56
C GLY A 397 -8.81 30.25 -3.14
N MET A 398 -8.90 30.81 -1.91
CA MET A 398 -10.12 31.47 -1.26
C MET A 398 -10.05 33.02 -1.29
N VAL A 399 -9.19 33.57 -2.09
CA VAL A 399 -9.07 34.97 -2.08
C VAL A 399 -9.59 35.21 -3.49
N LEU A 400 -9.31 34.27 -4.36
CA LEU A 400 -9.78 34.45 -5.68
C LEU A 400 -11.21 33.97 -5.53
N ALA A 401 -11.51 33.43 -4.32
CA ALA A 401 -12.90 33.04 -3.90
C ALA A 401 -13.76 34.09 -3.14
N ILE A 402 -13.10 35.05 -2.48
CA ILE A 402 -13.75 36.00 -1.55
C ILE A 402 -14.98 36.54 -2.22
N GLY A 403 -14.75 37.07 -3.41
CA GLY A 403 -15.74 37.65 -4.30
C GLY A 403 -17.02 36.87 -4.31
N LEU A 404 -16.94 35.57 -4.30
CA LEU A 404 -18.18 34.89 -4.40
C LEU A 404 -18.78 34.55 -3.05
N LEU A 405 -18.05 34.81 -1.98
CA LEU A 405 -18.53 34.54 -0.59
C LEU A 405 -19.42 35.64 -0.02
N VAL A 406 -18.81 36.75 0.40
CA VAL A 406 -19.39 38.05 0.15
C VAL A 406 -20.53 37.98 -0.88
N ASP A 407 -20.37 38.36 -2.14
CA ASP A 407 -21.59 38.42 -2.88
C ASP A 407 -22.69 37.53 -2.26
N ASP A 408 -22.58 36.21 -2.23
CA ASP A 408 -23.74 35.43 -1.81
C ASP A 408 -24.46 35.97 -0.58
N ALA A 409 -23.75 36.63 0.35
CA ALA A 409 -24.38 37.20 1.62
C ALA A 409 -25.21 38.45 1.38
N ILE A 410 -24.61 39.43 0.71
CA ILE A 410 -25.32 40.65 0.49
C ILE A 410 -26.46 40.21 -0.36
N VAL A 411 -26.25 39.61 -1.52
CA VAL A 411 -27.38 38.97 -2.25
C VAL A 411 -28.64 38.54 -1.38
N VAL A 412 -28.55 37.62 -0.40
CA VAL A 412 -29.71 37.41 0.50
C VAL A 412 -30.18 38.65 1.39
N VAL A 413 -29.46 39.10 2.44
CA VAL A 413 -30.03 40.27 3.18
C VAL A 413 -30.61 41.31 2.25
N GLU A 414 -30.00 41.60 1.12
CA GLU A 414 -30.59 42.64 0.38
C GLU A 414 -31.81 42.24 -0.38
N ASN A 415 -32.08 41.00 -0.75
CA ASN A 415 -33.45 40.80 -1.25
C ASN A 415 -34.49 41.11 -0.17
N VAL A 416 -34.23 40.74 1.09
CA VAL A 416 -35.06 41.19 2.31
C VAL A 416 -35.45 42.75 2.57
N GLU A 417 -34.60 43.74 2.18
CA GLU A 417 -34.70 45.22 2.40
C GLU A 417 -34.95 45.88 1.13
N ARG A 418 -35.33 45.04 0.21
CA ARG A 418 -36.08 45.42 -0.92
C ARG A 418 -37.48 45.07 -0.44
N VAL A 419 -37.85 43.77 -0.41
CA VAL A 419 -39.24 43.30 -0.06
C VAL A 419 -39.87 43.74 1.28
N MET A 420 -39.04 43.93 2.29
CA MET A 420 -39.38 44.65 3.51
C MET A 420 -39.08 46.18 3.30
N ALA A 421 -39.48 46.74 2.14
CA ALA A 421 -39.43 48.23 1.84
C ALA A 421 -40.56 48.62 0.85
N GLU A 422 -40.35 48.31 -0.44
CA GLU A 422 -41.41 48.12 -1.48
C GLU A 422 -42.71 47.40 -0.98
N GLU A 423 -43.44 48.15 -0.12
CA GLU A 423 -44.71 47.82 0.52
C GLU A 423 -44.73 46.36 1.03
N GLY A 424 -43.97 46.10 2.10
CA GLY A 424 -43.78 44.71 2.54
C GLY A 424 -43.94 44.32 4.00
N LEU A 425 -44.33 43.04 4.21
CA LEU A 425 -44.57 42.43 5.54
C LEU A 425 -43.36 42.70 6.49
N PRO A 426 -43.35 42.24 7.75
CA PRO A 426 -42.12 42.41 8.65
C PRO A 426 -40.77 41.65 8.22
N PRO A 427 -39.76 41.42 9.14
CA PRO A 427 -38.81 40.29 8.92
C PRO A 427 -39.52 39.00 8.44
N LYS A 428 -40.32 38.42 9.32
CA LYS A 428 -41.27 37.32 8.98
C LYS A 428 -41.35 37.01 7.49
N GLU A 429 -42.44 37.43 6.87
CA GLU A 429 -42.67 37.16 5.45
C GLU A 429 -41.76 38.03 4.57
N ALA A 430 -41.19 39.09 5.08
CA ALA A 430 -40.20 39.69 4.21
C ALA A 430 -39.31 38.50 3.73
N THR A 431 -38.59 37.89 4.69
CA THR A 431 -37.63 36.80 4.42
C THR A 431 -38.34 35.67 3.68
N ARG A 432 -39.26 35.01 4.36
CA ARG A 432 -39.99 33.92 3.80
C ARG A 432 -40.27 34.05 2.31
N LYS A 433 -40.84 35.18 1.89
CA LYS A 433 -41.13 35.48 0.45
C LYS A 433 -39.86 35.98 -0.31
N SER A 434 -38.97 36.75 0.38
CA SER A 434 -37.64 37.25 -0.13
C SER A 434 -36.80 36.09 -0.65
N MET A 435 -36.33 35.33 0.36
CA MET A 435 -35.63 34.04 0.32
C MET A 435 -36.25 33.17 -0.72
N GLY A 436 -37.55 32.92 -0.58
CA GLY A 436 -38.38 32.44 -1.67
C GLY A 436 -38.02 32.85 -3.11
N GLN A 437 -37.67 34.08 -3.40
CA GLN A 437 -37.49 34.31 -4.83
C GLN A 437 -36.11 33.97 -5.36
N ILE A 438 -35.16 33.98 -4.39
CA ILE A 438 -33.73 33.58 -4.51
C ILE A 438 -33.47 32.10 -4.21
N GLN A 439 -34.21 31.53 -3.25
CA GLN A 439 -34.22 30.10 -2.88
C GLN A 439 -33.71 29.16 -4.00
N GLY A 440 -34.62 28.79 -4.92
CA GLY A 440 -34.25 28.15 -6.18
C GLY A 440 -33.03 28.80 -6.85
N ALA A 441 -33.13 30.06 -7.30
CA ALA A 441 -31.98 30.76 -7.88
C ALA A 441 -30.66 30.36 -7.15
N LEU A 442 -30.55 30.66 -5.85
CA LEU A 442 -29.39 30.34 -4.97
C LEU A 442 -28.76 28.97 -5.09
N VAL A 443 -29.51 27.90 -4.77
CA VAL A 443 -29.26 26.52 -5.34
C VAL A 443 -28.96 26.57 -6.86
N GLY A 444 -29.56 25.74 -7.71
CA GLY A 444 -29.37 25.93 -9.16
C GLY A 444 -28.20 26.82 -9.69
N ILE A 445 -27.81 27.91 -8.99
CA ILE A 445 -26.52 28.65 -9.24
C ILE A 445 -25.26 28.06 -8.50
N ALA A 446 -25.52 27.08 -7.63
CA ALA A 446 -24.55 26.00 -7.32
C ALA A 446 -24.15 25.30 -8.64
N MET A 447 -24.87 24.21 -8.95
CA MET A 447 -24.82 23.53 -10.25
C MET A 447 -24.15 24.28 -11.40
N VAL A 448 -24.91 24.99 -12.23
CA VAL A 448 -24.24 25.91 -13.12
C VAL A 448 -22.77 26.24 -12.67
N LEU A 449 -22.54 26.71 -11.42
CA LEU A 449 -21.18 27.16 -10.91
C LEU A 449 -20.05 26.10 -10.71
N SER A 450 -20.28 25.20 -9.78
CA SER A 450 -19.56 23.98 -9.76
C SER A 450 -19.17 23.50 -11.17
N ALA A 451 -20.11 23.32 -12.05
CA ALA A 451 -19.69 23.14 -13.43
C ALA A 451 -18.63 24.17 -14.07
N VAL A 452 -18.42 25.37 -13.55
CA VAL A 452 -17.38 26.19 -14.16
C VAL A 452 -16.16 26.22 -13.25
N PHE A 453 -15.95 25.09 -12.54
CA PHE A 453 -14.83 24.93 -11.59
C PHE A 453 -14.28 23.52 -11.46
N VAL A 454 -15.17 22.62 -11.10
CA VAL A 454 -14.85 21.21 -11.08
C VAL A 454 -13.89 20.77 -12.25
N PRO A 455 -14.38 20.79 -13.54
CA PRO A 455 -13.54 20.70 -14.69
C PRO A 455 -12.09 20.78 -14.37
N MET A 456 -11.73 21.88 -13.73
CA MET A 456 -10.35 22.27 -13.46
C MET A 456 -9.57 21.41 -12.50
N ALA A 457 -10.22 20.36 -12.00
CA ALA A 457 -9.50 19.37 -11.17
C ALA A 457 -9.40 18.02 -11.84
N PHE A 458 -8.84 18.08 -13.03
CA PHE A 458 -8.91 17.00 -13.98
C PHE A 458 -7.70 17.13 -14.99
N PHE A 459 -6.97 18.24 -14.86
CA PHE A 459 -6.15 18.75 -15.95
C PHE A 459 -5.09 17.83 -16.58
N GLY A 460 -3.82 18.23 -16.45
CA GLY A 460 -2.66 17.38 -16.84
C GLY A 460 -1.85 16.68 -15.72
N GLY A 461 -0.61 17.14 -15.52
CA GLY A 461 0.26 16.49 -14.54
C GLY A 461 0.69 17.53 -13.58
N SER A 462 1.95 17.52 -13.19
CA SER A 462 2.55 18.57 -12.36
C SER A 462 1.65 19.85 -12.18
N THR A 463 1.01 20.23 -13.31
CA THR A 463 0.12 21.42 -13.56
C THR A 463 -1.25 21.13 -12.92
N GLY A 464 -1.79 20.00 -13.33
CA GLY A 464 -3.14 19.55 -13.01
C GLY A 464 -3.34 19.81 -11.56
N ALA A 465 -2.38 19.32 -10.77
CA ALA A 465 -2.31 19.47 -9.29
C ALA A 465 -2.51 20.93 -8.80
N ILE A 466 -1.65 21.83 -9.29
CA ILE A 466 -1.82 23.22 -8.94
C ILE A 466 -3.33 23.55 -9.03
N TYR A 467 -3.85 23.54 -10.25
CA TYR A 467 -5.28 23.59 -10.53
C TYR A 467 -6.21 22.92 -9.55
N ARG A 468 -5.99 21.64 -9.24
CA ARG A 468 -6.86 20.90 -8.28
C ARG A 468 -6.82 21.58 -6.94
N GLN A 469 -5.74 22.30 -6.71
CA GLN A 469 -5.61 22.99 -5.49
C GLN A 469 -6.74 24.00 -5.48
N PHE A 470 -6.55 24.99 -6.34
CA PHE A 470 -7.57 25.92 -6.78
C PHE A 470 -8.93 25.36 -7.03
N SER A 471 -9.05 24.33 -7.85
CA SER A 471 -10.36 23.82 -8.04
C SER A 471 -11.14 23.45 -6.77
N ILE A 472 -10.83 22.37 -6.07
CA ILE A 472 -11.52 22.15 -4.75
C ILE A 472 -11.75 23.42 -3.90
N THR A 473 -10.71 23.94 -3.21
CA THR A 473 -10.80 25.26 -2.59
C THR A 473 -12.12 25.97 -3.08
N ILE A 474 -12.05 26.68 -4.23
CA ILE A 474 -13.16 27.38 -4.77
C ILE A 474 -14.30 26.46 -4.53
N VAL A 475 -14.38 25.30 -5.14
CA VAL A 475 -15.66 24.58 -5.01
C VAL A 475 -16.13 24.52 -3.59
N SER A 476 -15.50 23.66 -2.80
CA SER A 476 -15.90 23.53 -1.41
C SER A 476 -16.02 24.86 -0.55
N ALA A 477 -15.31 25.93 -0.92
CA ALA A 477 -15.69 27.26 -0.45
C ALA A 477 -17.07 27.61 -0.95
N MET A 478 -17.16 27.81 -2.27
CA MET A 478 -18.36 28.37 -2.96
C MET A 478 -19.51 27.48 -2.66
N ALA A 479 -19.34 26.20 -2.89
CA ALA A 479 -20.40 25.30 -2.67
C ALA A 479 -20.59 25.28 -1.15
N LEU A 480 -19.66 25.81 -0.39
CA LEU A 480 -19.97 25.70 1.00
C LEU A 480 -21.00 26.77 1.23
N SER A 481 -20.67 28.00 0.79
CA SER A 481 -21.52 29.25 0.86
C SER A 481 -23.06 29.10 0.64
N VAL A 482 -23.48 28.81 -0.59
CA VAL A 482 -24.82 28.31 -0.93
C VAL A 482 -25.47 27.62 0.24
N LEU A 483 -25.20 26.34 0.43
CA LEU A 483 -25.59 25.69 1.68
C LEU A 483 -25.67 26.61 2.99
N VAL A 484 -24.66 27.43 3.28
CA VAL A 484 -24.74 28.31 4.46
C VAL A 484 -25.63 29.52 4.22
N ALA A 485 -25.82 29.96 2.98
CA ALA A 485 -26.81 31.02 2.78
C ALA A 485 -28.26 30.49 2.67
N LEU A 486 -28.49 29.17 2.60
CA LEU A 486 -29.86 28.67 2.55
C LEU A 486 -30.24 28.26 3.91
N ILE A 487 -29.38 28.61 4.84
CA ILE A 487 -29.59 28.09 6.16
C ILE A 487 -29.25 28.99 7.31
N LEU A 488 -28.08 29.59 7.36
CA LEU A 488 -27.81 30.47 8.49
C LEU A 488 -28.13 31.92 8.18
N THR A 489 -28.17 32.26 6.90
CA THR A 489 -28.44 33.62 6.49
C THR A 489 -29.93 33.94 6.42
N PRO A 490 -30.71 33.06 5.76
CA PRO A 490 -32.14 33.32 5.78
C PRO A 490 -32.50 33.57 7.23
N ALA A 491 -32.24 32.61 8.10
CA ALA A 491 -32.61 32.77 9.49
C ALA A 491 -31.71 33.70 10.33
N LEU A 492 -30.58 34.14 9.77
CA LEU A 492 -29.78 35.04 10.57
C LEU A 492 -30.39 36.40 10.45
N CYS A 493 -30.17 37.05 9.31
CA CYS A 493 -30.71 38.41 9.15
C CYS A 493 -32.27 38.59 9.33
N ALA A 494 -33.09 37.71 8.77
CA ALA A 494 -34.41 37.68 9.27
C ALA A 494 -34.50 37.78 10.84
N THR A 495 -33.42 37.75 11.66
CA THR A 495 -33.54 37.90 13.17
C THR A 495 -32.71 38.94 13.95
N MET A 496 -32.77 40.18 13.46
CA MET A 496 -31.99 41.33 13.91
C MET A 496 -32.32 42.52 12.96
N LEU A 497 -32.72 42.10 11.75
CA LEU A 497 -33.22 42.91 10.62
C LEU A 497 -34.58 43.70 10.75
N LYS A 498 -34.41 45.02 10.93
CA LYS A 498 -35.50 45.97 10.84
C LYS A 498 -35.59 46.61 9.44
N PHE A 513 -25.39 60.51 4.11
CA PHE A 513 -26.59 60.09 3.42
C PHE A 513 -27.21 61.37 3.02
N GLY A 514 -28.27 61.75 3.75
CA GLY A 514 -28.94 63.07 3.60
C GLY A 514 -29.28 63.44 2.16
N TRP A 515 -28.90 62.51 1.25
CA TRP A 515 -29.05 62.59 -0.22
C TRP A 515 -28.77 61.32 -0.96
N PHE A 516 -27.75 60.62 -0.54
CA PHE A 516 -27.31 59.59 -1.39
C PHE A 516 -28.57 58.75 -1.68
N ASN A 517 -29.42 58.59 -0.68
CA ASN A 517 -30.57 57.61 -0.65
C ASN A 517 -31.70 57.67 -1.74
N ARG A 518 -32.06 58.94 -1.95
CA ARG A 518 -32.99 59.48 -2.89
C ARG A 518 -32.10 59.69 -4.19
N MET A 519 -30.82 60.13 -4.01
CA MET A 519 -29.75 60.32 -5.06
C MET A 519 -29.19 59.02 -5.69
N PHE A 520 -29.48 57.92 -5.06
CA PHE A 520 -29.30 56.71 -5.76
C PHE A 520 -30.64 56.44 -6.39
N GLU A 521 -31.75 56.60 -5.64
CA GLU A 521 -33.15 56.40 -6.17
C GLU A 521 -33.50 57.31 -7.42
N LYS A 522 -32.42 57.98 -7.92
CA LYS A 522 -32.28 58.90 -9.10
C LYS A 522 -31.67 58.31 -10.35
N SER A 523 -30.46 57.81 -10.15
CA SER A 523 -29.65 57.32 -11.24
C SER A 523 -30.27 56.03 -11.72
N THR A 524 -30.76 55.24 -10.77
CA THR A 524 -31.61 54.06 -11.01
C THR A 524 -32.75 54.30 -12.05
N HIS A 525 -33.47 55.43 -11.90
CA HIS A 525 -34.67 55.74 -12.67
C HIS A 525 -34.12 56.16 -14.00
N HIS A 526 -33.30 57.22 -13.95
CA HIS A 526 -32.57 57.64 -15.11
C HIS A 526 -31.96 56.43 -15.85
N TYR A 527 -31.40 55.47 -15.11
CA TYR A 527 -30.74 54.32 -15.76
C TYR A 527 -31.75 53.39 -16.51
N THR A 528 -32.92 53.07 -15.93
CA THR A 528 -33.77 52.14 -16.65
C THR A 528 -34.46 52.79 -17.85
N ASP A 529 -34.60 54.15 -17.87
CA ASP A 529 -35.09 54.91 -19.10
C ASP A 529 -34.20 54.46 -20.27
N SER A 530 -33.06 55.18 -20.39
CA SER A 530 -31.91 54.77 -21.20
C SER A 530 -32.16 53.41 -21.85
N VAL A 531 -32.30 52.44 -20.93
CA VAL A 531 -32.41 51.03 -21.20
C VAL A 531 -33.75 50.71 -21.86
N GLY A 532 -34.82 51.40 -21.44
CA GLY A 532 -36.17 51.30 -22.06
C GLY A 532 -36.25 51.68 -23.55
N GLY A 533 -35.36 52.60 -23.94
CA GLY A 533 -35.05 52.90 -25.34
C GLY A 533 -34.11 51.88 -25.99
N ILE A 534 -33.09 51.43 -25.26
CA ILE A 534 -32.23 50.36 -25.75
C ILE A 534 -33.09 49.29 -26.41
N LEU A 535 -34.25 49.07 -25.79
CA LEU A 535 -35.14 47.90 -25.92
C LEU A 535 -36.40 48.14 -26.80
N ARG A 536 -36.59 49.44 -27.15
CA ARG A 536 -37.44 49.95 -28.28
C ARG A 536 -36.73 49.51 -29.56
N SER A 537 -35.64 50.21 -29.92
CA SER A 537 -34.74 49.73 -30.97
C SER A 537 -34.61 48.16 -30.92
N THR A 538 -34.14 47.69 -29.74
CA THR A 538 -33.86 46.27 -29.31
C THR A 538 -32.47 45.79 -29.76
N GLY A 539 -32.42 44.81 -30.71
CA GLY A 539 -31.18 44.37 -31.40
C GLY A 539 -30.14 45.40 -31.89
N ARG A 540 -30.28 46.64 -31.44
CA ARG A 540 -29.38 47.73 -31.80
C ARG A 540 -27.97 47.47 -31.32
N TYR A 541 -27.92 47.17 -30.01
CA TYR A 541 -26.74 46.96 -29.10
C TYR A 541 -26.11 45.53 -29.19
N LEU A 542 -26.96 44.55 -29.55
CA LEU A 542 -26.56 43.18 -29.95
C LEU A 542 -25.45 43.24 -30.99
N VAL A 543 -25.43 44.30 -31.80
CA VAL A 543 -24.36 44.61 -32.76
C VAL A 543 -23.07 45.02 -31.97
N LEU A 544 -23.28 46.02 -31.10
CA LEU A 544 -22.28 46.71 -30.23
C LEU A 544 -21.68 45.70 -29.20
N TYR A 545 -22.37 44.56 -29.13
CA TYR A 545 -21.98 43.33 -28.48
C TYR A 545 -21.02 42.46 -29.32
N LEU A 546 -21.46 42.07 -30.52
CA LEU A 546 -20.66 41.16 -31.33
C LEU A 546 -19.28 41.73 -31.51
N ILE A 547 -19.21 43.06 -31.45
CA ILE A 547 -17.94 43.80 -31.43
C ILE A 547 -17.15 43.38 -30.23
N ILE A 548 -17.81 43.43 -29.06
CA ILE A 548 -17.12 43.13 -27.80
C ILE A 548 -16.72 41.64 -27.76
N VAL A 549 -17.53 40.73 -28.35
CA VAL A 549 -17.14 39.30 -28.61
C VAL A 549 -15.87 39.20 -29.49
N VAL A 550 -16.06 39.25 -30.81
CA VAL A 550 -14.99 39.56 -31.78
C VAL A 550 -13.63 40.05 -31.12
N GLY A 551 -13.69 41.11 -30.33
CA GLY A 551 -12.51 41.76 -29.75
C GLY A 551 -11.85 40.93 -28.67
N MET A 552 -12.62 40.37 -27.73
CA MET A 552 -12.07 39.34 -26.83
C MET A 552 -11.22 38.41 -27.67
N ALA A 553 -11.87 37.57 -28.46
CA ALA A 553 -11.19 36.74 -29.45
C ALA A 553 -9.79 37.29 -29.91
N TYR A 554 -9.64 38.60 -30.12
CA TYR A 554 -8.36 39.16 -30.59
C TYR A 554 -7.39 39.21 -29.47
N LEU A 555 -7.93 39.41 -28.29
CA LEU A 555 -7.12 39.51 -27.09
C LEU A 555 -6.61 38.13 -26.68
N PHE A 556 -7.48 37.10 -26.61
CA PHE A 556 -7.15 35.77 -25.98
C PHE A 556 -5.82 35.37 -26.44
N VAL A 557 -5.79 35.37 -27.77
CA VAL A 557 -4.68 35.02 -28.61
C VAL A 557 -3.39 35.90 -28.33
N ARG A 558 -3.57 37.20 -28.24
CA ARG A 558 -2.49 38.11 -27.99
C ARG A 558 -1.91 37.89 -26.62
N LEU A 559 -2.75 37.42 -25.69
CA LEU A 559 -2.33 37.31 -24.29
C LEU A 559 -1.42 36.16 -24.06
N PRO A 560 -0.12 36.53 -23.81
CA PRO A 560 0.98 35.64 -23.47
C PRO A 560 0.62 34.56 -22.41
N SER A 561 1.42 33.48 -22.40
CA SER A 561 1.21 32.32 -21.52
C SER A 561 2.29 32.04 -20.42
N SER A 562 1.92 31.21 -19.44
CA SER A 562 2.76 30.82 -18.31
C SER A 562 2.08 30.05 -17.15
N PHE A 563 2.79 30.05 -16.02
CA PHE A 563 2.53 29.12 -14.96
C PHE A 563 2.30 29.96 -13.76
N LEU A 564 3.37 30.32 -13.10
CA LEU A 564 3.23 31.13 -11.94
C LEU A 564 4.29 32.10 -12.17
N PRO A 565 3.91 33.35 -12.40
CA PRO A 565 4.84 34.46 -12.34
C PRO A 565 5.84 34.25 -11.22
N ASP A 566 7.10 34.36 -11.65
CA ASP A 566 8.28 34.24 -10.86
C ASP A 566 7.93 35.00 -9.62
N GLU A 567 8.61 34.85 -8.49
CA GLU A 567 8.47 35.82 -7.41
C GLU A 567 9.81 36.04 -6.80
N ASP A 568 10.11 37.24 -6.28
CA ASP A 568 11.30 37.54 -5.44
C ASP A 568 11.19 36.63 -4.24
N GLN A 569 12.26 35.91 -3.90
CA GLN A 569 12.27 35.02 -2.71
C GLN A 569 13.37 35.35 -1.63
N GLY A 570 14.00 36.52 -1.79
CA GLY A 570 15.10 36.89 -0.90
C GLY A 570 16.36 36.04 -0.99
N VAL A 571 16.33 35.06 -1.91
CA VAL A 571 17.56 34.42 -2.47
C VAL A 571 17.66 34.19 -4.03
N PHE A 572 18.85 34.31 -4.56
CA PHE A 572 19.00 33.85 -5.94
C PHE A 572 20.38 33.16 -6.25
N MET A 573 20.81 33.07 -7.52
CA MET A 573 22.09 32.40 -7.81
C MET A 573 22.98 32.92 -8.88
N THR A 574 24.22 32.57 -8.67
CA THR A 574 25.18 32.92 -9.56
C THR A 574 25.79 31.63 -10.12
N MET A 575 26.14 31.76 -11.38
CA MET A 575 26.56 30.66 -12.23
C MET A 575 28.07 30.88 -12.62
N VAL A 576 29.01 30.20 -11.96
CA VAL A 576 30.38 30.31 -12.45
C VAL A 576 30.50 29.03 -13.28
N GLN A 577 31.45 28.99 -14.22
CA GLN A 577 31.52 27.92 -15.25
C GLN A 577 32.75 28.14 -16.06
N LEU A 578 33.88 27.80 -15.41
CA LEU A 578 35.17 27.99 -16.02
C LEU A 578 35.35 27.03 -17.23
N PRO A 579 36.32 27.32 -18.13
CA PRO A 579 36.22 26.62 -19.46
C PRO A 579 36.73 25.21 -19.39
N ALA A 580 36.93 24.60 -20.56
CA ALA A 580 37.27 23.18 -20.59
C ALA A 580 37.97 22.76 -19.28
N GLY A 581 39.21 22.37 -19.41
CA GLY A 581 39.90 21.69 -18.37
C GLY A 581 40.08 22.42 -17.08
N ALA A 582 39.48 23.61 -16.85
CA ALA A 582 39.73 24.43 -15.61
C ALA A 582 40.33 23.69 -14.41
N THR A 583 39.96 24.10 -13.19
CA THR A 583 40.55 23.58 -11.93
C THR A 583 40.23 24.55 -10.81
N GLN A 584 39.48 24.06 -9.80
CA GLN A 584 39.38 24.60 -8.43
C GLN A 584 40.19 25.86 -8.19
N GLU A 585 41.40 25.74 -7.67
CA GLU A 585 42.14 26.99 -7.40
C GLU A 585 41.63 28.14 -8.29
N ARG A 586 41.75 27.96 -9.61
CA ARG A 586 41.44 28.99 -10.61
C ARG A 586 39.92 29.25 -10.76
N THR A 587 39.04 28.31 -10.37
CA THR A 587 37.62 28.69 -10.22
C THR A 587 37.25 29.36 -8.87
N GLN A 588 38.09 29.25 -7.87
CA GLN A 588 37.76 30.02 -6.72
C GLN A 588 37.79 31.47 -7.03
N LYS A 589 38.79 31.88 -7.79
CA LYS A 589 39.05 33.30 -7.93
C LYS A 589 37.82 33.92 -8.44
N VAL A 590 37.17 33.18 -9.35
CA VAL A 590 35.95 33.61 -9.96
C VAL A 590 35.02 33.73 -8.83
N LEU A 591 34.74 32.65 -8.14
CA LEU A 591 33.80 32.81 -7.05
C LEU A 591 34.12 33.98 -6.14
N ASN A 592 35.37 34.25 -5.84
CA ASN A 592 35.72 35.35 -4.95
C ASN A 592 35.22 36.74 -5.40
N GLU A 593 35.41 37.03 -6.66
CA GLU A 593 34.72 38.16 -7.36
C GLU A 593 33.10 38.14 -7.32
N VAL A 594 32.45 37.21 -8.01
CA VAL A 594 31.12 36.94 -7.68
C VAL A 594 30.89 36.85 -6.20
N THR A 595 31.90 36.93 -5.36
CA THR A 595 31.60 37.13 -3.95
C THR A 595 31.68 38.64 -3.77
N HIS A 596 32.84 39.22 -4.09
CA HIS A 596 33.11 40.66 -3.90
C HIS A 596 32.04 41.55 -4.61
N TYR A 597 32.06 41.52 -5.92
CA TYR A 597 31.09 42.25 -6.72
C TYR A 597 29.63 41.85 -6.33
N TYR A 598 29.49 41.29 -5.11
CA TYR A 598 28.19 41.06 -4.44
C TYR A 598 28.22 41.56 -3.07
N LEU A 599 29.41 41.61 -2.50
CA LEU A 599 29.47 42.09 -1.15
C LEU A 599 29.72 43.59 -1.18
N THR A 600 30.55 44.00 -2.13
CA THR A 600 30.90 45.39 -2.26
C THR A 600 29.89 46.13 -3.08
N LYS A 601 29.98 46.10 -4.40
CA LYS A 601 29.05 46.86 -5.17
C LYS A 601 27.62 46.46 -4.89
N GLU A 602 27.32 45.66 -3.85
CA GLU A 602 25.96 45.48 -3.38
C GLU A 602 25.70 45.15 -1.93
N LYS A 603 26.30 45.91 -0.99
CA LYS A 603 26.09 45.78 0.52
C LYS A 603 24.64 45.95 1.09
N ASN A 604 23.88 46.89 0.52
CA ASN A 604 22.47 47.20 0.87
C ASN A 604 21.42 46.15 0.41
N ASN A 605 21.90 44.96 0.09
CA ASN A 605 21.07 43.91 -0.49
C ASN A 605 21.64 42.43 -0.34
N VAL A 606 22.95 42.27 -0.65
CA VAL A 606 23.63 41.00 -0.36
C VAL A 606 23.76 40.80 1.16
N GLU A 607 23.15 39.74 1.62
CA GLU A 607 23.27 39.52 2.99
C GLU A 607 24.31 38.44 3.22
N SER A 608 24.50 37.60 2.20
CA SER A 608 25.41 36.51 2.33
C SER A 608 25.54 35.80 1.08
N VAL A 609 26.72 35.87 0.51
CA VAL A 609 27.03 34.88 -0.46
C VAL A 609 27.37 33.49 0.17
N PHE A 610 26.64 32.47 -0.24
CA PHE A 610 27.01 31.09 -0.07
C PHE A 610 27.19 30.41 -1.43
N ALA A 611 28.45 30.46 -1.91
CA ALA A 611 28.94 29.74 -3.10
C ALA A 611 29.91 28.54 -2.88
N VAL A 612 29.79 27.64 -3.85
CA VAL A 612 30.50 26.42 -3.90
C VAL A 612 30.79 25.95 -5.32
N ASN A 613 32.09 25.60 -5.57
CA ASN A 613 32.69 25.03 -6.79
C ASN A 613 32.79 23.55 -6.79
N GLY A 614 32.26 23.00 -7.84
CA GLY A 614 32.18 21.57 -7.94
C GLY A 614 30.74 21.14 -7.91
N PHE A 615 29.81 22.06 -8.18
CA PHE A 615 28.39 21.70 -8.29
C PHE A 615 27.58 22.08 -9.59
N GLY A 616 27.47 23.36 -9.91
CA GLY A 616 26.71 23.88 -11.08
C GLY A 616 25.82 22.93 -11.87
N PHE A 617 25.13 22.06 -11.14
CA PHE A 617 24.13 21.10 -11.67
C PHE A 617 24.12 20.82 -13.22
N ALA A 618 25.01 21.47 -14.00
CA ALA A 618 25.36 20.99 -15.37
C ALA A 618 26.32 19.72 -15.42
N GLY A 619 26.85 19.39 -14.22
CA GLY A 619 27.72 18.25 -13.97
C GLY A 619 28.81 18.89 -13.14
N ARG A 620 29.60 18.08 -12.38
CA ARG A 620 30.52 18.60 -11.37
C ARG A 620 31.94 18.78 -11.85
N GLY A 621 32.90 18.99 -10.94
CA GLY A 621 34.30 19.06 -11.35
C GLY A 621 35.00 20.41 -11.44
N GLN A 622 35.98 20.62 -10.53
CA GLN A 622 36.80 21.81 -10.42
C GLN A 622 36.46 22.87 -11.50
N ASN A 623 36.21 22.45 -12.75
CA ASN A 623 35.76 23.35 -13.80
C ASN A 623 34.60 24.25 -13.34
N THR A 624 33.49 23.70 -12.83
CA THR A 624 32.31 24.50 -12.39
C THR A 624 31.88 24.68 -10.90
N GLY A 625 31.77 25.89 -10.46
CA GLY A 625 30.85 26.11 -9.40
C GLY A 625 29.58 26.92 -9.67
N ILE A 626 28.82 26.95 -8.58
CA ILE A 626 27.68 27.78 -8.42
C ILE A 626 27.61 28.52 -7.07
N ALA A 627 27.09 29.73 -7.10
CA ALA A 627 26.99 30.59 -5.98
C ALA A 627 25.60 31.21 -5.73
N PHE A 628 24.72 30.54 -4.95
CA PHE A 628 23.62 31.12 -4.09
C PHE A 628 23.99 32.23 -3.07
N VAL A 629 23.78 33.52 -3.44
CA VAL A 629 23.46 34.68 -2.55
C VAL A 629 22.00 34.88 -2.13
N SER A 630 21.91 35.26 -0.84
CA SER A 630 20.71 35.48 0.04
C SER A 630 20.71 36.91 0.66
N LEU A 631 19.67 37.66 0.30
CA LEU A 631 19.64 39.08 0.30
C LEU A 631 19.23 39.43 1.67
N LYS A 632 19.22 40.73 2.00
CA LYS A 632 18.62 41.20 3.26
C LYS A 632 17.12 41.31 3.10
N ASP A 633 16.40 41.34 4.23
CA ASP A 633 14.89 41.50 4.29
C ASP A 633 14.21 42.50 3.29
N TRP A 634 13.13 42.07 2.60
CA TRP A 634 12.43 42.94 1.61
C TRP A 634 12.22 44.36 2.12
N ALA A 635 11.90 44.46 3.40
CA ALA A 635 11.90 45.72 4.07
C ALA A 635 13.06 46.57 3.51
N ASP A 636 14.28 46.22 3.93
CA ASP A 636 15.47 47.00 3.69
C ASP A 636 15.81 47.05 2.27
N ARG A 637 14.81 46.69 1.50
CA ARG A 637 14.95 46.71 0.07
C ARG A 637 13.70 47.43 -0.44
N PRO A 638 13.75 48.77 -0.43
CA PRO A 638 12.88 49.77 -0.98
C PRO A 638 12.20 49.45 -2.30
N GLY A 639 12.76 49.89 -3.44
CA GLY A 639 12.06 49.74 -4.75
C GLY A 639 12.57 48.71 -5.75
N GLU A 640 11.82 48.51 -6.82
CA GLU A 640 12.36 47.97 -8.08
C GLU A 640 13.80 47.60 -8.09
N GLU A 641 14.67 48.62 -8.10
CA GLU A 641 16.14 48.45 -8.14
C GLU A 641 16.73 47.61 -6.99
N ASN A 642 16.31 47.89 -5.74
CA ASN A 642 16.63 47.05 -4.60
C ASN A 642 16.06 45.66 -4.44
N LYS A 643 15.24 45.18 -5.39
CA LYS A 643 14.79 43.76 -5.46
C LYS A 643 15.38 42.88 -6.62
N VAL A 644 14.95 41.60 -6.63
CA VAL A 644 15.73 40.61 -7.27
C VAL A 644 15.89 40.74 -8.75
N GLU A 645 14.83 40.46 -9.53
CA GLU A 645 14.87 40.71 -10.96
C GLU A 645 15.93 41.79 -11.23
N ALA A 646 15.89 42.83 -10.37
CA ALA A 646 16.72 44.07 -10.46
C ALA A 646 18.16 43.94 -9.98
N ILE A 647 18.37 43.32 -8.81
CA ILE A 647 19.74 43.07 -8.31
C ILE A 647 20.48 42.13 -9.20
N THR A 648 19.73 41.16 -9.73
CA THR A 648 20.27 40.21 -10.65
C THR A 648 20.43 40.85 -11.97
N MET A 649 19.56 41.77 -12.30
CA MET A 649 19.74 42.47 -13.58
C MET A 649 21.24 42.86 -13.78
N ARG A 650 21.70 43.57 -12.77
CA ARG A 650 22.92 44.36 -12.79
C ARG A 650 24.15 43.48 -12.74
N ALA A 651 24.13 42.55 -11.77
CA ALA A 651 25.02 41.38 -11.75
C ALA A 651 25.37 40.73 -13.18
N THR A 652 24.67 39.70 -13.62
CA THR A 652 24.58 39.33 -15.06
C THR A 652 25.31 40.19 -16.17
N ARG A 653 24.95 41.47 -16.25
CA ARG A 653 25.63 42.37 -17.13
C ARG A 653 27.00 42.73 -16.56
N ALA A 654 27.06 43.21 -15.30
CA ALA A 654 28.37 43.49 -14.58
C ALA A 654 29.31 42.27 -14.36
N PHE A 655 28.80 41.15 -14.86
CA PHE A 655 29.43 39.91 -14.68
C PHE A 655 29.86 39.37 -15.97
N SER A 656 29.32 39.80 -17.07
CA SER A 656 30.16 39.68 -18.23
C SER A 656 31.14 40.84 -17.90
N GLN A 657 31.99 41.27 -18.86
CA GLN A 657 33.38 41.92 -18.70
C GLN A 657 34.48 40.97 -18.02
N ILE A 658 34.05 39.76 -17.56
CA ILE A 658 34.87 38.74 -16.76
C ILE A 658 35.53 37.62 -17.59
N LYS A 659 36.83 37.84 -17.87
CA LYS A 659 37.67 36.80 -18.28
C LYS A 659 37.09 36.10 -19.51
N ASP A 660 37.40 34.81 -19.40
CA ASP A 660 36.92 33.63 -20.12
C ASP A 660 36.42 32.74 -18.94
N ALA A 661 35.39 33.18 -18.26
CA ALA A 661 34.72 32.39 -17.25
C ALA A 661 33.25 32.79 -17.23
N MET A 662 32.34 31.99 -17.79
CA MET A 662 30.95 32.51 -17.88
C MET A 662 30.23 32.50 -16.53
N VAL A 663 29.93 33.69 -16.00
CA VAL A 663 29.21 33.81 -14.76
C VAL A 663 27.85 34.42 -14.93
N PHE A 664 26.78 33.61 -14.75
CA PHE A 664 25.39 33.99 -14.71
C PHE A 664 24.84 34.16 -13.33
N ALA A 665 23.65 34.77 -13.22
CA ALA A 665 22.90 34.97 -11.97
C ALA A 665 21.51 34.78 -12.43
N PHE A 666 20.64 34.33 -11.53
CA PHE A 666 19.24 34.26 -11.88
C PHE A 666 18.38 33.96 -10.70
N ASN A 667 17.14 34.48 -10.78
CA ASN A 667 16.18 34.18 -9.77
C ASN A 667 15.63 32.81 -10.04
N LEU A 668 15.64 32.03 -8.94
CA LEU A 668 14.87 30.80 -8.85
C LEU A 668 13.58 31.03 -9.46
N PRO A 669 13.01 29.98 -9.98
CA PRO A 669 11.69 29.90 -10.57
C PRO A 669 10.62 29.86 -9.42
N ALA A 670 9.34 29.81 -9.80
CA ALA A 670 8.26 29.90 -8.84
C ALA A 670 8.34 28.81 -7.79
N ILE A 671 8.02 27.64 -8.33
CA ILE A 671 7.87 26.44 -7.55
C ILE A 671 9.11 25.53 -7.70
N VAL A 672 10.24 25.98 -7.13
CA VAL A 672 11.53 25.27 -7.21
C VAL A 672 11.34 23.92 -7.99
N GLU A 673 11.22 22.81 -7.25
CA GLU A 673 10.96 21.53 -7.88
C GLU A 673 9.83 21.54 -8.93
N LEU A 674 9.94 22.22 -10.07
CA LEU A 674 8.93 21.98 -11.11
C LEU A 674 9.26 22.58 -12.48
N GLY A 675 8.25 22.55 -13.37
CA GLY A 675 8.36 22.64 -14.85
C GLY A 675 8.75 23.94 -15.52
N THR A 676 9.62 24.71 -14.86
CA THR A 676 10.26 25.94 -15.40
C THR A 676 10.16 26.25 -16.91
N ALA A 677 10.91 27.27 -17.38
CA ALA A 677 10.59 28.02 -18.66
C ALA A 677 9.23 27.59 -19.18
N THR A 678 8.65 28.34 -20.10
CA THR A 678 7.54 27.68 -20.79
C THR A 678 8.20 26.72 -21.80
N GLY A 679 9.56 26.93 -21.87
CA GLY A 679 10.60 26.15 -22.57
C GLY A 679 10.34 24.68 -22.96
N PHE A 680 11.22 24.14 -23.81
CA PHE A 680 11.13 22.71 -24.14
C PHE A 680 12.40 22.07 -23.66
N ASP A 681 12.22 20.73 -23.53
CA ASP A 681 13.17 19.68 -23.12
C ASP A 681 13.08 18.63 -24.22
N PHE A 682 14.28 18.36 -24.75
CA PHE A 682 14.51 17.58 -25.95
C PHE A 682 15.83 16.80 -25.83
N GLU A 683 15.62 15.48 -25.82
CA GLU A 683 16.63 14.52 -25.76
C GLU A 683 16.68 13.86 -26.99
N LEU A 684 17.88 13.97 -27.61
CA LEU A 684 18.32 13.21 -28.77
C LEU A 684 18.54 11.65 -28.83
N ILE A 685 17.75 10.65 -28.45
CA ILE A 685 18.38 9.39 -28.38
C ILE A 685 19.15 8.66 -29.55
N ASP A 686 19.93 7.62 -29.22
CA ASP A 686 20.86 6.94 -30.03
C ASP A 686 20.35 5.77 -30.97
N GLN A 687 19.55 4.83 -30.56
CA GLN A 687 18.80 3.99 -31.59
C GLN A 687 19.55 2.83 -32.22
N ALA A 688 20.79 3.03 -32.66
CA ALA A 688 21.70 1.79 -32.99
C ALA A 688 23.22 2.04 -32.71
N GLY A 689 24.04 1.02 -32.96
CA GLY A 689 25.53 1.27 -33.12
C GLY A 689 26.01 2.76 -33.13
N LEU A 690 25.18 3.68 -33.66
CA LEU A 690 25.75 5.00 -33.84
C LEU A 690 26.55 5.16 -32.53
N GLY A 691 27.79 5.54 -32.64
CA GLY A 691 28.32 5.93 -31.36
C GLY A 691 28.52 7.41 -30.90
N HIS A 692 28.92 7.55 -29.60
CA HIS A 692 29.01 8.81 -28.92
C HIS A 692 29.16 9.77 -30.04
N GLU A 693 30.24 9.55 -30.82
CA GLU A 693 30.57 10.41 -31.97
C GLU A 693 29.47 10.64 -33.02
N LYS A 694 28.98 9.57 -33.59
CA LYS A 694 27.88 9.79 -34.45
C LYS A 694 26.75 10.65 -33.78
N LEU A 695 25.98 10.15 -32.85
CA LEU A 695 25.20 11.11 -32.06
C LEU A 695 25.83 12.56 -31.91
N THR A 696 27.15 12.71 -31.86
CA THR A 696 27.68 14.01 -31.48
C THR A 696 27.48 14.75 -32.77
N GLN A 697 27.89 14.20 -33.89
CA GLN A 697 27.38 14.57 -35.29
C GLN A 697 25.86 14.88 -35.47
N ALA A 698 24.98 13.89 -35.35
CA ALA A 698 23.64 14.33 -35.35
C ALA A 698 23.62 15.63 -34.47
N ARG A 699 24.06 15.53 -33.20
CA ARG A 699 23.70 16.47 -32.09
C ARG A 699 23.87 17.82 -32.63
N ASN A 700 25.04 17.99 -33.16
CA ASN A 700 25.44 19.21 -33.73
C ASN A 700 24.72 19.74 -34.95
N GLN A 701 24.40 18.84 -35.88
CA GLN A 701 23.66 19.15 -37.10
C GLN A 701 22.28 19.80 -36.81
N LEU A 702 21.39 18.96 -36.24
CA LEU A 702 20.20 19.43 -35.60
C LEU A 702 20.40 20.85 -34.94
N LEU A 703 21.16 20.97 -33.83
CA LEU A 703 21.48 22.27 -33.25
C LEU A 703 21.73 23.44 -34.22
N ALA A 704 22.61 23.20 -35.19
CA ALA A 704 23.03 24.18 -36.21
C ALA A 704 21.89 24.47 -37.07
N GLU A 705 21.19 23.43 -37.49
CA GLU A 705 19.93 23.61 -38.10
C GLU A 705 19.13 24.65 -37.41
N ALA A 706 18.50 24.22 -36.33
CA ALA A 706 17.85 25.14 -35.38
C ALA A 706 18.27 26.65 -35.42
N ALA A 707 19.54 27.01 -35.45
CA ALA A 707 19.81 28.43 -35.30
C ALA A 707 19.64 29.24 -36.58
N LYS A 708 19.30 28.51 -37.64
CA LYS A 708 18.98 29.04 -38.94
C LYS A 708 17.49 28.95 -39.10
N HIS A 709 16.86 29.46 -38.05
CA HIS A 709 15.45 29.41 -37.86
C HIS A 709 15.10 30.16 -36.63
N PRO A 710 15.70 31.35 -36.49
CA PRO A 710 15.28 32.25 -35.40
C PRO A 710 13.84 32.80 -35.56
N ASP A 711 13.17 32.32 -36.61
CA ASP A 711 11.85 32.77 -37.00
C ASP A 711 10.93 32.16 -36.01
N MET A 712 11.04 30.84 -35.91
CA MET A 712 10.26 29.91 -35.03
C MET A 712 10.71 30.06 -33.62
N LEU A 713 11.59 31.07 -33.58
CA LEU A 713 12.49 31.62 -32.51
C LEU A 713 13.17 30.44 -31.74
N THR A 714 13.90 30.66 -30.62
CA THR A 714 14.81 29.60 -30.28
C THR A 714 15.97 30.03 -29.47
N SER A 715 16.49 29.06 -28.74
CA SER A 715 17.78 29.12 -28.20
C SER A 715 18.14 27.70 -27.80
N VAL A 716 18.25 26.79 -28.79
CA VAL A 716 18.71 25.42 -28.54
C VAL A 716 20.09 25.31 -27.95
N ARG A 717 20.24 24.48 -26.91
CA ARG A 717 21.54 24.21 -26.25
C ARG A 717 21.71 22.68 -25.89
N PRO A 718 22.99 22.22 -25.89
CA PRO A 718 23.25 20.88 -25.48
C PRO A 718 23.33 21.05 -24.00
N ASN A 719 22.63 20.24 -23.27
CA ASN A 719 22.65 20.50 -21.88
C ASN A 719 23.40 19.42 -21.37
N GLY A 720 24.68 19.71 -21.22
CA GLY A 720 25.70 18.60 -21.16
C GLY A 720 27.03 19.10 -21.69
N LEU A 721 28.00 18.20 -21.99
CA LEU A 721 29.44 18.66 -22.19
C LEU A 721 30.29 18.11 -23.41
N GLU A 722 31.22 18.99 -23.82
CA GLU A 722 32.05 18.65 -24.85
C GLU A 722 33.10 17.58 -24.38
N ASP A 723 33.31 16.62 -25.27
CA ASP A 723 34.56 16.01 -25.41
C ASP A 723 35.52 17.00 -25.06
N THR A 724 36.30 16.61 -24.03
CA THR A 724 37.59 17.24 -23.64
C THR A 724 38.61 16.20 -23.85
N PRO A 725 39.92 16.68 -23.70
CA PRO A 725 40.99 15.73 -23.75
C PRO A 725 41.25 15.03 -22.35
N GLN A 726 41.82 13.83 -22.61
CA GLN A 726 41.95 12.63 -21.76
C GLN A 726 43.44 12.25 -21.93
N PHE A 727 44.03 11.96 -20.80
CA PHE A 727 45.40 11.54 -20.87
C PHE A 727 45.34 10.19 -20.63
N LYS A 728 45.88 9.43 -21.58
CA LYS A 728 45.63 7.98 -21.46
C LYS A 728 46.84 6.96 -21.22
N ILE A 729 46.93 6.31 -20.05
CA ILE A 729 47.98 5.41 -19.95
C ILE A 729 47.62 4.38 -20.89
N ASP A 730 48.30 3.24 -20.85
CA ASP A 730 48.03 2.12 -21.80
C ASP A 730 49.07 1.01 -21.60
N ILE A 731 48.96 0.31 -20.43
CA ILE A 731 49.69 -0.95 -20.10
C ILE A 731 49.93 -1.86 -21.32
N ASP A 732 51.23 -2.25 -21.33
CA ASP A 732 51.79 -3.20 -22.29
C ASP A 732 52.00 -4.57 -21.67
N GLN A 733 50.99 -5.40 -21.94
CA GLN A 733 50.73 -6.69 -21.35
C GLN A 733 52.00 -7.50 -21.66
N GLU A 734 52.37 -7.62 -22.92
CA GLU A 734 53.54 -8.48 -23.22
C GLU A 734 54.66 -8.28 -22.18
N LYS A 735 55.03 -7.03 -22.01
CA LYS A 735 56.24 -6.61 -21.38
C LYS A 735 55.93 -6.89 -20.01
N ALA A 736 54.76 -6.59 -19.60
CA ALA A 736 54.55 -6.81 -18.22
C ALA A 736 54.76 -8.25 -17.89
N GLN A 737 54.30 -9.23 -18.68
CA GLN A 737 54.57 -10.66 -18.30
C GLN A 737 56.06 -10.71 -18.23
N ALA A 738 56.61 -10.81 -19.43
CA ALA A 738 57.97 -10.44 -19.73
C ALA A 738 58.70 -9.83 -18.55
N LEU A 739 58.38 -8.65 -18.03
CA LEU A 739 59.27 -8.18 -16.93
C LEU A 739 59.06 -8.80 -15.54
N GLY A 740 58.01 -9.63 -15.37
CA GLY A 740 57.71 -10.29 -14.07
C GLY A 740 56.97 -9.37 -13.09
N VAL A 741 55.83 -8.90 -13.57
CA VAL A 741 55.08 -7.75 -13.05
C VAL A 741 53.56 -7.95 -13.23
N SER A 742 52.77 -8.20 -12.15
CA SER A 742 51.30 -8.50 -12.29
C SER A 742 50.40 -7.31 -12.63
N ILE A 743 49.72 -7.44 -13.77
CA ILE A 743 48.77 -6.48 -14.32
C ILE A 743 47.81 -5.96 -13.22
N ASN A 744 47.58 -6.78 -12.18
CA ASN A 744 46.92 -6.25 -10.97
C ASN A 744 47.80 -5.29 -10.25
N ASP A 745 49.04 -5.65 -9.98
CA ASP A 745 49.92 -4.64 -9.37
C ASP A 745 50.08 -3.29 -10.17
N ILE A 746 50.22 -3.37 -11.49
CA ILE A 746 50.25 -2.14 -12.25
C ILE A 746 49.00 -1.39 -11.81
N ASN A 747 47.86 -1.96 -12.28
CA ASN A 747 46.61 -1.33 -12.32
C ASN A 747 46.44 -0.74 -11.02
N THR A 748 46.31 -1.56 -10.01
CA THR A 748 46.37 -1.01 -8.64
C THR A 748 47.21 0.12 -8.26
N THR A 749 48.50 -0.03 -8.47
CA THR A 749 49.36 1.04 -8.12
C THR A 749 49.10 2.37 -8.80
N LEU A 750 48.77 2.36 -10.07
CA LEU A 750 48.34 3.56 -10.84
C LEU A 750 47.12 4.08 -10.21
N GLY A 751 46.09 3.23 -10.24
CA GLY A 751 44.89 3.44 -9.40
C GLY A 751 45.12 4.22 -8.10
N ALA A 752 45.66 3.56 -7.08
CA ALA A 752 45.72 4.15 -5.73
C ALA A 752 46.65 5.34 -5.51
N ALA A 753 47.57 5.44 -6.44
CA ALA A 753 48.49 6.60 -6.54
C ALA A 753 47.68 7.79 -6.79
N TRP A 754 46.83 7.57 -7.80
CA TRP A 754 46.15 8.59 -8.55
C TRP A 754 44.60 8.74 -8.28
N GLY A 755 43.82 7.69 -8.32
CA GLY A 755 42.41 7.85 -7.94
C GLY A 755 42.23 7.45 -6.50
N GLY A 756 43.29 7.11 -5.87
CA GLY A 756 43.02 6.69 -4.51
C GLY A 756 42.12 5.48 -4.43
N SER A 757 42.20 4.79 -3.30
CA SER A 757 41.38 3.69 -3.08
C SER A 757 41.17 3.79 -1.65
N TYR A 758 40.22 3.00 -1.16
CA TYR A 758 39.61 3.19 0.14
C TYR A 758 39.86 1.89 0.88
N VAL A 759 40.69 1.90 1.90
CA VAL A 759 41.03 0.59 2.40
C VAL A 759 39.90 0.04 3.24
N ASN A 760 40.00 0.23 4.55
CA ASN A 760 38.93 -0.28 5.37
C ASN A 760 38.70 0.79 6.35
N ASP A 761 37.84 0.49 7.35
CA ASP A 761 37.43 1.54 8.29
C ASP A 761 38.08 1.41 9.60
N PHE A 762 37.76 2.37 10.43
CA PHE A 762 38.31 2.36 11.69
C PHE A 762 37.43 3.30 12.39
N ILE A 763 37.53 3.39 13.72
CA ILE A 763 36.59 4.17 14.55
C ILE A 763 37.15 5.30 15.36
N ASP A 764 36.52 6.44 15.26
CA ASP A 764 37.21 7.63 15.60
C ASP A 764 36.41 8.36 16.60
N ARG A 765 36.90 8.39 17.85
CA ARG A 765 36.12 8.87 19.00
C ARG A 765 34.64 8.38 18.83
N GLY A 766 34.46 7.06 18.73
CA GLY A 766 33.13 6.40 18.74
C GLY A 766 32.33 6.15 17.46
N ARG A 767 32.96 6.43 16.33
CA ARG A 767 32.20 6.52 15.07
C ARG A 767 32.92 5.97 13.87
N VAL A 768 32.51 4.82 13.38
CA VAL A 768 33.19 4.19 12.33
C VAL A 768 33.18 5.19 11.23
N LYS A 769 34.34 5.27 10.58
CA LYS A 769 34.76 6.27 9.62
C LYS A 769 35.77 5.62 8.65
N LYS A 770 35.57 5.97 7.39
CA LYS A 770 36.25 5.27 6.34
C LYS A 770 37.76 5.60 6.51
N VAL A 771 38.64 4.88 5.74
CA VAL A 771 40.09 5.20 5.60
C VAL A 771 40.50 5.17 4.19
N TYR A 772 41.11 6.24 3.79
CA TYR A 772 41.53 6.37 2.43
C TYR A 772 43.05 6.48 2.31
N VAL A 773 43.51 5.80 1.26
CA VAL A 773 44.86 5.66 0.94
C VAL A 773 44.96 6.23 -0.48
N MET A 774 45.61 7.38 -0.58
CA MET A 774 46.09 7.78 -1.89
C MET A 774 47.21 8.86 -1.92
N SER A 775 48.36 8.60 -2.58
CA SER A 775 49.57 9.54 -2.70
C SER A 775 49.36 10.99 -2.65
N GLU A 776 49.99 11.66 -1.72
CA GLU A 776 50.08 13.10 -1.78
C GLU A 776 49.87 13.65 -3.15
N ALA A 777 49.57 14.94 -3.21
CA ALA A 777 49.32 15.58 -4.50
C ALA A 777 50.55 15.88 -5.32
N LYS A 778 51.56 16.41 -4.63
CA LYS A 778 52.93 16.66 -5.13
C LYS A 778 53.34 15.64 -6.20
N TYR A 779 52.93 14.38 -6.03
CA TYR A 779 53.42 13.31 -6.89
C TYR A 779 52.38 12.84 -7.89
N ARG A 780 51.48 13.72 -8.26
CA ARG A 780 50.30 13.23 -8.91
C ARG A 780 49.60 14.31 -9.77
N MET A 781 50.41 15.23 -10.20
CA MET A 781 49.80 16.33 -10.87
C MET A 781 49.88 16.37 -12.40
N LEU A 782 50.88 15.77 -13.00
CA LEU A 782 51.27 16.08 -14.34
C LEU A 782 51.71 14.82 -15.04
N PRO A 783 51.50 14.69 -16.40
CA PRO A 783 51.63 13.29 -16.94
C PRO A 783 53.02 12.83 -16.58
N ASP A 784 53.83 13.89 -16.52
CA ASP A 784 55.24 13.85 -16.31
C ASP A 784 55.61 13.19 -14.97
N ASP A 785 54.68 12.93 -14.04
CA ASP A 785 55.06 12.35 -12.74
C ASP A 785 54.84 10.84 -12.80
N ILE A 786 54.20 10.41 -13.89
CA ILE A 786 53.75 9.00 -14.03
C ILE A 786 54.83 8.12 -13.45
N GLY A 787 55.99 8.74 -13.41
CA GLY A 787 57.24 8.04 -13.45
C GLY A 787 57.66 7.67 -12.07
N ASP A 788 57.81 8.69 -11.22
CA ASP A 788 57.95 8.50 -9.82
C ASP A 788 57.47 7.21 -9.28
N TRP A 789 56.45 6.67 -9.98
CA TRP A 789 55.66 5.45 -9.59
C TRP A 789 56.31 4.17 -10.13
N TYR A 790 56.62 3.25 -9.19
CA TYR A 790 57.44 2.03 -9.39
C TYR A 790 56.75 0.77 -8.82
N VAL A 791 56.44 -0.29 -9.64
CA VAL A 791 55.87 -1.61 -9.13
C VAL A 791 56.96 -2.54 -8.56
N ARG A 792 56.71 -3.30 -7.50
CA ARG A 792 57.62 -4.42 -7.20
C ARG A 792 57.27 -5.43 -8.33
N ALA A 793 58.22 -6.17 -8.84
CA ALA A 793 57.73 -7.21 -9.74
C ALA A 793 58.28 -8.50 -9.18
N ALA A 794 57.80 -9.59 -9.75
CA ALA A 794 58.14 -10.96 -9.32
C ALA A 794 59.52 -11.28 -8.60
N ASP A 795 60.57 -10.53 -8.88
CA ASP A 795 61.90 -10.83 -8.38
C ASP A 795 62.45 -9.84 -7.28
N GLY A 796 61.63 -8.93 -6.75
CA GLY A 796 62.18 -7.87 -5.88
C GLY A 796 62.76 -6.72 -6.71
N GLN A 797 62.68 -6.82 -8.06
CA GLN A 797 63.04 -5.71 -9.01
C GLN A 797 61.94 -4.57 -9.15
N MET A 798 62.18 -3.39 -8.60
CA MET A 798 61.17 -2.34 -8.62
C MET A 798 61.19 -1.67 -9.92
N VAL A 799 60.37 -1.96 -10.93
CA VAL A 799 60.52 -1.27 -12.25
C VAL A 799 59.73 0.09 -12.33
N PRO A 800 59.84 0.93 -13.41
CA PRO A 800 58.86 2.02 -13.67
C PRO A 800 57.96 1.88 -14.92
N PHE A 801 57.07 2.85 -15.02
CA PHE A 801 56.08 2.93 -16.10
C PHE A 801 56.70 2.53 -17.37
N SER A 802 57.69 3.30 -17.80
CA SER A 802 58.02 3.27 -19.21
C SER A 802 58.37 1.84 -19.46
N ALA A 803 58.96 1.20 -18.43
CA ALA A 803 59.13 -0.26 -18.43
C ALA A 803 58.10 -0.92 -19.38
N PHE A 804 56.79 -0.66 -19.11
CA PHE A 804 55.52 -1.40 -19.57
C PHE A 804 54.18 -0.68 -19.89
N SER A 805 54.23 0.56 -20.36
CA SER A 805 53.13 1.43 -20.43
C SER A 805 53.60 2.52 -21.31
N SER A 806 52.68 3.26 -21.88
CA SER A 806 52.93 4.33 -22.92
C SER A 806 51.87 5.44 -22.84
N SER A 807 52.15 6.70 -23.03
CA SER A 807 51.12 7.66 -22.80
C SER A 807 50.52 8.29 -24.07
N ARG A 808 49.25 8.55 -24.16
CA ARG A 808 48.84 9.24 -25.36
C ARG A 808 47.68 10.28 -24.98
N TRP A 809 47.62 11.52 -25.55
CA TRP A 809 46.38 12.28 -25.22
C TRP A 809 45.20 11.67 -26.09
N GLU A 810 43.98 11.67 -25.51
CA GLU A 810 42.76 11.55 -26.36
C GLU A 810 41.70 12.59 -25.99
N TYR A 811 40.78 12.85 -26.95
CA TYR A 811 39.48 13.43 -26.54
C TYR A 811 38.50 12.36 -26.07
N GLY A 812 37.57 12.71 -25.12
CA GLY A 812 36.42 11.72 -24.93
C GLY A 812 35.37 12.36 -24.03
N SER A 813 34.36 11.59 -23.58
CA SER A 813 33.43 12.39 -22.73
C SER A 813 33.65 12.53 -21.12
N PRO A 814 33.45 13.66 -20.56
CA PRO A 814 33.30 13.82 -19.14
C PRO A 814 31.96 13.54 -18.66
N ARG A 815 31.05 13.09 -19.44
CA ARG A 815 29.70 12.92 -18.91
C ARG A 815 28.91 12.34 -20.12
N LEU A 816 27.92 11.54 -19.84
CA LEU A 816 27.57 10.66 -20.92
C LEU A 816 26.26 10.26 -20.50
N GLU A 817 25.48 10.60 -21.61
CA GLU A 817 23.92 10.62 -21.62
C GLU A 817 23.11 9.50 -22.07
N ARG A 818 22.38 9.18 -21.06
CA ARG A 818 21.53 8.12 -21.55
C ARG A 818 19.81 8.11 -21.14
N TYR A 819 19.01 8.34 -22.24
CA TYR A 819 17.45 8.31 -22.19
C TYR A 819 16.80 6.89 -22.26
N ASN A 820 15.65 6.74 -21.56
CA ASN A 820 15.52 5.43 -21.12
C ASN A 820 16.33 4.24 -21.81
N GLY A 821 17.43 3.57 -21.03
CA GLY A 821 18.26 2.38 -21.50
C GLY A 821 19.22 3.01 -22.57
N LEU A 822 19.44 4.30 -22.75
CA LEU A 822 20.27 4.15 -24.07
C LEU A 822 20.46 5.36 -24.64
N PRO A 823 21.65 5.44 -24.97
CA PRO A 823 22.68 6.77 -25.05
C PRO A 823 21.70 7.90 -25.82
N SER A 824 21.93 9.21 -25.97
CA SER A 824 20.92 10.22 -25.70
C SER A 824 21.77 11.38 -25.41
N MET A 825 21.20 12.54 -25.86
CA MET A 825 21.86 13.81 -25.48
C MET A 825 20.90 14.62 -24.76
N GLU A 826 21.07 15.94 -24.76
CA GLU A 826 20.07 16.72 -24.14
C GLU A 826 20.34 18.12 -24.36
N ILE A 827 19.24 18.69 -24.82
CA ILE A 827 19.06 19.90 -25.62
C ILE A 827 17.84 20.42 -24.99
N LEU A 828 17.89 21.73 -24.78
CA LEU A 828 16.73 22.48 -24.41
C LEU A 828 16.81 23.88 -25.01
N GLY A 829 15.66 24.43 -25.46
CA GLY A 829 15.66 25.86 -25.82
C GLY A 829 14.27 26.30 -25.59
N GLN A 830 14.04 27.64 -25.76
CA GLN A 830 12.77 28.44 -25.66
C GLN A 830 11.82 28.36 -26.85
N ALA A 831 10.58 28.80 -26.66
CA ALA A 831 9.66 28.90 -27.81
C ALA A 831 10.08 29.97 -28.84
N ALA A 832 9.75 31.23 -28.64
CA ALA A 832 9.90 32.20 -29.76
C ALA A 832 9.25 33.57 -29.49
N PRO A 833 10.03 34.64 -29.06
CA PRO A 833 9.35 35.86 -28.71
C PRO A 833 7.94 35.73 -29.26
N GLY A 834 7.83 35.67 -30.60
CA GLY A 834 6.55 35.40 -31.32
C GLY A 834 5.69 34.20 -30.91
N LYS A 835 6.26 32.99 -30.91
CA LYS A 835 5.49 31.77 -31.09
C LYS A 835 5.17 30.89 -29.86
N SER A 836 4.32 29.88 -30.07
CA SER A 836 3.82 29.04 -29.01
C SER A 836 4.72 27.81 -28.80
N THR A 837 4.86 27.42 -27.51
CA THR A 837 5.71 26.28 -27.03
C THR A 837 5.45 25.09 -27.93
N GLY A 838 4.18 24.68 -27.98
CA GLY A 838 3.63 23.80 -29.03
C GLY A 838 3.88 23.99 -30.54
N GLU A 839 3.69 25.16 -31.14
CA GLU A 839 4.14 25.24 -32.53
C GLU A 839 5.73 25.14 -32.63
N ALA A 840 6.46 25.60 -31.59
CA ALA A 840 7.93 25.41 -31.51
C ALA A 840 8.43 23.97 -31.27
N MET A 841 7.73 23.19 -30.46
CA MET A 841 8.07 21.79 -30.31
C MET A 841 8.16 21.30 -31.69
N GLU A 842 7.05 21.47 -32.34
CA GLU A 842 6.72 20.86 -33.60
C GLU A 842 7.63 21.20 -34.82
N LEU A 843 8.24 22.39 -34.83
CA LEU A 843 9.32 22.64 -35.79
C LEU A 843 10.54 21.79 -35.40
N MET A 844 10.92 21.84 -34.11
CA MET A 844 12.13 21.21 -33.59
C MET A 844 12.08 19.75 -33.77
N GLU A 845 10.86 19.29 -34.04
CA GLU A 845 10.66 17.90 -34.37
C GLU A 845 10.62 17.72 -35.89
N GLN A 846 10.66 18.77 -36.67
CA GLN A 846 10.69 18.45 -38.11
C GLN A 846 12.18 18.38 -38.43
N LEU A 847 12.85 19.45 -38.01
CA LEU A 847 14.30 19.49 -37.85
C LEU A 847 14.92 18.25 -37.25
N ALA A 848 14.17 17.50 -36.47
CA ALA A 848 14.64 16.25 -35.93
C ALA A 848 14.28 15.14 -36.90
N SER A 849 13.36 15.44 -37.83
CA SER A 849 12.73 14.44 -38.69
C SER A 849 13.86 13.97 -39.60
N LYS A 850 14.73 14.91 -39.92
CA LYS A 850 15.56 14.78 -41.12
C LYS A 850 17.02 14.88 -40.74
N LEU A 851 17.39 13.82 -40.01
CA LEU A 851 18.72 13.55 -39.43
C LEU A 851 19.07 12.08 -39.69
N PRO A 852 20.38 11.76 -39.72
CA PRO A 852 21.04 10.48 -39.89
C PRO A 852 20.36 9.26 -39.15
N THR A 853 19.91 8.25 -39.94
CA THR A 853 19.04 7.19 -39.35
C THR A 853 19.88 6.44 -38.43
N GLY A 854 19.18 6.05 -37.37
CA GLY A 854 19.78 5.75 -36.07
C GLY A 854 19.22 6.82 -35.15
N VAL A 855 19.82 7.99 -35.20
CA VAL A 855 19.38 9.07 -34.31
C VAL A 855 17.80 9.25 -34.09
N GLY A 856 17.23 8.79 -32.96
CA GLY A 856 15.81 8.98 -32.59
C GLY A 856 15.74 10.35 -31.97
N TYR A 857 14.75 10.61 -31.13
CA TYR A 857 14.50 11.89 -30.39
C TYR A 857 13.15 11.76 -29.71
N ASP A 858 12.94 12.34 -28.55
CA ASP A 858 11.79 11.95 -27.79
C ASP A 858 11.74 13.07 -26.85
N TRP A 859 10.61 13.34 -26.12
CA TRP A 859 10.53 14.55 -25.17
C TRP A 859 10.57 14.22 -23.69
N THR A 860 11.13 15.12 -22.91
CA THR A 860 11.05 14.87 -21.47
C THR A 860 9.92 15.72 -20.87
N GLY A 861 10.35 16.88 -20.36
CA GLY A 861 10.07 17.13 -18.95
C GLY A 861 8.73 17.67 -18.95
N MET A 862 8.84 18.95 -18.79
CA MET A 862 7.84 19.79 -19.18
C MET A 862 7.28 19.15 -20.47
N SER A 863 8.10 18.84 -21.49
CA SER A 863 7.48 18.52 -22.82
C SER A 863 6.86 17.13 -23.02
N TYR A 864 6.62 16.48 -21.87
CA TYR A 864 5.85 15.26 -21.76
C TYR A 864 4.48 15.83 -21.30
N GLN A 865 4.49 16.57 -20.17
CA GLN A 865 3.34 17.34 -19.74
C GLN A 865 2.72 17.92 -20.98
N GLU A 866 2.96 19.19 -21.22
CA GLU A 866 2.54 19.84 -22.44
C GLU A 866 2.20 18.95 -23.66
N ARG A 867 2.92 17.86 -23.85
CA ARG A 867 2.67 17.03 -25.03
C ARG A 867 1.47 16.15 -24.79
N LEU A 868 1.68 15.28 -23.81
CA LEU A 868 0.76 14.19 -23.41
C LEU A 868 -0.73 14.64 -23.38
N SER A 869 -1.13 15.08 -22.17
CA SER A 869 -2.33 15.82 -21.85
C SER A 869 -2.26 17.08 -22.66
N GLY A 870 -1.51 18.03 -22.11
CA GLY A 870 -1.24 19.23 -22.82
C GLY A 870 -2.61 19.73 -23.07
N ASN A 871 -2.82 20.39 -24.22
CA ASN A 871 -4.11 21.01 -24.54
C ASN A 871 -5.43 20.24 -24.24
N GLN A 872 -6.25 20.82 -23.35
CA GLN A 872 -7.50 20.15 -22.93
C GLN A 872 -8.48 21.20 -22.46
N ALA A 873 -8.00 22.44 -22.38
CA ALA A 873 -8.90 23.56 -22.19
C ALA A 873 -10.28 23.35 -22.82
N PRO A 874 -10.40 23.39 -24.18
CA PRO A 874 -11.43 22.72 -24.98
C PRO A 874 -12.38 21.72 -24.38
N SER A 875 -12.12 20.44 -24.62
CA SER A 875 -13.00 19.34 -24.15
C SER A 875 -13.55 19.46 -22.72
N LEU A 876 -12.85 20.15 -21.83
CA LEU A 876 -13.25 20.17 -20.46
C LEU A 876 -14.26 21.25 -20.30
N TYR A 877 -14.08 22.32 -21.09
CA TYR A 877 -14.98 23.52 -21.18
C TYR A 877 -16.27 23.23 -21.99
N ALA A 878 -16.16 22.41 -23.03
CA ALA A 878 -17.36 21.94 -23.65
C ALA A 878 -18.26 21.51 -22.47
N ILE A 879 -17.85 20.47 -21.74
CA ILE A 879 -18.61 19.82 -20.58
C ILE A 879 -19.20 20.76 -19.43
N SER A 880 -18.50 21.85 -19.12
CA SER A 880 -19.14 22.96 -18.44
C SER A 880 -20.20 23.65 -19.38
N LEU A 881 -19.75 24.40 -20.39
CA LEU A 881 -20.67 25.15 -21.23
C LEU A 881 -21.86 24.27 -21.64
N ILE A 882 -21.69 22.95 -21.49
CA ILE A 882 -22.78 22.00 -21.63
C ILE A 882 -23.64 21.93 -20.34
N VAL A 883 -23.06 21.36 -19.29
CA VAL A 883 -23.78 21.22 -18.01
C VAL A 883 -24.24 22.58 -17.37
N VAL A 884 -23.52 23.66 -17.68
CA VAL A 884 -23.99 25.03 -17.40
C VAL A 884 -25.39 25.14 -18.02
N PHE A 885 -25.52 25.02 -19.36
CA PHE A 885 -26.82 24.83 -19.97
C PHE A 885 -27.79 23.78 -19.30
N LEU A 886 -27.53 22.49 -19.42
CA LEU A 886 -28.50 21.48 -18.91
C LEU A 886 -29.05 21.73 -17.50
N CYS A 887 -28.19 22.17 -16.58
CA CYS A 887 -28.65 22.66 -15.30
C CYS A 887 -29.59 23.84 -15.60
N LEU A 888 -28.98 24.90 -16.15
CA LEU A 888 -29.57 26.22 -16.19
C LEU A 888 -30.95 26.12 -16.77
N ALA A 889 -31.13 25.49 -17.94
CA ALA A 889 -32.46 25.31 -18.55
C ALA A 889 -33.56 24.78 -17.61
N ALA A 890 -33.27 23.72 -16.82
CA ALA A 890 -34.13 23.20 -15.65
C ALA A 890 -34.19 23.99 -14.28
N LEU A 891 -33.50 25.14 -14.21
CA LEU A 891 -33.88 26.25 -13.35
C LEU A 891 -35.01 27.10 -14.04
N TYR A 892 -35.56 26.64 -15.18
CA TYR A 892 -36.25 27.58 -16.07
C TYR A 892 -37.36 26.91 -16.87
N GLU A 893 -37.20 25.63 -17.11
CA GLU A 893 -37.98 24.93 -18.15
C GLU A 893 -37.94 25.59 -19.50
N SER A 894 -36.87 25.32 -20.27
CA SER A 894 -36.65 25.97 -21.56
C SER A 894 -35.34 25.57 -22.26
N TRP A 895 -35.42 24.96 -23.45
CA TRP A 895 -34.24 24.80 -24.30
C TRP A 895 -33.94 26.06 -25.08
N SER A 896 -33.78 27.20 -24.39
CA SER A 896 -33.76 28.49 -25.10
C SER A 896 -33.64 29.72 -24.25
N ILE A 897 -34.27 29.66 -23.08
CA ILE A 897 -34.30 30.79 -22.14
C ILE A 897 -32.99 30.89 -21.36
N PRO A 898 -32.45 29.72 -20.88
CA PRO A 898 -31.07 29.62 -20.41
C PRO A 898 -30.05 30.37 -21.28
N PHE A 899 -30.30 30.37 -22.61
CA PHE A 899 -29.39 30.86 -23.67
C PHE A 899 -29.15 32.37 -23.63
N SER A 900 -29.97 33.00 -22.81
CA SER A 900 -29.83 34.38 -22.36
C SER A 900 -28.86 34.60 -21.11
N VAL A 901 -28.71 33.58 -20.24
CA VAL A 901 -27.90 33.72 -19.02
C VAL A 901 -26.46 33.55 -19.37
N MET A 902 -26.22 32.91 -20.53
CA MET A 902 -24.88 32.53 -20.96
C MET A 902 -24.12 33.76 -21.51
N LEU A 903 -24.65 34.36 -22.60
CA LEU A 903 -23.97 35.39 -23.45
C LEU A 903 -23.40 36.53 -22.64
N VAL A 904 -23.48 36.31 -21.32
CA VAL A 904 -22.77 37.03 -20.28
C VAL A 904 -21.27 36.78 -20.50
N VAL A 905 -20.91 35.47 -20.55
CA VAL A 905 -19.52 34.95 -20.47
C VAL A 905 -18.45 35.96 -20.97
N PRO A 906 -18.62 36.44 -22.22
CA PRO A 906 -17.65 37.38 -22.80
C PRO A 906 -17.55 38.70 -22.08
N LEU A 907 -18.68 39.16 -21.54
CA LEU A 907 -18.75 40.56 -21.06
C LEU A 907 -17.72 40.70 -19.95
N GLY A 908 -17.51 39.57 -19.27
CA GLY A 908 -16.67 39.52 -18.10
C GLY A 908 -15.26 39.30 -18.57
N VAL A 909 -15.14 38.59 -19.70
CA VAL A 909 -13.80 38.27 -20.17
C VAL A 909 -13.04 39.55 -20.49
N ILE A 910 -13.52 40.36 -21.42
CA ILE A 910 -12.77 41.56 -21.86
C ILE A 910 -12.30 42.53 -20.77
N GLY A 911 -13.06 42.61 -19.69
CA GLY A 911 -12.66 43.42 -18.56
C GLY A 911 -11.38 42.79 -18.04
N ALA A 912 -11.43 41.47 -17.88
CA ALA A 912 -10.26 40.73 -17.43
C ALA A 912 -9.07 40.98 -18.35
N LEU A 913 -9.23 40.55 -19.61
CA LEU A 913 -8.19 40.51 -20.66
C LEU A 913 -7.48 41.85 -21.01
N LEU A 914 -8.05 42.99 -20.58
CA LEU A 914 -7.38 44.29 -20.75
C LEU A 914 -6.33 44.48 -19.66
N ALA A 915 -6.10 43.43 -18.90
CA ALA A 915 -4.86 43.26 -18.24
C ALA A 915 -3.72 43.07 -19.24
N ALA A 916 -4.04 42.81 -20.51
CA ALA A 916 -3.07 43.02 -21.57
C ALA A 916 -2.67 44.55 -21.61
N THR A 917 -3.51 45.34 -22.29
CA THR A 917 -3.20 46.75 -22.75
C THR A 917 -3.31 47.90 -21.69
N PHE A 918 -3.46 47.52 -20.41
CA PHE A 918 -3.27 48.47 -19.30
C PHE A 918 -2.03 47.98 -18.47
N ARG A 919 -1.76 46.64 -18.45
CA ARG A 919 -0.71 46.03 -17.57
C ARG A 919 0.10 44.92 -18.15
N GLY A 920 1.38 44.85 -17.78
CA GLY A 920 2.37 43.94 -18.40
C GLY A 920 2.34 42.44 -18.08
N LEU A 921 1.19 41.84 -18.30
CA LEU A 921 0.87 40.50 -17.80
C LEU A 921 0.58 39.39 -18.88
N THR A 922 0.37 38.13 -18.45
CA THR A 922 0.19 36.98 -19.36
C THR A 922 -0.78 35.93 -18.82
N ASN A 923 -1.49 35.26 -19.74
CA ASN A 923 -2.47 34.25 -19.38
C ASN A 923 -1.80 33.18 -18.54
N ASP A 924 -2.09 33.13 -17.23
CA ASP A 924 -1.41 32.17 -16.36
C ASP A 924 -2.24 31.74 -15.17
N VAL A 925 -1.98 30.56 -14.63
CA VAL A 925 -2.96 29.95 -13.78
C VAL A 925 -3.55 30.98 -12.88
N TYR A 926 -2.74 31.68 -12.12
CA TYR A 926 -3.33 32.75 -11.35
C TYR A 926 -4.42 33.65 -12.14
N PHE A 927 -4.23 33.92 -13.40
CA PHE A 927 -5.26 34.67 -14.13
C PHE A 927 -6.46 33.85 -14.61
N GLN A 928 -6.25 32.65 -15.14
CA GLN A 928 -7.39 31.81 -15.55
C GLN A 928 -8.29 31.63 -14.34
N VAL A 929 -7.67 31.43 -13.16
CA VAL A 929 -8.47 31.05 -12.00
C VAL A 929 -9.33 32.22 -11.61
N GLY A 930 -8.74 33.39 -11.60
CA GLY A 930 -9.53 34.62 -11.81
C GLY A 930 -10.60 34.51 -12.93
N LEU A 931 -10.17 34.58 -14.18
CA LEU A 931 -11.08 34.35 -15.29
C LEU A 931 -12.18 33.27 -15.05
N LEU A 932 -12.12 32.60 -13.91
CA LEU A 932 -13.18 31.70 -13.55
C LEU A 932 -14.14 32.38 -12.59
N THR A 933 -13.72 32.56 -11.34
CA THR A 933 -14.26 33.52 -10.33
C THR A 933 -15.05 34.75 -10.88
N THR A 934 -14.58 35.35 -11.96
CA THR A 934 -15.34 36.39 -12.66
C THR A 934 -16.56 35.74 -13.45
N ILE A 935 -16.41 34.62 -14.15
CA ILE A 935 -17.62 34.10 -14.75
C ILE A 935 -18.45 33.38 -13.70
N GLY A 936 -18.44 33.90 -12.51
CA GLY A 936 -19.39 33.38 -11.53
C GLY A 936 -20.34 34.51 -11.21
N LEU A 937 -19.87 35.41 -10.35
CA LEU A 937 -20.48 36.68 -10.22
C LEU A 937 -21.30 36.84 -11.52
N SER A 938 -20.63 37.04 -12.66
CA SER A 938 -21.32 37.32 -13.96
C SER A 938 -22.58 36.53 -14.36
N ALA A 939 -22.46 35.24 -14.63
CA ALA A 939 -23.62 34.47 -15.06
C ALA A 939 -24.63 34.29 -13.93
N LYS A 940 -24.27 34.66 -12.71
CA LYS A 940 -25.24 34.57 -11.59
C LYS A 940 -25.97 35.89 -11.32
N ASN A 941 -25.32 36.98 -11.71
CA ASN A 941 -26.02 38.18 -12.02
C ASN A 941 -27.10 37.75 -12.96
N ALA A 942 -26.73 37.42 -14.21
CA ALA A 942 -27.56 36.74 -15.26
C ALA A 942 -28.81 35.88 -14.86
N ILE A 943 -28.64 35.02 -13.85
CA ILE A 943 -29.69 34.10 -13.39
C ILE A 943 -30.68 34.81 -12.53
N LEU A 944 -30.23 35.30 -11.38
CA LEU A 944 -31.02 36.21 -10.57
C LEU A 944 -31.89 37.16 -11.40
N ILE A 945 -31.29 38.24 -11.89
CA ILE A 945 -31.93 39.01 -12.95
C ILE A 945 -32.96 38.13 -13.77
N VAL A 946 -32.56 37.48 -14.88
CA VAL A 946 -33.46 36.60 -15.72
C VAL A 946 -34.41 35.59 -14.98
N GLU A 947 -34.35 35.61 -13.64
CA GLU A 947 -35.32 34.95 -12.70
C GLU A 947 -36.46 35.91 -12.37
N PHE A 948 -36.02 36.98 -11.72
CA PHE A 948 -36.86 38.11 -11.46
C PHE A 948 -37.68 38.49 -12.70
N ALA A 949 -37.08 38.37 -13.89
CA ALA A 949 -37.72 38.60 -15.19
C ALA A 949 -38.59 37.42 -15.65
N LYS A 950 -38.20 36.24 -15.21
CA LYS A 950 -39.05 35.06 -15.28
C LYS A 950 -40.29 35.21 -14.33
N ASP A 951 -40.02 35.38 -13.01
CA ASP A 951 -41.01 35.40 -11.82
C ASP A 951 -42.38 36.09 -11.96
N LEU A 952 -42.29 37.33 -12.45
CA LEU A 952 -43.37 38.09 -13.04
C LEU A 952 -43.98 37.23 -14.15
N MET A 953 -43.52 37.44 -15.37
CA MET A 953 -44.10 36.78 -16.49
C MET A 953 -44.82 35.45 -16.15
N ASP A 954 -44.10 34.50 -15.51
CA ASP A 954 -44.62 33.12 -15.16
C ASP A 954 -45.81 33.19 -14.14
N LYS A 955 -45.56 33.90 -13.05
CA LYS A 955 -46.56 34.27 -12.07
C LYS A 955 -47.38 35.40 -12.69
N GLU A 956 -47.45 36.59 -12.05
CA GLU A 956 -48.36 37.69 -12.47
C GLU A 956 -47.93 38.40 -13.78
N GLY A 957 -48.41 37.80 -14.91
CA GLY A 957 -47.96 37.95 -16.32
C GLY A 957 -47.23 39.21 -16.73
N LYS A 958 -46.64 39.89 -15.72
CA LYS A 958 -46.23 41.30 -15.76
C LYS A 958 -45.45 41.70 -17.00
N GLY A 959 -45.77 41.06 -18.12
CA GLY A 959 -45.63 41.71 -19.39
C GLY A 959 -44.25 41.75 -20.01
N LEU A 960 -44.25 41.26 -21.24
CA LEU A 960 -43.10 40.96 -22.11
C LEU A 960 -41.72 41.63 -21.78
N ILE A 961 -41.71 42.97 -21.81
CA ILE A 961 -40.61 43.85 -21.39
C ILE A 961 -40.94 44.53 -20.03
N GLU A 962 -42.22 44.73 -19.76
CA GLU A 962 -42.60 45.37 -18.51
C GLU A 962 -41.73 44.74 -17.39
N ALA A 963 -41.67 43.40 -17.40
CA ALA A 963 -40.83 42.59 -16.51
C ALA A 963 -39.35 42.97 -16.60
N THR A 964 -38.69 42.72 -17.76
CA THR A 964 -37.23 43.06 -17.99
C THR A 964 -36.75 44.38 -17.29
N LEU A 965 -37.62 45.38 -17.29
CA LEU A 965 -37.34 46.79 -16.95
C LEU A 965 -37.54 46.94 -15.48
N ASP A 966 -38.67 46.41 -15.00
CA ASP A 966 -38.87 46.16 -13.61
C ASP A 966 -37.78 45.25 -13.03
N ALA A 967 -37.46 44.12 -13.69
CA ALA A 967 -36.52 43.06 -13.11
C ALA A 967 -35.04 43.47 -12.94
N VAL A 968 -34.52 44.20 -13.91
CA VAL A 968 -33.32 44.95 -13.65
C VAL A 968 -33.64 46.06 -12.69
N ARG A 969 -34.81 46.69 -12.89
CA ARG A 969 -35.33 47.82 -12.07
C ARG A 969 -35.04 47.51 -10.60
N MET A 970 -35.32 46.26 -10.22
CA MET A 970 -35.05 45.67 -8.91
C MET A 970 -33.84 44.74 -9.00
N ARG A 971 -32.64 45.33 -9.00
CA ARG A 971 -31.38 44.55 -9.08
C ARG A 971 -30.16 45.40 -9.15
N LEU A 972 -30.27 46.52 -9.84
CA LEU A 972 -29.12 47.36 -10.04
C LEU A 972 -28.44 47.70 -8.69
N ARG A 973 -29.10 47.48 -7.57
CA ARG A 973 -28.38 47.75 -6.32
C ARG A 973 -27.46 46.55 -6.09
N PRO A 974 -28.03 45.38 -5.76
CA PRO A 974 -27.26 44.22 -5.37
C PRO A 974 -26.00 44.13 -6.17
N ILE A 975 -26.14 44.25 -7.49
CA ILE A 975 -25.06 44.11 -8.45
C ILE A 975 -24.04 45.18 -8.17
N LEU A 976 -24.50 46.42 -8.08
CA LEU A 976 -23.63 47.55 -7.79
C LEU A 976 -23.08 47.50 -6.34
N MET A 977 -23.88 46.94 -5.46
CA MET A 977 -23.45 46.69 -4.10
C MET A 977 -22.14 45.91 -4.17
N THR A 978 -22.17 44.58 -4.39
CA THR A 978 -20.92 43.73 -4.31
C THR A 978 -19.91 44.12 -5.32
N SER A 979 -20.34 44.29 -6.56
CA SER A 979 -19.45 44.82 -7.52
C SER A 979 -18.58 45.88 -6.78
N LEU A 980 -19.18 46.80 -6.01
CA LEU A 980 -18.31 47.78 -5.31
C LEU A 980 -17.39 47.19 -4.22
N ALA A 981 -17.84 46.11 -3.58
CA ALA A 981 -17.12 45.55 -2.45
C ALA A 981 -15.80 45.03 -2.96
N PHE A 982 -15.97 44.23 -3.99
CA PHE A 982 -14.92 43.45 -4.56
C PHE A 982 -13.84 44.34 -5.13
N ILE A 983 -14.21 45.19 -6.08
CA ILE A 983 -13.26 45.94 -6.87
C ILE A 983 -12.29 46.73 -6.02
N LEU A 984 -12.71 47.03 -4.78
CA LEU A 984 -11.88 47.61 -3.71
C LEU A 984 -11.23 46.45 -2.97
N GLY A 985 -12.04 45.44 -2.66
CA GLY A 985 -11.55 44.16 -2.10
C GLY A 985 -10.29 43.60 -2.75
N VAL A 986 -10.07 43.95 -4.01
CA VAL A 986 -8.95 43.40 -4.78
C VAL A 986 -7.84 44.43 -5.00
N MET A 987 -8.20 45.69 -5.16
CA MET A 987 -7.20 46.71 -5.41
C MET A 987 -6.21 47.02 -4.30
N PRO A 988 -6.28 46.29 -3.12
CA PRO A 988 -5.41 46.64 -1.96
C PRO A 988 -3.96 46.53 -2.29
N LEU A 989 -3.24 45.87 -1.38
CA LEU A 989 -1.91 45.41 -1.81
C LEU A 989 -2.15 44.57 -3.11
N VAL A 990 -3.11 43.64 -3.05
CA VAL A 990 -3.45 42.90 -4.26
C VAL A 990 -3.65 44.05 -5.32
N ILE A 991 -2.72 44.07 -6.27
CA ILE A 991 -2.66 44.97 -7.41
C ILE A 991 -1.67 46.07 -7.16
N SER A 992 -1.35 46.41 -5.93
CA SER A 992 -0.17 47.29 -5.79
C SER A 992 0.77 46.76 -4.69
N THR A 993 1.93 46.21 -5.07
CA THR A 993 2.72 45.51 -4.05
C THR A 993 4.22 45.46 -4.26
N GLY A 994 4.97 45.69 -3.17
CA GLY A 994 6.40 45.79 -3.20
C GLY A 994 6.99 44.39 -3.33
N ALA A 995 6.81 43.50 -2.32
CA ALA A 995 7.61 42.25 -2.13
C ALA A 995 6.69 41.11 -1.65
N GLY A 996 7.18 39.90 -1.37
CA GLY A 996 6.29 38.74 -1.28
C GLY A 996 4.98 38.77 -2.11
N SER A 997 5.02 39.10 -3.41
CA SER A 997 3.83 39.59 -4.18
C SER A 997 3.44 38.80 -5.39
N GLY A 998 3.51 39.46 -6.55
CA GLY A 998 3.63 38.76 -7.81
C GLY A 998 2.43 37.97 -8.26
N ALA A 999 2.26 36.80 -7.69
CA ALA A 999 0.96 36.15 -7.75
C ALA A 999 -0.17 36.99 -7.09
N GLN A 1000 0.26 37.99 -6.29
CA GLN A 1000 -0.60 39.04 -5.74
C GLN A 1000 -1.14 39.69 -7.00
N ASN A 1001 -0.28 40.51 -7.60
CA ASN A 1001 -0.59 41.19 -8.84
C ASN A 1001 -1.51 40.30 -9.74
N ALA A 1002 -1.23 39.01 -9.71
CA ALA A 1002 -1.77 38.03 -10.64
C ALA A 1002 -3.20 37.74 -10.38
N VAL A 1003 -3.43 37.46 -9.11
CA VAL A 1003 -4.70 37.23 -8.48
C VAL A 1003 -5.57 38.48 -8.83
N GLY A 1004 -5.17 39.67 -8.40
CA GLY A 1004 -6.01 40.88 -8.61
C GLY A 1004 -6.28 41.39 -10.02
N THR A 1005 -5.32 42.13 -10.56
CA THR A 1005 -5.34 42.62 -11.95
C THR A 1005 -6.31 41.78 -12.83
N GLY A 1006 -6.37 40.48 -12.52
CA GLY A 1006 -7.23 39.61 -13.29
C GLY A 1006 -8.62 40.16 -13.17
N VAL A 1007 -9.16 39.92 -11.94
CA VAL A 1007 -10.52 40.26 -11.44
C VAL A 1007 -10.75 41.76 -11.57
N MET A 1008 -10.01 42.48 -10.75
CA MET A 1008 -10.08 43.89 -10.77
C MET A 1008 -10.58 44.47 -12.11
N GLY A 1009 -10.02 43.98 -13.21
CA GLY A 1009 -10.38 44.47 -14.52
C GLY A 1009 -11.58 43.72 -15.03
N GLY A 1010 -11.56 42.42 -14.89
CA GLY A 1010 -12.64 41.58 -15.36
C GLY A 1010 -13.94 41.82 -14.65
N MET A 1011 -13.90 42.56 -13.54
CA MET A 1011 -15.07 42.86 -12.67
C MET A 1011 -15.77 44.14 -13.23
N VAL A 1012 -15.08 45.28 -13.21
CA VAL A 1012 -15.42 46.38 -14.06
C VAL A 1012 -16.47 45.92 -15.05
N THR A 1013 -16.02 45.41 -16.16
CA THR A 1013 -16.95 45.16 -17.24
C THR A 1013 -18.03 44.23 -16.80
N ALA A 1014 -17.68 43.27 -15.97
CA ALA A 1014 -18.64 42.27 -15.56
C ALA A 1014 -19.89 42.90 -14.93
N THR A 1015 -19.96 44.23 -15.02
CA THR A 1015 -20.96 45.04 -14.33
C THR A 1015 -21.39 46.09 -15.35
N VAL A 1016 -20.57 47.12 -15.39
CA VAL A 1016 -20.56 48.13 -16.40
C VAL A 1016 -21.06 47.57 -17.76
N LEU A 1017 -20.82 46.31 -18.10
CA LEU A 1017 -21.48 45.82 -19.32
C LEU A 1017 -22.74 45.07 -19.00
N ALA A 1018 -22.74 44.50 -17.82
CA ALA A 1018 -23.77 43.61 -17.49
C ALA A 1018 -25.08 44.37 -17.34
N ILE A 1019 -25.05 45.47 -16.58
CA ILE A 1019 -26.28 46.22 -16.28
C ILE A 1019 -27.02 46.41 -17.58
N PHE A 1020 -26.35 46.98 -18.59
CA PHE A 1020 -27.10 47.23 -19.79
C PHE A 1020 -27.48 45.89 -20.52
N PHE A 1021 -26.51 45.05 -20.84
CA PHE A 1021 -26.81 43.89 -21.72
C PHE A 1021 -27.89 42.92 -21.19
N VAL A 1022 -27.57 42.21 -20.11
CA VAL A 1022 -28.44 41.15 -19.57
C VAL A 1022 -30.00 41.34 -19.74
N PRO A 1023 -30.53 42.55 -19.41
CA PRO A 1023 -31.97 42.73 -19.61
C PRO A 1023 -32.25 42.60 -21.10
N VAL A 1024 -31.36 43.19 -21.93
CA VAL A 1024 -31.32 43.01 -23.40
C VAL A 1024 -31.51 41.56 -23.69
N PHE A 1025 -30.44 40.86 -23.38
CA PHE A 1025 -30.32 39.47 -23.63
C PHE A 1025 -31.69 38.82 -23.41
N PHE A 1026 -32.27 39.09 -22.24
CA PHE A 1026 -33.47 38.41 -21.75
C PHE A 1026 -34.62 38.42 -22.72
N VAL A 1027 -34.89 39.63 -23.20
CA VAL A 1027 -35.99 39.85 -24.08
C VAL A 1027 -35.55 39.38 -25.45
N VAL A 1028 -34.40 39.89 -25.91
CA VAL A 1028 -33.84 39.52 -27.21
C VAL A 1028 -34.08 38.04 -27.55
N VAL A 1029 -34.13 37.24 -26.48
CA VAL A 1029 -34.30 35.77 -26.55
C VAL A 1029 -35.72 35.24 -26.17
N ARG A 1030 -36.39 35.87 -25.19
CA ARG A 1030 -37.75 35.42 -24.79
C ARG A 1030 -38.83 35.66 -25.92
N ARG A 1031 -38.54 36.66 -26.77
CA ARG A 1031 -39.37 37.14 -27.93
C ARG A 1031 -39.04 36.52 -29.29
N ARG A 1032 -37.76 36.59 -29.70
CA ARG A 1032 -37.20 35.68 -30.75
C ARG A 1032 -37.75 34.23 -30.74
N PHE A 1033 -38.02 33.72 -29.53
CA PHE A 1033 -38.56 32.38 -29.34
C PHE A 1033 -40.10 32.51 -29.03
N SER A 1034 -40.83 32.99 -30.06
CA SER A 1034 -42.32 33.10 -30.15
C SER A 1034 -42.65 34.09 -31.34
N ARG A 1035 -42.08 33.79 -32.53
CA ARG A 1035 -41.79 34.83 -33.59
C ARG A 1035 -42.97 35.33 -34.55
N LYS A 1036 -42.98 34.82 -35.80
CA LYS A 1036 -43.83 35.23 -37.00
C LYS A 1036 -44.42 34.05 -37.92
N MET B 1 -43.18 8.89 10.65
CA MET B 1 -43.42 7.53 9.98
C MET B 1 -44.34 6.47 10.80
N PRO B 2 -44.58 6.73 12.12
CA PRO B 2 -45.15 5.66 12.98
C PRO B 2 -46.46 5.28 12.39
N ASN B 3 -47.08 6.34 11.88
CA ASN B 3 -48.12 6.46 10.83
C ASN B 3 -48.56 5.21 9.95
N PHE B 4 -48.02 5.15 8.74
CA PHE B 4 -48.02 4.04 7.81
C PHE B 4 -48.13 2.69 8.48
N PHE B 5 -47.75 2.75 9.76
CA PHE B 5 -47.32 1.65 10.61
C PHE B 5 -48.16 1.66 11.88
N ILE B 6 -48.78 2.81 12.17
CA ILE B 6 -49.91 2.88 13.12
C ILE B 6 -50.80 1.62 12.79
N ASP B 7 -51.01 1.50 11.48
CA ASP B 7 -51.90 0.60 10.81
C ASP B 7 -50.90 -0.16 9.93
N ARG B 8 -51.08 -1.47 9.82
CA ARG B 8 -50.38 -2.23 8.81
C ARG B 8 -49.09 -2.60 9.43
N PRO B 9 -49.12 -3.59 10.33
CA PRO B 9 -48.00 -4.03 11.15
C PRO B 9 -47.23 -5.18 10.44
N ILE B 10 -47.92 -5.93 9.56
CA ILE B 10 -47.25 -6.97 8.74
C ILE B 10 -45.98 -6.38 8.03
N PHE B 11 -46.09 -5.26 7.31
CA PHE B 11 -44.95 -4.43 6.86
C PHE B 11 -44.05 -4.22 8.03
N ALA B 12 -44.41 -3.35 8.98
CA ALA B 12 -43.57 -3.16 10.17
C ALA B 12 -42.99 -4.48 10.72
N TRP B 13 -43.78 -5.33 11.35
CA TRP B 13 -43.29 -6.67 11.65
C TRP B 13 -42.19 -7.11 10.66
N VAL B 14 -42.54 -7.22 9.36
CA VAL B 14 -41.63 -7.69 8.26
C VAL B 14 -40.32 -6.98 8.45
N ILE B 15 -40.33 -5.67 8.32
CA ILE B 15 -39.14 -4.90 8.52
C ILE B 15 -38.25 -5.41 9.68
N ALA B 16 -38.78 -5.66 10.87
CA ALA B 16 -37.88 -6.21 11.92
C ALA B 16 -37.86 -7.72 11.97
N ILE B 17 -37.98 -8.35 10.82
CA ILE B 17 -37.54 -9.73 10.62
C ILE B 17 -36.57 -9.88 9.44
N ILE B 18 -36.40 -8.79 8.68
CA ILE B 18 -35.32 -8.65 7.72
C ILE B 18 -34.13 -8.45 8.64
N ILE B 19 -34.08 -7.26 9.22
CA ILE B 19 -33.13 -6.89 10.28
C ILE B 19 -32.65 -8.07 11.12
N MET B 20 -33.54 -8.92 11.58
CA MET B 20 -33.13 -10.02 12.40
C MET B 20 -32.44 -11.14 11.68
N LEU B 21 -33.20 -11.79 10.78
CA LEU B 21 -32.75 -12.72 9.70
C LEU B 21 -31.45 -12.17 9.04
N ALA B 22 -31.48 -11.11 8.20
CA ALA B 22 -30.19 -10.47 7.73
C ALA B 22 -29.46 -9.74 8.84
N GLY B 23 -28.71 -10.46 9.66
CA GLY B 23 -27.99 -9.84 10.74
C GLY B 23 -27.52 -10.91 11.66
N GLY B 24 -28.29 -11.98 11.70
CA GLY B 24 -27.96 -13.12 12.54
C GLY B 24 -27.01 -13.95 11.76
N LEU B 25 -26.99 -13.63 10.49
CA LEU B 25 -25.98 -14.04 9.58
C LEU B 25 -24.58 -13.48 9.99
N ALA B 26 -24.53 -12.21 10.37
CA ALA B 26 -23.25 -11.57 10.64
C ALA B 26 -22.80 -12.17 11.93
N ILE B 27 -23.65 -13.00 12.49
CA ILE B 27 -23.30 -13.65 13.68
C ILE B 27 -22.47 -14.80 13.21
N LEU B 28 -23.09 -15.52 12.24
CA LEU B 28 -22.65 -16.82 11.73
C LEU B 28 -21.43 -16.81 10.81
N LYS B 29 -20.99 -15.62 10.36
CA LYS B 29 -19.71 -15.42 9.62
C LYS B 29 -19.00 -14.08 9.91
N LEU B 30 -19.00 -13.74 11.20
CA LEU B 30 -18.28 -12.58 11.77
C LEU B 30 -17.21 -13.20 12.68
N PRO B 31 -16.02 -12.66 12.60
CA PRO B 31 -14.77 -12.74 13.31
C PRO B 31 -14.74 -12.69 14.82
N VAL B 32 -14.28 -13.72 15.46
CA VAL B 32 -14.43 -13.75 16.91
C VAL B 32 -13.23 -13.56 17.86
N ALA B 33 -12.99 -12.46 18.53
CA ALA B 33 -11.68 -12.52 19.17
C ALA B 33 -11.71 -11.85 20.48
N GLN B 34 -10.57 -11.72 21.18
CA GLN B 34 -10.52 -10.89 22.40
C GLN B 34 -10.72 -9.38 22.10
N TYR B 35 -9.62 -8.68 21.98
CA TYR B 35 -9.72 -7.30 21.68
C TYR B 35 -9.56 -7.37 20.28
N PRO B 36 -9.84 -6.32 19.57
CA PRO B 36 -9.61 -6.06 18.14
C PRO B 36 -8.11 -5.48 17.99
N THR B 37 -7.66 -4.85 16.88
CA THR B 37 -6.21 -4.51 16.83
C THR B 37 -5.97 -3.28 17.72
N ILE B 38 -5.25 -3.49 18.83
CA ILE B 38 -5.18 -2.47 19.86
C ILE B 38 -3.81 -1.90 20.20
N ALA B 39 -2.79 -2.78 20.16
CA ALA B 39 -1.39 -2.34 20.24
C ALA B 39 -1.09 -1.36 19.12
N PRO B 40 -0.09 -0.45 19.24
CA PRO B 40 0.40 0.11 17.98
C PRO B 40 1.30 -0.90 17.21
N PRO B 41 1.43 -0.71 15.88
CA PRO B 41 2.26 -1.60 15.15
C PRO B 41 3.76 -1.19 15.32
N ALA B 42 4.55 -2.26 15.45
CA ALA B 42 5.98 -2.14 15.63
C ALA B 42 6.73 -2.96 14.52
N VAL B 43 8.01 -2.54 14.26
CA VAL B 43 8.93 -3.05 13.21
C VAL B 43 10.33 -2.95 13.79
N THR B 44 10.95 -4.10 13.82
CA THR B 44 12.22 -4.33 14.42
C THR B 44 13.17 -4.54 13.24
N ILE B 45 14.39 -4.02 13.43
CA ILE B 45 15.57 -4.30 12.57
C ILE B 45 16.52 -5.30 13.20
N SER B 46 17.21 -5.99 12.36
CA SER B 46 18.05 -6.97 12.88
C SER B 46 19.47 -7.12 12.41
N ALA B 47 20.34 -7.10 13.44
CA ALA B 47 21.75 -7.05 13.19
C ALA B 47 22.21 -8.37 13.74
N SER B 48 23.46 -8.79 13.43
CA SER B 48 24.18 -9.82 14.17
C SER B 48 25.58 -10.16 13.74
N TYR B 49 26.63 -9.53 14.34
CA TYR B 49 28.07 -9.56 13.79
C TYR B 49 29.17 -10.04 14.73
N PRO B 50 29.43 -11.35 14.63
CA PRO B 50 30.02 -12.22 15.62
C PRO B 50 31.07 -11.68 16.61
N GLY B 51 31.28 -12.45 17.69
CA GLY B 51 31.81 -12.06 19.05
C GLY B 51 32.97 -11.11 19.32
N ALA B 52 33.41 -11.02 20.59
CA ALA B 52 34.49 -10.07 21.16
C ALA B 52 34.64 -8.51 20.67
N ASP B 53 33.87 -7.63 21.34
CA ASP B 53 33.24 -6.41 20.71
C ASP B 53 32.06 -5.94 21.53
N ALA B 54 32.23 -5.03 22.44
CA ALA B 54 30.99 -4.74 23.12
C ALA B 54 30.26 -3.54 22.48
N LYS B 55 30.84 -2.37 22.75
CA LYS B 55 30.49 -1.06 22.16
C LYS B 55 30.80 -1.14 20.70
N THR B 56 31.71 -2.05 20.44
CA THR B 56 32.14 -2.23 19.12
C THR B 56 30.97 -2.28 18.12
N VAL B 57 29.81 -2.89 18.50
CA VAL B 57 28.67 -3.20 17.55
C VAL B 57 27.79 -2.00 17.41
N GLN B 58 27.56 -1.49 18.60
CA GLN B 58 26.65 -0.45 18.86
C GLN B 58 27.06 0.71 18.03
N ASP B 59 28.37 0.90 17.82
CA ASP B 59 28.89 2.05 17.03
C ASP B 59 29.01 1.66 15.63
N THR B 60 28.84 0.40 15.32
CA THR B 60 29.30 -0.05 14.02
C THR B 60 28.15 -0.30 13.00
N VAL B 61 27.13 -0.98 13.54
CA VAL B 61 25.90 -1.23 12.80
C VAL B 61 24.84 -0.26 13.41
N THR B 62 24.67 -0.37 14.74
CA THR B 62 23.44 0.08 15.41
C THR B 62 23.26 1.55 15.25
N GLN B 63 24.36 2.23 15.32
CA GLN B 63 24.32 3.62 15.31
C GLN B 63 23.79 3.88 13.96
N VAL B 64 24.56 3.47 12.95
CA VAL B 64 24.22 3.82 11.58
C VAL B 64 22.73 3.72 11.32
N ILE B 65 22.26 2.49 11.55
CA ILE B 65 20.90 2.10 11.27
C ILE B 65 19.92 3.03 11.94
N GLU B 66 20.40 3.89 12.82
CA GLU B 66 19.54 4.74 13.64
C GLU B 66 19.48 6.16 13.10
N GLN B 67 20.68 6.75 12.94
CA GLN B 67 20.92 8.05 12.27
C GLN B 67 19.92 8.25 11.12
N ASN B 68 19.82 7.16 10.32
CA ASN B 68 18.92 6.85 9.24
C ASN B 68 17.45 6.75 9.43
N MET B 69 16.96 5.99 10.42
CA MET B 69 15.53 6.07 10.92
C MET B 69 14.97 7.50 11.33
N ASN B 70 15.08 8.41 10.38
CA ASN B 70 14.35 9.67 10.31
C ASN B 70 13.46 9.67 8.99
N GLY B 71 12.71 10.76 8.71
CA GLY B 71 11.65 10.64 7.68
C GLY B 71 10.63 9.64 8.25
N ILE B 72 10.43 8.48 7.65
CA ILE B 72 9.45 7.49 8.21
C ILE B 72 8.25 7.94 9.08
N ASP B 73 7.14 8.19 8.37
CA ASP B 73 5.80 8.65 8.84
C ASP B 73 5.21 7.79 10.01
N ASN B 74 4.64 8.47 11.03
CA ASN B 74 3.72 7.84 11.99
C ASN B 74 4.53 7.10 13.03
N LEU B 75 5.80 7.37 12.97
CA LEU B 75 6.72 6.71 13.83
C LEU B 75 6.62 7.26 15.20
N MET B 76 6.44 6.44 16.20
CA MET B 76 6.23 7.00 17.56
C MET B 76 7.50 7.04 18.49
N TYR B 77 8.22 5.92 18.52
CA TYR B 77 9.53 5.77 19.22
C TYR B 77 10.25 4.43 18.84
N MET B 78 11.57 4.54 18.99
CA MET B 78 12.51 3.62 18.39
C MET B 78 13.29 3.20 19.60
N SER B 79 13.80 1.99 19.54
CA SER B 79 14.42 1.48 20.71
C SER B 79 15.28 0.26 20.47
N SER B 80 16.57 0.55 20.55
CA SER B 80 17.56 -0.41 20.21
C SER B 80 18.29 -0.88 21.44
N ASN B 81 19.40 -1.55 21.16
CA ASN B 81 20.31 -2.20 22.08
C ASN B 81 21.26 -3.14 21.29
N SER B 82 22.55 -2.82 21.40
CA SER B 82 23.63 -3.70 20.99
C SER B 82 23.49 -5.13 21.54
N ASP B 83 24.59 -5.73 22.00
CA ASP B 83 24.67 -7.14 22.46
C ASP B 83 26.12 -7.63 22.36
N SER B 84 26.62 -8.39 23.35
CA SER B 84 27.99 -9.05 23.22
C SER B 84 28.22 -9.98 22.03
N THR B 85 27.20 -10.78 21.74
CA THR B 85 27.23 -11.77 20.72
C THR B 85 27.14 -11.07 19.43
N GLY B 86 26.92 -9.77 19.48
CA GLY B 86 27.07 -8.96 18.28
C GLY B 86 25.79 -8.83 17.46
N THR B 87 24.74 -9.28 18.07
CA THR B 87 23.47 -9.14 17.48
C THR B 87 22.97 -7.81 17.80
N VAL B 88 22.20 -7.25 16.91
CA VAL B 88 21.51 -6.02 17.28
C VAL B 88 20.07 -5.95 16.78
N GLN B 89 19.24 -5.35 17.63
CA GLN B 89 17.83 -5.10 17.31
C GLN B 89 17.39 -3.61 17.32
N ILE B 90 17.46 -2.94 16.13
CA ILE B 90 16.81 -1.67 16.23
C ILE B 90 15.36 -2.04 16.30
N THR B 91 14.50 -1.17 16.91
CA THR B 91 12.97 -1.38 16.87
C THR B 91 12.20 -0.08 16.70
N LEU B 92 11.36 0.03 15.62
CA LEU B 92 10.40 1.16 15.42
C LEU B 92 8.95 0.72 15.79
N THR B 93 8.15 1.69 16.27
CA THR B 93 6.76 1.43 16.72
C THR B 93 5.91 2.59 16.32
N PHE B 94 4.82 2.41 15.53
CA PHE B 94 4.21 3.67 14.95
C PHE B 94 2.81 4.08 15.48
N GLU B 95 2.42 5.36 15.36
CA GLU B 95 1.13 5.83 16.02
C GLU B 95 0.00 4.92 15.56
N SER B 96 -0.85 4.48 16.49
CA SER B 96 -1.80 3.36 16.13
C SER B 96 -2.78 3.50 14.96
N GLY B 97 -2.99 2.28 14.42
CA GLY B 97 -3.68 2.01 13.16
C GLY B 97 -2.94 2.43 11.90
N THR B 98 -1.62 2.72 12.07
CA THR B 98 -0.73 3.04 10.93
C THR B 98 -0.51 1.81 10.02
N ASP B 99 -0.02 1.96 8.81
CA ASP B 99 -0.15 0.77 7.97
C ASP B 99 1.03 -0.13 8.02
N ALA B 100 1.09 -1.19 8.80
CA ALA B 100 2.46 -1.70 8.99
C ALA B 100 3.02 -1.96 7.63
N ASP B 101 2.47 -2.86 6.81
CA ASP B 101 3.27 -3.15 5.67
C ASP B 101 4.00 -2.01 5.00
N ILE B 102 3.56 -0.76 5.23
CA ILE B 102 4.06 0.31 4.43
C ILE B 102 5.04 0.64 5.37
N ALA B 103 4.66 0.42 6.62
CA ALA B 103 5.47 0.94 7.78
C ALA B 103 6.80 0.21 7.79
N GLN B 104 6.72 -1.14 7.82
CA GLN B 104 7.74 -1.98 7.26
C GLN B 104 8.43 -1.29 6.07
N VAL B 105 7.81 -1.26 4.87
CA VAL B 105 8.30 -0.53 3.67
C VAL B 105 9.03 0.67 3.98
N GLN B 106 8.51 1.56 4.76
CA GLN B 106 9.34 2.74 4.74
C GLN B 106 10.61 2.36 5.41
N VAL B 107 10.49 1.69 6.60
CA VAL B 107 11.68 1.23 7.32
C VAL B 107 12.81 0.59 6.37
N GLN B 108 12.50 -0.61 5.82
CA GLN B 108 13.35 -1.10 4.82
C GLN B 108 13.80 -0.03 3.76
N ASN B 109 13.03 1.00 3.41
CA ASN B 109 13.58 2.00 2.56
C ASN B 109 14.42 3.07 3.18
N LYS B 110 14.38 3.17 4.48
CA LYS B 110 15.32 4.07 5.21
C LYS B 110 16.63 3.35 5.77
N LEU B 111 16.55 2.05 6.08
CA LEU B 111 17.76 1.21 5.99
C LEU B 111 18.44 1.40 4.62
N GLN B 112 18.05 0.75 3.49
CA GLN B 112 18.99 0.62 2.26
C GLN B 112 20.38 1.52 2.38
N LEU B 113 20.16 2.82 2.42
CA LEU B 113 21.08 3.82 2.93
C LEU B 113 22.09 3.55 4.20
N ALA B 114 21.87 2.52 4.96
CA ALA B 114 22.86 2.31 5.92
C ALA B 114 23.76 1.14 5.38
N MET B 115 23.17 -0.05 5.20
CA MET B 115 23.78 -1.22 4.59
C MET B 115 25.07 -1.10 3.78
N PRO B 116 25.23 -0.06 2.93
CA PRO B 116 26.64 0.00 2.44
C PRO B 116 27.76 0.32 3.50
N LEU B 117 27.56 1.34 4.39
CA LEU B 117 28.24 1.52 5.81
C LEU B 117 28.26 0.30 6.88
N LEU B 118 27.93 -0.84 6.38
CA LEU B 118 27.79 -1.85 7.29
C LEU B 118 29.00 -2.77 7.07
N PRO B 119 29.71 -3.07 8.19
CA PRO B 119 30.53 -4.25 8.14
C PRO B 119 30.02 -5.30 7.07
N GLN B 120 30.92 -5.73 6.22
CA GLN B 120 30.66 -6.77 5.23
C GLN B 120 30.87 -8.11 5.95
N GLU B 121 30.51 -8.12 7.21
CA GLU B 121 30.32 -9.40 7.82
C GLU B 121 28.88 -9.43 8.26
N VAL B 122 28.37 -8.16 8.39
CA VAL B 122 27.01 -7.70 8.79
C VAL B 122 26.24 -7.92 7.54
N GLN B 123 26.46 -7.01 6.58
CA GLN B 123 26.08 -7.20 5.21
C GLN B 123 26.15 -8.71 4.97
N GLN B 124 27.34 -9.31 5.09
CA GLN B 124 27.52 -10.77 4.72
C GLN B 124 26.70 -11.75 5.55
N GLN B 125 25.87 -11.21 6.43
CA GLN B 125 25.21 -12.03 7.37
C GLN B 125 23.72 -12.10 7.16
N GLY B 126 23.09 -10.93 7.10
CA GLY B 126 21.62 -10.76 7.01
C GLY B 126 21.34 -9.42 7.69
N VAL B 127 20.34 -8.70 7.23
CA VAL B 127 19.94 -7.55 8.03
C VAL B 127 18.46 -7.53 7.74
N SER B 128 17.60 -8.03 8.72
CA SER B 128 16.11 -8.38 8.53
C SER B 128 15.30 -7.36 9.18
N VAL B 129 14.09 -7.28 8.72
CA VAL B 129 13.28 -6.12 9.02
C VAL B 129 11.85 -6.50 8.60
N GLU B 130 11.32 -7.46 9.39
CA GLU B 130 9.92 -7.72 9.52
C GLU B 130 9.19 -6.71 10.51
N LYS B 131 7.83 -6.78 10.41
CA LYS B 131 6.81 -6.62 11.48
C LYS B 131 7.46 -7.14 12.82
N SER B 132 6.74 -7.22 13.95
CA SER B 132 7.50 -7.60 15.15
C SER B 132 6.79 -7.33 16.41
N SER B 133 5.99 -8.31 16.85
CA SER B 133 5.22 -8.27 18.12
C SER B 133 6.14 -8.42 19.36
N SER B 134 5.67 -8.27 20.62
CA SER B 134 6.61 -8.75 21.72
C SER B 134 6.28 -10.01 22.49
N SER B 135 5.30 -10.73 22.02
CA SER B 135 4.74 -11.78 22.86
C SER B 135 4.18 -12.93 22.09
N PHE B 136 4.43 -14.08 22.67
CA PHE B 136 4.19 -15.34 22.01
C PHE B 136 2.76 -15.58 22.23
N LEU B 137 2.17 -16.19 21.24
CA LEU B 137 0.88 -16.65 21.39
C LEU B 137 0.95 -18.04 22.04
N MET B 138 1.84 -18.93 21.72
CA MET B 138 1.84 -20.11 22.54
C MET B 138 3.18 -20.59 22.58
N VAL B 139 3.28 -21.88 22.85
CA VAL B 139 4.59 -22.43 23.23
C VAL B 139 4.72 -23.96 23.05
N VAL B 140 3.87 -24.54 22.21
CA VAL B 140 4.07 -25.92 21.70
C VAL B 140 5.38 -26.49 22.21
N GLY B 141 5.44 -27.50 23.03
CA GLY B 141 6.76 -28.02 23.45
C GLY B 141 6.77 -29.26 22.59
N VAL B 142 7.85 -30.04 22.62
CA VAL B 142 7.71 -31.45 22.23
C VAL B 142 8.68 -32.21 23.08
N ILE B 143 8.27 -33.45 23.39
CA ILE B 143 9.02 -34.51 24.08
C ILE B 143 8.59 -35.88 23.62
N ASN B 144 9.42 -36.87 23.94
CA ASN B 144 8.99 -38.21 23.64
C ASN B 144 8.74 -39.10 24.87
N THR B 145 7.59 -39.80 24.85
CA THR B 145 7.34 -41.01 25.61
C THR B 145 8.50 -41.90 25.20
N ASP B 146 8.90 -42.83 26.07
CA ASP B 146 10.06 -43.77 25.89
C ASP B 146 11.53 -43.27 25.87
N GLY B 147 11.88 -42.10 26.41
CA GLY B 147 13.28 -41.63 26.27
C GLY B 147 14.18 -42.40 25.26
N THR B 148 13.72 -42.55 23.99
CA THR B 148 14.58 -42.92 22.81
C THR B 148 14.71 -41.72 21.88
N MET B 149 15.09 -40.56 22.44
CA MET B 149 15.55 -39.39 21.67
C MET B 149 16.09 -38.53 22.73
N THR B 150 16.74 -37.45 22.38
CA THR B 150 17.26 -36.60 23.42
C THR B 150 17.03 -35.12 23.17
N GLN B 151 16.95 -34.36 24.24
CA GLN B 151 17.10 -32.94 24.15
C GLN B 151 17.54 -32.55 22.72
N GLU B 152 18.85 -32.71 22.45
CA GLU B 152 19.50 -32.37 21.13
C GLU B 152 19.24 -33.44 20.10
N ASP B 153 18.03 -33.98 20.09
CA ASP B 153 17.78 -35.09 19.22
C ASP B 153 16.37 -34.85 18.70
N ILE B 154 15.57 -34.16 19.52
CA ILE B 154 14.17 -33.90 19.16
C ILE B 154 14.18 -32.47 18.78
N SER B 155 15.03 -31.71 19.42
CA SER B 155 15.34 -30.42 18.89
C SER B 155 15.61 -30.61 17.40
N ASP B 156 16.28 -31.71 17.01
CA ASP B 156 16.55 -31.91 15.58
C ASP B 156 15.35 -32.38 14.87
N TYR B 157 14.45 -33.06 15.56
CA TYR B 157 13.17 -33.28 14.94
C TYR B 157 12.51 -31.93 14.61
N VAL B 158 11.88 -31.41 15.65
CA VAL B 158 11.13 -30.16 15.56
C VAL B 158 11.63 -29.24 14.52
N ALA B 159 12.89 -29.28 14.16
CA ALA B 159 13.36 -28.03 13.68
C ALA B 159 13.45 -28.13 12.23
N ALA B 160 13.74 -29.34 11.84
CA ALA B 160 14.11 -29.49 10.47
C ALA B 160 13.07 -30.43 9.92
N ASN B 161 12.10 -30.78 10.80
CA ASN B 161 10.98 -31.60 10.36
C ASN B 161 9.71 -30.83 10.48
N MET B 162 9.71 -29.69 11.19
CA MET B 162 8.45 -28.91 11.50
C MET B 162 8.45 -27.35 11.75
N LYS B 163 9.59 -26.70 11.82
CA LYS B 163 9.60 -25.30 12.20
C LYS B 163 9.38 -24.64 10.87
N ASP B 164 9.35 -25.44 9.84
CA ASP B 164 9.34 -24.81 8.57
C ASP B 164 7.91 -24.44 8.09
N ALA B 165 7.04 -25.46 8.08
CA ALA B 165 5.63 -25.22 7.80
C ALA B 165 4.91 -24.59 8.98
N ILE B 166 5.45 -24.63 10.23
CA ILE B 166 4.85 -23.80 11.32
C ILE B 166 5.05 -22.40 10.85
N SER B 167 6.29 -21.98 10.87
CA SER B 167 6.58 -20.59 10.68
C SER B 167 6.04 -19.98 9.44
N ARG B 168 5.50 -20.83 8.55
CA ARG B 168 4.94 -20.42 7.26
C ARG B 168 3.46 -20.62 7.22
N THR B 169 2.93 -21.17 8.34
CA THR B 169 1.44 -21.38 8.55
C THR B 169 0.59 -20.08 8.65
N SER B 170 -0.75 -20.20 8.63
CA SER B 170 -1.53 -18.96 8.45
C SER B 170 -1.47 -18.22 9.72
N GLY B 171 -1.43 -16.89 9.62
CA GLY B 171 -1.33 -15.99 10.87
C GLY B 171 -0.06 -15.92 11.74
N VAL B 172 0.76 -16.92 11.52
CA VAL B 172 1.85 -17.31 12.34
C VAL B 172 3.09 -16.36 12.35
N GLY B 173 2.99 -15.31 13.13
CA GLY B 173 3.94 -14.25 13.16
C GLY B 173 5.36 -14.61 12.84
N ASP B 174 6.24 -14.36 13.83
CA ASP B 174 7.61 -14.84 13.91
C ASP B 174 7.63 -16.41 14.23
N VAL B 175 8.51 -16.95 15.05
CA VAL B 175 8.50 -18.43 15.47
C VAL B 175 9.88 -18.69 16.07
N GLN B 176 10.08 -18.79 17.36
CA GLN B 176 11.45 -18.86 17.83
C GLN B 176 11.72 -20.23 18.34
N LEU B 177 12.86 -20.79 17.94
CA LEU B 177 13.09 -22.22 18.20
C LEU B 177 13.95 -22.47 19.48
N PHE B 178 13.60 -23.40 20.33
CA PHE B 178 14.34 -23.47 21.57
C PHE B 178 15.03 -24.81 21.57
N GLY B 179 16.34 -24.75 21.48
CA GLY B 179 17.10 -25.81 20.88
C GLY B 179 17.56 -25.21 19.54
N SER B 180 18.20 -26.06 18.71
CA SER B 180 18.64 -25.69 17.36
C SER B 180 18.87 -26.94 16.57
N GLN B 181 18.85 -26.70 15.29
CA GLN B 181 18.75 -27.77 14.33
C GLN B 181 20.12 -28.41 14.28
N TYR B 182 20.18 -29.70 14.00
CA TYR B 182 21.43 -30.38 13.75
C TYR B 182 22.54 -29.64 12.94
N ALA B 183 23.73 -29.56 13.55
CA ALA B 183 24.92 -29.01 12.91
C ALA B 183 25.59 -30.21 12.34
N MET B 184 26.88 -30.15 12.01
CA MET B 184 27.69 -31.35 11.97
C MET B 184 28.80 -30.83 12.74
N ARG B 185 28.81 -31.09 14.03
CA ARG B 185 29.94 -30.60 14.77
C ARG B 185 31.14 -31.51 14.63
N ILE B 186 32.29 -30.84 14.50
CA ILE B 186 33.64 -31.38 14.35
C ILE B 186 34.53 -30.66 15.44
N TRP B 187 34.83 -31.40 16.50
CA TRP B 187 35.61 -30.86 17.66
C TRP B 187 37.11 -31.03 17.58
N MET B 188 37.75 -29.88 17.61
CA MET B 188 39.16 -29.87 17.50
C MET B 188 39.71 -30.49 18.81
N ASN B 189 40.89 -31.11 18.65
CA ASN B 189 41.82 -31.58 19.67
C ASN B 189 43.22 -30.91 19.52
N PRO B 190 43.61 -30.05 20.47
CA PRO B 190 44.75 -29.09 20.30
C PRO B 190 46.07 -29.78 20.29
N ASN B 191 46.19 -30.72 21.22
CA ASN B 191 47.15 -31.86 21.24
C ASN B 191 47.20 -32.58 19.86
N GLU B 192 46.38 -33.63 19.66
CA GLU B 192 46.02 -34.14 18.30
C GLU B 192 46.49 -33.38 17.11
N LEU B 193 46.34 -32.07 17.16
CA LEU B 193 46.91 -31.24 16.14
C LEU B 193 48.45 -31.16 16.24
N ASN B 194 49.05 -30.22 16.99
CA ASN B 194 50.52 -30.15 16.90
C ASN B 194 51.21 -31.49 17.09
N LYS B 195 50.44 -32.53 17.50
CA LYS B 195 50.86 -33.96 17.44
C LYS B 195 50.68 -34.48 16.04
N PHE B 196 50.65 -33.61 15.05
CA PHE B 196 50.66 -34.01 13.66
C PHE B 196 51.08 -32.83 12.88
N GLN B 197 51.30 -31.72 13.57
CA GLN B 197 51.80 -30.51 12.93
C GLN B 197 50.67 -29.96 12.03
N LEU B 198 49.52 -29.77 12.69
CA LEU B 198 48.25 -29.20 12.12
C LEU B 198 47.44 -28.12 12.97
N THR B 199 47.10 -27.00 12.29
CA THR B 199 46.16 -25.92 12.69
C THR B 199 44.69 -26.16 12.18
N PRO B 200 43.70 -25.68 12.94
CA PRO B 200 42.39 -26.08 12.52
C PRO B 200 42.23 -25.46 11.21
N VAL B 201 43.20 -24.62 10.89
CA VAL B 201 43.17 -24.00 9.60
C VAL B 201 43.20 -25.09 8.64
N ASP B 202 44.17 -26.01 8.79
CA ASP B 202 44.30 -26.98 7.72
C ASP B 202 42.99 -27.72 7.82
N VAL B 203 42.43 -27.73 9.05
CA VAL B 203 41.23 -28.54 9.33
C VAL B 203 40.09 -28.06 8.44
N ILE B 204 39.95 -26.75 8.42
CA ILE B 204 39.09 -26.08 7.46
C ILE B 204 39.39 -26.35 6.00
N THR B 205 40.46 -25.66 5.53
CA THR B 205 41.28 -26.00 4.37
C THR B 205 40.74 -27.32 3.79
N ALA B 206 40.54 -28.32 4.66
CA ALA B 206 40.27 -29.71 4.30
C ALA B 206 38.82 -29.86 3.96
N ILE B 207 38.02 -29.46 4.97
CA ILE B 207 36.59 -29.76 5.01
C ILE B 207 36.23 -29.19 3.73
N LYS B 208 36.58 -27.91 3.73
CA LYS B 208 36.30 -27.03 2.67
C LYS B 208 36.54 -27.67 1.35
N ALA B 209 37.51 -28.52 1.14
CA ALA B 209 37.38 -28.95 -0.21
C ALA B 209 37.02 -30.36 -0.36
N GLN B 210 36.94 -31.08 0.76
CA GLN B 210 36.58 -32.48 0.60
C GLN B 210 35.10 -32.69 0.47
N ASN B 211 34.36 -31.75 1.04
CA ASN B 211 32.93 -31.85 1.08
C ASN B 211 32.28 -30.62 0.62
N ALA B 212 32.39 -30.29 -0.65
CA ALA B 212 31.46 -29.39 -1.33
C ALA B 212 30.98 -30.13 -2.49
N GLN B 213 30.41 -29.39 -3.46
CA GLN B 213 29.38 -29.82 -4.49
C GLN B 213 29.67 -28.95 -5.65
N VAL B 214 29.74 -29.54 -6.82
CA VAL B 214 30.50 -28.88 -7.83
C VAL B 214 29.83 -29.23 -9.07
N ALA B 215 29.58 -28.23 -9.93
CA ALA B 215 28.74 -28.40 -11.14
C ALA B 215 29.63 -29.07 -12.03
N ALA B 216 29.13 -29.48 -13.15
CA ALA B 216 29.99 -30.19 -14.09
C ALA B 216 29.58 -29.81 -15.56
N GLY B 217 28.31 -29.75 -15.83
CA GLY B 217 27.89 -29.51 -17.16
C GLY B 217 27.49 -30.85 -17.67
N GLN B 218 27.12 -30.87 -18.98
CA GLN B 218 26.48 -32.11 -19.57
C GLN B 218 27.03 -32.54 -20.83
N LEU B 219 26.68 -33.73 -21.21
CA LEU B 219 27.37 -34.33 -22.28
C LEU B 219 26.39 -34.25 -23.36
N GLY B 220 26.63 -33.43 -24.37
CA GLY B 220 25.54 -32.98 -25.23
C GLY B 220 25.26 -31.69 -24.52
N GLY B 221 26.09 -30.67 -24.72
CA GLY B 221 25.82 -29.33 -24.11
C GLY B 221 24.87 -28.36 -24.89
N THR B 222 24.43 -27.28 -24.19
CA THR B 222 23.38 -26.40 -24.76
C THR B 222 23.23 -26.41 -26.35
N PRO B 223 24.40 -26.18 -27.10
CA PRO B 223 24.54 -26.30 -28.55
C PRO B 223 25.41 -27.48 -28.78
N PRO B 224 24.91 -28.44 -29.56
CA PRO B 224 25.24 -29.83 -29.65
C PRO B 224 25.70 -29.99 -31.14
N VAL B 225 26.55 -31.01 -31.47
CA VAL B 225 27.21 -31.13 -32.84
C VAL B 225 26.29 -31.80 -33.83
N LYS B 226 26.28 -31.31 -35.05
CA LYS B 226 25.17 -31.67 -35.84
C LYS B 226 24.37 -32.83 -35.37
N GLY B 227 25.01 -33.95 -35.08
CA GLY B 227 24.19 -35.15 -34.86
C GLY B 227 23.65 -35.36 -33.45
N GLN B 228 24.59 -35.82 -32.63
CA GLN B 228 24.58 -36.13 -31.24
C GLN B 228 23.28 -36.70 -30.85
N GLN B 229 23.34 -37.80 -30.11
CA GLN B 229 22.20 -38.65 -29.84
C GLN B 229 22.15 -38.54 -28.39
N LEU B 230 22.82 -39.43 -27.64
CA LEU B 230 23.30 -39.20 -26.20
C LEU B 230 23.39 -37.80 -25.65
N ASN B 231 22.50 -37.50 -24.66
CA ASN B 231 22.74 -36.39 -23.65
C ASN B 231 22.23 -36.65 -22.26
N ALA B 232 22.79 -35.98 -21.28
CA ALA B 232 22.61 -36.36 -19.92
C ALA B 232 23.73 -35.58 -19.41
N SER B 233 23.94 -35.71 -18.09
CA SER B 233 24.48 -34.61 -17.25
C SER B 233 25.70 -35.14 -16.76
N ILE B 234 26.43 -34.44 -15.90
CA ILE B 234 27.64 -35.07 -15.40
C ILE B 234 28.04 -34.90 -13.97
N ILE B 235 27.16 -35.35 -13.13
CA ILE B 235 27.55 -35.37 -11.72
C ILE B 235 29.05 -35.34 -11.28
N ALA B 236 29.43 -34.51 -10.35
CA ALA B 236 30.73 -34.35 -10.08
C ALA B 236 30.91 -34.58 -8.66
N GLN B 237 31.93 -33.92 -8.13
CA GLN B 237 32.27 -34.06 -6.75
C GLN B 237 31.01 -33.83 -6.06
N THR B 238 30.82 -34.51 -4.94
CA THR B 238 29.52 -34.46 -4.25
C THR B 238 29.55 -34.10 -2.72
N ARG B 239 28.35 -33.84 -2.10
CA ARG B 239 28.23 -33.42 -0.65
C ARG B 239 28.27 -34.50 0.42
N LEU B 240 28.93 -34.25 1.54
CA LEU B 240 29.05 -35.30 2.49
C LEU B 240 27.76 -35.53 3.19
N THR B 241 27.19 -36.71 3.19
CA THR B 241 25.91 -36.79 3.81
C THR B 241 25.97 -37.40 5.16
N SER B 242 27.13 -37.98 5.48
CA SER B 242 27.36 -38.96 6.56
C SER B 242 27.93 -38.29 7.76
N THR B 243 28.37 -39.13 8.69
CA THR B 243 29.31 -38.76 9.77
C THR B 243 30.62 -39.51 9.52
N GLU B 244 30.50 -40.73 8.98
CA GLU B 244 31.66 -41.44 8.51
C GLU B 244 32.51 -40.38 7.82
N GLU B 245 32.15 -39.94 6.62
CA GLU B 245 33.18 -39.33 5.79
C GLU B 245 33.80 -38.18 6.50
N PHE B 246 33.02 -37.56 7.33
CA PHE B 246 33.55 -36.38 7.86
C PHE B 246 34.76 -36.69 8.69
N GLY B 247 34.82 -37.94 9.16
CA GLY B 247 35.93 -38.44 10.04
C GLY B 247 37.12 -38.94 9.26
N LYS B 248 36.78 -39.65 8.19
CA LYS B 248 37.66 -39.96 7.08
C LYS B 248 37.98 -38.83 5.99
N ILE B 249 38.57 -37.72 6.48
CA ILE B 249 39.05 -36.66 5.60
C ILE B 249 40.59 -36.64 5.62
N LEU B 250 41.21 -36.80 4.46
CA LEU B 250 42.65 -36.65 4.39
C LEU B 250 43.10 -35.29 4.66
N LEU B 251 44.08 -35.26 5.51
CA LEU B 251 44.87 -34.10 5.77
C LEU B 251 46.14 -34.65 6.48
N LYS B 252 47.30 -34.57 5.79
CA LYS B 252 48.61 -35.18 6.19
C LYS B 252 48.63 -36.58 5.73
N VAL B 253 49.74 -36.90 5.08
CA VAL B 253 50.27 -38.28 4.94
C VAL B 253 51.74 -38.38 5.49
N ASN B 254 51.88 -38.88 6.72
CA ASN B 254 53.10 -38.79 7.53
C ASN B 254 54.37 -39.46 7.00
N GLN B 255 55.55 -38.90 7.37
CA GLN B 255 56.88 -39.44 7.00
C GLN B 255 56.75 -40.91 6.47
N ASP B 256 56.27 -41.82 7.35
CA ASP B 256 56.13 -43.27 7.12
C ASP B 256 54.82 -43.69 6.40
N GLY B 257 54.46 -42.87 5.40
CA GLY B 257 53.34 -43.09 4.47
C GLY B 257 51.95 -43.28 5.06
N SER B 258 51.82 -43.02 6.39
CA SER B 258 50.60 -43.31 7.20
C SER B 258 49.35 -42.54 6.66
N ARG B 259 48.40 -42.21 7.56
CA ARG B 259 47.23 -41.39 7.26
C ARG B 259 46.90 -40.54 8.45
N VAL B 260 46.74 -39.25 8.27
CA VAL B 260 46.00 -38.56 9.29
C VAL B 260 44.66 -38.28 8.66
N LEU B 261 43.67 -39.06 9.08
CA LEU B 261 42.31 -38.77 8.78
C LEU B 261 41.81 -37.95 9.98
N LEU B 262 40.70 -37.20 9.79
CA LEU B 262 40.10 -36.22 10.78
C LEU B 262 39.77 -36.87 12.18
N ARG B 263 39.14 -38.05 12.12
CA ARG B 263 39.01 -39.00 13.25
C ARG B 263 40.19 -38.98 14.19
N ASP B 264 41.39 -38.68 13.70
CA ASP B 264 42.62 -38.74 14.52
C ASP B 264 42.79 -37.41 15.27
N VAL B 265 42.24 -36.28 14.75
CA VAL B 265 42.29 -34.96 15.46
C VAL B 265 40.91 -34.38 15.83
N ALA B 266 39.90 -34.87 15.18
CA ALA B 266 38.63 -34.25 15.48
C ALA B 266 37.75 -35.29 16.02
N LYS B 267 36.88 -34.91 16.95
CA LYS B 267 35.83 -35.83 17.33
C LYS B 267 34.58 -35.55 16.44
N ILE B 268 34.55 -36.08 15.21
CA ILE B 268 33.35 -35.91 14.34
C ILE B 268 32.13 -36.41 15.12
N GLU B 269 31.07 -35.58 15.17
CA GLU B 269 29.87 -35.90 15.93
C GLU B 269 28.59 -35.78 15.18
N LEU B 270 27.52 -35.33 15.85
CA LEU B 270 26.28 -34.74 15.20
C LEU B 270 25.50 -33.82 16.14
N GLY B 271 25.99 -32.62 16.34
CA GLY B 271 25.48 -31.77 17.37
C GLY B 271 24.45 -30.82 16.86
N GLY B 272 24.69 -29.56 17.10
CA GLY B 272 23.64 -28.58 17.19
C GLY B 272 24.36 -27.35 16.71
N GLU B 273 23.74 -26.20 16.77
CA GLU B 273 24.22 -25.09 16.03
C GLU B 273 24.63 -24.26 17.16
N ASN B 274 23.96 -24.52 18.25
CA ASN B 274 24.01 -23.61 19.30
C ASN B 274 23.73 -24.39 20.45
N TYR B 275 24.57 -24.14 21.43
CA TYR B 275 24.53 -24.90 22.69
C TYR B 275 24.15 -23.89 23.82
N ASP B 276 23.16 -23.05 23.46
CA ASP B 276 22.67 -21.90 24.22
C ASP B 276 21.26 -22.04 24.71
N ILE B 277 20.55 -23.08 24.29
CA ILE B 277 19.10 -23.23 24.62
C ILE B 277 18.63 -24.59 25.06
N ILE B 278 18.75 -24.71 26.38
CA ILE B 278 18.36 -25.90 27.06
C ILE B 278 16.99 -25.61 27.61
N ALA B 279 16.07 -26.50 27.22
CA ALA B 279 14.68 -26.43 27.55
C ALA B 279 14.09 -27.74 27.93
N GLU B 280 13.25 -27.68 28.95
CA GLU B 280 12.55 -28.86 29.43
C GLU B 280 11.11 -28.59 30.01
N PHE B 281 10.28 -29.62 29.96
CA PHE B 281 8.87 -29.50 30.23
C PHE B 281 8.52 -30.53 31.22
N ASN B 282 8.18 -30.11 32.42
CA ASN B 282 8.04 -31.08 33.50
C ASN B 282 9.42 -31.78 33.72
N GLY B 283 10.43 -30.92 33.91
CA GLY B 283 11.79 -31.37 34.03
C GLY B 283 12.30 -32.35 33.00
N GLN B 284 11.45 -32.96 32.16
CA GLN B 284 11.89 -33.64 30.93
C GLN B 284 12.96 -32.84 30.13
N PRO B 285 13.63 -33.47 29.12
CA PRO B 285 14.16 -32.48 28.19
C PRO B 285 13.00 -32.20 27.21
N ALA B 286 12.94 -30.97 26.69
CA ALA B 286 11.97 -30.67 25.67
C ALA B 286 12.46 -29.65 24.67
N SER B 287 12.00 -29.78 23.44
CA SER B 287 12.20 -28.68 22.52
C SER B 287 10.80 -28.12 22.24
N GLY B 288 10.75 -26.91 21.59
CA GLY B 288 9.50 -26.21 21.24
C GLY B 288 9.61 -24.94 20.47
N LEU B 289 8.53 -24.23 20.29
CA LEU B 289 8.48 -23.29 19.21
C LEU B 289 7.66 -22.14 19.70
N GLY B 290 8.25 -20.99 19.96
CA GLY B 290 7.41 -19.96 20.51
C GLY B 290 6.35 -19.34 19.69
N ILE B 291 5.46 -20.08 19.01
CA ILE B 291 4.58 -19.48 17.94
C ILE B 291 3.93 -18.16 18.17
N LYS B 292 4.36 -17.12 17.50
CA LYS B 292 3.91 -15.75 17.67
C LYS B 292 2.87 -15.19 16.55
N LEU B 293 2.22 -14.04 16.88
CA LEU B 293 0.97 -13.61 16.20
C LEU B 293 1.25 -12.53 15.25
N ALA B 294 0.73 -12.79 14.03
CA ALA B 294 1.00 -11.96 12.87
C ALA B 294 0.33 -10.66 13.17
N THR B 295 0.75 -9.57 12.55
CA THR B 295 -0.12 -8.38 12.59
C THR B 295 -1.50 -8.44 11.84
N GLY B 296 -2.55 -8.16 12.59
CA GLY B 296 -3.83 -8.33 11.99
C GLY B 296 -4.21 -9.76 12.20
N ALA B 297 -3.40 -10.74 11.88
CA ALA B 297 -3.96 -12.11 12.14
C ALA B 297 -4.66 -12.31 13.48
N ASN B 298 -5.77 -13.03 13.41
CA ASN B 298 -6.56 -13.40 14.61
C ASN B 298 -6.01 -14.50 15.59
N ALA B 299 -5.55 -14.07 16.79
CA ALA B 299 -5.13 -14.96 17.93
C ALA B 299 -5.70 -16.37 17.82
N LEU B 300 -7.00 -16.39 17.62
CA LEU B 300 -7.74 -17.57 17.71
C LEU B 300 -7.65 -18.41 16.42
N ASP B 301 -7.80 -17.82 15.24
CA ASP B 301 -7.94 -18.62 13.98
C ASP B 301 -6.62 -19.14 13.46
N THR B 302 -5.60 -18.28 13.57
CA THR B 302 -4.22 -18.70 13.39
C THR B 302 -4.02 -19.96 14.32
N ALA B 303 -4.04 -19.85 15.66
CA ALA B 303 -3.86 -21.03 16.52
C ALA B 303 -4.64 -22.31 16.08
N ALA B 304 -5.79 -22.12 15.42
CA ALA B 304 -6.57 -23.18 14.68
C ALA B 304 -5.76 -23.97 13.69
N ALA B 305 -5.29 -23.23 12.66
CA ALA B 305 -4.10 -23.58 11.84
C ALA B 305 -2.96 -24.27 12.66
N ILE B 306 -2.27 -23.53 13.55
CA ILE B 306 -1.14 -24.08 14.27
C ILE B 306 -1.48 -25.49 14.64
N ARG B 307 -2.49 -25.76 15.43
CA ARG B 307 -2.75 -27.20 15.60
C ARG B 307 -3.17 -28.00 14.31
N ALA B 308 -3.83 -27.41 13.31
CA ALA B 308 -4.38 -28.28 12.18
C ALA B 308 -3.43 -28.53 11.03
N GLU B 309 -2.30 -27.83 11.13
CA GLU B 309 -0.95 -28.28 10.73
C GLU B 309 -0.34 -29.35 11.72
N LEU B 310 -0.13 -29.02 13.02
CA LEU B 310 0.44 -30.05 14.03
C LEU B 310 -0.25 -31.36 13.92
N ALA B 311 -1.23 -31.37 13.03
CA ALA B 311 -2.28 -32.35 12.95
C ALA B 311 -1.94 -33.21 11.80
N LYS B 312 -1.07 -32.64 10.97
CA LYS B 312 -0.67 -33.29 9.79
C LYS B 312 0.70 -33.89 10.03
N MET B 313 1.56 -33.29 10.90
CA MET B 313 2.94 -33.82 11.20
C MET B 313 2.87 -34.96 12.17
N GLU B 314 1.70 -35.17 12.70
CA GLU B 314 1.64 -36.23 13.66
C GLU B 314 2.00 -37.63 13.14
N PRO B 315 1.30 -38.01 12.06
CA PRO B 315 1.31 -39.40 11.60
C PRO B 315 2.70 -39.89 11.21
N PHE B 316 3.78 -39.14 11.46
CA PHE B 316 5.08 -39.41 10.83
C PHE B 316 6.09 -39.27 11.84
N PHE B 317 5.71 -38.74 12.99
CA PHE B 317 6.63 -38.58 14.09
C PHE B 317 7.33 -39.89 14.38
N PRO B 318 8.58 -39.82 14.89
CA PRO B 318 9.35 -41.02 15.15
C PRO B 318 8.71 -41.68 16.35
N SER B 319 9.33 -42.79 16.76
CA SER B 319 8.82 -43.66 17.83
C SER B 319 8.93 -42.96 19.23
N GLY B 320 7.79 -42.49 19.68
CA GLY B 320 7.65 -41.83 20.96
C GLY B 320 7.69 -40.32 20.88
N LEU B 321 6.65 -39.62 20.43
CA LEU B 321 6.79 -38.18 20.24
C LEU B 321 5.59 -37.33 20.70
N LYS B 322 5.70 -36.71 21.88
CA LYS B 322 4.55 -35.91 22.39
C LYS B 322 4.63 -34.41 22.18
N ILE B 323 3.52 -33.84 21.71
CA ILE B 323 3.44 -32.41 21.41
C ILE B 323 2.61 -31.73 22.48
N VAL B 324 3.09 -31.63 23.72
CA VAL B 324 2.29 -31.00 24.79
C VAL B 324 2.09 -29.54 24.46
N TYR B 325 1.17 -28.86 25.11
CA TYR B 325 1.03 -27.52 24.71
C TYR B 325 1.20 -26.56 25.81
N PRO B 326 2.30 -26.61 26.59
CA PRO B 326 2.58 -25.61 27.67
C PRO B 326 1.77 -24.34 27.57
N TYR B 327 2.30 -23.18 27.93
CA TYR B 327 1.67 -21.87 27.63
C TYR B 327 0.73 -21.61 26.36
N ASP B 328 -0.59 -21.51 26.57
CA ASP B 328 -1.49 -21.12 25.47
C ASP B 328 -2.57 -20.00 25.78
N THR B 329 -2.31 -18.73 25.47
CA THR B 329 -3.33 -17.72 25.74
C THR B 329 -4.60 -17.78 24.82
N THR B 330 -4.97 -18.97 24.32
CA THR B 330 -6.24 -19.23 23.52
C THR B 330 -7.51 -19.85 24.27
N PRO B 331 -7.38 -20.28 25.58
CA PRO B 331 -8.55 -20.98 26.10
C PRO B 331 -9.17 -19.82 26.74
N PHE B 332 -8.31 -18.93 27.20
CA PHE B 332 -8.74 -17.81 27.98
C PHE B 332 -9.74 -16.90 27.23
N VAL B 333 -9.55 -16.71 25.95
CA VAL B 333 -10.46 -15.93 25.20
C VAL B 333 -11.69 -16.83 24.97
N LYS B 334 -11.49 -18.05 24.51
CA LYS B 334 -12.70 -18.84 24.26
C LYS B 334 -13.67 -18.73 25.46
N ILE B 335 -13.15 -18.41 26.63
CA ILE B 335 -13.93 -18.36 27.84
C ILE B 335 -14.33 -16.97 28.10
N SER B 336 -13.39 -16.09 28.11
CA SER B 336 -13.82 -14.74 28.25
C SER B 336 -14.76 -14.18 27.07
N ILE B 337 -14.78 -14.72 25.86
CA ILE B 337 -15.93 -14.41 24.97
C ILE B 337 -17.10 -15.39 25.24
N HIS B 338 -17.29 -15.89 26.46
CA HIS B 338 -18.43 -16.82 26.75
C HIS B 338 -19.06 -16.36 28.03
N GLU B 339 -18.22 -15.75 28.89
CA GLU B 339 -18.65 -15.01 30.05
C GLU B 339 -19.52 -13.93 29.52
N VAL B 340 -18.92 -12.94 28.87
CA VAL B 340 -19.72 -11.90 28.26
C VAL B 340 -20.94 -12.41 27.45
N VAL B 341 -20.82 -13.25 26.40
CA VAL B 341 -22.07 -13.77 25.73
C VAL B 341 -22.91 -14.61 26.66
N LYS B 342 -22.47 -14.75 27.93
CA LYS B 342 -23.36 -15.27 29.01
C LYS B 342 -24.03 -14.17 29.89
N THR B 343 -23.30 -13.14 30.33
CA THR B 343 -24.11 -12.04 30.90
C THR B 343 -25.13 -11.42 29.95
N LEU B 344 -24.95 -11.51 28.63
CA LEU B 344 -25.87 -10.87 27.62
C LEU B 344 -27.27 -11.44 27.69
N VAL B 345 -27.34 -12.77 27.75
CA VAL B 345 -28.57 -13.40 28.14
C VAL B 345 -28.98 -13.10 29.56
N GLU B 346 -28.05 -13.05 30.54
CA GLU B 346 -28.51 -12.66 31.89
C GLU B 346 -28.85 -11.20 32.12
N ALA B 347 -28.51 -10.34 31.17
CA ALA B 347 -29.10 -9.00 31.04
C ALA B 347 -30.41 -9.11 30.27
N ILE B 348 -30.44 -9.60 29.01
CA ILE B 348 -31.80 -9.81 28.41
C ILE B 348 -32.77 -10.40 29.46
N ILE B 349 -32.29 -11.23 30.37
CA ILE B 349 -33.18 -11.82 31.40
C ILE B 349 -33.60 -10.79 32.48
N LEU B 350 -32.67 -10.26 33.27
CA LEU B 350 -33.06 -9.36 34.33
C LEU B 350 -33.73 -8.08 33.86
N VAL B 351 -33.88 -7.89 32.56
CA VAL B 351 -34.70 -6.80 32.07
C VAL B 351 -35.91 -7.33 31.19
N PHE B 352 -36.43 -8.44 31.72
CA PHE B 352 -37.77 -9.00 31.53
C PHE B 352 -38.42 -9.14 32.93
N LEU B 353 -37.77 -8.58 33.97
CA LEU B 353 -38.17 -8.69 35.39
C LEU B 353 -38.09 -7.30 36.08
N VAL B 354 -37.87 -6.28 35.27
CA VAL B 354 -37.98 -4.88 35.66
C VAL B 354 -38.59 -4.36 34.40
N MET B 355 -39.05 -5.31 33.61
CA MET B 355 -39.98 -5.00 32.53
C MET B 355 -41.30 -5.81 32.66
N TYR B 356 -41.72 -5.89 33.92
CA TYR B 356 -42.79 -6.74 34.35
C TYR B 356 -43.35 -6.27 35.71
N LEU B 357 -42.66 -6.51 36.85
CA LEU B 357 -43.03 -5.84 38.14
C LEU B 357 -43.23 -4.33 37.91
N PHE B 358 -43.71 -4.05 36.71
CA PHE B 358 -43.98 -2.73 36.27
C PHE B 358 -44.95 -2.93 35.13
N LEU B 359 -45.52 -4.12 35.07
CA LEU B 359 -46.60 -4.37 34.11
C LEU B 359 -47.07 -5.81 34.16
N GLN B 360 -47.69 -6.21 35.26
CA GLN B 360 -48.54 -7.37 35.23
C GLN B 360 -48.99 -7.54 33.71
N ASN B 361 -48.37 -8.50 32.99
CA ASN B 361 -48.69 -8.77 31.57
C ASN B 361 -47.52 -9.36 30.71
N PHE B 362 -47.59 -10.68 30.44
CA PHE B 362 -46.70 -11.35 29.48
C PHE B 362 -47.08 -10.84 28.09
N ARG B 363 -48.23 -11.24 27.52
CA ARG B 363 -48.81 -10.65 26.24
C ARG B 363 -48.55 -9.18 25.90
N ALA B 364 -48.11 -8.38 26.86
CA ALA B 364 -47.81 -6.95 26.63
C ALA B 364 -46.54 -6.49 27.35
N THR B 365 -45.85 -7.48 27.91
CA THR B 365 -44.43 -7.34 28.32
C THR B 365 -43.41 -7.82 27.18
N LEU B 366 -43.85 -8.60 26.20
CA LEU B 366 -42.98 -8.90 25.07
C LEU B 366 -42.61 -7.62 24.22
N ILE B 367 -43.59 -6.86 23.73
CA ILE B 367 -43.36 -5.57 22.97
C ILE B 367 -42.14 -4.59 23.33
N PRO B 368 -41.64 -4.53 24.60
CA PRO B 368 -40.36 -3.88 24.91
C PRO B 368 -39.24 -4.87 25.34
N THR B 369 -39.50 -6.16 25.16
CA THR B 369 -38.42 -7.13 25.07
C THR B 369 -38.22 -7.70 23.61
N ILE B 370 -39.14 -7.38 22.67
CA ILE B 370 -39.02 -7.70 21.21
C ILE B 370 -38.07 -6.73 20.43
N ALA B 371 -37.55 -5.69 21.10
CA ALA B 371 -36.56 -4.75 20.50
C ALA B 371 -35.22 -5.43 20.45
N VAL B 372 -34.58 -5.48 21.62
CA VAL B 372 -33.63 -6.53 22.03
C VAL B 372 -33.25 -7.37 20.76
N PRO B 373 -33.71 -8.65 20.64
CA PRO B 373 -33.71 -9.32 19.33
C PRO B 373 -33.66 -8.49 18.01
N VAL B 374 -34.65 -7.67 17.66
CA VAL B 374 -34.45 -6.85 16.44
C VAL B 374 -33.22 -5.91 16.42
N VAL B 375 -32.82 -5.34 17.58
CA VAL B 375 -31.66 -4.40 17.65
C VAL B 375 -30.25 -5.04 17.78
N LEU B 376 -30.11 -6.09 18.59
CA LEU B 376 -28.80 -6.71 18.75
C LEU B 376 -28.36 -7.22 17.40
N LEU B 377 -29.20 -8.12 16.83
CA LEU B 377 -29.05 -8.73 15.46
C LEU B 377 -29.13 -7.74 14.28
N GLY B 378 -29.27 -6.47 14.61
CA GLY B 378 -29.24 -5.43 13.64
C GLY B 378 -27.97 -4.67 13.78
N THR B 379 -27.42 -4.54 15.04
CA THR B 379 -26.00 -4.00 15.35
C THR B 379 -24.89 -4.97 14.92
N PHE B 380 -24.96 -6.20 15.46
CA PHE B 380 -24.50 -7.37 14.71
C PHE B 380 -24.65 -7.04 13.16
N ALA B 381 -25.55 -7.58 12.36
CA ALA B 381 -25.66 -6.87 11.10
C ALA B 381 -24.72 -5.57 10.81
N VAL B 382 -24.56 -4.63 11.73
CA VAL B 382 -23.77 -3.44 11.37
C VAL B 382 -22.29 -3.65 11.65
N LEU B 383 -21.98 -4.28 12.80
CA LEU B 383 -20.61 -4.79 13.05
C LEU B 383 -20.04 -5.30 11.77
N ALA B 384 -20.76 -6.25 11.15
CA ALA B 384 -20.40 -6.88 9.85
C ALA B 384 -20.30 -5.88 8.70
N ALA B 385 -21.27 -5.00 8.58
CA ALA B 385 -21.17 -4.11 7.46
C ALA B 385 -19.88 -3.32 7.63
N PHE B 386 -19.51 -2.89 8.87
CA PHE B 386 -18.22 -2.12 9.16
C PHE B 386 -17.20 -3.03 9.75
N GLY B 387 -17.50 -4.31 9.59
CA GLY B 387 -16.57 -5.40 9.75
C GLY B 387 -15.81 -5.23 11.00
N PHE B 388 -16.44 -4.84 12.09
CA PHE B 388 -15.72 -4.98 13.38
C PHE B 388 -15.97 -6.39 13.79
N SER B 389 -15.41 -6.71 14.95
CA SER B 389 -15.21 -8.09 15.41
C SER B 389 -16.24 -8.40 16.53
N ILE B 390 -16.71 -9.65 16.68
CA ILE B 390 -17.55 -9.97 17.85
C ILE B 390 -16.62 -10.07 19.02
N ASN B 391 -16.10 -8.98 19.44
CA ASN B 391 -15.10 -9.20 20.37
C ASN B 391 -15.54 -8.81 21.77
N THR B 392 -14.77 -9.01 22.85
CA THR B 392 -15.25 -8.49 24.17
C THR B 392 -15.72 -6.96 23.99
N LEU B 393 -14.82 -6.14 23.48
CA LEU B 393 -15.17 -4.76 23.49
C LEU B 393 -16.48 -4.60 22.89
N THR B 394 -16.79 -5.31 21.82
CA THR B 394 -18.15 -5.19 21.22
C THR B 394 -19.22 -5.92 22.01
N MET B 395 -18.96 -7.15 22.48
CA MET B 395 -19.91 -7.79 23.33
C MET B 395 -20.33 -6.79 24.36
N PHE B 396 -19.36 -6.14 25.04
CA PHE B 396 -19.74 -5.23 26.17
C PHE B 396 -20.85 -4.36 25.65
N GLY B 397 -20.57 -3.18 25.14
CA GLY B 397 -21.46 -2.64 24.11
C GLY B 397 -22.86 -3.29 24.04
N MET B 398 -23.07 -4.45 23.37
CA MET B 398 -24.44 -5.03 23.34
C MET B 398 -25.06 -5.52 24.69
N VAL B 399 -24.34 -5.34 25.83
CA VAL B 399 -24.87 -5.41 27.24
C VAL B 399 -25.09 -4.10 27.95
N LEU B 400 -24.20 -3.15 27.85
CA LEU B 400 -24.61 -1.78 28.07
C LEU B 400 -25.94 -1.40 27.36
N ALA B 401 -26.05 -1.66 26.07
CA ALA B 401 -27.27 -1.35 25.31
C ALA B 401 -28.42 -2.26 25.67
N ILE B 402 -28.16 -3.51 26.04
CA ILE B 402 -29.32 -4.32 26.40
C ILE B 402 -30.09 -3.58 27.51
N GLY B 403 -29.43 -2.79 28.34
CA GLY B 403 -30.21 -1.91 29.19
C GLY B 403 -30.63 -0.57 28.55
N LEU B 404 -30.35 -0.33 27.27
CA LEU B 404 -30.59 1.03 26.74
C LEU B 404 -31.47 1.11 25.52
N LEU B 405 -31.34 0.14 24.60
CA LEU B 405 -32.14 0.08 23.34
C LEU B 405 -33.57 0.21 23.71
N VAL B 406 -33.84 -0.27 24.94
CA VAL B 406 -35.16 -0.49 25.59
C VAL B 406 -36.07 0.76 25.74
N ASP B 407 -35.52 1.80 26.35
CA ASP B 407 -36.31 2.91 26.80
C ASP B 407 -37.25 3.35 25.81
N ASP B 408 -36.78 3.82 24.68
CA ASP B 408 -37.75 4.29 23.71
C ASP B 408 -38.75 3.32 23.08
N ALA B 409 -38.74 2.06 23.50
CA ALA B 409 -39.86 1.13 23.22
C ALA B 409 -40.57 0.72 24.53
N ILE B 410 -40.17 1.42 25.61
CA ILE B 410 -40.79 1.33 26.91
C ILE B 410 -41.81 2.51 26.94
N VAL B 411 -41.35 3.76 26.82
CA VAL B 411 -42.24 4.96 26.64
C VAL B 411 -43.37 4.90 25.55
N VAL B 412 -43.39 3.88 24.71
CA VAL B 412 -44.48 3.65 23.76
C VAL B 412 -45.44 2.70 24.47
N VAL B 413 -45.00 2.08 25.55
CA VAL B 413 -45.93 1.26 26.31
C VAL B 413 -46.52 1.86 27.61
N GLU B 414 -45.72 2.10 28.66
CA GLU B 414 -46.27 2.84 29.86
C GLU B 414 -47.19 4.11 29.55
N ASN B 415 -46.91 4.79 28.45
CA ASN B 415 -47.50 6.04 28.10
C ASN B 415 -48.54 5.79 27.02
N VAL B 416 -48.97 4.56 26.96
CA VAL B 416 -50.15 4.17 26.22
C VAL B 416 -50.79 3.12 27.13
N GLU B 417 -50.02 2.78 28.18
CA GLU B 417 -50.50 2.02 29.37
C GLU B 417 -51.35 2.92 30.31
N ARG B 418 -50.79 4.07 30.72
CA ARG B 418 -51.58 5.11 31.43
C ARG B 418 -52.43 5.88 30.39
N VAL B 419 -52.91 5.18 29.34
CA VAL B 419 -54.16 5.50 28.60
C VAL B 419 -55.16 4.31 28.67
N MET B 420 -55.42 3.98 29.96
CA MET B 420 -56.53 3.20 30.58
C MET B 420 -57.54 4.05 31.47
N ALA B 421 -57.07 5.14 32.09
CA ALA B 421 -57.96 6.09 32.78
C ALA B 421 -58.82 6.88 31.76
N GLU B 422 -58.33 6.91 30.51
CA GLU B 422 -58.96 7.57 29.36
C GLU B 422 -59.48 6.53 28.37
N GLU B 423 -59.54 5.25 28.77
CA GLU B 423 -59.99 4.13 27.91
C GLU B 423 -59.29 2.79 28.20
N GLY B 424 -60.03 1.81 28.74
CA GLY B 424 -59.50 0.47 29.20
C GLY B 424 -58.34 -0.39 28.60
N LEU B 425 -58.59 -1.05 27.46
CA LEU B 425 -57.47 -1.71 26.68
C LEU B 425 -57.12 -0.92 25.34
N PRO B 426 -56.15 0.03 25.42
CA PRO B 426 -55.91 1.09 24.40
C PRO B 426 -55.65 0.65 22.89
N PRO B 427 -56.62 0.81 21.97
CA PRO B 427 -56.49 0.09 20.69
C PRO B 427 -55.78 0.97 19.63
N LYS B 428 -56.04 0.74 18.32
CA LYS B 428 -55.36 1.52 17.22
C LYS B 428 -55.59 3.03 17.35
N GLU B 429 -56.08 3.40 18.53
CA GLU B 429 -56.57 4.76 18.91
C GLU B 429 -55.83 5.41 20.15
N ALA B 430 -55.53 4.59 21.17
CA ALA B 430 -54.80 5.06 22.34
C ALA B 430 -53.30 5.09 22.08
N THR B 431 -52.75 3.98 21.63
CA THR B 431 -51.47 4.07 20.99
C THR B 431 -51.59 5.35 20.16
N ARG B 432 -52.54 5.29 19.20
CA ARG B 432 -52.68 6.16 17.99
C ARG B 432 -52.61 7.63 18.33
N LYS B 433 -53.09 7.97 19.52
CA LYS B 433 -52.98 9.35 19.96
C LYS B 433 -51.73 9.56 20.79
N SER B 434 -51.29 8.50 21.50
CA SER B 434 -50.19 8.61 22.49
C SER B 434 -48.88 8.95 21.78
N MET B 435 -48.73 8.40 20.57
CA MET B 435 -47.55 8.54 19.76
C MET B 435 -47.25 10.00 19.55
N GLY B 436 -48.17 10.74 18.92
CA GLY B 436 -48.12 12.21 18.90
C GLY B 436 -47.65 12.94 20.19
N GLN B 437 -47.54 12.20 21.30
CA GLN B 437 -47.18 12.79 22.59
C GLN B 437 -45.76 12.58 23.01
N ILE B 438 -45.27 11.40 22.73
CA ILE B 438 -43.93 11.01 23.13
C ILE B 438 -42.86 11.06 21.98
N GLN B 439 -43.34 11.08 20.71
CA GLN B 439 -42.51 10.82 19.50
C GLN B 439 -41.66 12.04 19.32
N GLY B 440 -41.98 13.05 20.09
CA GLY B 440 -41.08 14.14 20.21
C GLY B 440 -39.96 13.78 21.18
N ALA B 441 -40.29 13.01 22.24
CA ALA B 441 -39.29 12.58 23.23
C ALA B 441 -38.43 11.42 22.73
N LEU B 442 -38.96 10.21 22.54
CA LEU B 442 -38.16 9.20 21.81
C LEU B 442 -36.91 9.80 21.10
N VAL B 443 -37.13 10.57 20.05
CA VAL B 443 -36.09 11.18 19.28
C VAL B 443 -35.07 11.76 20.15
N GLY B 444 -35.28 12.88 20.81
CA GLY B 444 -34.34 13.31 21.88
C GLY B 444 -33.50 12.28 22.68
N ILE B 445 -34.14 11.44 23.49
CA ILE B 445 -33.49 10.33 24.15
C ILE B 445 -32.38 9.76 23.26
N ALA B 446 -32.70 9.04 22.18
CA ALA B 446 -31.66 8.44 21.28
C ALA B 446 -30.80 9.48 20.47
N MET B 447 -31.09 10.76 20.54
CA MET B 447 -30.20 11.68 19.89
C MET B 447 -29.07 11.81 20.86
N VAL B 448 -29.36 11.65 22.15
CA VAL B 448 -28.44 12.00 23.22
C VAL B 448 -27.61 10.82 23.63
N LEU B 449 -28.22 9.66 23.74
CA LEU B 449 -27.41 8.50 23.82
C LEU B 449 -26.48 8.30 22.61
N SER B 450 -26.56 9.15 21.60
CA SER B 450 -25.63 9.01 20.51
C SER B 450 -24.61 10.11 20.64
N ALA B 451 -25.00 11.39 20.55
CA ALA B 451 -24.09 12.53 20.81
C ALA B 451 -22.84 12.21 21.63
N VAL B 452 -22.99 11.45 22.72
CA VAL B 452 -21.93 11.19 23.76
C VAL B 452 -20.80 10.19 23.45
N PHE B 453 -21.16 9.20 22.68
CA PHE B 453 -20.22 8.30 22.11
C PHE B 453 -19.66 8.65 20.70
N VAL B 454 -20.27 9.60 19.98
CA VAL B 454 -19.59 10.27 18.84
C VAL B 454 -18.11 10.54 19.18
N PRO B 455 -17.75 11.58 19.95
CA PRO B 455 -16.46 12.17 19.80
C PRO B 455 -15.45 11.12 20.16
N MET B 456 -15.71 10.16 21.04
CA MET B 456 -14.59 9.22 21.27
C MET B 456 -13.98 8.70 19.93
N ALA B 457 -14.77 7.98 19.16
CA ALA B 457 -14.36 7.49 17.85
C ALA B 457 -13.68 8.47 16.89
N PHE B 458 -13.80 9.77 17.09
CA PHE B 458 -13.16 10.67 16.12
C PHE B 458 -11.84 11.09 16.58
N PHE B 459 -11.45 10.48 17.71
CA PHE B 459 -10.19 10.73 18.39
C PHE B 459 -9.62 9.46 18.95
N GLY B 460 -8.42 9.61 19.50
CA GLY B 460 -7.78 8.57 20.31
C GLY B 460 -6.62 7.65 19.88
N GLY B 461 -5.54 7.60 20.71
CA GLY B 461 -4.47 6.55 20.73
C GLY B 461 -4.98 5.07 20.72
N SER B 462 -4.24 4.14 21.36
CA SER B 462 -4.67 2.69 21.34
C SER B 462 -5.96 2.48 22.17
N THR B 463 -6.37 3.57 22.79
CA THR B 463 -7.53 3.68 23.67
C THR B 463 -8.69 3.93 22.76
N GLY B 464 -8.53 4.90 21.84
CA GLY B 464 -9.50 5.25 20.75
C GLY B 464 -10.29 4.08 20.19
N ALA B 465 -9.78 3.37 19.23
CA ALA B 465 -9.76 1.94 19.37
C ALA B 465 -10.67 1.22 20.41
N ILE B 466 -10.44 1.50 21.69
CA ILE B 466 -11.14 0.68 22.69
C ILE B 466 -12.44 1.24 22.55
N TYR B 467 -12.61 2.55 22.89
CA TYR B 467 -13.83 3.43 22.62
C TYR B 467 -14.60 3.02 21.40
N ARG B 468 -13.98 3.23 20.24
CA ARG B 468 -14.46 2.88 18.90
C ARG B 468 -15.35 1.73 19.01
N GLN B 469 -14.78 0.59 19.33
CA GLN B 469 -15.65 -0.54 19.55
C GLN B 469 -16.96 -0.08 20.25
N PHE B 470 -16.87 0.63 21.40
CA PHE B 470 -18.13 1.10 22.05
C PHE B 470 -19.02 1.99 21.11
N SER B 471 -18.65 3.26 20.84
CA SER B 471 -19.19 4.01 19.69
C SER B 471 -19.98 3.17 18.80
N ILE B 472 -19.51 2.83 17.62
CA ILE B 472 -20.28 1.82 16.92
C ILE B 472 -21.19 0.95 17.78
N THR B 473 -20.80 0.26 18.81
CA THR B 473 -21.76 -0.77 19.23
C THR B 473 -23.19 -0.21 19.60
N ILE B 474 -23.13 0.89 20.37
CA ILE B 474 -24.23 1.63 21.07
C ILE B 474 -25.01 2.51 20.13
N VAL B 475 -24.44 3.68 19.86
CA VAL B 475 -24.86 4.46 18.75
C VAL B 475 -25.58 3.65 17.73
N SER B 476 -25.08 2.52 17.29
CA SER B 476 -25.83 1.71 16.29
C SER B 476 -26.71 0.64 16.98
N ALA B 477 -27.26 1.01 18.13
CA ALA B 477 -28.42 0.27 18.61
C ALA B 477 -29.50 1.31 18.72
N MET B 478 -29.14 2.51 19.25
CA MET B 478 -30.00 3.70 19.34
C MET B 478 -30.66 3.84 18.05
N ALA B 479 -29.99 4.52 17.14
CA ALA B 479 -30.41 4.63 15.78
C ALA B 479 -31.42 3.53 15.36
N LEU B 480 -31.20 2.26 15.76
CA LEU B 480 -32.17 1.22 15.38
C LEU B 480 -33.44 1.33 16.31
N SER B 481 -33.23 1.35 17.66
CA SER B 481 -34.35 1.41 18.69
C SER B 481 -35.41 2.41 18.26
N VAL B 482 -35.12 3.72 18.46
CA VAL B 482 -35.88 4.79 17.78
C VAL B 482 -36.58 4.24 16.50
N LEU B 483 -35.86 3.60 15.58
CA LEU B 483 -36.55 3.13 14.35
C LEU B 483 -37.52 2.05 14.66
N VAL B 484 -37.03 1.06 15.40
CA VAL B 484 -37.87 -0.03 15.82
C VAL B 484 -39.12 0.57 16.52
N ALA B 485 -38.88 1.15 17.70
CA ALA B 485 -39.96 1.57 18.61
C ALA B 485 -40.57 2.88 18.15
N LEU B 486 -40.84 2.96 16.85
CA LEU B 486 -41.60 4.06 16.26
C LEU B 486 -42.13 3.59 14.92
N ILE B 487 -41.85 2.30 14.62
CA ILE B 487 -42.40 1.54 13.48
C ILE B 487 -42.92 0.29 14.12
N LEU B 488 -42.06 -0.52 14.70
CA LEU B 488 -42.50 -1.83 15.14
C LEU B 488 -43.05 -1.84 16.56
N THR B 489 -42.73 -0.86 17.39
CA THR B 489 -43.45 -0.84 18.69
C THR B 489 -44.97 -0.48 18.61
N PRO B 490 -45.30 0.64 17.88
CA PRO B 490 -46.66 1.24 17.66
C PRO B 490 -47.76 0.37 17.05
N ALA B 491 -47.56 -0.04 15.79
CA ALA B 491 -48.35 -1.12 15.22
C ALA B 491 -48.19 -2.48 15.94
N LEU B 492 -47.64 -2.50 17.16
CA LEU B 492 -47.63 -3.70 18.03
C LEU B 492 -48.42 -3.50 19.32
N CYS B 493 -48.60 -2.25 19.73
CA CYS B 493 -49.73 -1.88 20.62
C CYS B 493 -51.10 -2.03 19.85
N ALA B 494 -51.36 -1.15 18.89
CA ALA B 494 -52.44 -1.34 17.89
C ALA B 494 -52.86 -2.79 17.37
N THR B 495 -52.50 -3.88 18.07
CA THR B 495 -53.05 -5.25 17.79
C THR B 495 -52.41 -6.32 18.60
N MET B 496 -51.36 -5.97 19.32
CA MET B 496 -50.72 -7.01 20.16
C MET B 496 -51.12 -6.73 21.61
N LEU B 497 -51.12 -5.42 21.93
CA LEU B 497 -51.83 -4.93 23.10
C LEU B 497 -53.26 -4.64 22.61
N LYS B 498 -54.21 -5.39 23.20
CA LYS B 498 -55.69 -5.22 23.12
C LYS B 498 -56.35 -5.40 24.50
N PHE B 513 -46.71 -11.12 44.84
CA PHE B 513 -46.28 -9.92 44.13
C PHE B 513 -47.31 -8.80 44.32
N GLY B 514 -48.60 -9.16 44.52
CA GLY B 514 -49.79 -8.25 44.51
C GLY B 514 -49.93 -7.02 45.44
N TRP B 515 -49.33 -7.12 46.64
CA TRP B 515 -49.03 -5.97 47.52
C TRP B 515 -47.96 -5.09 46.85
N PHE B 516 -46.86 -5.74 46.41
CA PHE B 516 -45.67 -5.19 45.66
C PHE B 516 -46.14 -4.18 44.59
N ASN B 517 -47.39 -4.41 44.16
CA ASN B 517 -48.10 -3.62 43.18
C ASN B 517 -48.37 -2.24 43.78
N ARG B 518 -49.52 -2.12 44.45
CA ARG B 518 -50.04 -0.82 44.92
C ARG B 518 -49.06 -0.17 45.93
N MET B 519 -48.35 -1.05 46.66
CA MET B 519 -47.27 -0.73 47.63
C MET B 519 -46.48 0.48 47.17
N PHE B 520 -46.39 0.61 45.88
CA PHE B 520 -45.67 1.68 45.39
C PHE B 520 -46.63 2.46 44.46
N GLU B 521 -47.60 1.77 43.83
CA GLU B 521 -48.61 2.36 42.87
C GLU B 521 -49.31 3.75 43.24
N LYS B 522 -49.31 4.05 44.53
CA LYS B 522 -49.65 5.35 45.02
C LYS B 522 -48.34 6.09 44.95
N SER B 523 -47.42 5.63 45.81
CA SER B 523 -46.13 6.24 46.17
C SER B 523 -45.63 7.35 45.30
N THR B 524 -46.24 7.44 44.11
CA THR B 524 -46.00 8.49 43.14
C THR B 524 -46.33 9.84 43.72
N HIS B 525 -47.58 10.04 44.11
CA HIS B 525 -48.06 11.29 44.77
C HIS B 525 -47.08 11.85 45.86
N HIS B 526 -46.48 10.93 46.61
CA HIS B 526 -45.53 11.22 47.68
C HIS B 526 -44.32 11.97 47.19
N TYR B 527 -43.95 11.73 45.92
CA TYR B 527 -43.05 12.63 45.22
C TYR B 527 -43.92 13.73 44.66
N THR B 528 -44.88 13.37 43.77
CA THR B 528 -45.69 14.35 42.94
C THR B 528 -46.09 15.55 43.78
N ASP B 529 -46.39 15.13 45.01
CA ASP B 529 -46.84 15.93 46.12
C ASP B 529 -45.59 16.50 46.87
N SER B 530 -44.53 15.70 47.14
CA SER B 530 -43.29 16.31 47.75
C SER B 530 -42.30 17.02 46.80
N VAL B 531 -42.69 17.12 45.52
CA VAL B 531 -41.93 17.86 44.51
C VAL B 531 -42.09 19.36 44.77
N GLY B 532 -43.38 19.73 44.95
CA GLY B 532 -43.86 21.07 45.35
C GLY B 532 -43.03 21.77 46.43
N GLY B 533 -42.59 21.01 47.45
CA GLY B 533 -41.79 21.50 48.61
C GLY B 533 -40.39 21.86 48.19
N ILE B 534 -39.99 21.16 47.15
CA ILE B 534 -38.75 21.35 46.51
C ILE B 534 -38.94 22.63 45.64
N LEU B 535 -40.13 22.77 45.07
CA LEU B 535 -40.48 23.86 44.13
C LEU B 535 -40.89 25.23 44.69
N ARG B 536 -41.98 25.29 45.43
CA ARG B 536 -42.14 26.38 46.39
C ARG B 536 -40.76 26.93 46.95
N SER B 537 -39.99 26.07 47.63
CA SER B 537 -38.62 26.40 47.99
C SER B 537 -37.92 27.17 46.83
N THR B 538 -37.94 26.59 45.60
CA THR B 538 -37.16 27.12 44.43
C THR B 538 -35.70 26.98 44.91
N GLY B 539 -34.94 28.09 44.80
CA GLY B 539 -33.48 28.20 45.11
C GLY B 539 -32.94 27.66 46.45
N ARG B 540 -33.66 26.73 47.05
CA ARG B 540 -33.30 26.30 48.37
C ARG B 540 -32.94 24.81 48.27
N TYR B 541 -31.99 24.52 47.38
CA TYR B 541 -31.79 23.19 46.75
C TYR B 541 -30.77 23.35 45.57
N LEU B 542 -30.79 24.53 44.96
CA LEU B 542 -29.73 25.01 44.12
C LEU B 542 -28.67 25.50 45.11
N VAL B 543 -28.76 25.04 46.38
CA VAL B 543 -27.69 25.19 47.42
C VAL B 543 -27.29 23.86 47.99
N LEU B 544 -27.87 22.79 47.39
CA LEU B 544 -27.47 21.35 47.51
C LEU B 544 -26.58 20.85 46.28
N TYR B 545 -26.41 21.71 45.28
CA TYR B 545 -25.83 21.30 44.04
C TYR B 545 -24.47 21.66 44.30
N LEU B 546 -24.24 22.96 44.38
CA LEU B 546 -22.95 23.45 44.86
C LEU B 546 -22.24 22.42 45.80
N ILE B 547 -23.04 21.68 46.59
CA ILE B 547 -22.59 20.60 47.50
C ILE B 547 -22.06 19.31 46.83
N ILE B 548 -23.00 18.42 46.52
CA ILE B 548 -22.94 17.45 45.43
C ILE B 548 -21.77 17.79 44.43
N VAL B 549 -21.94 18.76 43.50
CA VAL B 549 -20.87 19.28 42.57
C VAL B 549 -19.50 19.31 43.23
N VAL B 550 -19.35 20.05 44.33
CA VAL B 550 -18.04 20.12 44.95
C VAL B 550 -17.66 18.86 45.85
N GLY B 551 -18.57 17.89 45.96
CA GLY B 551 -18.15 16.52 46.24
C GLY B 551 -17.25 15.91 45.12
N MET B 552 -17.94 15.48 44.04
CA MET B 552 -17.38 15.10 42.73
C MET B 552 -15.97 15.55 42.53
N ALA B 553 -15.73 16.87 42.49
CA ALA B 553 -14.37 17.42 42.54
C ALA B 553 -13.33 16.49 43.24
N TYR B 554 -13.59 16.09 44.51
CA TYR B 554 -12.73 15.08 45.23
C TYR B 554 -12.40 13.79 44.50
N LEU B 555 -13.20 12.79 44.86
CA LEU B 555 -13.05 11.43 44.34
C LEU B 555 -12.59 11.38 42.90
N PHE B 556 -12.82 12.43 42.12
CA PHE B 556 -12.11 12.73 40.85
C PHE B 556 -10.66 12.93 41.24
N VAL B 557 -10.23 14.12 41.64
CA VAL B 557 -8.82 14.28 41.95
C VAL B 557 -8.36 13.64 43.30
N ARG B 558 -8.63 12.34 43.42
CA ARG B 558 -7.92 11.39 44.30
C ARG B 558 -7.92 9.92 43.78
N LEU B 559 -8.91 9.56 42.95
CA LEU B 559 -9.03 8.23 42.29
C LEU B 559 -7.83 7.81 41.43
N PRO B 560 -7.32 6.56 41.70
CA PRO B 560 -6.36 5.72 40.96
C PRO B 560 -6.49 5.71 39.43
N SER B 561 -5.38 5.54 38.73
CA SER B 561 -5.32 5.90 37.33
C SER B 561 -4.72 4.86 36.41
N SER B 562 -5.07 3.59 36.65
CA SER B 562 -4.54 2.44 35.87
C SER B 562 -5.28 2.29 34.51
N PHE B 563 -4.64 1.67 33.49
CA PHE B 563 -5.32 1.74 32.20
C PHE B 563 -5.92 0.45 31.72
N LEU B 564 -5.61 -0.61 32.40
CA LEU B 564 -6.53 -1.71 32.32
C LEU B 564 -6.39 -2.67 33.50
N PRO B 565 -7.38 -3.55 33.61
CA PRO B 565 -7.63 -4.63 34.55
C PRO B 565 -6.62 -5.67 34.34
N ASP B 566 -6.58 -6.71 35.17
CA ASP B 566 -5.66 -7.79 34.92
C ASP B 566 -6.16 -9.17 34.84
N GLU B 567 -7.44 -9.39 34.52
CA GLU B 567 -8.03 -10.75 34.40
C GLU B 567 -7.01 -11.89 34.56
N ASP B 568 -7.47 -13.08 34.90
CA ASP B 568 -6.55 -14.19 35.00
C ASP B 568 -6.44 -14.85 33.61
N GLN B 569 -5.24 -14.87 33.03
CA GLN B 569 -5.07 -15.36 31.68
C GLN B 569 -5.17 -16.90 31.63
N GLY B 570 -4.86 -17.51 32.78
CA GLY B 570 -4.97 -18.97 32.94
C GLY B 570 -3.59 -19.58 32.81
N VAL B 571 -2.58 -18.67 32.91
CA VAL B 571 -1.17 -18.79 32.49
C VAL B 571 -0.32 -17.54 32.88
N PHE B 572 0.98 -17.76 32.85
CA PHE B 572 1.93 -16.73 33.13
C PHE B 572 3.39 -17.30 33.06
N MET B 573 4.34 -16.39 33.25
CA MET B 573 5.75 -16.69 33.22
C MET B 573 6.46 -16.11 34.48
N THR B 574 7.72 -16.53 34.70
CA THR B 574 8.52 -16.21 35.90
C THR B 574 10.00 -16.26 35.49
N MET B 575 10.64 -15.11 35.34
CA MET B 575 11.95 -15.18 34.74
C MET B 575 13.04 -15.47 35.76
N VAL B 576 14.21 -15.87 35.28
CA VAL B 576 15.36 -16.26 36.07
C VAL B 576 16.53 -15.51 35.49
N GLN B 577 17.18 -14.69 36.31
CA GLN B 577 18.33 -13.93 35.83
C GLN B 577 19.56 -13.77 36.76
N LEU B 578 20.46 -14.76 36.66
CA LEU B 578 21.77 -14.78 37.33
C LEU B 578 22.60 -13.60 36.91
N PRO B 579 23.60 -13.26 37.76
CA PRO B 579 24.57 -12.14 37.58
C PRO B 579 25.98 -12.49 37.05
N ALA B 580 26.74 -11.46 36.67
CA ALA B 580 27.98 -11.62 35.88
C ALA B 580 28.08 -12.98 35.18
N GLY B 581 29.07 -13.19 34.34
CA GLY B 581 29.09 -14.44 33.57
C GLY B 581 28.97 -15.68 34.48
N ALA B 582 27.73 -16.03 34.82
CA ALA B 582 27.49 -17.30 35.47
C ALA B 582 26.93 -18.39 34.56
N THR B 583 27.35 -19.60 34.90
CA THR B 583 27.48 -20.68 33.95
C THR B 583 26.11 -21.15 33.44
N GLN B 584 26.09 -21.64 32.20
CA GLN B 584 25.00 -22.45 31.65
C GLN B 584 24.43 -23.43 32.65
N GLU B 585 25.24 -23.94 33.59
CA GLU B 585 24.65 -24.82 34.63
C GLU B 585 23.93 -24.00 35.72
N ARG B 586 24.70 -23.07 36.30
CA ARG B 586 24.20 -22.31 37.42
C ARG B 586 22.71 -22.13 37.12
N THR B 587 22.45 -21.59 35.92
CA THR B 587 21.08 -21.25 35.48
C THR B 587 20.28 -22.52 35.37
N GLN B 588 20.97 -23.63 35.11
CA GLN B 588 20.29 -24.88 34.96
C GLN B 588 19.75 -25.15 36.29
N LYS B 589 20.57 -24.92 37.30
CA LYS B 589 20.14 -25.33 38.63
C LYS B 589 19.05 -24.41 39.08
N VAL B 590 19.39 -23.14 39.29
CA VAL B 590 18.36 -22.21 39.77
C VAL B 590 17.15 -22.23 38.89
N LEU B 591 17.30 -22.51 37.59
CA LEU B 591 16.10 -22.78 36.79
C LEU B 591 15.33 -23.89 37.51
N ASN B 592 16.01 -25.01 37.73
CA ASN B 592 15.44 -26.14 38.48
C ASN B 592 14.92 -25.77 39.89
N GLU B 593 15.59 -24.79 40.52
CA GLU B 593 15.06 -24.27 41.76
C GLU B 593 13.58 -23.93 41.40
N VAL B 594 13.41 -23.08 40.37
CA VAL B 594 12.15 -22.44 40.04
C VAL B 594 11.06 -23.33 39.51
N THR B 595 11.44 -24.44 38.91
CA THR B 595 10.42 -25.27 38.36
C THR B 595 10.03 -26.22 39.38
N HIS B 596 10.77 -26.22 40.50
CA HIS B 596 10.51 -27.19 41.58
C HIS B 596 9.24 -26.71 42.27
N TYR B 597 9.40 -25.55 42.93
CA TYR B 597 8.34 -24.78 43.51
C TYR B 597 6.99 -25.05 42.87
N TYR B 598 6.85 -24.81 41.58
CA TYR B 598 5.56 -24.90 40.96
C TYR B 598 5.00 -26.26 40.86
N LEU B 599 5.79 -27.31 40.62
CA LEU B 599 5.19 -28.66 40.45
C LEU B 599 5.17 -29.64 41.70
N THR B 600 5.42 -29.02 42.86
CA THR B 600 5.46 -29.62 44.21
C THR B 600 4.64 -28.81 45.30
N LYS B 601 4.85 -27.50 45.38
CA LYS B 601 3.91 -26.66 46.12
C LYS B 601 2.63 -26.44 45.23
N GLU B 602 2.25 -25.21 44.93
CA GLU B 602 1.23 -24.97 43.91
C GLU B 602 0.89 -26.07 42.88
N LYS B 603 1.39 -27.30 43.10
CA LYS B 603 0.93 -28.55 42.45
C LYS B 603 -0.60 -28.58 42.43
N ASN B 604 -1.14 -27.49 42.96
CA ASN B 604 -2.57 -27.30 43.05
C ASN B 604 -3.13 -26.51 41.87
N ASN B 605 -2.38 -25.49 41.38
CA ASN B 605 -2.79 -24.76 40.10
C ASN B 605 -1.90 -25.03 38.85
N VAL B 606 -0.59 -25.05 39.07
CA VAL B 606 0.37 -25.20 38.05
C VAL B 606 0.32 -26.60 37.43
N GLU B 607 -0.36 -26.70 36.28
CA GLU B 607 -0.63 -27.93 35.52
C GLU B 607 0.62 -28.54 34.85
N SER B 608 1.57 -27.64 34.51
CA SER B 608 2.86 -27.90 33.80
C SER B 608 3.83 -26.66 33.73
N VAL B 609 5.12 -26.84 34.10
CA VAL B 609 6.10 -25.74 33.92
C VAL B 609 7.19 -25.88 32.79
N PHE B 610 7.05 -25.21 31.60
CA PHE B 610 8.07 -25.14 30.45
C PHE B 610 9.28 -24.30 30.85
N ALA B 611 10.43 -24.98 30.95
CA ALA B 611 11.68 -24.41 31.46
C ALA B 611 12.44 -23.86 30.28
N VAL B 612 12.93 -22.64 30.38
CA VAL B 612 13.65 -22.17 29.25
C VAL B 612 14.88 -21.44 29.73
N ASN B 613 15.93 -22.24 30.07
CA ASN B 613 17.33 -21.73 30.35
C ASN B 613 18.28 -21.49 29.16
N GLY B 614 18.81 -20.27 29.10
CA GLY B 614 19.76 -19.93 28.07
C GLY B 614 19.19 -18.77 27.28
N PHE B 615 17.85 -18.69 27.31
CA PHE B 615 17.05 -17.67 26.55
C PHE B 615 16.04 -16.87 27.34
N GLY B 616 16.26 -15.57 27.39
CA GLY B 616 15.34 -14.67 28.03
C GLY B 616 14.72 -13.68 27.05
N PHE B 617 13.76 -12.89 27.55
CA PHE B 617 13.22 -11.75 26.79
C PHE B 617 14.32 -10.66 26.95
N ALA B 618 14.96 -10.64 28.15
CA ALA B 618 16.06 -9.72 28.58
C ALA B 618 17.29 -9.69 27.65
N GLY B 619 18.44 -10.00 28.21
CA GLY B 619 19.50 -10.55 27.37
C GLY B 619 19.13 -11.98 26.91
N ARG B 620 19.72 -12.39 25.80
CA ARG B 620 19.90 -13.78 25.43
C ARG B 620 21.25 -13.96 26.08
N GLY B 621 21.44 -15.06 26.82
CA GLY B 621 22.69 -15.16 27.62
C GLY B 621 23.02 -16.45 28.36
N GLN B 622 24.08 -16.43 29.13
CA GLN B 622 24.36 -17.65 29.87
C GLN B 622 23.33 -17.57 30.94
N ASN B 623 23.45 -16.50 31.75
CA ASN B 623 22.81 -16.43 33.05
C ASN B 623 21.46 -15.95 32.99
N THR B 624 20.75 -16.18 31.89
CA THR B 624 19.33 -15.78 31.79
C THR B 624 18.38 -16.76 31.14
N GLY B 625 17.37 -17.14 31.94
CA GLY B 625 16.31 -18.10 31.60
C GLY B 625 14.94 -17.44 31.85
N ILE B 626 13.86 -18.08 31.33
CA ILE B 626 12.45 -17.92 31.79
C ILE B 626 11.82 -19.24 31.67
N ALA B 627 10.56 -19.28 32.15
CA ALA B 627 9.84 -20.53 32.31
C ALA B 627 8.38 -20.28 32.31
N PHE B 628 7.68 -20.71 31.24
CA PHE B 628 6.26 -20.37 30.89
C PHE B 628 5.23 -21.26 31.54
N VAL B 629 4.65 -20.70 32.64
CA VAL B 629 3.86 -21.46 33.69
C VAL B 629 2.36 -21.63 33.45
N SER B 630 1.99 -22.87 33.14
CA SER B 630 0.64 -23.12 32.63
C SER B 630 -0.20 -23.65 33.81
N LEU B 631 -1.37 -23.00 34.03
CA LEU B 631 -2.24 -23.33 35.18
C LEU B 631 -3.29 -24.41 34.93
N LYS B 632 -3.72 -25.02 36.03
CA LYS B 632 -4.69 -26.10 36.01
C LYS B 632 -5.88 -25.58 35.29
N ASP B 633 -6.91 -26.37 35.04
CA ASP B 633 -8.02 -25.92 34.24
C ASP B 633 -8.65 -24.60 34.80
N TRP B 634 -9.84 -24.17 34.32
CA TRP B 634 -10.62 -22.96 34.87
C TRP B 634 -11.60 -23.18 36.09
N ALA B 635 -12.22 -24.35 36.07
CA ALA B 635 -13.01 -24.96 37.16
C ALA B 635 -12.21 -25.78 38.26
N ASP B 636 -10.90 -25.84 38.22
CA ASP B 636 -10.25 -26.63 39.23
C ASP B 636 -9.67 -25.59 40.12
N ARG B 637 -10.05 -24.38 39.76
CA ARG B 637 -9.52 -23.25 40.40
C ARG B 637 -10.71 -22.54 40.94
N PRO B 638 -10.80 -22.45 42.31
CA PRO B 638 -11.70 -21.67 43.18
C PRO B 638 -11.29 -20.23 43.48
N GLY B 639 -10.70 -20.00 44.64
CA GLY B 639 -10.56 -18.65 45.14
C GLY B 639 -9.36 -17.87 44.66
N GLU B 640 -8.97 -16.88 45.46
CA GLU B 640 -7.90 -15.89 45.22
C GLU B 640 -6.42 -16.41 45.32
N GLU B 641 -6.19 -17.23 46.31
CA GLU B 641 -5.01 -18.04 46.40
C GLU B 641 -4.97 -19.12 45.27
N ASN B 642 -6.01 -19.14 44.42
CA ASN B 642 -6.04 -19.91 43.12
C ASN B 642 -6.10 -19.00 41.82
N LYS B 643 -5.66 -17.75 42.01
CA LYS B 643 -5.46 -16.80 40.92
C LYS B 643 -4.03 -16.24 40.80
N VAL B 644 -3.76 -16.04 39.54
CA VAL B 644 -2.66 -15.33 38.99
C VAL B 644 -1.97 -14.50 40.08
N GLU B 645 -2.63 -13.43 40.53
CA GLU B 645 -2.01 -12.30 41.32
C GLU B 645 -1.07 -12.76 42.45
N ALA B 646 -1.54 -13.84 43.07
CA ALA B 646 -1.01 -14.42 44.25
C ALA B 646 -0.21 -15.62 43.77
N ILE B 647 -0.83 -16.62 43.14
CA ILE B 647 -0.04 -17.79 42.68
C ILE B 647 1.40 -17.32 42.45
N THR B 648 1.49 -16.13 41.84
CA THR B 648 2.70 -15.42 41.41
C THR B 648 3.21 -14.46 42.45
N MET B 649 2.32 -13.95 43.30
CA MET B 649 2.72 -13.21 44.53
C MET B 649 3.59 -14.12 45.40
N ARG B 650 2.94 -15.13 45.95
CA ARG B 650 3.60 -16.33 46.47
C ARG B 650 4.94 -16.68 45.76
N ALA B 651 4.89 -17.19 44.54
CA ALA B 651 6.09 -17.60 43.82
C ALA B 651 7.26 -16.64 43.78
N THR B 652 7.03 -15.34 43.67
CA THR B 652 8.17 -14.45 43.48
C THR B 652 8.76 -14.26 44.86
N ARG B 653 7.81 -14.13 45.77
CA ARG B 653 8.02 -14.19 47.20
C ARG B 653 8.73 -15.51 47.69
N ALA B 654 8.22 -16.71 47.33
CA ALA B 654 8.99 -17.96 47.47
C ALA B 654 10.43 -17.81 46.90
N PHE B 655 10.82 -18.33 45.70
CA PHE B 655 12.18 -18.06 45.08
C PHE B 655 13.02 -16.84 45.65
N SER B 656 12.35 -15.69 45.89
CA SER B 656 12.86 -14.55 46.72
C SER B 656 14.38 -14.25 46.68
N GLN B 657 14.99 -14.36 47.87
CA GLN B 657 16.43 -14.14 48.08
C GLN B 657 17.00 -15.45 48.60
N ILE B 658 16.55 -16.55 47.96
CA ILE B 658 17.01 -17.92 48.26
C ILE B 658 18.25 -18.37 47.40
N LYS B 659 19.05 -17.42 46.87
CA LYS B 659 20.22 -17.74 46.01
C LYS B 659 20.83 -16.45 45.49
N ASP B 660 21.60 -16.51 44.39
CA ASP B 660 22.15 -15.29 43.72
C ASP B 660 21.68 -15.19 42.29
N ALA B 661 20.36 -14.93 42.22
CA ALA B 661 19.44 -14.96 41.06
C ALA B 661 18.33 -13.96 41.34
N MET B 662 18.11 -13.02 40.41
CA MET B 662 16.78 -12.39 40.31
C MET B 662 15.88 -13.51 39.72
N VAL B 663 14.71 -13.68 40.35
CA VAL B 663 13.63 -14.46 39.82
C VAL B 663 12.49 -13.61 40.22
N PHE B 664 11.54 -13.36 39.32
CA PHE B 664 10.23 -12.87 39.69
C PHE B 664 9.25 -13.60 38.82
N ALA B 665 7.96 -13.33 39.04
CA ALA B 665 6.93 -14.01 38.27
C ALA B 665 5.78 -13.06 38.05
N PHE B 666 5.14 -13.03 36.87
CA PHE B 666 3.99 -12.09 36.68
C PHE B 666 2.77 -12.42 35.80
N ASN B 667 1.92 -11.41 35.66
CA ASN B 667 0.79 -11.47 34.80
C ASN B 667 1.00 -10.58 33.56
N LEU B 668 0.14 -10.83 32.58
CA LEU B 668 0.22 -10.33 31.23
C LEU B 668 -1.01 -9.40 31.02
N PRO B 669 -0.79 -8.09 30.77
CA PRO B 669 -1.92 -7.11 30.48
C PRO B 669 -2.87 -7.29 29.23
N ALA B 670 -2.90 -6.31 28.34
CA ALA B 670 -3.39 -6.56 26.98
C ALA B 670 -2.11 -6.23 26.24
N ILE B 671 -1.51 -7.35 25.75
CA ILE B 671 0.00 -7.57 25.58
C ILE B 671 0.63 -6.92 24.38
N VAL B 672 0.82 -7.73 23.33
CA VAL B 672 1.19 -7.26 22.01
C VAL B 672 2.21 -6.02 22.08
N GLU B 673 2.70 -5.74 23.32
CA GLU B 673 3.46 -4.51 23.77
C GLU B 673 4.36 -4.79 24.94
N LEU B 674 5.50 -4.05 24.94
CA LEU B 674 6.91 -4.45 25.43
C LEU B 674 7.23 -5.84 26.17
N GLY B 675 6.35 -6.87 25.95
CA GLY B 675 6.48 -8.25 26.48
C GLY B 675 6.02 -8.50 27.90
N THR B 676 4.90 -9.20 27.99
CA THR B 676 4.22 -9.46 29.24
C THR B 676 5.02 -9.03 30.48
N ALA B 677 4.50 -8.01 31.17
CA ALA B 677 5.28 -7.27 32.18
C ALA B 677 4.40 -6.76 33.30
N THR B 678 3.20 -6.25 32.95
CA THR B 678 2.26 -5.85 34.02
C THR B 678 2.67 -4.56 34.78
N GLY B 679 3.94 -4.16 34.79
CA GLY B 679 4.26 -2.98 35.58
C GLY B 679 4.25 -1.73 34.75
N PHE B 680 5.43 -1.45 34.25
CA PHE B 680 5.71 -0.22 33.53
C PHE B 680 7.18 -0.27 32.88
N ASP B 681 7.36 0.37 31.74
CA ASP B 681 8.62 0.43 31.10
C ASP B 681 8.99 1.83 31.41
N PHE B 682 9.93 2.06 32.32
CA PHE B 682 10.51 3.39 32.44
C PHE B 682 11.83 3.61 31.61
N GLU B 683 11.98 4.61 30.75
CA GLU B 683 13.29 4.71 30.06
C GLU B 683 14.18 5.76 30.75
N LEU B 684 15.37 5.35 31.14
CA LEU B 684 16.28 6.30 31.76
C LEU B 684 17.27 6.90 30.75
N ILE B 685 16.76 7.80 29.94
CA ILE B 685 17.44 8.42 28.82
C ILE B 685 18.73 9.32 29.12
N ASP B 686 19.92 8.94 28.72
CA ASP B 686 21.11 9.73 29.01
C ASP B 686 21.18 11.06 28.19
N GLN B 687 20.44 12.07 28.59
CA GLN B 687 20.25 13.23 27.70
C GLN B 687 21.43 14.11 27.37
N ALA B 688 22.59 13.86 27.99
CA ALA B 688 23.90 14.54 27.66
C ALA B 688 25.21 13.99 28.32
N GLY B 689 25.10 13.72 29.64
CA GLY B 689 26.20 13.22 30.50
C GLY B 689 26.89 11.98 29.96
N LEU B 690 27.66 11.31 30.84
CA LEU B 690 28.71 10.36 30.38
C LEU B 690 28.10 9.01 30.07
N GLY B 691 28.17 8.59 28.78
CA GLY B 691 27.72 7.29 28.27
C GLY B 691 27.30 6.29 29.35
N HIS B 692 27.95 5.14 29.41
CA HIS B 692 27.53 4.06 30.29
C HIS B 692 27.92 4.43 31.68
N GLU B 693 29.23 4.50 31.89
CA GLU B 693 29.82 5.22 33.00
C GLU B 693 28.78 5.85 33.98
N LYS B 694 28.58 7.15 33.74
CA LYS B 694 27.76 8.03 34.58
C LYS B 694 26.28 7.59 34.60
N LEU B 695 25.82 6.95 33.55
CA LEU B 695 24.41 6.64 33.53
C LEU B 695 24.20 5.57 34.56
N THR B 696 25.04 4.51 34.47
CA THR B 696 24.83 3.23 35.22
C THR B 696 24.76 3.55 36.69
N GLN B 697 25.57 4.52 37.13
CA GLN B 697 25.50 5.06 38.47
C GLN B 697 24.10 5.63 38.73
N ALA B 698 23.76 6.68 37.98
CA ALA B 698 22.49 7.35 38.12
C ALA B 698 21.37 6.31 38.05
N ARG B 699 21.64 5.22 37.36
CA ARG B 699 20.70 4.11 37.26
C ARG B 699 20.48 3.31 38.59
N ASN B 700 21.60 3.13 39.31
CA ASN B 700 21.63 2.35 40.54
C ASN B 700 21.19 3.30 41.63
N GLN B 701 21.77 4.50 41.61
CA GLN B 701 21.36 5.41 42.62
C GLN B 701 19.94 5.88 42.29
N LEU B 702 19.17 5.02 41.58
CA LEU B 702 17.74 5.21 41.22
C LEU B 702 16.81 4.17 41.88
N LEU B 703 17.16 2.90 41.80
CA LEU B 703 16.61 1.92 42.75
C LEU B 703 16.82 2.41 44.17
N ALA B 704 18.01 2.94 44.43
CA ALA B 704 18.23 3.67 45.67
C ALA B 704 16.84 4.08 46.33
N GLU B 705 15.98 4.73 45.58
CA GLU B 705 14.74 5.23 46.15
C GLU B 705 13.54 4.42 45.75
N ALA B 706 13.69 3.48 44.88
CA ALA B 706 12.46 2.87 44.43
C ALA B 706 12.14 1.74 45.40
N ALA B 707 13.03 1.64 46.39
CA ALA B 707 12.92 0.62 47.47
C ALA B 707 12.37 1.31 48.72
N LYS B 708 12.66 2.61 48.81
CA LYS B 708 12.12 3.44 49.89
C LYS B 708 10.54 3.59 49.87
N HIS B 709 9.78 2.83 49.05
CA HIS B 709 8.28 2.99 49.06
C HIS B 709 7.52 1.70 48.86
N PRO B 710 8.00 0.58 49.44
CA PRO B 710 7.57 -0.86 49.22
C PRO B 710 6.11 -1.16 49.54
N ASP B 711 5.26 -0.20 49.27
CA ASP B 711 3.82 -0.38 49.18
C ASP B 711 3.46 -0.13 47.73
N MET B 712 3.79 1.09 47.27
CA MET B 712 3.85 1.42 45.84
C MET B 712 4.74 0.32 45.13
N LEU B 713 5.81 0.77 44.51
CA LEU B 713 6.91 -0.06 44.03
C LEU B 713 7.07 -1.53 44.53
N THR B 714 6.82 -2.50 43.64
CA THR B 714 7.10 -3.94 43.93
C THR B 714 8.11 -4.80 43.06
N SER B 715 8.69 -4.31 41.97
CA SER B 715 9.78 -5.10 41.38
C SER B 715 10.58 -4.28 40.45
N VAL B 716 10.85 -3.08 40.90
CA VAL B 716 11.52 -2.15 40.06
C VAL B 716 12.92 -2.61 39.70
N ARG B 717 13.03 -3.27 38.54
CA ARG B 717 14.30 -3.80 38.04
C ARG B 717 14.71 -3.16 36.72
N PRO B 718 16.07 -3.05 36.48
CA PRO B 718 16.49 -3.10 35.04
C PRO B 718 15.89 -4.28 34.21
N ASN B 719 15.73 -3.96 32.95
CA ASN B 719 15.37 -4.95 32.03
C ASN B 719 16.60 -5.56 31.47
N GLY B 720 17.60 -4.71 31.21
CA GLY B 720 18.97 -5.10 30.79
C GLY B 720 19.95 -5.63 31.84
N LEU B 721 21.23 -5.68 31.43
CA LEU B 721 22.22 -6.56 32.08
C LEU B 721 23.49 -5.81 32.61
N GLU B 722 24.05 -6.38 33.64
CA GLU B 722 25.10 -5.67 34.32
C GLU B 722 26.40 -5.94 33.59
N ASP B 723 27.30 -4.92 33.52
CA ASP B 723 28.62 -4.96 32.79
C ASP B 723 29.41 -6.24 33.05
N THR B 724 30.38 -6.55 32.22
CA THR B 724 30.91 -7.88 32.42
C THR B 724 32.45 -7.89 32.61
N PRO B 725 32.99 -9.00 33.17
CA PRO B 725 34.40 -9.32 32.97
C PRO B 725 34.74 -9.72 31.48
N GLN B 726 35.59 -8.95 30.83
CA GLN B 726 35.93 -9.37 29.52
C GLN B 726 37.35 -9.80 29.62
N PHE B 727 37.65 -10.92 28.96
CA PHE B 727 39.05 -11.34 28.74
C PHE B 727 39.74 -10.88 27.43
N LYS B 728 40.85 -10.15 27.50
CA LYS B 728 41.41 -9.60 26.27
C LYS B 728 42.74 -10.25 25.78
N ILE B 729 42.61 -11.42 25.14
CA ILE B 729 43.72 -11.98 24.40
C ILE B 729 44.29 -10.93 23.46
N ASP B 730 45.58 -11.02 23.16
CA ASP B 730 46.32 -9.88 22.54
C ASP B 730 47.59 -10.27 21.70
N ILE B 731 47.43 -10.51 20.40
CA ILE B 731 48.57 -10.79 19.57
C ILE B 731 49.41 -9.56 19.33
N ASP B 732 50.66 -9.72 18.90
CA ASP B 732 51.60 -8.57 18.75
C ASP B 732 52.47 -8.67 17.55
N GLN B 733 51.87 -8.28 16.44
CA GLN B 733 52.15 -8.89 15.18
C GLN B 733 53.59 -9.22 14.88
N GLU B 734 54.46 -8.24 15.18
CA GLU B 734 55.95 -8.33 15.02
C GLU B 734 56.72 -9.44 15.85
N LYS B 735 56.15 -9.85 16.97
CA LYS B 735 56.63 -11.04 17.61
C LYS B 735 56.55 -12.16 16.55
N ALA B 736 55.36 -12.66 16.23
CA ALA B 736 55.11 -13.74 15.22
C ALA B 736 55.57 -13.54 13.75
N GLN B 737 55.40 -12.34 13.21
CA GLN B 737 55.97 -11.96 11.90
C GLN B 737 57.46 -11.69 12.05
N ALA B 738 58.06 -12.41 12.99
CA ALA B 738 59.49 -12.63 13.12
C ALA B 738 59.65 -14.15 13.39
N LEU B 739 58.59 -14.79 13.92
CA LEU B 739 58.58 -16.24 14.19
C LEU B 739 57.83 -16.96 13.11
N GLY B 740 57.75 -16.28 11.95
CA GLY B 740 57.24 -16.82 10.69
C GLY B 740 55.85 -17.46 10.71
N VAL B 741 54.93 -16.86 11.49
CA VAL B 741 53.50 -17.27 11.61
C VAL B 741 52.64 -16.19 11.01
N SER B 742 51.90 -16.54 9.93
CA SER B 742 51.08 -15.54 9.22
C SER B 742 49.93 -15.14 10.12
N ILE B 743 49.82 -13.81 10.38
CA ILE B 743 48.82 -13.22 11.30
C ILE B 743 47.39 -13.67 11.07
N ASN B 744 46.92 -13.75 9.84
CA ASN B 744 45.75 -14.61 9.60
C ASN B 744 45.59 -15.85 10.42
N ASP B 745 46.57 -16.75 10.31
CA ASP B 745 46.47 -18.09 10.91
C ASP B 745 46.22 -17.96 12.37
N ILE B 746 47.05 -17.13 13.03
CA ILE B 746 46.90 -16.94 14.45
C ILE B 746 45.41 -16.88 14.60
N ASN B 747 44.77 -15.90 13.91
CA ASN B 747 43.35 -15.61 14.13
C ASN B 747 42.45 -16.77 13.70
N THR B 748 42.80 -17.49 12.60
CA THR B 748 41.90 -18.58 12.09
C THR B 748 41.95 -19.69 13.05
N THR B 749 42.94 -19.62 13.92
CA THR B 749 43.18 -20.61 14.96
C THR B 749 42.70 -20.08 16.31
N LEU B 750 43.02 -18.82 16.62
CA LEU B 750 42.51 -18.32 17.86
C LEU B 750 41.03 -18.51 17.84
N GLY B 751 40.41 -17.94 16.81
CA GLY B 751 39.00 -18.07 16.54
C GLY B 751 38.52 -19.51 16.48
N ALA B 752 38.62 -20.14 15.30
CA ALA B 752 37.95 -21.44 15.05
C ALA B 752 38.06 -22.50 16.13
N ALA B 753 38.55 -22.09 17.27
CA ALA B 753 39.03 -23.05 18.20
C ALA B 753 38.12 -22.94 19.32
N TRP B 754 38.18 -21.71 19.80
CA TRP B 754 37.40 -21.18 20.83
C TRP B 754 36.08 -20.70 20.31
N GLY B 755 36.10 -20.07 19.12
CA GLY B 755 34.90 -19.44 18.51
C GLY B 755 33.93 -20.43 17.86
N GLY B 756 34.47 -21.48 17.22
CA GLY B 756 33.79 -22.34 16.20
C GLY B 756 33.73 -21.61 14.84
N SER B 757 33.92 -22.26 13.71
CA SER B 757 33.62 -21.42 12.58
C SER B 757 32.60 -22.14 11.83
N TYR B 758 31.69 -21.42 11.19
CA TYR B 758 30.80 -22.07 10.28
C TYR B 758 31.76 -22.21 9.17
N VAL B 759 31.62 -23.32 8.47
CA VAL B 759 32.63 -23.88 7.59
C VAL B 759 32.08 -24.07 6.16
N ASN B 760 30.98 -24.79 6.08
CA ASN B 760 30.53 -25.20 4.83
C ASN B 760 29.28 -26.09 5.14
N ASP B 761 28.51 -26.51 4.16
CA ASP B 761 27.26 -27.19 4.46
C ASP B 761 27.15 -28.60 3.90
N PHE B 762 26.15 -29.34 4.41
CA PHE B 762 25.94 -30.74 3.99
C PHE B 762 24.52 -31.30 3.91
N ILE B 763 24.23 -32.25 3.10
CA ILE B 763 22.96 -32.87 3.13
C ILE B 763 22.74 -33.76 4.37
N ASP B 764 21.77 -33.53 5.32
CA ASP B 764 21.48 -34.49 6.46
C ASP B 764 20.13 -34.88 6.39
N ARG B 765 20.04 -36.16 6.24
CA ARG B 765 18.79 -36.76 5.98
C ARG B 765 18.03 -36.10 4.84
N GLY B 766 18.69 -35.21 4.06
CA GLY B 766 18.08 -34.68 2.85
C GLY B 766 17.97 -33.19 2.94
N ARG B 767 18.45 -32.64 3.99
CA ARG B 767 18.03 -31.32 4.17
C ARG B 767 19.16 -30.57 4.50
N VAL B 768 19.53 -29.73 3.63
CA VAL B 768 20.76 -29.09 3.80
C VAL B 768 21.04 -28.69 5.21
N LYS B 769 22.18 -28.89 5.85
CA LYS B 769 22.40 -28.37 7.23
C LYS B 769 23.78 -27.89 7.48
N LYS B 770 24.12 -27.59 8.74
CA LYS B 770 25.46 -26.96 8.96
C LYS B 770 26.75 -27.83 9.15
N VAL B 771 27.89 -27.13 9.08
CA VAL B 771 29.09 -27.84 9.18
C VAL B 771 30.05 -26.96 9.76
N TYR B 772 30.13 -27.10 11.04
CA TYR B 772 30.92 -26.23 11.86
C TYR B 772 32.13 -26.98 12.52
N VAL B 773 33.08 -26.24 13.11
CA VAL B 773 34.35 -26.75 13.50
C VAL B 773 34.65 -25.89 14.71
N MET B 774 34.97 -26.54 15.82
CA MET B 774 35.19 -25.85 17.12
C MET B 774 36.10 -26.70 18.04
N SER B 775 36.79 -26.10 19.04
CA SER B 775 37.50 -26.98 20.00
C SER B 775 36.59 -27.79 20.88
N GLU B 776 37.04 -28.95 21.32
CA GLU B 776 36.38 -29.51 22.46
C GLU B 776 36.34 -28.57 23.65
N ALA B 777 35.30 -28.70 24.43
CA ALA B 777 35.22 -27.99 25.67
C ALA B 777 36.53 -27.90 26.52
N LYS B 778 37.03 -29.09 26.94
CA LYS B 778 38.27 -29.39 27.74
C LYS B 778 39.46 -28.48 27.44
N TYR B 779 39.42 -27.88 26.23
CA TYR B 779 40.45 -26.94 25.72
C TYR B 779 39.89 -25.58 25.37
N ARG B 780 38.67 -25.23 25.88
CA ARG B 780 38.03 -23.94 25.55
C ARG B 780 37.77 -23.06 26.70
N MET B 781 37.69 -23.71 27.85
CA MET B 781 37.43 -23.05 29.13
C MET B 781 38.47 -22.03 29.70
N LEU B 782 39.30 -22.44 30.64
CA LEU B 782 40.08 -21.48 31.42
C LEU B 782 41.24 -20.86 30.62
N PRO B 783 41.76 -19.72 31.13
CA PRO B 783 42.73 -18.86 30.39
C PRO B 783 43.97 -19.61 29.89
N ASP B 784 44.50 -20.42 30.78
CA ASP B 784 45.78 -21.04 30.56
C ASP B 784 45.69 -22.05 29.52
N ASP B 785 44.51 -22.61 29.37
CA ASP B 785 44.17 -23.27 28.11
C ASP B 785 44.86 -22.57 26.99
N ILE B 786 44.46 -21.34 26.75
CA ILE B 786 44.97 -20.62 25.63
C ILE B 786 46.18 -21.31 25.03
N GLY B 787 47.20 -21.56 25.85
CA GLY B 787 48.44 -22.15 25.37
C GLY B 787 48.30 -23.36 24.45
N ASP B 788 47.54 -24.35 24.92
CA ASP B 788 47.37 -25.72 24.30
C ASP B 788 47.15 -25.79 22.78
N TRP B 789 47.05 -24.56 22.25
CA TRP B 789 46.86 -24.21 20.87
C TRP B 789 48.17 -23.64 20.47
N TYR B 790 48.83 -24.46 19.68
CA TYR B 790 50.04 -24.02 19.06
C TYR B 790 49.68 -23.75 17.59
N VAL B 791 50.56 -23.00 16.90
CA VAL B 791 50.38 -22.46 15.54
C VAL B 791 51.59 -22.77 14.63
N ARG B 792 51.35 -23.48 13.53
CA ARG B 792 52.41 -23.70 12.59
C ARG B 792 52.98 -22.33 12.21
N ALA B 793 54.31 -22.28 12.02
CA ALA B 793 55.05 -21.07 11.59
C ALA B 793 55.68 -21.35 10.22
N ALA B 794 56.02 -20.28 9.47
CA ALA B 794 56.55 -20.42 8.10
C ALA B 794 57.65 -21.53 7.86
N ASP B 795 58.66 -21.68 8.77
CA ASP B 795 59.68 -22.80 8.71
C ASP B 795 59.05 -24.19 8.79
N GLY B 796 58.37 -24.51 9.90
CA GLY B 796 57.66 -25.79 10.02
C GLY B 796 57.63 -26.19 11.48
N GLN B 797 57.85 -25.20 12.35
CA GLN B 797 57.77 -25.39 13.80
C GLN B 797 56.48 -24.85 14.37
N MET B 798 55.71 -25.67 15.11
CA MET B 798 54.42 -25.22 15.72
C MET B 798 54.59 -24.24 16.89
N VAL B 799 53.92 -23.10 16.85
CA VAL B 799 54.23 -22.04 17.80
C VAL B 799 53.16 -21.88 18.87
N PRO B 800 53.53 -21.85 20.17
CA PRO B 800 52.47 -21.56 21.19
C PRO B 800 52.16 -20.06 21.30
N PHE B 801 50.93 -19.68 21.67
CA PHE B 801 50.59 -18.22 21.65
C PHE B 801 51.50 -17.32 22.56
N SER B 802 51.69 -17.72 23.83
CA SER B 802 52.70 -17.13 24.81
C SER B 802 54.14 -16.89 24.23
N ALA B 803 54.22 -17.13 22.91
CA ALA B 803 55.37 -16.89 22.05
C ALA B 803 55.13 -15.59 21.36
N PHE B 804 53.87 -15.14 21.32
CA PHE B 804 53.55 -13.88 20.68
C PHE B 804 52.41 -13.11 21.32
N SER B 805 51.53 -13.74 22.07
CA SER B 805 50.42 -12.93 22.62
C SER B 805 50.49 -12.71 24.14
N SER B 806 49.82 -11.68 24.63
CA SER B 806 49.70 -11.54 26.05
C SER B 806 48.31 -11.90 26.46
N SER B 807 47.65 -10.93 27.12
CA SER B 807 46.35 -11.05 27.83
C SER B 807 46.25 -10.02 29.02
N ARG B 808 45.04 -9.95 29.62
CA ARG B 808 44.62 -8.92 30.58
C ARG B 808 43.08 -8.93 30.70
N TRP B 809 42.56 -8.10 31.60
CA TRP B 809 41.11 -8.04 31.87
C TRP B 809 40.48 -6.63 31.83
N GLU B 810 39.35 -6.55 31.13
CA GLU B 810 38.57 -5.30 31.06
C GLU B 810 37.10 -5.60 31.37
N TYR B 811 36.35 -4.50 31.59
CA TYR B 811 34.94 -4.52 31.95
C TYR B 811 34.20 -3.55 31.03
N GLY B 812 33.69 -4.05 29.90
CA GLY B 812 32.74 -3.30 29.09
C GLY B 812 31.38 -3.63 29.68
N SER B 813 30.32 -3.61 28.87
CA SER B 813 29.02 -4.21 29.26
C SER B 813 28.62 -5.34 28.29
N PRO B 814 27.58 -6.10 28.56
CA PRO B 814 26.94 -6.91 27.51
C PRO B 814 25.67 -6.36 26.78
N ARG B 815 25.02 -5.36 27.39
CA ARG B 815 23.71 -4.85 26.98
C ARG B 815 23.70 -3.38 27.06
N LEU B 816 24.03 -2.73 25.93
CA LEU B 816 23.87 -1.27 25.79
C LEU B 816 22.58 -1.08 25.09
N GLU B 817 21.66 -0.37 25.75
CA GLU B 817 20.36 -0.05 25.17
C GLU B 817 20.35 1.40 24.70
N ARG B 818 19.30 1.72 23.99
CA ARG B 818 19.09 3.06 23.47
C ARG B 818 17.60 3.26 23.28
N TYR B 819 17.18 4.48 23.56
CA TYR B 819 15.82 4.82 23.40
C TYR B 819 15.96 6.14 22.77
N ASN B 820 15.04 6.34 21.80
CA ASN B 820 15.08 7.25 20.64
C ASN B 820 16.48 7.72 20.40
N GLY B 821 17.24 6.81 19.76
CA GLY B 821 18.69 6.97 19.47
C GLY B 821 19.61 7.78 20.39
N LEU B 822 19.06 8.07 21.59
CA LEU B 822 19.76 8.59 22.74
C LEU B 822 20.11 7.24 23.34
N PRO B 823 21.04 7.26 24.33
CA PRO B 823 21.56 6.11 25.05
C PRO B 823 20.91 5.96 26.37
N SER B 824 20.23 4.85 26.59
CA SER B 824 19.43 4.67 27.80
C SER B 824 19.22 3.25 28.36
N MET B 825 18.99 3.16 29.67
CA MET B 825 18.48 1.93 30.30
C MET B 825 16.96 1.83 30.58
N GLU B 826 16.37 0.65 30.36
CA GLU B 826 14.96 0.41 30.56
C GLU B 826 14.73 -0.28 31.87
N ILE B 827 13.88 0.33 32.72
CA ILE B 827 13.39 -0.20 34.07
C ILE B 827 11.93 -0.71 34.20
N LEU B 828 11.80 -1.92 34.72
CA LEU B 828 10.51 -2.54 34.83
C LEU B 828 10.17 -2.46 36.24
N GLY B 829 9.21 -3.30 36.65
CA GLY B 829 8.55 -3.06 37.93
C GLY B 829 7.07 -2.65 38.00
N GLN B 830 6.37 -3.32 38.92
CA GLN B 830 4.97 -2.99 39.26
C GLN B 830 4.68 -2.51 40.71
N ALA B 831 3.40 -2.64 41.07
CA ALA B 831 2.69 -1.85 42.11
C ALA B 831 1.18 -2.31 42.22
N ALA B 832 0.91 -3.54 41.71
CA ALA B 832 -0.33 -4.34 41.97
C ALA B 832 -0.90 -4.40 43.43
N PRO B 833 -0.03 -4.49 44.56
CA PRO B 833 -0.51 -4.29 45.95
C PRO B 833 -0.61 -2.72 46.18
N GLY B 834 0.49 -1.96 45.93
CA GLY B 834 0.38 -0.50 45.77
C GLY B 834 -1.07 -0.06 45.57
N LYS B 835 -1.55 -0.15 44.32
CA LYS B 835 -2.92 0.26 43.87
C LYS B 835 -3.06 0.31 42.30
N SER B 836 -2.78 1.51 41.75
CA SER B 836 -2.81 1.85 40.29
C SER B 836 -1.46 2.26 39.67
N THR B 837 -1.13 1.48 38.64
CA THR B 837 -0.02 1.64 37.74
C THR B 837 0.30 3.09 37.53
N GLY B 838 -0.75 3.94 37.76
CA GLY B 838 -0.79 5.40 37.49
C GLY B 838 -0.29 6.16 38.69
N GLU B 839 -0.37 5.46 39.81
CA GLU B 839 0.33 5.87 41.03
C GLU B 839 1.84 5.54 41.01
N ALA B 840 2.20 4.25 40.91
CA ALA B 840 3.64 3.84 40.85
C ALA B 840 4.47 4.50 39.67
N MET B 841 3.83 4.69 38.51
CA MET B 841 4.31 5.63 37.47
C MET B 841 4.58 7.04 38.12
N GLU B 842 3.53 7.72 38.61
CA GLU B 842 3.65 9.09 39.19
C GLU B 842 4.84 9.23 40.19
N LEU B 843 4.85 8.33 41.18
CA LEU B 843 5.96 8.12 42.10
C LEU B 843 7.26 8.00 41.33
N MET B 844 7.32 7.00 40.43
CA MET B 844 8.50 6.85 39.67
C MET B 844 8.75 8.27 39.20
N GLU B 845 7.69 8.94 38.69
CA GLU B 845 7.81 10.21 37.92
C GLU B 845 8.57 11.36 38.61
N GLN B 846 8.43 11.38 39.94
CA GLN B 846 9.13 12.32 40.77
C GLN B 846 10.55 11.84 41.09
N LEU B 847 10.63 10.53 41.43
CA LEU B 847 11.88 9.82 41.73
C LEU B 847 12.86 9.97 40.64
N ALA B 848 12.49 9.46 39.47
CA ALA B 848 13.13 9.81 38.21
C ALA B 848 13.89 11.11 38.35
N SER B 849 13.17 12.24 38.46
CA SER B 849 13.73 13.63 38.39
C SER B 849 14.88 14.08 39.44
N LYS B 850 15.89 13.17 39.58
CA LYS B 850 17.04 13.11 40.58
C LYS B 850 18.34 12.42 40.12
N LEU B 851 19.47 13.10 40.42
CA LEU B 851 20.86 12.87 39.93
C LEU B 851 21.09 13.44 38.49
N PRO B 852 20.21 14.34 38.00
CA PRO B 852 20.20 14.50 36.58
C PRO B 852 21.39 15.32 36.06
N THR B 853 21.46 16.66 36.28
CA THR B 853 22.21 17.64 35.37
C THR B 853 22.61 17.08 34.00
N GLY B 854 21.68 16.34 33.41
CA GLY B 854 21.80 15.68 32.14
C GLY B 854 21.35 14.22 32.21
N VAL B 855 20.30 13.93 32.97
CA VAL B 855 19.65 12.61 32.95
C VAL B 855 18.10 12.80 32.96
N GLY B 856 17.33 11.89 32.35
CA GLY B 856 15.84 11.98 32.30
C GLY B 856 15.16 10.68 31.91
N TYR B 857 13.96 10.76 31.31
CA TYR B 857 13.12 9.55 31.15
C TYR B 857 11.83 9.66 30.09
N ASP B 858 11.03 8.61 29.94
CA ASP B 858 9.87 8.62 29.09
C ASP B 858 9.30 7.33 29.55
N TRP B 859 8.16 6.93 28.99
CA TRP B 859 7.64 5.54 29.08
C TRP B 859 7.42 4.87 27.72
N THR B 860 7.27 3.55 27.82
CA THR B 860 7.23 2.71 26.66
C THR B 860 6.04 1.71 26.79
N GLY B 861 5.63 1.12 25.66
CA GLY B 861 4.55 0.10 25.65
C GLY B 861 3.25 0.49 26.34
N MET B 862 2.81 -0.36 27.27
CA MET B 862 1.69 -0.05 28.17
C MET B 862 1.69 1.40 28.72
N SER B 863 2.67 1.69 29.59
CA SER B 863 2.91 3.06 30.04
C SER B 863 2.69 4.10 28.93
N TYR B 864 3.65 4.33 28.06
CA TYR B 864 3.40 5.41 27.11
C TYR B 864 2.01 5.35 26.54
N GLN B 865 1.35 4.18 26.53
CA GLN B 865 -0.06 4.13 26.18
C GLN B 865 -0.86 4.77 27.23
N GLU B 866 -0.76 4.19 28.44
CA GLU B 866 -1.22 4.77 29.73
C GLU B 866 -1.14 6.28 29.92
N ARG B 867 0.04 6.83 30.23
CA ARG B 867 0.13 8.25 30.16
C ARG B 867 -0.71 8.83 28.89
N LEU B 868 -0.42 8.45 27.62
CA LEU B 868 -1.22 8.94 26.44
C LEU B 868 -2.68 8.83 26.80
N SER B 869 -3.25 7.64 27.09
CA SER B 869 -4.68 7.58 27.52
C SER B 869 -5.15 8.51 28.70
N GLY B 870 -4.24 8.92 29.61
CA GLY B 870 -4.51 9.91 30.70
C GLY B 870 -4.91 11.28 30.18
N ASN B 871 -4.05 12.26 30.38
CA ASN B 871 -4.25 13.56 29.72
C ASN B 871 -5.12 13.66 28.49
N GLN B 872 -5.85 12.61 28.10
CA GLN B 872 -6.75 12.74 26.93
C GLN B 872 -8.21 12.98 27.32
N ALA B 873 -8.66 12.28 28.36
CA ALA B 873 -9.98 12.46 29.05
C ALA B 873 -10.49 13.89 29.14
N PRO B 874 -9.74 14.79 29.79
CA PRO B 874 -10.12 16.18 29.84
C PRO B 874 -10.17 16.83 28.49
N SER B 875 -10.64 16.06 27.52
CA SER B 875 -11.00 16.66 26.27
C SER B 875 -12.12 15.81 25.80
N LEU B 876 -11.97 14.55 26.16
CA LEU B 876 -12.89 13.57 25.79
C LEU B 876 -14.16 13.90 26.49
N TYR B 877 -14.07 14.54 27.66
CA TYR B 877 -15.32 14.92 28.36
C TYR B 877 -15.90 16.22 27.73
N ALA B 878 -15.23 17.34 27.99
CA ALA B 878 -15.45 18.60 27.28
C ALA B 878 -16.17 18.59 25.93
N ILE B 879 -15.54 17.96 24.96
CA ILE B 879 -15.99 18.07 23.61
C ILE B 879 -17.31 17.31 23.53
N SER B 880 -17.35 16.10 24.10
CA SER B 880 -18.57 15.26 24.20
C SER B 880 -19.76 15.99 24.83
N LEU B 881 -19.46 16.79 25.85
CA LEU B 881 -20.49 17.58 26.53
C LEU B 881 -20.90 18.48 25.44
N ILE B 882 -20.17 19.55 25.29
CA ILE B 882 -20.48 20.44 24.25
C ILE B 882 -21.28 19.82 23.08
N VAL B 883 -20.97 18.60 22.64
CA VAL B 883 -21.73 18.06 21.48
C VAL B 883 -23.22 17.85 21.82
N VAL B 884 -23.49 17.14 22.92
CA VAL B 884 -24.86 17.04 23.44
C VAL B 884 -25.54 18.42 23.62
N PHE B 885 -24.96 19.30 24.43
CA PHE B 885 -25.58 20.57 24.75
C PHE B 885 -26.07 21.10 23.48
N LEU B 886 -25.16 21.29 22.51
CA LEU B 886 -25.54 21.76 21.19
C LEU B 886 -26.61 20.90 20.52
N CYS B 887 -26.52 19.57 20.51
CA CYS B 887 -27.61 18.71 19.96
C CYS B 887 -28.97 19.09 20.50
N LEU B 888 -29.04 19.24 21.83
CA LEU B 888 -30.28 19.57 22.56
C LEU B 888 -30.84 20.89 22.05
N ALA B 889 -30.05 21.94 22.13
CA ALA B 889 -30.39 23.16 21.43
C ALA B 889 -31.11 22.87 20.08
N ALA B 890 -30.42 22.52 19.00
CA ALA B 890 -31.15 22.15 17.76
C ALA B 890 -32.44 21.46 18.15
N LEU B 891 -32.34 20.31 18.82
CA LEU B 891 -33.52 19.46 19.02
C LEU B 891 -34.72 20.17 19.59
N TYR B 892 -34.56 20.75 20.80
CA TYR B 892 -35.62 21.50 21.60
C TYR B 892 -35.70 22.98 21.32
N GLU B 893 -35.14 23.37 20.17
CA GLU B 893 -35.29 24.69 19.56
C GLU B 893 -35.10 25.87 20.57
N SER B 894 -34.50 25.53 21.72
CA SER B 894 -34.43 26.37 22.92
C SER B 894 -33.02 26.58 23.49
N TRP B 895 -32.33 27.66 23.13
CA TRP B 895 -30.96 27.96 23.69
C TRP B 895 -30.79 27.96 25.26
N SER B 896 -31.59 27.12 25.95
CA SER B 896 -32.00 27.22 27.39
C SER B 896 -32.39 25.94 28.10
N ILE B 897 -33.33 25.23 27.47
CA ILE B 897 -33.64 23.82 27.79
C ILE B 897 -32.38 22.95 27.98
N PRO B 898 -31.47 22.92 26.95
CA PRO B 898 -30.22 22.26 27.26
C PRO B 898 -29.72 22.70 28.65
N PHE B 899 -29.45 24.00 28.89
CA PHE B 899 -28.78 24.45 30.15
C PHE B 899 -29.16 23.59 31.34
N SER B 900 -30.46 23.54 31.60
CA SER B 900 -31.17 22.52 32.41
C SER B 900 -30.53 21.14 32.35
N VAL B 901 -31.02 20.34 31.40
CA VAL B 901 -30.50 19.01 31.16
C VAL B 901 -29.01 18.96 31.63
N MET B 902 -28.15 19.81 31.08
CA MET B 902 -26.66 19.73 31.30
C MET B 902 -26.23 19.93 32.77
N LEU B 903 -27.09 20.65 33.49
CA LEU B 903 -26.87 20.92 34.88
C LEU B 903 -27.33 19.70 35.57
N VAL B 904 -27.56 18.62 34.84
CA VAL B 904 -27.76 17.33 35.49
C VAL B 904 -26.49 16.49 35.34
N VAL B 905 -25.58 16.91 34.45
CA VAL B 905 -24.38 16.10 34.22
C VAL B 905 -23.74 15.70 35.58
N PRO B 906 -23.08 16.66 36.28
CA PRO B 906 -22.44 16.51 37.58
C PRO B 906 -23.17 15.68 38.57
N LEU B 907 -24.38 15.30 38.24
CA LEU B 907 -25.10 14.36 39.07
C LEU B 907 -24.46 13.00 39.12
N GLY B 908 -24.73 12.17 38.09
CA GLY B 908 -24.16 10.81 37.99
C GLY B 908 -22.64 10.74 38.20
N VAL B 909 -21.91 11.58 37.44
CA VAL B 909 -20.44 11.71 37.40
C VAL B 909 -19.84 12.05 38.79
N ILE B 910 -20.67 11.75 39.80
CA ILE B 910 -20.31 11.69 41.23
C ILE B 910 -20.82 10.32 41.70
N GLY B 911 -22.00 9.94 41.21
CA GLY B 911 -22.62 8.65 41.49
C GLY B 911 -21.79 7.50 40.99
N ALA B 912 -20.71 7.84 40.34
CA ALA B 912 -19.80 6.79 39.99
C ALA B 912 -18.51 6.90 40.75
N LEU B 913 -17.89 8.09 40.70
CA LEU B 913 -16.65 8.31 41.44
C LEU B 913 -16.88 7.65 42.80
N LEU B 914 -18.16 7.45 43.08
CA LEU B 914 -18.64 6.77 44.27
C LEU B 914 -18.54 5.28 44.07
N ALA B 915 -19.37 4.81 43.14
CA ALA B 915 -19.75 3.40 43.00
C ALA B 915 -18.58 2.51 42.69
N ALA B 916 -17.54 3.08 42.14
CA ALA B 916 -16.33 2.35 42.30
C ALA B 916 -15.43 2.85 43.49
N THR B 917 -15.34 4.15 43.81
CA THR B 917 -14.54 4.45 44.97
C THR B 917 -14.82 3.34 45.97
N PHE B 918 -15.99 2.74 45.82
CA PHE B 918 -16.38 1.47 46.48
C PHE B 918 -15.54 0.28 46.00
N ARG B 919 -15.96 -0.39 44.92
CA ARG B 919 -15.46 -1.78 44.58
C ARG B 919 -13.90 -2.04 44.49
N GLY B 920 -13.06 -1.04 44.78
CA GLY B 920 -11.59 -1.18 44.73
C GLY B 920 -11.20 -0.57 43.43
N LEU B 921 -12.05 -0.86 42.47
CA LEU B 921 -12.01 -0.26 41.15
C LEU B 921 -11.33 1.10 41.12
N THR B 922 -10.81 1.36 39.92
CA THR B 922 -9.96 2.54 39.63
C THR B 922 -10.48 3.32 38.34
N ASN B 923 -9.89 4.50 38.08
CA ASN B 923 -10.12 5.40 36.93
C ASN B 923 -9.68 4.95 35.44
N ASP B 924 -10.15 3.74 35.10
CA ASP B 924 -9.73 2.96 33.99
C ASP B 924 -9.97 3.70 32.79
N VAL B 925 -9.37 3.18 31.76
CA VAL B 925 -9.87 3.43 30.48
C VAL B 925 -11.34 3.10 30.63
N TYR B 926 -11.68 1.92 31.14
CA TYR B 926 -13.06 1.51 31.08
C TYR B 926 -13.96 2.60 31.71
N PHE B 927 -13.52 3.09 32.90
CA PHE B 927 -14.32 4.08 33.68
C PHE B 927 -14.70 5.12 32.71
N GLN B 928 -13.67 5.80 32.28
CA GLN B 928 -13.83 6.90 31.44
C GLN B 928 -14.88 6.53 30.34
N VAL B 929 -15.13 5.22 30.09
CA VAL B 929 -16.18 4.84 29.08
C VAL B 929 -17.50 4.91 29.78
N GLY B 930 -17.56 4.30 30.97
CA GLY B 930 -18.68 4.40 31.91
C GLY B 930 -19.12 5.83 32.27
N LEU B 931 -18.19 6.75 32.36
CA LEU B 931 -18.57 8.12 32.61
C LEU B 931 -19.29 8.73 31.45
N LEU B 932 -18.66 8.78 30.28
CA LEU B 932 -19.33 9.30 29.07
C LEU B 932 -20.67 8.55 28.90
N THR B 933 -20.73 7.30 29.36
CA THR B 933 -21.96 6.56 29.29
C THR B 933 -23.01 7.08 30.29
N THR B 934 -22.62 7.82 31.34
CA THR B 934 -23.66 8.40 32.29
C THR B 934 -24.22 9.75 31.84
N ILE B 935 -23.37 10.75 31.70
CA ILE B 935 -23.74 11.97 31.04
C ILE B 935 -24.65 11.71 29.83
N GLY B 936 -25.09 10.48 29.61
CA GLY B 936 -26.00 10.12 28.50
C GLY B 936 -27.25 9.68 29.19
N LEU B 937 -27.10 8.54 29.87
CA LEU B 937 -28.05 8.00 30.87
C LEU B 937 -28.85 9.06 31.68
N SER B 938 -28.18 9.69 32.65
CA SER B 938 -28.69 10.88 33.37
C SER B 938 -29.40 11.96 32.47
N ALA B 939 -28.68 12.49 31.47
CA ALA B 939 -29.22 13.50 30.60
C ALA B 939 -30.45 12.90 29.93
N LYS B 940 -30.54 11.59 29.73
CA LYS B 940 -31.90 11.09 29.34
C LYS B 940 -32.94 11.24 30.51
N ASN B 941 -32.72 10.60 31.67
CA ASN B 941 -33.58 10.88 32.83
C ASN B 941 -34.04 12.25 32.71
N ALA B 942 -33.15 13.16 33.05
CA ALA B 942 -33.38 14.55 32.77
C ALA B 942 -34.49 14.73 31.73
N ILE B 943 -34.16 14.60 30.45
CA ILE B 943 -35.04 14.96 29.29
C ILE B 943 -36.51 14.46 29.22
N LEU B 944 -36.77 13.28 29.75
CA LEU B 944 -38.12 12.73 29.75
C LEU B 944 -39.08 13.73 30.43
N ILE B 945 -38.51 14.79 31.01
CA ILE B 945 -39.29 15.85 31.62
C ILE B 945 -39.26 17.00 30.71
N VAL B 946 -38.37 17.95 30.96
CA VAL B 946 -38.17 19.07 30.04
C VAL B 946 -38.73 18.90 28.62
N GLU B 947 -38.44 17.74 28.02
CA GLU B 947 -39.02 17.29 26.75
C GLU B 947 -40.48 17.63 26.81
N PHE B 948 -41.16 16.96 27.75
CA PHE B 948 -42.57 17.15 28.18
C PHE B 948 -43.04 18.40 29.08
N ALA B 949 -42.14 18.91 29.93
CA ALA B 949 -42.42 20.13 30.72
C ALA B 949 -42.58 21.36 29.85
N LYS B 950 -41.52 21.80 29.18
CA LYS B 950 -41.68 22.84 28.18
C LYS B 950 -42.36 22.25 26.93
N ASP B 951 -43.27 21.31 27.13
CA ASP B 951 -44.20 20.88 26.06
C ASP B 951 -45.61 21.47 26.39
N LEU B 952 -46.17 21.13 27.57
CA LEU B 952 -47.47 21.74 28.05
C LEU B 952 -47.33 23.25 28.07
N MET B 953 -46.39 23.69 28.89
CA MET B 953 -46.09 25.07 28.99
C MET B 953 -45.86 25.74 27.64
N ASP B 954 -46.51 25.19 26.60
CA ASP B 954 -46.48 25.70 25.23
C ASP B 954 -47.63 25.17 24.44
N LYS B 955 -48.50 24.45 25.10
CA LYS B 955 -49.65 23.92 24.41
C LYS B 955 -50.74 23.78 25.47
N GLU B 956 -51.20 22.52 25.52
CA GLU B 956 -52.35 22.01 26.26
C GLU B 956 -52.39 22.28 27.79
N GLY B 957 -52.48 23.56 28.13
CA GLY B 957 -52.67 23.95 29.51
C GLY B 957 -51.35 24.29 30.15
N LYS B 958 -50.74 25.37 29.62
CA LYS B 958 -49.46 25.85 30.09
C LYS B 958 -49.40 25.79 31.60
N GLY B 959 -48.68 26.78 32.12
CA GLY B 959 -48.54 26.99 33.55
C GLY B 959 -47.27 26.46 34.12
N LEU B 960 -46.30 27.35 34.35
CA LEU B 960 -44.90 26.96 34.76
C LEU B 960 -44.76 25.79 35.72
N ILE B 961 -45.39 25.92 36.89
CA ILE B 961 -45.33 24.89 37.92
C ILE B 961 -46.48 23.90 37.75
N GLU B 962 -47.36 24.17 36.80
CA GLU B 962 -48.37 23.19 36.36
C GLU B 962 -47.67 22.04 35.67
N ALA B 963 -47.19 22.35 34.45
CA ALA B 963 -46.50 21.43 33.52
C ALA B 963 -45.51 20.67 34.38
N THR B 964 -44.63 21.46 35.05
CA THR B 964 -43.53 21.03 35.96
C THR B 964 -43.92 19.92 36.92
N LEU B 965 -45.21 19.69 37.03
CA LEU B 965 -45.72 18.62 37.85
C LEU B 965 -46.79 17.73 37.19
N ASP B 966 -47.26 18.07 35.97
CA ASP B 966 -48.12 17.14 35.14
C ASP B 966 -47.29 16.08 34.34
N ALA B 967 -46.07 16.53 33.98
CA ALA B 967 -44.93 15.69 33.56
C ALA B 967 -44.42 14.85 34.77
N VAL B 968 -43.83 15.45 35.84
CA VAL B 968 -43.25 14.64 36.96
C VAL B 968 -44.09 13.38 37.20
N ARG B 969 -45.42 13.54 37.10
CA ARG B 969 -46.44 12.46 37.11
C ARG B 969 -46.30 11.38 36.05
N MET B 970 -46.69 11.77 34.84
CA MET B 970 -46.65 10.95 33.63
C MET B 970 -45.25 10.31 33.32
N ARG B 971 -44.22 11.17 33.28
CA ARG B 971 -42.81 10.74 33.15
C ARG B 971 -42.16 10.23 34.44
N LEU B 972 -42.88 9.96 35.52
CA LEU B 972 -42.24 9.22 36.53
C LEU B 972 -42.07 7.80 36.13
N ARG B 973 -43.13 7.06 35.83
CA ARG B 973 -42.94 5.60 35.61
C ARG B 973 -42.00 5.19 34.50
N PRO B 974 -41.89 6.06 33.50
CA PRO B 974 -40.70 6.14 32.65
C PRO B 974 -39.38 6.20 33.46
N ILE B 975 -38.95 7.36 33.91
CA ILE B 975 -37.77 7.44 34.71
C ILE B 975 -37.75 6.44 35.88
N LEU B 976 -38.59 5.42 35.85
CA LEU B 976 -38.52 4.38 36.87
C LEU B 976 -37.98 3.10 36.26
N MET B 977 -38.90 2.37 35.62
CA MET B 977 -38.61 1.19 34.80
C MET B 977 -37.53 1.35 33.67
N THR B 978 -37.44 2.53 33.03
CA THR B 978 -36.35 2.71 32.10
C THR B 978 -35.12 2.82 32.96
N SER B 979 -35.08 3.77 33.86
CA SER B 979 -33.81 4.03 34.50
C SER B 979 -33.40 3.02 35.58
N LEU B 980 -33.91 1.81 35.39
CA LEU B 980 -33.79 0.67 36.29
C LEU B 980 -33.51 -0.67 35.51
N ALA B 981 -33.94 -0.70 34.23
CA ALA B 981 -33.66 -1.82 33.25
C ALA B 981 -32.15 -2.09 33.14
N PHE B 982 -31.44 -1.09 32.61
CA PHE B 982 -30.00 -0.85 32.75
C PHE B 982 -29.51 -1.20 34.17
N ILE B 983 -30.07 -0.58 35.22
CA ILE B 983 -29.71 -0.94 36.61
C ILE B 983 -29.64 -2.47 36.85
N LEU B 984 -30.76 -3.15 36.57
CA LEU B 984 -30.78 -4.62 36.49
C LEU B 984 -30.20 -5.26 35.21
N GLY B 985 -29.96 -4.43 34.18
CA GLY B 985 -29.29 -4.90 32.94
C GLY B 985 -27.88 -5.26 33.34
N VAL B 986 -27.23 -4.26 33.97
CA VAL B 986 -25.83 -4.18 34.31
C VAL B 986 -25.62 -5.20 35.34
N MET B 987 -26.67 -5.62 35.97
CA MET B 987 -26.41 -6.35 37.19
C MET B 987 -25.35 -7.34 36.97
N PRO B 988 -25.62 -8.23 36.01
CA PRO B 988 -24.97 -9.49 36.00
C PRO B 988 -23.47 -9.25 35.69
N LEU B 989 -23.20 -8.49 34.61
CA LEU B 989 -21.90 -7.84 34.31
C LEU B 989 -21.23 -7.17 35.54
N VAL B 990 -22.02 -6.82 36.58
CA VAL B 990 -21.60 -6.03 37.75
C VAL B 990 -21.25 -6.95 38.90
N ILE B 991 -21.83 -8.14 38.80
CA ILE B 991 -21.67 -9.23 39.75
C ILE B 991 -20.81 -10.29 39.11
N SER B 992 -20.27 -9.99 37.92
CA SER B 992 -19.48 -10.97 37.20
C SER B 992 -18.24 -11.34 37.99
N THR B 993 -18.06 -12.65 38.11
CA THR B 993 -16.88 -13.20 38.75
C THR B 993 -16.37 -14.42 37.96
N GLY B 994 -15.57 -14.19 36.90
CA GLY B 994 -15.14 -15.25 35.95
C GLY B 994 -13.79 -14.91 35.34
N ALA B 995 -13.44 -15.56 34.24
CA ALA B 995 -12.07 -15.44 33.74
C ALA B 995 -11.59 -13.99 33.86
N GLY B 996 -12.46 -13.12 33.32
CA GLY B 996 -12.08 -11.82 32.79
C GLY B 996 -13.18 -10.94 33.16
N SER B 997 -13.55 -11.13 34.42
CA SER B 997 -14.27 -10.13 35.17
C SER B 997 -13.52 -8.82 35.27
N GLY B 998 -12.20 -8.83 35.56
CA GLY B 998 -11.43 -7.57 35.58
C GLY B 998 -12.19 -6.46 34.83
N ALA B 999 -12.48 -6.66 33.52
CA ALA B 999 -13.13 -5.70 32.60
C ALA B 999 -14.68 -5.78 32.61
N GLN B 1000 -15.27 -6.94 32.91
CA GLN B 1000 -16.74 -6.96 33.18
C GLN B 1000 -17.07 -6.05 34.41
N ASN B 1001 -16.28 -6.19 35.46
CA ASN B 1001 -16.53 -5.48 36.69
C ASN B 1001 -16.15 -4.06 36.47
N ALA B 1002 -15.11 -3.76 35.75
CA ALA B 1002 -14.68 -2.43 35.89
C ALA B 1002 -15.56 -1.56 35.15
N VAL B 1003 -16.29 -2.22 34.23
CA VAL B 1003 -17.20 -1.57 33.21
C VAL B 1003 -18.59 -1.40 33.74
N GLY B 1004 -19.25 -2.52 34.14
CA GLY B 1004 -20.45 -2.52 35.05
C GLY B 1004 -20.60 -1.63 36.34
N THR B 1005 -19.92 -2.03 37.46
CA THR B 1005 -19.91 -1.29 38.77
C THR B 1005 -19.28 0.07 38.76
N GLY B 1006 -20.07 1.02 38.34
CA GLY B 1006 -19.66 2.37 38.40
C GLY B 1006 -20.36 3.01 37.26
N VAL B 1007 -21.19 2.22 36.55
CA VAL B 1007 -22.17 2.71 35.49
C VAL B 1007 -23.56 2.19 35.71
N MET B 1008 -23.67 1.42 36.78
CA MET B 1008 -24.87 1.31 37.63
C MET B 1008 -24.68 2.30 38.80
N GLY B 1009 -23.49 2.30 39.41
CA GLY B 1009 -23.16 3.27 40.41
C GLY B 1009 -23.54 4.63 39.89
N GLY B 1010 -23.00 5.01 38.75
CA GLY B 1010 -23.26 6.35 38.27
C GLY B 1010 -24.71 6.63 37.93
N MET B 1011 -25.42 5.59 37.43
CA MET B 1011 -26.77 5.71 36.84
C MET B 1011 -27.65 6.13 37.99
N VAL B 1012 -28.05 5.14 38.84
CA VAL B 1012 -28.75 5.31 40.13
C VAL B 1012 -28.90 6.75 40.70
N THR B 1013 -27.78 7.36 41.11
CA THR B 1013 -27.63 8.75 41.57
C THR B 1013 -27.83 9.83 40.50
N ALA B 1014 -28.81 9.60 39.64
CA ALA B 1014 -29.06 10.42 38.45
C ALA B 1014 -30.40 9.91 37.95
N THR B 1015 -30.86 8.81 38.56
CA THR B 1015 -32.29 8.46 38.54
C THR B 1015 -32.88 8.93 39.88
N VAL B 1016 -32.17 8.69 40.97
CA VAL B 1016 -32.73 9.00 42.32
C VAL B 1016 -32.78 10.46 42.58
N LEU B 1017 -31.64 11.10 42.70
CA LEU B 1017 -31.62 12.49 43.04
C LEU B 1017 -32.11 13.31 41.87
N ALA B 1018 -32.78 12.62 40.96
CA ALA B 1018 -33.12 13.23 39.66
C ALA B 1018 -34.60 13.66 39.48
N ILE B 1019 -35.51 12.71 39.82
CA ILE B 1019 -36.90 12.98 40.21
C ILE B 1019 -37.01 14.25 41.12
N PHE B 1020 -35.85 14.77 41.56
CA PHE B 1020 -35.83 15.87 42.48
C PHE B 1020 -34.93 16.90 41.88
N PHE B 1021 -33.82 16.49 41.34
CA PHE B 1021 -33.03 17.58 41.01
C PHE B 1021 -33.41 18.25 39.72
N VAL B 1022 -33.69 17.46 38.66
CA VAL B 1022 -34.21 18.02 37.37
C VAL B 1022 -35.28 19.12 37.47
N PRO B 1023 -36.42 18.76 38.06
CA PRO B 1023 -37.52 19.68 38.16
C PRO B 1023 -37.10 21.00 38.77
N VAL B 1024 -36.24 20.94 39.79
CA VAL B 1024 -35.70 22.19 40.31
C VAL B 1024 -35.45 23.02 39.05
N PHE B 1025 -34.65 22.39 38.18
CA PHE B 1025 -33.73 23.00 37.22
C PHE B 1025 -34.52 23.64 36.06
N PHE B 1026 -35.38 22.78 35.49
CA PHE B 1026 -36.24 23.09 34.34
C PHE B 1026 -36.74 24.51 34.50
N VAL B 1027 -37.51 24.66 35.56
CA VAL B 1027 -37.95 25.94 36.12
C VAL B 1027 -36.84 27.02 36.32
N VAL B 1028 -35.87 26.68 37.21
CA VAL B 1028 -35.01 27.69 37.92
C VAL B 1028 -34.30 28.53 36.91
N VAL B 1029 -34.14 27.91 35.73
CA VAL B 1029 -33.64 28.61 34.56
C VAL B 1029 -34.78 29.24 33.77
N ARG B 1030 -35.87 28.47 33.49
CA ARG B 1030 -37.01 29.08 32.79
C ARG B 1030 -37.12 30.41 33.49
N ARG B 1031 -36.60 30.42 34.71
CA ARG B 1031 -36.67 31.55 35.58
C ARG B 1031 -35.50 32.53 35.58
N ARG B 1032 -34.27 32.10 35.29
CA ARG B 1032 -33.23 33.10 35.01
C ARG B 1032 -33.57 33.81 33.67
N PHE B 1033 -34.64 33.31 32.99
CA PHE B 1033 -35.29 33.91 31.75
C PHE B 1033 -36.78 34.21 31.95
N SER B 1034 -37.11 34.33 33.25
CA SER B 1034 -38.35 34.96 33.82
C SER B 1034 -38.15 35.56 35.30
N ARG B 1035 -37.22 36.52 35.43
CA ARG B 1035 -36.88 37.10 36.78
C ARG B 1035 -37.38 38.55 37.08
N LYS B 1036 -36.82 39.59 36.43
CA LYS B 1036 -37.32 41.00 36.56
C LYS B 1036 -37.75 41.49 35.19
N MET C 1 -43.59 13.11 -6.24
CA MET C 1 -42.42 13.36 -7.10
C MET C 1 -42.74 13.18 -8.61
N PRO C 2 -43.57 12.14 -8.99
CA PRO C 2 -44.05 12.02 -10.41
C PRO C 2 -44.73 13.28 -10.95
N ASN C 3 -45.47 13.93 -10.05
CA ASN C 3 -46.19 15.19 -10.26
C ASN C 3 -45.24 16.32 -10.45
N PHE C 4 -44.11 16.25 -9.72
CA PHE C 4 -43.08 17.28 -9.74
C PHE C 4 -42.59 17.46 -11.17
N PHE C 5 -42.23 16.36 -11.77
CA PHE C 5 -41.63 16.47 -13.06
C PHE C 5 -42.78 16.41 -14.09
N ILE C 6 -43.86 15.67 -13.76
CA ILE C 6 -44.97 15.59 -14.72
C ILE C 6 -45.32 17.00 -15.18
N ASP C 7 -45.34 17.93 -14.22
CA ASP C 7 -45.61 19.35 -14.47
C ASP C 7 -44.33 19.99 -14.98
N ARG C 8 -43.22 19.79 -14.28
CA ARG C 8 -41.97 20.36 -14.74
C ARG C 8 -41.20 19.25 -15.50
N PRO C 9 -41.34 19.15 -16.87
CA PRO C 9 -40.59 18.10 -17.65
C PRO C 9 -39.34 18.55 -18.50
N ILE C 10 -38.95 19.82 -18.43
CA ILE C 10 -37.67 20.25 -18.99
C ILE C 10 -36.66 20.21 -17.83
N PHE C 11 -37.06 19.54 -16.76
CA PHE C 11 -36.23 19.32 -15.62
C PHE C 11 -35.96 17.82 -15.66
N ALA C 12 -36.93 16.95 -15.44
CA ALA C 12 -36.68 15.52 -15.75
C ALA C 12 -36.01 15.26 -17.13
N TRP C 13 -36.21 16.17 -18.08
CA TRP C 13 -35.53 15.98 -19.34
C TRP C 13 -33.98 16.10 -19.08
N VAL C 14 -33.58 17.18 -18.39
CA VAL C 14 -32.17 17.37 -17.99
C VAL C 14 -31.54 16.32 -17.05
N ILE C 15 -32.17 15.91 -15.95
CA ILE C 15 -31.68 14.71 -15.24
C ILE C 15 -31.36 13.54 -16.22
N ALA C 16 -32.35 12.80 -16.68
CA ALA C 16 -31.97 11.77 -17.61
C ALA C 16 -30.81 12.19 -18.53
N ILE C 17 -30.86 13.36 -19.14
CA ILE C 17 -29.73 13.79 -19.93
C ILE C 17 -28.41 13.87 -19.16
N ILE C 18 -28.42 14.24 -17.87
CA ILE C 18 -27.18 14.32 -17.07
C ILE C 18 -26.72 12.98 -16.48
N ILE C 19 -27.62 12.23 -15.89
CA ILE C 19 -27.35 10.82 -15.76
C ILE C 19 -26.87 10.22 -17.11
N MET C 20 -26.96 10.90 -18.25
CA MET C 20 -26.75 10.22 -19.59
C MET C 20 -25.33 10.41 -20.14
N LEU C 21 -24.86 11.59 -19.86
CA LEU C 21 -23.49 11.92 -19.95
C LEU C 21 -22.67 11.30 -18.80
N ALA C 22 -23.29 10.96 -17.64
CA ALA C 22 -22.51 10.41 -16.49
C ALA C 22 -21.90 9.02 -16.81
N GLY C 23 -22.65 8.07 -17.35
CA GLY C 23 -22.05 6.84 -17.88
C GLY C 23 -21.59 6.96 -19.33
N GLY C 24 -21.39 8.18 -19.82
CA GLY C 24 -20.87 8.45 -21.18
C GLY C 24 -19.47 9.02 -20.97
N LEU C 25 -19.27 9.47 -19.70
CA LEU C 25 -17.97 9.80 -19.06
C LEU C 25 -17.40 8.55 -18.45
N ALA C 26 -18.01 8.01 -17.39
CA ALA C 26 -17.49 6.76 -16.75
C ALA C 26 -17.39 5.57 -17.71
N ILE C 27 -17.59 5.78 -19.03
CA ILE C 27 -17.36 4.74 -20.05
C ILE C 27 -16.05 5.03 -20.73
N LEU C 28 -15.79 6.32 -21.00
CA LEU C 28 -14.54 6.77 -21.69
C LEU C 28 -13.33 6.38 -20.88
N LYS C 29 -13.50 6.38 -19.57
CA LYS C 29 -12.46 6.00 -18.68
C LYS C 29 -12.80 4.75 -17.84
N LEU C 30 -13.70 3.87 -18.27
CA LEU C 30 -13.93 2.63 -17.48
C LEU C 30 -12.93 1.49 -17.96
N PRO C 31 -12.48 0.62 -17.04
CA PRO C 31 -11.67 -0.48 -17.52
C PRO C 31 -12.51 -1.46 -18.27
N VAL C 32 -12.27 -1.48 -19.57
CA VAL C 32 -12.65 -2.62 -20.37
C VAL C 32 -11.75 -3.81 -20.13
N ALA C 33 -11.54 -4.30 -18.94
CA ALA C 33 -10.81 -5.55 -19.06
C ALA C 33 -11.76 -6.75 -19.30
N GLN C 34 -11.25 -7.73 -20.05
CA GLN C 34 -11.73 -9.15 -20.22
C GLN C 34 -12.74 -9.53 -19.18
N TYR C 35 -12.24 -9.92 -18.03
CA TYR C 35 -13.10 -10.40 -16.97
C TYR C 35 -12.53 -9.87 -15.66
N PRO C 36 -13.09 -10.31 -14.52
CA PRO C 36 -12.64 -9.74 -13.25
C PRO C 36 -11.26 -10.32 -12.85
N THR C 37 -10.76 -10.06 -11.68
CA THR C 37 -9.71 -10.93 -11.25
C THR C 37 -10.43 -12.10 -10.65
N ILE C 38 -9.98 -13.31 -10.96
CA ILE C 38 -10.14 -14.47 -10.01
C ILE C 38 -8.78 -15.20 -9.47
N ALA C 39 -7.66 -14.52 -9.41
CA ALA C 39 -6.51 -15.37 -9.45
C ALA C 39 -5.46 -14.95 -8.39
N PRO C 40 -5.10 -15.91 -7.41
CA PRO C 40 -4.43 -15.60 -6.12
C PRO C 40 -3.05 -15.48 -6.44
N PRO C 41 -2.52 -14.35 -6.23
CA PRO C 41 -1.24 -13.76 -6.50
C PRO C 41 -0.07 -14.67 -6.16
N ALA C 42 0.89 -14.65 -7.11
CA ALA C 42 1.97 -15.53 -7.11
C ALA C 42 2.94 -14.60 -7.76
N VAL C 43 4.00 -14.45 -6.90
CA VAL C 43 5.49 -14.18 -7.11
C VAL C 43 6.21 -15.58 -7.25
N THR C 44 7.29 -15.64 -8.01
CA THR C 44 8.18 -16.82 -8.00
C THR C 44 9.72 -16.34 -7.99
N ILE C 45 10.55 -16.47 -6.91
CA ILE C 45 12.03 -16.16 -6.97
C ILE C 45 12.37 -17.12 -8.08
N SER C 46 13.31 -16.78 -8.97
CA SER C 46 13.74 -17.80 -9.99
C SER C 46 15.28 -17.71 -10.22
N ALA C 47 16.03 -18.81 -10.18
CA ALA C 47 17.54 -18.52 -10.32
C ALA C 47 18.28 -19.43 -11.23
N SER C 48 19.58 -19.16 -11.50
CA SER C 48 20.20 -20.24 -12.36
C SER C 48 21.61 -20.55 -11.96
N TYR C 49 22.00 -21.83 -12.03
CA TYR C 49 23.41 -22.12 -11.81
C TYR C 49 24.18 -22.79 -13.02
N PRO C 50 24.82 -22.05 -14.00
CA PRO C 50 25.28 -22.58 -15.26
C PRO C 50 25.76 -23.98 -15.23
N GLY C 51 25.28 -24.81 -16.13
CA GLY C 51 25.68 -26.14 -16.16
C GLY C 51 25.26 -26.95 -15.01
N ALA C 52 25.72 -26.70 -13.77
CA ALA C 52 25.04 -27.23 -12.52
C ALA C 52 23.76 -28.12 -12.85
N ASP C 53 23.48 -29.15 -12.02
CA ASP C 53 22.57 -30.13 -12.47
C ASP C 53 21.84 -30.99 -11.55
N ALA C 54 20.77 -30.36 -10.96
CA ALA C 54 19.37 -30.88 -10.58
C ALA C 54 19.49 -31.03 -9.20
N LYS C 55 19.90 -32.22 -8.71
CA LYS C 55 20.23 -32.39 -7.26
C LYS C 55 21.18 -31.29 -6.80
N THR C 56 22.22 -30.99 -7.61
CA THR C 56 23.24 -29.97 -7.31
C THR C 56 22.63 -28.57 -7.12
N VAL C 57 21.55 -28.23 -7.91
CA VAL C 57 20.93 -26.80 -7.88
C VAL C 57 20.16 -26.74 -6.59
N GLN C 58 19.80 -27.86 -6.00
CA GLN C 58 18.61 -27.83 -5.25
C GLN C 58 18.71 -28.65 -4.03
N ASP C 59 19.70 -28.10 -3.41
CA ASP C 59 20.52 -28.82 -2.58
C ASP C 59 21.59 -27.91 -2.32
N THR C 60 21.82 -27.08 -3.28
CA THR C 60 22.69 -25.99 -3.02
C THR C 60 22.22 -24.48 -3.08
N VAL C 61 20.88 -24.20 -3.20
CA VAL C 61 20.21 -22.95 -3.83
C VAL C 61 18.64 -22.90 -3.63
N THR C 62 17.95 -23.91 -4.10
CA THR C 62 16.57 -24.08 -3.70
C THR C 62 16.28 -24.29 -2.22
N GLN C 63 16.63 -25.52 -1.73
CA GLN C 63 16.68 -25.94 -0.19
C GLN C 63 17.20 -24.82 0.66
N VAL C 64 18.28 -24.05 0.23
CA VAL C 64 18.59 -22.89 0.96
C VAL C 64 17.39 -21.97 0.91
N ILE C 65 17.45 -20.73 0.26
CA ILE C 65 16.29 -19.88 -0.27
C ILE C 65 14.93 -20.28 0.27
N GLU C 66 14.28 -21.23 -0.44
CA GLU C 66 12.99 -21.72 0.01
C GLU C 66 12.90 -22.04 1.56
N GLN C 67 13.90 -22.71 2.15
CA GLN C 67 13.92 -22.80 3.60
C GLN C 67 13.95 -21.37 4.12
N ASN C 68 14.35 -20.42 3.38
CA ASN C 68 14.84 -19.40 4.22
C ASN C 68 13.78 -18.39 4.20
N MET C 69 12.58 -18.91 3.89
CA MET C 69 11.30 -18.16 3.44
C MET C 69 10.25 -18.26 4.47
N ASN C 70 10.02 -17.22 5.24
CA ASN C 70 9.04 -17.38 6.32
C ASN C 70 8.63 -16.05 6.84
N GLY C 71 7.66 -16.08 7.73
CA GLY C 71 7.02 -14.82 8.07
C GLY C 71 6.56 -14.10 6.79
N ILE C 72 5.69 -14.79 6.01
CA ILE C 72 5.12 -14.18 4.86
C ILE C 72 3.63 -14.34 4.89
N ASP C 73 3.00 -13.20 4.62
CA ASP C 73 1.64 -13.06 4.87
C ASP C 73 0.80 -13.66 3.83
N ASN C 74 -0.30 -14.32 4.18
CA ASN C 74 -1.20 -14.63 3.05
C ASN C 74 -0.65 -15.71 2.19
N LEU C 75 0.17 -16.60 2.69
CA LEU C 75 0.74 -17.47 1.71
C LEU C 75 -0.09 -18.74 1.77
N MET C 76 -0.52 -19.28 0.65
CA MET C 76 -1.13 -20.63 0.75
C MET C 76 -0.18 -21.84 0.70
N TYR C 77 0.70 -21.83 -0.34
CA TYR C 77 1.80 -22.83 -0.51
C TYR C 77 3.07 -22.35 -1.35
N MET C 78 4.23 -23.07 -1.29
CA MET C 78 5.27 -23.02 -2.40
C MET C 78 5.58 -24.32 -3.17
N SER C 79 5.96 -24.22 -4.45
CA SER C 79 6.52 -25.41 -5.17
C SER C 79 7.94 -24.95 -5.58
N SER C 80 8.98 -25.52 -4.97
CA SER C 80 10.37 -25.13 -5.44
C SER C 80 10.59 -26.31 -6.29
N ASN C 81 10.20 -26.11 -7.54
CA ASN C 81 10.35 -27.17 -8.52
C ASN C 81 11.81 -26.90 -8.98
N SER C 82 12.65 -27.84 -9.41
CA SER C 82 13.84 -27.33 -10.14
C SER C 82 14.59 -28.28 -11.06
N ASP C 83 15.23 -27.72 -12.08
CA ASP C 83 15.73 -28.60 -13.21
C ASP C 83 17.29 -28.76 -13.25
N SER C 84 17.64 -30.03 -13.18
CA SER C 84 18.83 -30.39 -13.83
C SER C 84 19.32 -29.56 -15.11
N THR C 85 18.55 -28.62 -15.65
CA THR C 85 19.06 -27.80 -16.77
C THR C 85 19.78 -26.67 -16.15
N GLY C 86 20.38 -26.95 -14.97
CA GLY C 86 21.12 -25.95 -14.19
C GLY C 86 20.27 -24.85 -13.53
N THR C 87 18.97 -25.20 -13.20
CA THR C 87 17.82 -24.08 -13.20
C THR C 87 16.67 -24.03 -12.19
N VAL C 88 16.41 -22.97 -11.46
CA VAL C 88 15.39 -23.15 -10.29
C VAL C 88 14.14 -22.30 -10.53
N GLN C 89 12.96 -22.80 -10.19
CA GLN C 89 11.95 -21.77 -9.75
C GLN C 89 11.01 -22.21 -8.71
N ILE C 90 10.82 -21.22 -7.87
CA ILE C 90 10.19 -21.46 -6.59
C ILE C 90 9.32 -20.33 -6.62
N THR C 91 8.02 -20.63 -6.58
CA THR C 91 6.95 -19.85 -7.14
C THR C 91 5.90 -19.82 -6.05
N LEU C 92 5.89 -18.82 -5.20
CA LEU C 92 5.01 -18.93 -4.03
C LEU C 92 3.69 -18.10 -4.15
N THR C 93 2.58 -18.88 -4.17
CA THR C 93 1.23 -18.35 -4.40
C THR C 93 0.62 -17.84 -3.12
N PHE C 94 0.25 -16.58 -3.28
CA PHE C 94 -0.26 -15.82 -2.25
C PHE C 94 -1.71 -15.95 -2.34
N GLU C 95 -2.39 -15.63 -1.19
CA GLU C 95 -3.87 -15.71 -0.87
C GLU C 95 -4.87 -15.09 -1.95
N SER C 96 -6.09 -14.76 -1.62
CA SER C 96 -6.79 -14.17 -2.73
C SER C 96 -6.94 -12.76 -2.48
N GLY C 97 -6.59 -11.90 -3.38
CA GLY C 97 -6.86 -10.51 -3.11
C GLY C 97 -5.80 -9.74 -2.37
N THR C 98 -4.95 -10.45 -1.55
CA THR C 98 -3.60 -10.00 -0.96
C THR C 98 -2.64 -9.21 -1.86
N ASP C 99 -2.16 -8.03 -1.45
CA ASP C 99 -1.52 -7.05 -2.38
C ASP C 99 -0.15 -7.41 -3.05
N ALA C 100 -0.09 -8.14 -4.14
CA ALA C 100 1.20 -8.56 -4.45
C ALA C 100 2.14 -7.41 -4.35
N ASP C 101 1.79 -6.13 -4.55
CA ASP C 101 2.83 -5.05 -4.33
C ASP C 101 3.71 -5.26 -3.19
N ILE C 102 3.11 -5.71 -2.11
CA ILE C 102 3.72 -6.25 -1.00
C ILE C 102 4.07 -7.61 -1.34
N ALA C 103 3.31 -8.67 -1.08
CA ALA C 103 3.94 -9.94 -1.30
C ALA C 103 5.50 -9.91 -2.01
N GLN C 104 5.50 -9.62 -3.35
CA GLN C 104 6.77 -9.20 -4.13
C GLN C 104 7.72 -8.59 -3.15
N VAL C 105 7.32 -7.60 -2.44
CA VAL C 105 8.06 -7.19 -1.21
C VAL C 105 8.65 -8.12 0.01
N GLN C 106 7.71 -8.47 0.88
CA GLN C 106 7.80 -9.56 1.75
C GLN C 106 8.76 -10.56 1.13
N VAL C 107 8.43 -11.31 0.09
CA VAL C 107 9.34 -12.37 -0.47
C VAL C 107 10.80 -11.92 -0.50
N GLN C 108 11.06 -10.75 -1.07
CA GLN C 108 12.48 -10.39 -1.23
C GLN C 108 13.19 -9.76 -0.08
N ASN C 109 12.50 -9.66 1.09
CA ASN C 109 13.05 -9.33 2.43
C ASN C 109 13.80 -10.57 2.59
N LYS C 110 13.11 -11.68 2.63
CA LYS C 110 13.66 -12.92 2.99
C LYS C 110 14.72 -13.31 2.01
N LEU C 111 14.37 -13.88 0.84
CA LEU C 111 15.47 -14.01 -0.21
C LEU C 111 16.81 -13.37 0.21
N GLN C 112 17.02 -12.10 -0.17
CA GLN C 112 17.91 -11.17 0.49
C GLN C 112 18.76 -11.59 1.78
N LEU C 113 18.36 -12.59 2.50
CA LEU C 113 19.21 -12.95 3.56
C LEU C 113 19.78 -14.34 3.19
N ALA C 114 19.40 -14.94 2.02
CA ALA C 114 20.19 -15.98 1.41
C ALA C 114 21.07 -15.46 0.20
N MET C 115 21.05 -14.19 -0.15
CA MET C 115 21.90 -13.88 -1.25
C MET C 115 23.23 -14.41 -1.01
N PRO C 116 23.79 -14.03 0.08
CA PRO C 116 25.07 -14.27 0.63
C PRO C 116 25.17 -15.65 1.18
N LEU C 117 24.53 -16.61 0.58
CA LEU C 117 24.93 -17.94 0.68
C LEU C 117 24.78 -18.56 -0.72
N LEU C 118 24.31 -17.82 -1.70
CA LEU C 118 24.16 -18.54 -2.95
C LEU C 118 25.55 -18.69 -3.60
N PRO C 119 25.74 -19.67 -4.45
CA PRO C 119 26.96 -19.65 -5.15
C PRO C 119 27.10 -18.50 -6.08
N GLN C 120 28.04 -17.69 -5.71
CA GLN C 120 28.60 -16.71 -6.56
C GLN C 120 28.17 -16.80 -7.99
N GLU C 121 28.06 -17.97 -8.53
CA GLU C 121 27.75 -18.08 -9.96
C GLU C 121 26.15 -17.86 -10.39
N VAL C 122 25.22 -18.38 -9.51
CA VAL C 122 23.86 -17.90 -9.24
C VAL C 122 23.95 -16.44 -8.95
N GLN C 123 24.16 -16.14 -7.74
CA GLN C 123 24.54 -14.78 -7.50
C GLN C 123 24.64 -13.96 -8.65
N GLN C 124 25.08 -14.45 -9.78
CA GLN C 124 25.92 -13.51 -10.53
C GLN C 124 25.46 -13.51 -11.82
N GLN C 125 24.89 -14.62 -12.15
CA GLN C 125 23.71 -14.45 -13.02
C GLN C 125 22.47 -13.90 -12.09
N GLY C 126 22.44 -12.62 -11.58
CA GLY C 126 21.36 -12.41 -10.51
C GLY C 126 20.11 -13.47 -10.55
N VAL C 127 19.90 -14.16 -9.38
CA VAL C 127 18.50 -14.51 -8.91
C VAL C 127 17.38 -13.41 -9.58
N SER C 128 16.14 -13.91 -9.92
CA SER C 128 14.97 -12.89 -9.91
C SER C 128 13.85 -13.36 -9.08
N VAL C 129 13.27 -12.39 -8.38
CA VAL C 129 11.78 -12.42 -7.98
C VAL C 129 10.83 -11.66 -8.99
N GLU C 130 9.65 -12.28 -9.32
CA GLU C 130 8.45 -11.54 -9.86
C GLU C 130 6.97 -12.09 -9.63
N LYS C 131 6.06 -11.10 -9.91
CA LYS C 131 4.58 -11.37 -9.82
C LYS C 131 3.94 -11.41 -11.27
N SER C 132 3.40 -12.55 -11.66
CA SER C 132 2.54 -12.34 -12.70
C SER C 132 1.91 -13.60 -12.98
N SER C 133 1.51 -13.78 -14.20
CA SER C 133 0.37 -14.63 -14.52
C SER C 133 1.18 -15.72 -15.02
N SER C 134 0.64 -16.93 -14.85
CA SER C 134 1.28 -18.12 -15.42
C SER C 134 1.27 -18.07 -16.96
N SER C 135 0.29 -17.47 -17.54
CA SER C 135 0.07 -17.89 -18.87
C SER C 135 0.67 -16.73 -19.46
N PHE C 136 0.58 -16.65 -20.78
CA PHE C 136 1.24 -15.51 -21.42
C PHE C 136 0.20 -14.61 -21.82
N LEU C 137 0.39 -13.32 -21.58
CA LEU C 137 -0.46 -12.29 -22.23
C LEU C 137 -0.57 -12.33 -23.82
N MET C 138 0.39 -12.93 -24.54
CA MET C 138 0.87 -12.27 -25.77
C MET C 138 2.26 -12.61 -26.26
N VAL C 139 2.48 -12.86 -27.53
CA VAL C 139 3.74 -13.35 -28.05
C VAL C 139 4.04 -12.48 -29.29
N VAL C 140 5.24 -11.99 -29.41
CA VAL C 140 5.40 -11.06 -30.44
C VAL C 140 6.42 -11.57 -31.38
N GLY C 141 6.15 -12.32 -32.44
CA GLY C 141 7.07 -12.59 -33.56
C GLY C 141 7.85 -11.41 -33.99
N VAL C 142 8.88 -11.69 -34.68
CA VAL C 142 9.82 -10.72 -35.22
C VAL C 142 10.62 -11.73 -36.13
N ILE C 143 10.39 -11.71 -37.43
CA ILE C 143 11.09 -12.52 -38.34
C ILE C 143 11.79 -11.46 -39.09
N ASN C 144 12.59 -11.87 -40.10
CA ASN C 144 13.18 -10.91 -41.08
C ASN C 144 13.06 -11.32 -42.52
N THR C 145 12.62 -10.35 -43.36
CA THR C 145 12.18 -10.53 -44.75
C THR C 145 13.20 -11.02 -45.73
N ASP C 146 14.21 -10.18 -45.93
CA ASP C 146 15.27 -10.42 -46.90
C ASP C 146 16.33 -11.44 -46.42
N GLY C 147 15.97 -12.59 -45.80
CA GLY C 147 16.98 -13.38 -45.07
C GLY C 147 18.27 -12.58 -44.69
N THR C 148 18.09 -11.34 -44.30
CA THR C 148 19.21 -10.48 -44.17
C THR C 148 20.05 -10.75 -42.91
N MET C 149 19.49 -11.41 -41.88
CA MET C 149 20.18 -11.71 -40.62
C MET C 149 19.76 -13.10 -40.28
N THR C 150 20.28 -13.69 -39.21
CA THR C 150 19.86 -15.08 -38.93
C THR C 150 18.92 -15.28 -37.77
N GLN C 151 18.68 -16.54 -37.48
CA GLN C 151 18.11 -16.88 -36.22
C GLN C 151 18.95 -16.16 -35.18
N GLU C 152 20.13 -16.63 -34.83
CA GLU C 152 20.95 -15.82 -33.96
C GLU C 152 20.63 -14.35 -34.26
N ASP C 153 21.40 -13.75 -35.16
CA ASP C 153 21.34 -12.26 -35.30
C ASP C 153 20.08 -11.60 -34.69
N ILE C 154 18.97 -12.32 -34.69
CA ILE C 154 17.73 -11.64 -34.44
C ILE C 154 17.78 -11.46 -32.94
N SER C 155 17.91 -12.63 -32.34
CA SER C 155 17.77 -12.74 -30.98
C SER C 155 18.72 -11.77 -30.10
N ASP C 156 20.04 -11.70 -30.45
CA ASP C 156 20.82 -10.52 -30.12
C ASP C 156 19.90 -9.18 -30.32
N TYR C 157 19.60 -8.77 -31.66
CA TYR C 157 18.82 -7.40 -32.02
C TYR C 157 17.66 -7.31 -31.10
N VAL C 158 16.85 -8.37 -31.14
CA VAL C 158 15.74 -8.25 -30.26
C VAL C 158 16.08 -7.81 -28.84
N ALA C 159 17.01 -8.59 -28.07
CA ALA C 159 17.66 -8.41 -26.63
C ALA C 159 18.36 -7.18 -26.90
N ALA C 160 19.45 -7.20 -27.65
CA ALA C 160 19.86 -5.71 -27.64
C ALA C 160 18.82 -4.48 -27.79
N ASN C 161 17.71 -4.79 -28.42
CA ASN C 161 16.71 -3.71 -28.81
C ASN C 161 15.25 -3.35 -28.19
N MET C 162 14.70 -4.38 -27.68
CA MET C 162 13.46 -4.18 -27.54
C MET C 162 13.16 -5.01 -26.29
N LYS C 163 13.90 -6.08 -25.92
CA LYS C 163 13.69 -6.73 -24.51
C LYS C 163 13.91 -5.68 -23.37
N ASP C 164 14.32 -4.48 -23.78
CA ASP C 164 14.41 -3.65 -22.71
C ASP C 164 13.26 -3.01 -21.87
N ALA C 165 13.02 -1.73 -22.29
CA ALA C 165 11.46 -1.28 -22.48
C ALA C 165 10.35 -2.46 -22.43
N ILE C 166 10.46 -3.51 -23.27
CA ILE C 166 9.37 -4.20 -22.88
C ILE C 166 9.37 -4.61 -21.46
N SER C 167 10.50 -4.86 -20.80
CA SER C 167 10.50 -5.44 -19.32
C SER C 167 10.51 -4.35 -18.51
N ARG C 168 11.15 -3.29 -18.91
CA ARG C 168 10.98 -2.35 -17.97
C ARG C 168 9.52 -1.75 -17.98
N THR C 169 8.29 -2.29 -18.20
CA THR C 169 7.12 -1.26 -18.82
C THR C 169 5.86 -1.65 -18.10
N SER C 170 5.20 -0.75 -17.34
CA SER C 170 4.11 -1.39 -16.50
C SER C 170 3.22 -2.49 -17.02
N GLY C 171 2.62 -3.04 -15.96
CA GLY C 171 2.04 -4.43 -16.01
C GLY C 171 2.40 -5.50 -17.02
N VAL C 172 3.24 -5.09 -18.02
CA VAL C 172 4.34 -6.11 -18.39
C VAL C 172 5.25 -6.43 -17.17
N GLY C 173 5.22 -7.75 -16.75
CA GLY C 173 5.81 -8.26 -15.45
C GLY C 173 6.42 -9.62 -15.75
N ASP C 174 7.28 -9.67 -16.79
CA ASP C 174 8.01 -10.82 -17.30
C ASP C 174 7.86 -11.00 -18.95
N VAL C 175 8.96 -10.72 -19.65
CA VAL C 175 8.91 -11.06 -21.05
C VAL C 175 9.89 -12.33 -21.25
N GLN C 176 9.36 -13.51 -21.72
CA GLN C 176 10.31 -14.53 -22.10
C GLN C 176 10.83 -14.05 -23.37
N LEU C 177 11.95 -14.65 -23.74
CA LEU C 177 12.61 -14.23 -24.96
C LEU C 177 13.07 -15.44 -25.68
N PHE C 178 12.55 -15.59 -26.91
CA PHE C 178 12.55 -16.92 -27.59
C PHE C 178 13.86 -16.95 -28.48
N GLY C 179 14.92 -17.22 -27.81
CA GLY C 179 16.22 -16.74 -28.26
C GLY C 179 17.15 -16.59 -27.08
N SER C 180 18.31 -16.00 -27.41
CA SER C 180 19.25 -15.34 -26.48
C SER C 180 20.13 -14.23 -27.10
N GLN C 181 20.61 -13.32 -26.24
CA GLN C 181 21.27 -12.15 -26.77
C GLN C 181 22.64 -12.63 -27.03
N TYR C 182 23.45 -11.90 -27.88
CA TYR C 182 24.89 -12.32 -28.01
C TYR C 182 25.84 -12.25 -26.78
N ALA C 183 26.82 -13.13 -26.85
CA ALA C 183 27.75 -13.10 -25.81
C ALA C 183 28.99 -13.35 -26.46
N MET C 184 30.07 -12.84 -25.83
CA MET C 184 31.53 -13.25 -26.19
C MET C 184 31.74 -14.66 -25.89
N ARG C 185 32.21 -15.36 -26.96
CA ARG C 185 32.18 -16.82 -27.05
C ARG C 185 33.55 -17.47 -27.26
N ILE C 186 33.86 -18.50 -26.49
CA ILE C 186 35.19 -18.89 -26.44
C ILE C 186 35.05 -20.37 -26.35
N TRP C 187 34.29 -20.87 -27.32
CA TRP C 187 34.46 -22.27 -27.73
C TRP C 187 36.01 -22.60 -27.75
N MET C 188 36.54 -23.07 -26.60
CA MET C 188 37.82 -23.76 -26.51
C MET C 188 38.01 -24.96 -27.42
N ASN C 189 39.23 -25.45 -27.45
CA ASN C 189 39.63 -26.77 -27.97
C ASN C 189 40.75 -27.44 -27.12
N PRO C 190 40.53 -28.74 -26.77
CA PRO C 190 41.44 -29.25 -25.79
C PRO C 190 42.83 -29.50 -26.49
N ASN C 191 43.08 -30.63 -27.21
CA ASN C 191 44.27 -30.71 -28.09
C ASN C 191 45.28 -29.58 -27.87
N GLU C 192 44.86 -28.38 -28.23
CA GLU C 192 45.68 -27.24 -28.10
C GLU C 192 46.16 -26.93 -26.75
N LEU C 193 45.27 -26.57 -25.82
CA LEU C 193 45.76 -25.96 -24.59
C LEU C 193 46.53 -27.07 -23.92
N ASN C 194 46.27 -28.33 -24.37
CA ASN C 194 47.07 -29.56 -24.00
C ASN C 194 48.40 -29.46 -24.61
N LYS C 195 48.46 -28.97 -25.89
CA LYS C 195 49.71 -28.65 -26.63
C LYS C 195 50.36 -27.50 -25.91
N PHE C 196 50.31 -26.27 -26.41
CA PHE C 196 50.97 -25.19 -25.61
C PHE C 196 50.88 -25.22 -24.10
N GLN C 197 50.25 -26.22 -23.51
CA GLN C 197 50.38 -26.39 -22.07
C GLN C 197 49.63 -25.33 -21.21
N LEU C 198 48.30 -25.34 -21.44
CA LEU C 198 47.34 -24.41 -20.80
C LEU C 198 46.01 -25.11 -20.52
N THR C 199 45.36 -24.66 -19.47
CA THR C 199 44.07 -25.20 -19.04
C THR C 199 43.05 -24.04 -19.27
N PRO C 200 41.75 -24.32 -19.24
CA PRO C 200 40.97 -23.11 -19.25
C PRO C 200 41.44 -22.19 -18.16
N VAL C 201 41.69 -22.68 -16.95
CA VAL C 201 42.00 -21.76 -15.87
C VAL C 201 42.87 -20.66 -16.40
N ASP C 202 43.70 -21.08 -17.34
CA ASP C 202 44.81 -20.20 -17.68
C ASP C 202 44.05 -19.22 -18.42
N VAL C 203 43.27 -19.75 -19.43
CA VAL C 203 42.54 -18.97 -20.50
C VAL C 203 41.73 -17.98 -19.83
N ILE C 204 40.93 -18.45 -18.90
CA ILE C 204 40.22 -17.55 -18.15
C ILE C 204 41.14 -16.45 -17.72
N THR C 205 42.10 -16.70 -16.85
CA THR C 205 42.64 -15.52 -16.06
C THR C 205 43.08 -14.38 -16.97
N ALA C 206 43.28 -14.84 -18.19
CA ALA C 206 43.57 -14.02 -19.36
C ALA C 206 42.58 -13.03 -19.50
N ILE C 207 41.35 -13.62 -19.64
CA ILE C 207 40.18 -12.98 -20.12
C ILE C 207 39.76 -11.85 -19.20
N LYS C 208 39.82 -12.10 -17.91
CA LYS C 208 39.77 -11.00 -16.93
C LYS C 208 40.91 -10.00 -17.17
N ALA C 209 42.18 -10.40 -17.02
CA ALA C 209 43.15 -9.33 -17.44
C ALA C 209 42.92 -8.62 -18.81
N GLN C 210 43.10 -9.25 -19.98
CA GLN C 210 43.19 -8.40 -21.23
C GLN C 210 41.77 -7.78 -21.54
N ASN C 211 40.70 -8.33 -20.91
CA ASN C 211 39.38 -7.78 -21.14
C ASN C 211 38.74 -7.24 -19.97
N ALA C 212 38.88 -5.93 -19.82
CA ALA C 212 38.82 -5.22 -18.50
C ALA C 212 38.78 -3.67 -18.54
N GLN C 213 37.98 -3.02 -17.66
CA GLN C 213 37.84 -1.51 -17.64
C GLN C 213 38.28 -1.04 -16.27
N VAL C 214 38.92 0.08 -16.21
CA VAL C 214 39.56 0.32 -14.99
C VAL C 214 39.96 1.73 -14.87
N ALA C 215 40.52 2.01 -13.72
CA ALA C 215 40.21 3.17 -13.01
C ALA C 215 41.42 3.78 -12.50
N ALA C 216 42.05 4.60 -13.33
CA ALA C 216 43.00 5.64 -12.86
C ALA C 216 42.51 6.71 -11.89
N GLY C 217 42.61 7.96 -12.27
CA GLY C 217 42.57 8.97 -11.23
C GLY C 217 42.67 10.11 -12.13
N GLN C 218 43.18 11.24 -11.72
CA GLN C 218 43.37 12.20 -12.73
C GLN C 218 44.38 13.33 -12.43
N LEU C 219 44.88 13.94 -13.47
CA LEU C 219 45.86 14.91 -13.33
C LEU C 219 45.54 16.21 -12.56
N GLY C 220 44.40 16.81 -12.72
CA GLY C 220 44.34 17.97 -11.85
C GLY C 220 44.06 17.41 -10.46
N GLY C 221 44.45 16.16 -10.20
CA GLY C 221 44.48 15.62 -8.83
C GLY C 221 43.49 16.26 -7.86
N THR C 222 42.21 15.87 -7.96
CA THR C 222 41.14 16.03 -6.94
C THR C 222 41.31 16.90 -5.70
N PRO C 223 42.26 16.60 -4.74
CA PRO C 223 42.90 17.56 -3.84
C PRO C 223 44.24 17.91 -4.38
N PRO C 224 44.38 19.04 -5.06
CA PRO C 224 45.57 19.38 -5.82
C PRO C 224 46.72 20.10 -4.99
N VAL C 225 47.56 20.89 -5.66
CA VAL C 225 48.82 21.42 -5.11
C VAL C 225 48.92 22.90 -5.26
N LYS C 226 49.69 23.45 -4.33
CA LYS C 226 50.00 24.82 -4.36
C LYS C 226 49.16 25.33 -5.49
N GLY C 227 49.70 25.39 -6.69
CA GLY C 227 49.02 26.27 -7.57
C GLY C 227 49.03 25.90 -8.98
N GLN C 228 48.00 25.19 -9.43
CA GLN C 228 48.10 24.43 -10.66
C GLN C 228 46.99 24.69 -11.68
N GLN C 229 47.29 24.98 -12.95
CA GLN C 229 46.34 24.77 -14.07
C GLN C 229 46.39 23.34 -14.57
N LEU C 230 45.74 23.09 -15.70
CA LEU C 230 45.50 21.69 -16.16
C LEU C 230 45.06 20.61 -15.09
N ASN C 231 43.85 20.11 -15.30
CA ASN C 231 43.34 18.99 -14.59
C ASN C 231 42.73 18.22 -15.67
N ALA C 232 43.03 16.92 -15.76
CA ALA C 232 42.15 15.96 -16.54
C ALA C 232 42.45 14.52 -16.29
N SER C 233 41.44 13.64 -16.30
CA SER C 233 41.50 12.19 -16.09
C SER C 233 42.60 11.25 -16.72
N ILE C 234 42.81 10.06 -16.21
CA ILE C 234 43.85 9.26 -16.71
C ILE C 234 43.20 7.98 -17.14
N ILE C 235 43.25 7.59 -18.36
CA ILE C 235 42.33 6.48 -18.83
C ILE C 235 43.35 5.26 -18.89
N ALA C 236 43.17 4.14 -18.24
CA ALA C 236 43.91 2.96 -18.69
C ALA C 236 43.09 1.83 -19.44
N GLN C 237 43.31 0.61 -18.90
CA GLN C 237 42.87 -0.46 -19.66
C GLN C 237 41.29 -0.28 -20.10
N THR C 238 40.97 -0.51 -21.38
CA THR C 238 39.51 -0.75 -21.71
C THR C 238 39.15 -2.17 -21.80
N ARG C 239 37.91 -2.30 -22.29
CA ARG C 239 37.03 -3.47 -22.17
C ARG C 239 37.08 -3.92 -23.64
N LEU C 240 37.18 -5.19 -23.91
CA LEU C 240 37.59 -5.43 -25.28
C LEU C 240 36.41 -5.21 -26.18
N THR C 241 36.50 -5.26 -27.47
CA THR C 241 35.24 -4.96 -28.04
C THR C 241 34.75 -5.59 -29.27
N SER C 242 35.56 -6.49 -29.78
CA SER C 242 35.26 -7.18 -31.05
C SER C 242 35.85 -8.62 -31.04
N THR C 243 35.27 -9.53 -31.85
CA THR C 243 35.75 -10.97 -31.84
C THR C 243 37.27 -10.98 -31.62
N GLU C 244 37.85 -10.02 -32.39
CA GLU C 244 39.22 -9.79 -32.68
C GLU C 244 40.01 -9.46 -31.46
N GLU C 245 39.69 -8.32 -30.84
CA GLU C 245 40.40 -7.96 -29.59
C GLU C 245 40.67 -9.22 -28.73
N PHE C 246 39.65 -9.99 -28.43
CA PHE C 246 39.74 -11.11 -27.47
C PHE C 246 40.79 -12.05 -27.78
N GLY C 247 40.67 -12.71 -28.88
CA GLY C 247 41.64 -13.71 -29.26
C GLY C 247 42.86 -13.10 -29.94
N LYS C 248 43.01 -11.82 -29.92
CA LYS C 248 44.39 -11.59 -29.88
C LYS C 248 45.00 -11.53 -28.40
N ILE C 249 44.30 -12.11 -27.43
CA ILE C 249 44.66 -11.89 -26.11
C ILE C 249 45.82 -12.83 -26.19
N LEU C 250 46.86 -12.40 -25.46
CA LEU C 250 48.14 -13.01 -25.27
C LEU C 250 48.06 -13.95 -24.10
N LEU C 251 48.29 -15.22 -24.39
CA LEU C 251 48.12 -16.32 -23.47
C LEU C 251 49.37 -16.70 -22.71
N LYS C 252 50.41 -17.07 -23.48
CA LYS C 252 51.87 -17.11 -23.04
C LYS C 252 52.85 -17.15 -24.20
N VAL C 253 54.00 -16.48 -23.93
CA VAL C 253 55.23 -16.41 -24.75
C VAL C 253 56.19 -17.59 -24.48
N ASN C 254 56.81 -18.03 -25.58
CA ASN C 254 57.72 -19.16 -25.62
C ASN C 254 59.24 -18.88 -25.66
N GLN C 255 59.97 -19.92 -25.30
CA GLN C 255 61.43 -19.94 -25.28
C GLN C 255 61.86 -19.29 -26.55
N ASP C 256 61.35 -19.87 -27.61
CA ASP C 256 61.47 -19.30 -28.91
C ASP C 256 60.53 -18.11 -29.11
N GLY C 257 60.49 -17.18 -28.13
CA GLY C 257 59.61 -15.99 -28.13
C GLY C 257 58.30 -16.02 -28.97
N SER C 258 57.98 -17.17 -29.57
CA SER C 258 56.72 -17.28 -30.27
C SER C 258 55.74 -17.18 -29.16
N ARG C 259 54.93 -16.11 -29.17
CA ARG C 259 53.76 -15.87 -28.28
C ARG C 259 52.57 -16.84 -28.50
N VAL C 260 51.83 -17.16 -27.43
CA VAL C 260 50.51 -17.76 -27.73
C VAL C 260 49.44 -16.93 -27.33
N LEU C 261 48.43 -17.06 -28.11
CA LEU C 261 47.48 -16.09 -28.02
C LEU C 261 46.39 -17.01 -27.72
N LEU C 262 45.36 -16.53 -27.04
CA LEU C 262 44.10 -17.25 -27.07
C LEU C 262 43.30 -17.35 -28.43
N ARG C 263 43.61 -16.61 -29.50
CA ARG C 263 42.97 -17.02 -30.74
C ARG C 263 43.39 -18.40 -31.22
N ASP C 264 44.58 -18.73 -30.67
CA ASP C 264 45.45 -19.99 -30.90
C ASP C 264 45.06 -21.25 -30.10
N VAL C 265 44.01 -21.10 -29.30
CA VAL C 265 43.54 -22.16 -28.47
C VAL C 265 41.99 -22.09 -28.54
N ALA C 266 41.31 -21.69 -29.61
CA ALA C 266 39.95 -21.27 -29.34
C ALA C 266 39.03 -20.75 -30.48
N LYS C 267 38.17 -21.54 -31.13
CA LYS C 267 37.51 -20.91 -32.22
C LYS C 267 37.02 -19.80 -31.38
N ILE C 268 36.73 -18.59 -31.91
CA ILE C 268 36.32 -17.45 -31.05
C ILE C 268 35.34 -16.61 -31.82
N GLU C 269 34.05 -16.80 -31.57
CA GLU C 269 33.01 -16.04 -32.30
C GLU C 269 31.83 -15.57 -31.40
N LEU C 270 31.40 -14.26 -31.55
CA LEU C 270 30.16 -13.73 -31.01
C LEU C 270 29.16 -14.91 -31.09
N GLY C 271 28.50 -15.25 -29.97
CA GLY C 271 27.36 -16.26 -29.85
C GLY C 271 25.97 -16.02 -29.14
N GLY C 272 25.17 -17.07 -28.96
CA GLY C 272 24.19 -17.02 -27.83
C GLY C 272 24.86 -16.94 -26.37
N GLU C 273 24.14 -16.36 -25.39
CA GLU C 273 24.63 -16.44 -24.02
C GLU C 273 24.20 -17.76 -23.80
N ASN C 274 23.13 -18.20 -24.51
CA ASN C 274 22.57 -19.53 -24.38
C ASN C 274 21.63 -20.19 -25.43
N TYR C 275 22.12 -21.29 -25.98
CA TYR C 275 21.58 -22.18 -26.98
C TYR C 275 20.51 -23.14 -26.40
N ASP C 276 19.38 -22.59 -26.05
CA ASP C 276 18.38 -23.50 -25.59
C ASP C 276 17.11 -23.36 -26.38
N ILE C 277 16.86 -22.18 -26.92
CA ILE C 277 15.67 -21.99 -27.65
C ILE C 277 15.85 -21.79 -29.14
N ILE C 278 14.82 -21.87 -29.96
CA ILE C 278 14.94 -21.62 -31.39
C ILE C 278 13.54 -21.69 -31.73
N ALA C 279 13.09 -20.86 -32.66
CA ALA C 279 11.66 -20.78 -33.02
C ALA C 279 11.34 -19.94 -34.26
N GLU C 280 10.58 -20.60 -35.15
CA GLU C 280 10.26 -20.06 -36.43
C GLU C 280 8.84 -19.75 -36.46
N PHE C 281 8.60 -18.61 -37.11
CA PHE C 281 7.30 -18.16 -37.46
C PHE C 281 6.86 -18.83 -38.76
N ASN C 282 5.85 -19.71 -38.76
CA ASN C 282 5.34 -20.38 -40.00
C ASN C 282 6.54 -20.90 -40.77
N GLY C 283 7.43 -21.61 -40.10
CA GLY C 283 8.62 -22.10 -40.80
C GLY C 283 9.86 -21.20 -41.03
N GLN C 284 9.71 -19.90 -41.47
CA GLN C 284 10.79 -18.82 -41.31
C GLN C 284 11.45 -18.85 -39.90
N PRO C 285 12.73 -18.41 -39.80
CA PRO C 285 13.38 -18.49 -38.49
C PRO C 285 13.20 -17.14 -37.88
N ALA C 286 12.59 -17.10 -36.70
CA ALA C 286 12.39 -15.79 -36.11
C ALA C 286 12.60 -15.69 -34.61
N SER C 287 11.83 -14.81 -34.02
CA SER C 287 12.05 -14.60 -32.64
C SER C 287 11.19 -13.49 -32.12
N GLY C 288 10.88 -13.54 -30.83
CA GLY C 288 10.28 -12.31 -30.29
C GLY C 288 9.85 -12.61 -28.92
N LEU C 289 9.19 -11.64 -28.30
CA LEU C 289 9.10 -11.81 -26.89
C LEU C 289 7.82 -12.47 -26.51
N GLY C 290 7.92 -13.24 -25.43
CA GLY C 290 6.69 -13.75 -24.70
C GLY C 290 6.16 -12.57 -23.90
N ILE C 291 5.06 -12.58 -23.21
CA ILE C 291 4.78 -11.37 -22.37
C ILE C 291 3.73 -11.69 -21.33
N LYS C 292 4.09 -11.42 -20.05
CA LYS C 292 3.27 -11.89 -18.96
C LYS C 292 2.81 -10.67 -18.24
N LEU C 293 1.62 -10.81 -17.58
CA LEU C 293 0.80 -9.64 -17.14
C LEU C 293 0.88 -9.60 -15.65
N ALA C 294 1.49 -8.55 -15.10
CA ALA C 294 1.62 -8.54 -13.60
C ALA C 294 0.29 -8.70 -12.93
N THR C 295 0.39 -9.38 -11.78
CA THR C 295 -0.88 -9.72 -11.06
C THR C 295 -2.20 -8.91 -11.67
N GLY C 296 -2.14 -7.59 -11.51
CA GLY C 296 -3.29 -6.88 -11.34
C GLY C 296 -3.60 -6.27 -12.66
N ALA C 297 -2.62 -6.05 -13.49
CA ALA C 297 -2.97 -5.01 -14.41
C ALA C 297 -4.02 -5.36 -15.45
N ASN C 298 -4.35 -4.29 -16.17
CA ASN C 298 -5.24 -4.45 -17.26
C ASN C 298 -4.55 -5.00 -18.44
N ALA C 299 -4.91 -6.21 -18.80
CA ALA C 299 -4.55 -6.69 -20.12
C ALA C 299 -4.57 -5.59 -21.19
N LEU C 300 -5.67 -4.91 -21.26
CA LEU C 300 -5.87 -4.20 -22.43
C LEU C 300 -4.87 -3.17 -22.52
N ASP C 301 -4.74 -2.48 -21.41
CA ASP C 301 -4.10 -1.13 -21.50
C ASP C 301 -2.58 -1.35 -21.66
N THR C 302 -2.10 -2.56 -21.25
CA THR C 302 -0.71 -2.88 -21.26
C THR C 302 -0.68 -3.04 -22.75
N ALA C 303 -1.34 -4.10 -23.21
CA ALA C 303 -1.10 -4.48 -24.57
C ALA C 303 -0.93 -3.18 -25.36
N ALA C 304 -2.01 -2.37 -25.50
CA ALA C 304 -1.91 -1.00 -26.11
C ALA C 304 -0.41 -0.43 -25.96
N ALA C 305 0.07 -0.35 -24.70
CA ALA C 305 1.48 0.13 -24.35
C ALA C 305 2.80 -0.61 -24.85
N ILE C 306 2.98 -1.91 -24.48
CA ILE C 306 3.70 -2.78 -25.32
C ILE C 306 3.39 -2.33 -26.77
N ARG C 307 2.17 -2.48 -27.31
CA ARG C 307 2.12 -2.43 -28.73
C ARG C 307 2.56 -1.07 -29.10
N ALA C 308 2.23 -0.10 -28.31
CA ALA C 308 2.77 1.12 -28.88
C ALA C 308 4.09 1.65 -28.28
N GLU C 309 4.73 0.65 -27.73
CA GLU C 309 6.14 0.80 -27.48
C GLU C 309 6.73 0.54 -28.83
N LEU C 310 6.83 -0.77 -29.14
CA LEU C 310 7.57 -1.37 -30.32
C LEU C 310 7.48 -0.37 -31.49
N ALA C 311 6.18 -0.30 -31.96
CA ALA C 311 5.51 0.86 -32.62
C ALA C 311 6.37 2.16 -32.51
N LYS C 312 6.86 2.50 -31.28
CA LYS C 312 7.91 3.55 -31.00
C LYS C 312 9.39 3.24 -31.35
N MET C 313 9.69 2.02 -31.80
CA MET C 313 11.10 1.59 -32.09
C MET C 313 11.19 0.85 -33.45
N GLU C 314 10.23 1.22 -34.35
CA GLU C 314 9.87 0.49 -35.63
C GLU C 314 10.47 1.18 -36.87
N PRO C 315 10.41 2.50 -36.87
CA PRO C 315 11.32 3.13 -37.87
C PRO C 315 12.92 2.89 -37.63
N PHE C 316 13.36 2.03 -36.76
CA PHE C 316 14.83 1.97 -36.73
C PHE C 316 15.43 0.56 -36.55
N PHE C 317 14.62 -0.49 -36.85
CA PHE C 317 15.36 -1.77 -37.07
C PHE C 317 16.09 -1.94 -38.42
N PRO C 318 17.06 -2.80 -38.40
CA PRO C 318 17.80 -3.18 -39.52
C PRO C 318 16.92 -3.43 -40.67
N SER C 319 17.54 -3.32 -41.84
CA SER C 319 17.01 -3.81 -43.17
C SER C 319 15.52 -4.29 -43.20
N GLY C 320 15.22 -5.60 -43.09
CA GLY C 320 13.85 -6.02 -43.27
C GLY C 320 13.48 -6.91 -42.11
N LEU C 321 12.78 -6.36 -41.09
CA LEU C 321 12.58 -6.98 -39.74
C LEU C 321 11.23 -6.55 -39.22
N LYS C 322 10.34 -7.50 -39.20
CA LYS C 322 8.96 -7.11 -38.95
C LYS C 322 8.47 -7.74 -37.70
N ILE C 323 8.08 -6.92 -36.76
CA ILE C 323 7.34 -7.48 -35.71
C ILE C 323 6.22 -8.23 -36.41
N VAL C 324 6.11 -9.52 -36.18
CA VAL C 324 4.85 -10.12 -36.51
C VAL C 324 4.08 -10.31 -35.18
N TYR C 325 3.07 -11.16 -35.17
CA TYR C 325 2.02 -10.97 -34.17
C TYR C 325 1.33 -12.15 -33.65
N PRO C 326 2.01 -13.32 -33.57
CA PRO C 326 1.34 -14.64 -33.38
C PRO C 326 0.60 -14.69 -32.07
N TYR C 327 0.00 -15.79 -31.73
CA TYR C 327 -0.61 -15.85 -30.39
C TYR C 327 -0.56 -14.56 -29.52
N ASP C 328 -1.68 -13.81 -29.49
CA ASP C 328 -1.98 -12.58 -28.68
C ASP C 328 -3.50 -12.48 -28.23
N THR C 329 -3.72 -12.34 -26.93
CA THR C 329 -5.02 -12.72 -26.40
C THR C 329 -6.03 -11.61 -26.05
N THR C 330 -5.50 -10.42 -25.87
CA THR C 330 -6.14 -9.15 -26.21
C THR C 330 -7.40 -9.03 -27.19
N PRO C 331 -7.24 -9.33 -28.51
CA PRO C 331 -8.25 -8.74 -29.41
C PRO C 331 -9.57 -9.49 -29.27
N PHE C 332 -9.53 -10.77 -29.01
CA PHE C 332 -10.74 -11.45 -28.67
C PHE C 332 -11.39 -10.66 -27.53
N VAL C 333 -10.70 -10.50 -26.38
CA VAL C 333 -11.35 -9.82 -25.28
C VAL C 333 -11.76 -8.42 -25.62
N LYS C 334 -11.07 -7.80 -26.56
CA LYS C 334 -11.66 -6.62 -27.24
C LYS C 334 -13.03 -6.92 -28.07
N ILE C 335 -12.97 -7.75 -29.14
CA ILE C 335 -14.12 -8.09 -30.04
C ILE C 335 -15.32 -8.58 -29.23
N SER C 336 -15.21 -9.81 -28.77
CA SER C 336 -16.02 -10.28 -27.68
C SER C 336 -16.75 -9.14 -27.01
N ILE C 337 -16.03 -8.39 -26.17
CA ILE C 337 -16.72 -7.50 -25.24
C ILE C 337 -17.50 -6.44 -26.00
N HIS C 338 -17.16 -6.31 -27.28
CA HIS C 338 -17.94 -5.48 -28.18
C HIS C 338 -19.14 -6.16 -28.85
N GLU C 339 -18.94 -7.30 -29.48
CA GLU C 339 -20.02 -8.27 -29.69
C GLU C 339 -21.25 -8.05 -28.85
N VAL C 340 -21.05 -8.10 -27.53
CA VAL C 340 -22.15 -7.77 -26.60
C VAL C 340 -22.82 -6.36 -26.84
N VAL C 341 -22.19 -5.26 -26.41
CA VAL C 341 -22.51 -3.88 -26.89
C VAL C 341 -23.55 -3.73 -28.17
N LYS C 342 -23.21 -4.38 -29.30
CA LYS C 342 -24.08 -4.51 -30.52
C LYS C 342 -25.46 -5.04 -30.14
N THR C 343 -25.40 -6.11 -29.36
CA THR C 343 -26.56 -6.73 -28.72
C THR C 343 -27.46 -5.75 -27.83
N LEU C 344 -26.82 -4.73 -27.24
CA LEU C 344 -27.56 -3.89 -26.32
C LEU C 344 -28.38 -3.02 -27.24
N VAL C 345 -27.64 -2.24 -28.04
CA VAL C 345 -28.22 -1.33 -29.05
C VAL C 345 -29.25 -2.08 -29.89
N GLU C 346 -28.80 -3.21 -30.41
CA GLU C 346 -29.62 -4.03 -31.27
C GLU C 346 -31.03 -4.28 -30.70
N ALA C 347 -31.05 -4.93 -29.53
CA ALA C 347 -32.30 -5.32 -28.93
C ALA C 347 -32.93 -4.14 -28.25
N ILE C 348 -32.29 -2.97 -28.35
CA ILE C 348 -32.99 -1.70 -28.13
C ILE C 348 -34.01 -1.56 -29.27
N ILE C 349 -33.59 -2.03 -30.44
CA ILE C 349 -34.28 -1.80 -31.68
C ILE C 349 -35.36 -2.85 -31.98
N LEU C 350 -35.32 -4.00 -31.33
CA LEU C 350 -36.50 -4.87 -31.38
C LEU C 350 -37.54 -4.35 -30.40
N VAL C 351 -37.21 -4.24 -29.11
CA VAL C 351 -38.10 -3.56 -28.20
C VAL C 351 -38.79 -2.27 -28.74
N PHE C 352 -38.08 -1.38 -29.45
CA PHE C 352 -38.71 -0.22 -30.20
C PHE C 352 -39.89 -0.63 -31.08
N LEU C 353 -39.74 -1.77 -31.71
CA LEU C 353 -40.79 -2.33 -32.49
C LEU C 353 -41.91 -2.93 -31.60
N VAL C 354 -41.70 -3.96 -30.75
CA VAL C 354 -42.86 -4.52 -29.97
C VAL C 354 -43.52 -3.51 -29.12
N MET C 355 -42.90 -2.36 -28.98
CA MET C 355 -43.58 -1.19 -28.43
C MET C 355 -44.32 -0.41 -29.54
N TYR C 356 -44.86 -1.15 -30.54
CA TYR C 356 -45.48 -0.59 -31.77
C TYR C 356 -46.73 -1.35 -32.11
N LEU C 357 -46.51 -2.63 -32.39
CA LEU C 357 -47.52 -3.68 -32.32
C LEU C 357 -48.54 -3.50 -31.20
N PHE C 358 -48.13 -2.89 -30.09
CA PHE C 358 -49.11 -2.70 -29.09
C PHE C 358 -49.40 -1.24 -28.88
N LEU C 359 -48.66 -0.36 -29.55
CA LEU C 359 -49.04 1.07 -29.48
C LEU C 359 -49.47 1.84 -30.78
N GLN C 360 -48.59 1.80 -31.78
CA GLN C 360 -48.82 2.34 -33.15
C GLN C 360 -48.58 3.88 -33.26
N ASN C 361 -47.84 4.42 -32.29
CA ASN C 361 -47.39 5.84 -32.27
C ASN C 361 -45.84 5.99 -32.42
N PHE C 362 -45.37 7.21 -32.66
CA PHE C 362 -43.93 7.49 -32.64
C PHE C 362 -43.58 8.02 -31.28
N ARG C 363 -43.92 9.29 -31.06
CA ARG C 363 -43.59 10.05 -29.85
C ARG C 363 -44.13 9.33 -28.61
N ALA C 364 -45.14 8.49 -28.85
CA ALA C 364 -45.77 7.66 -27.83
C ALA C 364 -45.04 6.36 -27.69
N THR C 365 -44.07 6.15 -28.56
CA THR C 365 -43.27 4.95 -28.48
C THR C 365 -41.83 5.29 -28.19
N LEU C 366 -41.26 6.27 -28.91
CA LEU C 366 -39.97 6.89 -28.53
C LEU C 366 -39.97 7.20 -27.02
N ILE C 367 -40.94 6.66 -26.26
CA ILE C 367 -41.10 6.89 -24.82
C ILE C 367 -40.44 5.84 -23.92
N PRO C 368 -40.82 4.53 -24.03
CA PRO C 368 -40.03 3.48 -23.30
C PRO C 368 -38.76 3.03 -24.06
N THR C 369 -38.56 3.56 -25.26
CA THR C 369 -37.31 3.34 -25.98
C THR C 369 -36.22 4.16 -25.30
N ILE C 370 -36.47 5.41 -24.93
CA ILE C 370 -35.44 6.14 -24.15
C ILE C 370 -35.08 5.56 -22.75
N ALA C 371 -36.08 5.25 -21.94
CA ALA C 371 -35.91 4.50 -20.68
C ALA C 371 -34.73 3.54 -20.60
N VAL C 372 -34.42 2.74 -21.62
CA VAL C 372 -33.31 1.86 -21.32
C VAL C 372 -31.97 2.50 -21.60
N PRO C 373 -31.72 2.88 -22.85
CA PRO C 373 -30.62 3.82 -23.00
C PRO C 373 -30.30 4.78 -21.83
N VAL C 374 -31.24 5.14 -20.97
CA VAL C 374 -30.84 6.08 -19.91
C VAL C 374 -30.58 5.33 -18.67
N VAL C 375 -31.42 4.37 -18.34
CA VAL C 375 -31.03 3.47 -17.24
C VAL C 375 -29.55 2.90 -17.46
N LEU C 376 -29.38 1.90 -18.34
CA LEU C 376 -28.05 1.47 -18.71
C LEU C 376 -27.08 2.61 -18.50
N LEU C 377 -26.82 3.46 -19.49
CA LEU C 377 -25.86 4.57 -19.36
C LEU C 377 -25.49 4.88 -17.95
N GLY C 378 -26.52 4.87 -17.12
CA GLY C 378 -26.37 5.30 -15.73
C GLY C 378 -25.76 4.23 -14.90
N THR C 379 -26.16 3.00 -15.19
CA THR C 379 -25.52 1.90 -14.55
C THR C 379 -23.94 1.99 -14.76
N PHE C 380 -23.34 1.86 -15.95
CA PHE C 380 -21.84 2.09 -16.11
C PHE C 380 -21.18 3.03 -15.10
N ALA C 381 -21.56 4.33 -15.06
CA ALA C 381 -21.18 5.27 -13.97
C ALA C 381 -21.44 4.65 -12.61
N VAL C 382 -22.66 4.28 -12.28
CA VAL C 382 -22.81 3.49 -11.03
C VAL C 382 -21.59 2.57 -10.80
N LEU C 383 -21.35 1.68 -11.79
CA LEU C 383 -20.33 0.62 -11.76
C LEU C 383 -19.01 1.20 -11.35
N ALA C 384 -18.56 2.21 -12.08
CA ALA C 384 -17.28 2.86 -11.91
C ALA C 384 -17.19 3.70 -10.66
N ALA C 385 -18.30 3.89 -9.94
CA ALA C 385 -18.11 4.40 -8.55
C ALA C 385 -17.60 3.13 -7.90
N PHE C 386 -18.47 2.13 -7.87
CA PHE C 386 -18.25 0.81 -7.29
C PHE C 386 -16.90 0.12 -7.53
N GLY C 387 -16.01 0.90 -8.14
CA GLY C 387 -14.76 0.46 -8.75
C GLY C 387 -14.86 -0.85 -9.53
N PHE C 388 -15.68 -0.91 -10.57
CA PHE C 388 -15.90 -2.19 -11.29
C PHE C 388 -15.25 -2.06 -12.67
N SER C 389 -15.42 -3.05 -13.54
CA SER C 389 -15.15 -2.79 -14.95
C SER C 389 -16.24 -3.21 -15.89
N ILE C 390 -16.27 -2.56 -17.03
CA ILE C 390 -16.97 -3.00 -18.20
C ILE C 390 -16.44 -4.33 -18.75
N ASN C 391 -16.96 -5.48 -18.31
CA ASN C 391 -16.50 -6.83 -18.77
C ASN C 391 -17.63 -7.80 -19.32
N THR C 392 -17.25 -8.99 -19.79
CA THR C 392 -18.29 -9.94 -20.21
C THR C 392 -19.43 -9.96 -19.18
N LEU C 393 -19.04 -10.34 -17.95
CA LEU C 393 -19.97 -10.60 -16.84
C LEU C 393 -20.89 -9.40 -16.44
N THR C 394 -20.26 -8.23 -16.33
CA THR C 394 -20.92 -6.95 -16.35
C THR C 394 -21.85 -6.83 -17.53
N MET C 395 -21.36 -6.96 -18.78
CA MET C 395 -22.27 -6.84 -19.95
C MET C 395 -23.56 -7.72 -19.96
N PHE C 396 -23.44 -9.04 -19.92
CA PHE C 396 -24.60 -9.84 -19.70
C PHE C 396 -25.47 -9.37 -18.50
N GLY C 397 -24.89 -8.57 -17.64
CA GLY C 397 -25.63 -8.21 -16.46
C GLY C 397 -26.58 -7.17 -16.93
N MET C 398 -26.23 -6.57 -18.08
CA MET C 398 -26.94 -5.49 -18.78
C MET C 398 -27.98 -5.96 -19.86
N VAL C 399 -27.56 -6.81 -20.77
CA VAL C 399 -28.47 -7.71 -21.41
C VAL C 399 -29.63 -8.15 -20.49
N LEU C 400 -29.42 -9.08 -19.57
CA LEU C 400 -30.51 -9.44 -18.63
C LEU C 400 -31.30 -8.28 -18.11
N ALA C 401 -30.66 -7.16 -17.76
CA ALA C 401 -31.40 -6.02 -17.17
C ALA C 401 -32.36 -5.38 -18.17
N ILE C 402 -31.93 -5.25 -19.44
CA ILE C 402 -32.80 -4.81 -20.56
C ILE C 402 -34.23 -5.32 -20.37
N GLY C 403 -34.40 -6.63 -20.09
CA GLY C 403 -35.69 -7.16 -19.59
C GLY C 403 -36.29 -6.23 -18.55
N LEU C 404 -35.85 -6.41 -17.31
CA LEU C 404 -36.18 -5.54 -16.15
C LEU C 404 -36.32 -4.02 -16.35
N LEU C 405 -36.23 -3.53 -17.58
CA LEU C 405 -36.13 -2.10 -17.70
C LEU C 405 -36.97 -1.60 -18.81
N VAL C 406 -37.22 -2.45 -19.80
CA VAL C 406 -38.31 -2.14 -20.69
C VAL C 406 -39.53 -2.29 -19.78
N ASP C 407 -39.81 -3.53 -19.35
CA ASP C 407 -41.05 -3.82 -18.61
C ASP C 407 -41.53 -2.69 -17.69
N ASP C 408 -40.62 -1.91 -17.18
CA ASP C 408 -41.04 -0.98 -16.17
C ASP C 408 -41.61 0.25 -16.80
N ALA C 409 -41.17 0.52 -18.04
CA ALA C 409 -41.70 1.58 -18.97
C ALA C 409 -43.05 1.22 -19.59
N ILE C 410 -43.10 0.11 -20.35
CA ILE C 410 -44.31 -0.70 -20.50
C ILE C 410 -45.21 -0.49 -19.29
N VAL C 411 -45.62 -1.54 -18.58
CA VAL C 411 -46.23 -1.33 -17.25
C VAL C 411 -46.81 0.12 -17.07
N VAL C 412 -45.92 1.13 -17.16
CA VAL C 412 -46.20 2.55 -16.89
C VAL C 412 -46.54 3.41 -18.09
N VAL C 413 -46.14 3.03 -19.29
CA VAL C 413 -46.73 3.68 -20.46
C VAL C 413 -48.02 3.01 -20.78
N GLU C 414 -47.94 1.73 -21.02
CA GLU C 414 -49.12 0.96 -21.38
C GLU C 414 -50.31 0.96 -20.41
N ASN C 415 -50.37 1.87 -19.43
CA ASN C 415 -51.51 1.92 -18.49
C ASN C 415 -51.94 3.34 -18.36
N VAL C 416 -51.11 4.21 -18.83
CA VAL C 416 -51.58 5.50 -19.15
C VAL C 416 -52.26 5.41 -20.58
N GLU C 417 -52.17 4.20 -21.20
CA GLU C 417 -53.02 3.87 -22.38
C GLU C 417 -54.37 3.36 -21.93
N ARG C 418 -54.45 2.17 -21.37
CA ARG C 418 -55.68 1.76 -20.62
C ARG C 418 -56.55 2.86 -19.91
N VAL C 419 -55.91 3.93 -19.43
CA VAL C 419 -56.56 5.03 -18.72
C VAL C 419 -56.77 6.26 -19.69
N MET C 420 -56.75 5.99 -20.99
CA MET C 420 -57.51 6.78 -21.98
C MET C 420 -58.78 5.98 -22.45
N ALA C 421 -58.80 4.67 -22.19
CA ALA C 421 -59.99 3.79 -22.34
C ALA C 421 -60.90 3.80 -21.10
N GLU C 422 -61.02 4.98 -20.48
CA GLU C 422 -61.85 5.33 -19.26
C GLU C 422 -61.84 6.85 -19.01
N GLU C 423 -60.69 7.49 -19.20
CA GLU C 423 -60.58 8.93 -18.98
C GLU C 423 -61.45 9.71 -19.98
N GLY C 424 -62.35 9.02 -20.67
CA GLY C 424 -63.02 9.61 -21.83
C GLY C 424 -61.94 10.03 -22.83
N LEU C 425 -61.10 11.00 -22.41
CA LEU C 425 -60.10 11.73 -23.24
C LEU C 425 -58.82 12.39 -22.57
N PRO C 426 -58.71 12.48 -21.20
CA PRO C 426 -57.52 13.24 -20.72
C PRO C 426 -56.19 12.43 -20.75
N PRO C 427 -55.03 13.10 -21.05
CA PRO C 427 -53.67 12.48 -20.87
C PRO C 427 -53.02 12.60 -19.42
N LYS C 428 -52.43 13.79 -19.11
CA LYS C 428 -51.90 14.31 -17.80
C LYS C 428 -52.72 13.95 -16.57
N GLU C 429 -54.03 13.89 -16.75
CA GLU C 429 -54.86 13.51 -15.62
C GLU C 429 -54.58 12.00 -15.40
N ALA C 430 -54.68 11.24 -16.50
CA ALA C 430 -54.49 9.79 -16.57
C ALA C 430 -53.11 9.32 -16.11
N THR C 431 -52.03 10.08 -16.39
CA THR C 431 -50.64 9.73 -15.91
C THR C 431 -50.63 9.76 -14.38
N ARG C 432 -50.81 10.94 -13.79
CA ARG C 432 -50.91 11.07 -12.32
C ARG C 432 -51.88 10.06 -11.65
N LYS C 433 -53.04 9.91 -12.29
CA LYS C 433 -54.08 8.88 -11.98
C LYS C 433 -53.43 7.51 -11.98
N SER C 434 -52.87 7.16 -13.15
CA SER C 434 -52.26 5.84 -13.36
C SER C 434 -51.06 5.71 -12.44
N MET C 435 -50.44 6.87 -12.09
CA MET C 435 -49.35 6.98 -11.07
C MET C 435 -49.85 6.73 -9.69
N GLY C 436 -50.69 7.66 -9.21
CA GLY C 436 -51.56 7.36 -8.09
C GLY C 436 -51.78 5.84 -7.93
N GLN C 437 -52.11 5.13 -9.03
CA GLN C 437 -52.50 3.66 -9.02
C GLN C 437 -51.36 2.61 -9.16
N ILE C 438 -50.08 3.07 -9.18
CA ILE C 438 -48.91 2.17 -9.23
C ILE C 438 -47.99 2.45 -8.11
N GLN C 439 -47.01 3.29 -8.44
CA GLN C 439 -45.80 3.63 -7.68
C GLN C 439 -45.39 2.79 -6.45
N GLY C 440 -46.01 2.96 -5.28
CA GLY C 440 -45.75 2.07 -4.14
C GLY C 440 -46.09 0.65 -4.53
N ALA C 441 -46.16 0.46 -5.85
CA ALA C 441 -46.16 -0.84 -6.53
C ALA C 441 -44.78 -1.09 -7.31
N LEU C 442 -44.36 -0.12 -8.14
CA LEU C 442 -43.06 -0.20 -8.80
C LEU C 442 -41.96 -0.42 -7.78
N VAL C 443 -41.90 0.47 -6.78
CA VAL C 443 -41.00 0.38 -5.59
C VAL C 443 -40.99 -0.95 -4.84
N GLY C 444 -42.13 -1.47 -4.39
CA GLY C 444 -42.15 -2.84 -3.80
C GLY C 444 -41.55 -3.94 -4.69
N ILE C 445 -41.66 -3.82 -6.01
CA ILE C 445 -41.17 -4.86 -6.94
C ILE C 445 -39.65 -4.89 -6.73
N ALA C 446 -39.06 -3.78 -7.21
CA ALA C 446 -37.65 -3.51 -7.15
C ALA C 446 -37.13 -3.99 -5.82
N MET C 447 -37.75 -3.56 -4.73
CA MET C 447 -37.53 -4.09 -3.40
C MET C 447 -37.82 -5.61 -3.12
N VAL C 448 -37.98 -6.42 -4.18
CA VAL C 448 -38.10 -7.87 -3.99
C VAL C 448 -37.48 -8.63 -5.14
N LEU C 449 -37.27 -7.89 -6.21
CA LEU C 449 -36.34 -8.32 -7.24
C LEU C 449 -34.88 -8.46 -6.72
N SER C 450 -34.30 -7.37 -6.16
CA SER C 450 -33.18 -7.39 -5.19
C SER C 450 -32.89 -8.78 -4.62
N ALA C 451 -33.75 -9.11 -3.64
CA ALA C 451 -33.77 -10.36 -2.93
C ALA C 451 -33.70 -11.58 -3.85
N VAL C 452 -34.17 -11.48 -5.12
CA VAL C 452 -33.95 -12.57 -6.12
C VAL C 452 -32.46 -12.56 -6.55
N PHE C 453 -31.94 -11.34 -6.76
CA PHE C 453 -30.61 -11.16 -7.27
C PHE C 453 -29.63 -11.27 -6.13
N VAL C 454 -29.64 -10.29 -5.23
CA VAL C 454 -28.55 -10.17 -4.24
C VAL C 454 -28.08 -11.37 -3.34
N PRO C 455 -28.90 -12.42 -3.14
CA PRO C 455 -28.48 -13.53 -2.23
C PRO C 455 -27.48 -14.51 -2.87
N MET C 456 -26.95 -14.10 -4.02
CA MET C 456 -25.89 -14.82 -4.76
C MET C 456 -24.47 -14.03 -4.78
N ALA C 457 -24.48 -12.72 -5.04
CA ALA C 457 -23.35 -11.90 -4.80
C ALA C 457 -22.80 -12.20 -3.42
N PHE C 458 -22.98 -13.41 -2.90
CA PHE C 458 -22.68 -13.63 -1.47
C PHE C 458 -21.98 -14.98 -1.15
N PHE C 459 -21.77 -15.82 -2.15
CA PHE C 459 -21.10 -17.11 -1.92
C PHE C 459 -19.61 -17.10 -2.31
N GLY C 460 -18.95 -15.92 -2.15
CA GLY C 460 -17.48 -15.73 -2.26
C GLY C 460 -16.53 -16.91 -2.44
N GLY C 461 -15.61 -16.70 -3.37
CA GLY C 461 -14.88 -17.79 -3.98
C GLY C 461 -14.32 -17.37 -5.33
N SER C 462 -13.82 -18.31 -6.14
CA SER C 462 -13.47 -17.96 -7.54
C SER C 462 -14.81 -17.56 -8.15
N THR C 463 -15.71 -18.57 -8.11
CA THR C 463 -17.18 -18.50 -8.37
C THR C 463 -17.70 -17.09 -8.13
N GLY C 464 -18.05 -16.88 -6.86
CA GLY C 464 -18.80 -15.75 -6.39
C GLY C 464 -18.42 -14.40 -6.94
N ALA C 465 -17.13 -14.10 -6.96
CA ALA C 465 -16.74 -12.78 -7.43
C ALA C 465 -17.05 -12.61 -8.91
N ILE C 466 -17.39 -13.73 -9.56
CA ILE C 466 -17.96 -13.71 -10.94
C ILE C 466 -19.40 -13.24 -10.99
N TYR C 467 -20.20 -13.72 -10.02
CA TYR C 467 -21.65 -13.43 -9.80
C TYR C 467 -21.96 -12.07 -9.12
N ARG C 468 -21.27 -11.73 -8.04
CA ARG C 468 -21.25 -10.35 -7.57
C ARG C 468 -21.13 -9.39 -8.72
N GLN C 469 -20.57 -9.82 -9.83
CA GLN C 469 -20.54 -8.95 -11.04
C GLN C 469 -21.95 -8.72 -11.66
N PHE C 470 -22.68 -9.82 -11.78
CA PHE C 470 -24.03 -9.75 -12.19
C PHE C 470 -24.80 -8.93 -11.19
N SER C 471 -25.23 -9.59 -10.10
CA SER C 471 -25.89 -8.94 -8.98
C SER C 471 -25.66 -7.48 -9.20
N ILE C 472 -24.54 -6.92 -8.74
CA ILE C 472 -24.36 -5.45 -8.85
C ILE C 472 -24.89 -4.81 -10.08
N THR C 473 -24.32 -5.16 -11.22
CA THR C 473 -24.78 -4.47 -12.40
C THR C 473 -26.28 -4.42 -12.41
N ILE C 474 -27.01 -5.54 -12.73
CA ILE C 474 -28.50 -5.74 -12.55
C ILE C 474 -29.18 -4.82 -11.42
N VAL C 475 -29.15 -5.22 -10.13
CA VAL C 475 -29.50 -4.37 -8.92
C VAL C 475 -29.10 -2.91 -9.02
N SER C 476 -27.97 -2.58 -9.54
CA SER C 476 -27.77 -1.16 -9.67
C SER C 476 -28.59 -0.51 -10.83
N ALA C 477 -28.93 -1.31 -11.85
CA ALA C 477 -29.59 -0.84 -13.05
C ALA C 477 -31.08 -0.83 -12.72
N MET C 478 -31.51 -1.84 -11.96
CA MET C 478 -32.89 -1.95 -11.38
C MET C 478 -33.32 -0.63 -10.74
N ALA C 479 -32.65 -0.29 -9.65
CA ALA C 479 -32.85 0.98 -9.03
C ALA C 479 -32.79 2.21 -9.97
N LEU C 480 -32.09 2.18 -11.11
CA LEU C 480 -32.18 3.32 -12.07
C LEU C 480 -33.53 3.33 -12.68
N SER C 481 -33.94 2.23 -13.33
CA SER C 481 -35.38 2.02 -13.72
C SER C 481 -36.42 2.76 -12.78
N VAL C 482 -36.40 2.28 -11.54
CA VAL C 482 -37.24 2.72 -10.48
C VAL C 482 -36.91 4.14 -10.09
N LEU C 483 -36.12 4.83 -10.86
CA LEU C 483 -36.05 6.22 -10.64
C LEU C 483 -36.55 6.86 -11.95
N VAL C 484 -36.01 6.41 -13.09
CA VAL C 484 -36.34 6.97 -14.41
C VAL C 484 -37.79 7.05 -14.45
N ALA C 485 -38.38 5.86 -14.20
CA ALA C 485 -39.81 5.62 -13.96
C ALA C 485 -40.63 6.80 -13.25
N LEU C 486 -40.20 7.13 -12.01
CA LEU C 486 -40.66 8.29 -11.19
C LEU C 486 -40.07 9.66 -11.60
N ILE C 487 -39.26 9.70 -12.64
CA ILE C 487 -38.88 10.97 -13.20
C ILE C 487 -39.13 11.14 -14.69
N LEU C 488 -38.23 10.64 -15.53
CA LEU C 488 -38.49 10.80 -16.93
C LEU C 488 -39.87 10.29 -17.23
N THR C 489 -40.02 8.99 -17.47
CA THR C 489 -41.23 8.50 -18.12
C THR C 489 -42.54 9.19 -17.73
N PRO C 490 -42.85 9.36 -16.39
CA PRO C 490 -44.20 9.89 -15.99
C PRO C 490 -44.42 11.14 -16.78
N ALA C 491 -43.62 12.16 -16.49
CA ALA C 491 -43.50 13.40 -17.27
C ALA C 491 -43.27 13.24 -18.74
N LEU C 492 -43.19 12.02 -19.24
CA LEU C 492 -43.00 11.86 -20.66
C LEU C 492 -44.29 11.34 -21.35
N CYS C 493 -45.10 10.63 -20.54
CA CYS C 493 -46.53 10.31 -20.82
C CYS C 493 -47.32 11.64 -20.89
N ALA C 494 -47.11 12.46 -19.87
CA ALA C 494 -47.66 13.79 -19.82
C ALA C 494 -46.84 14.80 -20.61
N THR C 495 -46.40 14.46 -21.81
CA THR C 495 -45.84 15.50 -22.68
C THR C 495 -46.11 15.26 -24.14
N MET C 496 -45.73 14.08 -24.59
CA MET C 496 -45.59 13.86 -26.01
C MET C 496 -46.54 12.75 -26.36
N LEU C 497 -47.23 12.28 -25.32
CA LEU C 497 -48.14 11.15 -25.48
C LEU C 497 -49.49 11.61 -26.13
N LYS C 498 -50.36 10.65 -26.51
CA LYS C 498 -51.68 10.87 -27.22
C LYS C 498 -51.66 12.09 -28.19
N PHE C 513 -57.41 -1.28 -39.46
CA PHE C 513 -56.96 -2.54 -38.83
C PHE C 513 -58.26 -3.20 -38.27
N GLY C 514 -59.21 -3.50 -39.16
CA GLY C 514 -60.45 -4.19 -38.76
C GLY C 514 -60.14 -5.60 -38.30
N TRP C 515 -59.29 -6.25 -39.09
CA TRP C 515 -58.84 -7.65 -38.87
C TRP C 515 -57.43 -7.74 -38.11
N PHE C 516 -56.67 -6.63 -38.14
CA PHE C 516 -55.27 -6.52 -37.68
C PHE C 516 -55.18 -6.13 -36.18
N ASN C 517 -55.20 -4.83 -35.93
CA ASN C 517 -55.40 -4.31 -34.61
C ASN C 517 -56.56 -5.04 -33.95
N ARG C 518 -57.70 -5.18 -34.62
CA ARG C 518 -58.88 -5.77 -33.94
C ARG C 518 -58.82 -7.31 -33.70
N MET C 519 -57.73 -7.96 -34.18
CA MET C 519 -57.40 -9.36 -33.79
C MET C 519 -57.11 -9.35 -32.30
N PHE C 520 -56.17 -8.48 -31.94
CA PHE C 520 -55.74 -8.30 -30.56
C PHE C 520 -56.99 -8.25 -29.66
N GLU C 521 -57.60 -7.05 -29.63
CA GLU C 521 -58.91 -6.74 -29.01
C GLU C 521 -59.94 -7.98 -28.85
N LYS C 522 -60.05 -8.81 -29.92
CA LYS C 522 -60.94 -10.03 -30.00
C LYS C 522 -60.43 -11.25 -29.20
N SER C 523 -59.10 -11.43 -29.24
CA SER C 523 -58.37 -12.55 -28.61
C SER C 523 -58.16 -12.32 -27.10
N THR C 524 -58.42 -11.07 -26.72
CA THR C 524 -58.57 -10.64 -25.32
C THR C 524 -59.74 -11.49 -24.70
N HIS C 525 -60.98 -10.97 -24.80
CA HIS C 525 -62.28 -11.57 -24.33
C HIS C 525 -62.16 -13.03 -24.05
N HIS C 526 -61.87 -13.80 -25.13
CA HIS C 526 -61.78 -15.30 -25.20
C HIS C 526 -60.79 -15.99 -24.23
N TYR C 527 -59.68 -15.30 -24.01
CA TYR C 527 -58.79 -15.62 -22.92
C TYR C 527 -59.61 -15.31 -21.64
N THR C 528 -60.08 -14.06 -21.45
CA THR C 528 -60.66 -13.72 -20.16
C THR C 528 -61.91 -14.53 -19.87
N ASP C 529 -62.51 -15.12 -20.92
CA ASP C 529 -63.78 -15.95 -20.85
C ASP C 529 -63.66 -17.25 -20.02
N SER C 530 -62.51 -17.92 -20.19
CA SER C 530 -62.09 -19.06 -19.40
C SER C 530 -61.79 -18.58 -17.96
N VAL C 531 -60.50 -18.31 -17.76
CA VAL C 531 -59.85 -17.83 -16.51
C VAL C 531 -60.28 -18.47 -15.13
N GLY C 532 -60.05 -17.80 -13.99
CA GLY C 532 -60.01 -18.44 -12.64
C GLY C 532 -61.01 -19.56 -12.64
N GLY C 533 -62.20 -19.16 -13.09
CA GLY C 533 -63.30 -20.03 -13.42
C GLY C 533 -62.85 -20.87 -14.59
N ILE C 534 -62.47 -22.08 -14.23
CA ILE C 534 -61.79 -22.95 -15.15
C ILE C 534 -61.47 -24.18 -14.32
N LEU C 535 -61.20 -23.97 -13.05
CA LEU C 535 -61.03 -25.13 -12.23
C LEU C 535 -62.40 -25.66 -11.76
N ARG C 536 -63.46 -24.82 -11.89
CA ARG C 536 -65.01 -25.09 -11.82
C ARG C 536 -65.83 -26.52 -11.57
N SER C 537 -65.85 -27.41 -12.59
CA SER C 537 -66.40 -28.83 -12.55
C SER C 537 -65.32 -29.90 -12.97
N THR C 538 -64.06 -29.46 -12.91
CA THR C 538 -62.86 -30.32 -12.92
C THR C 538 -61.68 -29.54 -12.22
N GLY C 539 -61.14 -30.11 -11.13
CA GLY C 539 -59.98 -29.54 -10.41
C GLY C 539 -58.62 -29.67 -11.11
N ARG C 540 -58.58 -30.47 -12.18
CA ARG C 540 -57.39 -30.86 -13.01
C ARG C 540 -56.27 -29.82 -13.27
N TYR C 541 -56.61 -28.53 -13.36
CA TYR C 541 -55.64 -27.44 -13.66
C TYR C 541 -54.74 -27.05 -12.54
N LEU C 542 -55.21 -27.30 -11.31
CA LEU C 542 -54.38 -27.19 -10.09
C LEU C 542 -53.43 -28.37 -9.95
N VAL C 543 -53.86 -29.58 -10.34
CA VAL C 543 -52.93 -30.72 -10.45
C VAL C 543 -51.93 -30.63 -11.63
N LEU C 544 -52.09 -29.68 -12.55
CA LEU C 544 -51.06 -29.37 -13.56
C LEU C 544 -49.82 -28.79 -12.92
N TYR C 545 -49.99 -27.96 -11.91
CA TYR C 545 -48.86 -27.52 -11.08
C TYR C 545 -48.14 -28.68 -10.43
N LEU C 546 -48.72 -29.25 -9.37
CA LEU C 546 -48.32 -30.57 -8.92
C LEU C 546 -47.58 -31.49 -9.95
N ILE C 547 -47.82 -31.35 -11.27
CA ILE C 547 -47.13 -32.12 -12.35
C ILE C 547 -45.94 -31.37 -12.97
N ILE C 548 -46.20 -30.17 -13.48
CA ILE C 548 -45.17 -29.26 -14.03
C ILE C 548 -43.98 -29.22 -13.07
N VAL C 549 -44.23 -28.73 -11.84
CA VAL C 549 -43.31 -28.81 -10.69
C VAL C 549 -42.66 -30.17 -10.57
N VAL C 550 -43.39 -31.21 -10.17
CA VAL C 550 -42.80 -32.57 -10.22
C VAL C 550 -42.07 -32.86 -11.56
N GLY C 551 -42.32 -32.02 -12.59
CA GLY C 551 -41.64 -32.07 -13.90
C GLY C 551 -40.25 -31.45 -13.94
N MET C 552 -40.13 -30.24 -13.38
CA MET C 552 -38.85 -29.55 -13.24
C MET C 552 -38.00 -30.28 -12.24
N ALA C 553 -38.61 -30.71 -11.15
CA ALA C 553 -37.87 -31.51 -10.20
C ALA C 553 -36.98 -32.58 -10.92
N TYR C 554 -37.48 -33.13 -12.06
CA TYR C 554 -36.80 -34.22 -12.85
C TYR C 554 -35.62 -33.77 -13.73
N LEU C 555 -35.73 -32.61 -14.36
CA LEU C 555 -34.72 -32.18 -15.31
C LEU C 555 -33.78 -31.19 -14.58
N PHE C 556 -33.98 -31.09 -13.29
CA PHE C 556 -33.12 -30.30 -12.48
C PHE C 556 -32.06 -31.16 -11.76
N VAL C 557 -32.24 -32.48 -11.80
CA VAL C 557 -31.12 -33.39 -11.44
C VAL C 557 -30.46 -33.88 -12.69
N ARG C 558 -31.26 -34.15 -13.75
CA ARG C 558 -30.76 -34.72 -15.05
C ARG C 558 -29.88 -33.77 -15.95
N LEU C 559 -29.82 -32.47 -15.58
CA LEU C 559 -28.85 -31.50 -16.16
C LEU C 559 -27.57 -31.35 -15.29
N PRO C 560 -26.41 -31.67 -15.87
CA PRO C 560 -25.14 -31.34 -15.29
C PRO C 560 -24.91 -29.84 -15.30
N SER C 561 -24.02 -29.42 -14.45
CA SER C 561 -23.89 -28.06 -14.12
C SER C 561 -22.45 -27.74 -14.38
N SER C 562 -22.19 -26.57 -14.96
CA SER C 562 -20.80 -26.15 -15.07
C SER C 562 -20.62 -24.68 -14.89
N PHE C 563 -19.40 -24.24 -15.11
CA PHE C 563 -18.98 -22.98 -14.54
C PHE C 563 -19.06 -21.93 -15.60
N LEU C 564 -17.97 -21.82 -16.34
CA LEU C 564 -17.92 -21.01 -17.52
C LEU C 564 -17.64 -21.91 -18.73
N PRO C 565 -18.32 -21.59 -19.87
CA PRO C 565 -18.26 -22.33 -21.12
C PRO C 565 -16.97 -21.89 -21.82
N ASP C 566 -16.13 -22.88 -22.04
CA ASP C 566 -14.93 -22.69 -22.80
C ASP C 566 -15.24 -21.92 -24.10
N GLU C 567 -14.45 -20.92 -24.51
CA GLU C 567 -14.66 -20.38 -25.93
C GLU C 567 -13.56 -20.38 -27.05
N ASP C 568 -13.97 -20.01 -28.27
CA ASP C 568 -13.06 -20.00 -29.39
C ASP C 568 -12.39 -18.66 -29.28
N GLN C 569 -11.21 -18.58 -28.68
CA GLN C 569 -10.62 -17.24 -28.46
C GLN C 569 -9.74 -16.83 -29.58
N GLY C 570 -9.83 -17.60 -30.65
CA GLY C 570 -8.93 -17.39 -31.78
C GLY C 570 -7.45 -17.74 -31.63
N VAL C 571 -7.04 -18.31 -30.49
CA VAL C 571 -5.66 -18.87 -30.34
C VAL C 571 -5.61 -19.96 -29.33
N PHE C 572 -4.69 -20.89 -29.54
CA PHE C 572 -4.47 -22.06 -28.66
C PHE C 572 -3.07 -22.62 -28.83
N MET C 573 -2.69 -23.46 -27.89
CA MET C 573 -1.30 -23.88 -27.89
C MET C 573 -1.02 -25.40 -27.87
N THR C 574 0.08 -25.83 -28.48
CA THR C 574 0.40 -27.23 -28.53
C THR C 574 1.64 -27.47 -27.70
N MET C 575 1.64 -28.51 -26.88
CA MET C 575 2.80 -28.87 -26.07
C MET C 575 3.61 -29.75 -26.90
N VAL C 576 4.83 -30.08 -26.44
CA VAL C 576 5.54 -31.21 -27.09
C VAL C 576 6.35 -32.09 -26.24
N GLN C 577 6.26 -32.01 -24.92
CA GLN C 577 7.17 -32.80 -24.03
C GLN C 577 7.55 -34.26 -24.37
N LEU C 578 8.44 -34.33 -25.35
CA LEU C 578 9.31 -35.46 -25.65
C LEU C 578 10.11 -35.87 -24.41
N PRO C 579 10.67 -37.11 -24.38
CA PRO C 579 10.88 -37.70 -23.11
C PRO C 579 12.09 -37.01 -22.61
N ALA C 580 12.54 -37.51 -21.47
CA ALA C 580 13.53 -36.87 -20.71
C ALA C 580 14.64 -37.31 -21.56
N GLY C 581 15.64 -36.43 -21.63
CA GLY C 581 16.98 -36.65 -22.21
C GLY C 581 17.12 -36.68 -23.73
N ALA C 582 16.06 -36.49 -24.47
CA ALA C 582 16.17 -36.56 -25.92
C ALA C 582 17.03 -35.42 -26.47
N THR C 583 16.77 -34.95 -27.67
CA THR C 583 17.77 -34.05 -28.24
C THR C 583 17.26 -32.79 -28.87
N GLN C 584 17.80 -31.62 -28.53
CA GLN C 584 17.37 -30.42 -29.21
C GLN C 584 16.85 -30.74 -30.62
N GLU C 585 17.79 -31.18 -31.47
CA GLU C 585 17.54 -31.52 -32.92
C GLU C 585 16.23 -32.40 -33.12
N ARG C 586 16.04 -33.47 -32.35
CA ARG C 586 14.82 -34.26 -32.53
C ARG C 586 13.61 -33.52 -32.07
N THR C 587 13.83 -32.55 -31.21
CA THR C 587 12.69 -32.00 -30.59
C THR C 587 12.03 -31.30 -31.74
N GLN C 588 12.76 -30.35 -32.35
CA GLN C 588 12.39 -29.59 -33.52
C GLN C 588 11.45 -30.42 -34.29
N LYS C 589 12.01 -31.48 -34.85
CA LYS C 589 11.23 -32.46 -35.52
C LYS C 589 9.73 -32.40 -35.18
N VAL C 590 9.42 -33.03 -34.06
CA VAL C 590 8.12 -33.08 -33.60
C VAL C 590 7.55 -31.65 -33.76
N LEU C 591 8.17 -30.61 -33.21
CA LEU C 591 7.70 -29.27 -33.50
C LEU C 591 7.47 -29.25 -34.97
N ASN C 592 8.55 -29.06 -35.69
CA ASN C 592 8.49 -29.17 -37.12
C ASN C 592 7.24 -29.83 -37.77
N GLU C 593 7.05 -31.12 -37.44
CA GLU C 593 5.85 -31.81 -37.82
C GLU C 593 4.63 -30.90 -37.41
N VAL C 594 4.39 -30.76 -36.14
CA VAL C 594 3.29 -29.97 -35.70
C VAL C 594 3.12 -28.77 -36.65
N THR C 595 4.17 -27.97 -36.83
CA THR C 595 4.09 -26.69 -37.57
C THR C 595 3.71 -26.94 -38.99
N HIS C 596 3.87 -28.17 -39.40
CA HIS C 596 3.36 -28.50 -40.65
C HIS C 596 1.93 -28.80 -40.44
N TYR C 597 1.58 -30.07 -40.22
CA TYR C 597 0.18 -30.47 -40.05
C TYR C 597 -0.70 -29.26 -40.08
N TYR C 598 -0.67 -28.43 -39.03
CA TYR C 598 -1.52 -27.24 -38.96
C TYR C 598 -1.41 -26.49 -40.30
N LEU C 599 -0.23 -25.93 -40.56
CA LEU C 599 0.05 -25.15 -41.77
C LEU C 599 -0.64 -25.75 -43.05
N THR C 600 -0.39 -27.07 -43.24
CA THR C 600 -0.95 -27.82 -44.39
C THR C 600 -2.43 -28.03 -44.21
N LYS C 601 -2.77 -29.01 -43.31
CA LYS C 601 -4.11 -29.62 -43.14
C LYS C 601 -5.21 -28.58 -42.92
N GLU C 602 -5.30 -28.20 -41.65
CA GLU C 602 -6.23 -27.20 -41.27
C GLU C 602 -5.68 -25.88 -41.70
N LYS C 603 -5.28 -25.72 -42.97
CA LYS C 603 -4.76 -24.45 -43.52
C LYS C 603 -5.84 -23.36 -43.56
N ASN C 604 -7.07 -23.84 -43.61
CA ASN C 604 -8.23 -22.99 -43.74
C ASN C 604 -8.46 -22.12 -42.58
N ASN C 605 -8.18 -22.64 -41.39
CA ASN C 605 -8.20 -21.85 -40.15
C ASN C 605 -6.80 -21.22 -39.79
N VAL C 606 -5.85 -22.11 -39.39
CA VAL C 606 -4.45 -21.84 -38.97
C VAL C 606 -3.74 -20.69 -39.72
N GLU C 607 -4.02 -19.48 -39.30
CA GLU C 607 -3.47 -18.28 -39.90
C GLU C 607 -1.95 -18.09 -39.62
N SER C 608 -1.44 -18.81 -38.63
CA SER C 608 -0.04 -18.64 -38.19
C SER C 608 0.40 -19.58 -37.10
N VAL C 609 1.69 -19.90 -37.23
CA VAL C 609 2.36 -20.83 -36.37
C VAL C 609 3.78 -20.40 -35.95
N PHE C 610 3.91 -20.07 -34.69
CA PHE C 610 5.17 -19.62 -34.13
C PHE C 610 5.69 -20.73 -33.33
N ALA C 611 6.61 -21.48 -33.87
CA ALA C 611 6.94 -22.71 -33.20
C ALA C 611 8.11 -22.58 -32.30
N VAL C 612 8.03 -23.17 -31.13
CA VAL C 612 9.08 -22.83 -30.26
C VAL C 612 9.82 -23.87 -29.40
N ASN C 613 11.03 -24.17 -29.82
CA ASN C 613 11.69 -25.29 -29.23
C ASN C 613 12.61 -24.88 -28.14
N GLY C 614 12.65 -25.73 -27.09
CA GLY C 614 13.51 -25.60 -25.91
C GLY C 614 12.71 -25.07 -24.72
N PHE C 615 11.44 -24.65 -25.06
CA PHE C 615 10.46 -23.88 -24.19
C PHE C 615 9.51 -24.66 -23.31
N GLY C 616 10.02 -24.85 -22.09
CA GLY C 616 9.37 -25.58 -21.03
C GLY C 616 8.41 -24.69 -20.25
N PHE C 617 7.22 -25.23 -20.10
CA PHE C 617 6.15 -24.45 -19.59
C PHE C 617 6.25 -24.66 -18.11
N ALA C 618 7.08 -25.65 -17.84
CA ALA C 618 7.34 -26.23 -16.56
C ALA C 618 8.67 -25.82 -15.95
N GLY C 619 9.50 -25.07 -16.67
CA GLY C 619 11.01 -25.14 -16.46
C GLY C 619 11.96 -25.58 -17.64
N ARG C 620 12.72 -24.60 -18.20
CA ARG C 620 13.47 -24.70 -19.47
C ARG C 620 13.61 -26.16 -19.93
N GLY C 621 14.29 -26.39 -21.02
CA GLY C 621 14.56 -27.80 -21.25
C GLY C 621 14.73 -28.14 -22.71
N GLN C 622 15.51 -29.24 -22.90
CA GLN C 622 15.96 -29.78 -24.20
C GLN C 622 14.87 -30.73 -25.03
N ASN C 623 14.19 -31.58 -24.20
CA ASN C 623 13.03 -32.38 -24.46
C ASN C 623 12.00 -31.32 -24.65
N THR C 624 11.01 -31.14 -23.80
CA THR C 624 9.96 -30.08 -24.05
C THR C 624 10.30 -28.86 -24.96
N GLY C 625 9.29 -28.41 -25.76
CA GLY C 625 9.19 -27.03 -26.27
C GLY C 625 7.70 -26.84 -26.36
N ILE C 626 7.24 -25.79 -27.04
CA ILE C 626 5.79 -25.51 -27.34
C ILE C 626 5.41 -25.06 -28.74
N ALA C 627 4.14 -25.04 -29.13
CA ALA C 627 3.78 -24.10 -30.31
C ALA C 627 2.60 -23.28 -30.08
N PHE C 628 2.69 -21.99 -30.37
CA PHE C 628 1.53 -21.15 -30.47
C PHE C 628 0.87 -21.07 -31.90
N VAL C 629 -0.32 -21.68 -32.09
CA VAL C 629 -1.11 -21.54 -33.33
C VAL C 629 -2.17 -20.44 -33.35
N SER C 630 -2.26 -19.75 -34.47
CA SER C 630 -3.17 -18.61 -34.56
C SER C 630 -4.18 -18.79 -35.71
N LEU C 631 -5.46 -18.92 -35.37
CA LEU C 631 -6.57 -19.07 -36.34
C LEU C 631 -6.75 -17.85 -37.24
N LYS C 632 -7.68 -17.92 -38.21
CA LYS C 632 -8.09 -16.70 -38.97
C LYS C 632 -9.33 -16.17 -38.26
N ASP C 633 -9.95 -15.08 -38.78
CA ASP C 633 -11.20 -14.57 -38.13
C ASP C 633 -12.24 -15.68 -38.09
N TRP C 634 -13.06 -15.68 -37.05
CA TRP C 634 -13.99 -16.81 -36.81
C TRP C 634 -15.13 -16.73 -37.84
N ALA C 635 -15.48 -15.48 -38.19
CA ALA C 635 -16.24 -15.18 -39.36
C ALA C 635 -15.89 -16.24 -40.40
N ASP C 636 -14.68 -16.17 -40.93
CA ASP C 636 -14.20 -17.13 -41.91
C ASP C 636 -14.11 -18.56 -41.39
N ARG C 637 -14.84 -18.90 -40.32
CA ARG C 637 -14.71 -20.23 -39.70
C ARG C 637 -16.01 -20.68 -39.03
N PRO C 638 -17.09 -20.73 -39.84
CA PRO C 638 -18.45 -21.01 -39.32
C PRO C 638 -18.61 -22.50 -38.88
N GLY C 639 -19.65 -22.76 -38.08
CA GLY C 639 -20.06 -24.14 -37.74
C GLY C 639 -18.96 -24.87 -37.02
N GLU C 640 -19.28 -25.43 -35.83
CA GLU C 640 -18.32 -25.97 -34.79
C GLU C 640 -17.16 -26.89 -35.24
N GLU C 641 -16.99 -26.99 -36.56
CA GLU C 641 -15.92 -27.72 -37.22
C GLU C 641 -14.71 -26.84 -37.21
N ASN C 642 -14.91 -25.55 -37.43
CA ASN C 642 -13.82 -24.56 -37.52
C ASN C 642 -13.51 -23.83 -36.21
N LYS C 643 -14.32 -24.18 -35.20
CA LYS C 643 -14.16 -23.86 -33.76
C LYS C 643 -12.96 -24.65 -33.20
N VAL C 644 -12.08 -23.86 -32.56
CA VAL C 644 -11.06 -24.30 -31.62
C VAL C 644 -11.42 -25.65 -31.05
N GLU C 645 -12.45 -25.73 -30.22
CA GLU C 645 -12.78 -26.98 -29.62
C GLU C 645 -12.75 -28.16 -30.60
N ALA C 646 -13.17 -28.01 -31.85
CA ALA C 646 -13.08 -29.18 -32.76
C ALA C 646 -11.74 -29.26 -33.52
N ILE C 647 -11.15 -28.09 -33.85
CA ILE C 647 -9.80 -28.02 -34.43
C ILE C 647 -8.84 -28.75 -33.49
N THR C 648 -8.88 -28.25 -32.24
CA THR C 648 -8.24 -28.79 -31.04
C THR C 648 -8.31 -30.29 -31.06
N MET C 649 -9.52 -30.78 -31.20
CA MET C 649 -9.84 -32.20 -31.23
C MET C 649 -9.01 -32.94 -32.31
N ARG C 650 -9.55 -33.14 -33.53
CA ARG C 650 -8.82 -33.97 -34.52
C ARG C 650 -7.34 -33.69 -34.50
N ALA C 651 -7.03 -32.39 -34.33
CA ALA C 651 -5.68 -31.94 -34.15
C ALA C 651 -4.94 -33.07 -33.43
N THR C 652 -5.33 -33.35 -32.18
CA THR C 652 -4.63 -34.28 -31.31
C THR C 652 -4.66 -35.75 -31.70
N ARG C 653 -5.77 -36.25 -32.25
CA ARG C 653 -5.78 -37.65 -32.76
C ARG C 653 -4.51 -37.86 -33.65
N ALA C 654 -4.34 -37.03 -34.71
CA ALA C 654 -3.25 -37.17 -35.76
C ALA C 654 -1.87 -37.03 -35.17
N PHE C 655 -1.88 -36.52 -33.93
CA PHE C 655 -0.70 -36.34 -33.05
C PHE C 655 -0.49 -37.46 -31.99
N SER C 656 -0.57 -38.72 -32.41
CA SER C 656 -0.08 -39.83 -31.59
C SER C 656 0.35 -40.82 -32.60
N GLN C 657 -0.03 -40.51 -33.82
CA GLN C 657 0.37 -41.27 -34.97
C GLN C 657 1.87 -41.10 -35.16
N ILE C 658 2.25 -40.71 -36.39
CA ILE C 658 3.62 -40.25 -36.71
C ILE C 658 4.35 -39.38 -35.58
N LYS C 659 4.00 -39.55 -34.30
CA LYS C 659 4.79 -38.91 -33.26
C LYS C 659 4.95 -39.90 -32.10
N ASP C 660 6.20 -40.41 -32.00
CA ASP C 660 6.75 -41.24 -30.89
C ASP C 660 6.68 -40.70 -29.41
N ALA C 661 6.78 -39.36 -29.18
CA ALA C 661 6.58 -38.67 -27.83
C ALA C 661 5.25 -37.79 -27.65
N MET C 662 4.70 -37.62 -26.45
CA MET C 662 3.45 -36.87 -26.42
C MET C 662 3.49 -35.41 -26.95
N VAL C 663 2.66 -35.12 -27.96
CA VAL C 663 2.37 -33.78 -28.48
C VAL C 663 0.98 -33.54 -27.97
N PHE C 664 0.43 -32.32 -28.13
CA PHE C 664 -1.05 -32.03 -28.08
C PHE C 664 -1.49 -30.60 -28.07
N ALA C 665 -2.78 -30.43 -28.38
CA ALA C 665 -3.39 -29.09 -28.42
C ALA C 665 -4.61 -28.94 -27.52
N PHE C 666 -4.88 -27.69 -27.17
CA PHE C 666 -6.04 -27.41 -26.40
C PHE C 666 -6.31 -25.94 -26.37
N ASN C 667 -7.58 -25.62 -26.10
CA ASN C 667 -7.94 -24.29 -25.69
C ASN C 667 -7.84 -24.23 -24.13
N LEU C 668 -7.05 -23.26 -23.68
CA LEU C 668 -7.13 -22.72 -22.35
C LEU C 668 -8.60 -22.36 -22.04
N PRO C 669 -9.12 -22.80 -20.84
CA PRO C 669 -10.49 -22.39 -20.45
C PRO C 669 -10.49 -20.86 -20.24
N ALA C 670 -11.30 -20.12 -20.99
CA ALA C 670 -11.47 -18.67 -20.71
C ALA C 670 -11.97 -18.35 -19.24
N ILE C 671 -11.64 -17.12 -18.77
CA ILE C 671 -11.94 -16.57 -17.38
C ILE C 671 -11.49 -17.54 -16.18
N VAL C 672 -10.51 -18.39 -16.46
CA VAL C 672 -10.21 -19.43 -15.56
C VAL C 672 -8.74 -19.63 -15.37
N GLU C 673 -8.27 -19.24 -14.19
CA GLU C 673 -7.02 -19.69 -13.60
C GLU C 673 -7.27 -21.05 -12.98
N LEU C 674 -7.43 -22.02 -13.88
CA LEU C 674 -7.63 -23.41 -13.50
C LEU C 674 -8.71 -23.44 -12.36
N GLY C 675 -9.50 -22.37 -12.31
CA GLY C 675 -10.83 -22.41 -11.70
C GLY C 675 -11.39 -23.82 -11.85
N THR C 676 -11.61 -24.28 -13.10
CA THR C 676 -12.06 -25.68 -13.37
C THR C 676 -11.47 -26.38 -14.59
N ALA C 677 -10.16 -26.36 -14.79
CA ALA C 677 -9.64 -27.24 -15.85
C ALA C 677 -9.69 -28.75 -15.49
N THR C 678 -10.67 -29.06 -14.62
CA THR C 678 -11.08 -30.42 -14.21
C THR C 678 -9.90 -31.34 -13.85
N GLY C 679 -10.15 -32.17 -12.85
CA GLY C 679 -9.18 -33.13 -12.37
C GLY C 679 -8.59 -32.57 -11.10
N PHE C 680 -7.56 -33.23 -10.57
CA PHE C 680 -6.92 -32.88 -9.27
C PHE C 680 -5.45 -32.55 -9.36
N ASP C 681 -4.79 -32.36 -8.18
CA ASP C 681 -3.30 -32.10 -8.01
C ASP C 681 -2.79 -32.74 -6.77
N PHE C 682 -2.35 -33.93 -6.84
CA PHE C 682 -2.10 -34.52 -5.62
C PHE C 682 -0.64 -34.51 -5.36
N GLU C 683 -0.11 -33.39 -4.86
CA GLU C 683 1.30 -33.45 -4.46
C GLU C 683 1.41 -34.54 -3.49
N LEU C 684 2.40 -35.37 -3.80
CA LEU C 684 2.75 -36.56 -3.06
C LEU C 684 3.96 -36.21 -2.29
N ILE C 685 3.92 -36.13 -0.98
CA ILE C 685 5.02 -35.65 -0.19
C ILE C 685 5.99 -36.69 0.46
N ASP C 686 7.28 -36.48 0.46
CA ASP C 686 8.16 -37.31 1.30
C ASP C 686 8.27 -36.89 2.73
N GLN C 687 7.45 -37.42 3.55
CA GLN C 687 7.26 -36.85 4.85
C GLN C 687 8.38 -37.07 5.93
N ALA C 688 9.33 -37.95 5.65
CA ALA C 688 10.50 -38.14 6.53
C ALA C 688 11.73 -38.70 5.81
N GLY C 689 12.90 -38.31 6.25
CA GLY C 689 14.05 -38.33 5.37
C GLY C 689 14.09 -39.36 4.26
N LEU C 690 12.96 -39.80 3.73
CA LEU C 690 12.96 -41.03 2.84
C LEU C 690 14.03 -41.05 1.74
N GLY C 691 13.82 -40.17 0.77
CA GLY C 691 14.82 -39.90 -0.24
C GLY C 691 14.09 -40.01 -1.54
N HIS C 692 14.67 -39.43 -2.60
CA HIS C 692 14.11 -39.40 -3.95
C HIS C 692 13.72 -40.75 -4.46
N GLU C 693 14.61 -41.75 -4.23
CA GLU C 693 14.44 -43.20 -4.63
C GLU C 693 13.13 -43.63 -4.03
N LYS C 694 13.13 -43.81 -2.71
CA LYS C 694 11.95 -44.30 -2.01
C LYS C 694 10.70 -43.60 -2.66
N LEU C 695 10.76 -42.32 -2.93
CA LEU C 695 9.57 -41.56 -3.08
C LEU C 695 9.14 -41.54 -4.51
N THR C 696 10.04 -42.00 -5.36
CA THR C 696 9.61 -42.31 -6.69
C THR C 696 8.71 -43.46 -6.32
N GLN C 697 9.31 -44.63 -6.32
CA GLN C 697 8.66 -45.90 -5.98
C GLN C 697 7.51 -45.91 -5.01
N ALA C 698 7.35 -44.87 -4.21
CA ALA C 698 6.22 -44.93 -3.38
C ALA C 698 5.08 -44.40 -4.27
N ARG C 699 5.36 -43.35 -5.02
CA ARG C 699 4.43 -42.84 -5.95
C ARG C 699 4.10 -44.04 -6.72
N ASN C 700 4.84 -44.40 -7.70
CA ASN C 700 4.60 -45.69 -8.28
C ASN C 700 3.49 -46.58 -7.73
N GLN C 701 3.51 -47.01 -6.46
CA GLN C 701 2.39 -47.87 -5.91
C GLN C 701 0.98 -47.18 -6.12
N LEU C 702 0.93 -45.92 -5.71
CA LEU C 702 -0.24 -45.10 -5.84
C LEU C 702 -0.64 -44.99 -7.29
N LEU C 703 0.30 -44.99 -8.23
CA LEU C 703 -0.07 -44.94 -9.61
C LEU C 703 -0.50 -46.31 -10.10
N ALA C 704 0.00 -47.31 -9.41
CA ALA C 704 -0.29 -48.68 -9.72
C ALA C 704 -1.76 -49.10 -9.49
N GLU C 705 -2.25 -48.83 -8.28
CA GLU C 705 -3.64 -49.11 -7.97
C GLU C 705 -4.47 -48.08 -8.66
N ALA C 706 -4.06 -46.82 -8.55
CA ALA C 706 -4.54 -45.82 -9.47
C ALA C 706 -5.15 -46.44 -10.66
N ALA C 707 -4.47 -47.42 -11.22
CA ALA C 707 -5.00 -48.15 -12.35
C ALA C 707 -6.19 -49.16 -12.09
N LYS C 708 -6.06 -49.95 -11.00
CA LYS C 708 -7.00 -50.98 -10.61
C LYS C 708 -8.46 -50.47 -10.71
N HIS C 709 -8.66 -49.15 -10.69
CA HIS C 709 -9.97 -48.57 -10.56
C HIS C 709 -10.31 -47.64 -11.65
N PRO C 710 -10.35 -48.10 -12.89
CA PRO C 710 -10.65 -47.22 -14.09
C PRO C 710 -12.16 -46.88 -14.26
N ASP C 711 -13.02 -47.83 -13.86
CA ASP C 711 -14.41 -47.58 -13.42
C ASP C 711 -14.56 -46.16 -12.87
N MET C 712 -14.02 -46.02 -11.68
CA MET C 712 -13.92 -44.77 -11.00
C MET C 712 -13.77 -43.55 -11.95
N LEU C 713 -13.62 -43.76 -13.27
CA LEU C 713 -13.30 -42.65 -14.23
C LEU C 713 -12.07 -41.77 -13.78
N THR C 714 -10.85 -42.20 -14.20
CA THR C 714 -9.59 -41.69 -13.71
C THR C 714 -8.69 -41.62 -15.03
N SER C 715 -7.57 -40.84 -15.02
CA SER C 715 -6.37 -40.80 -15.97
C SER C 715 -5.10 -40.27 -15.24
N VAL C 716 -4.75 -40.92 -14.14
CA VAL C 716 -3.74 -40.38 -13.24
C VAL C 716 -2.37 -40.45 -13.83
N ARG C 717 -1.41 -39.65 -13.34
CA ARG C 717 -0.14 -39.45 -14.08
C ARG C 717 0.90 -38.44 -13.53
N PRO C 718 2.21 -38.74 -13.53
CA PRO C 718 3.15 -37.77 -13.04
C PRO C 718 3.40 -36.50 -13.86
N ASN C 719 4.31 -35.64 -13.29
CA ASN C 719 5.13 -34.59 -14.01
C ASN C 719 6.58 -34.85 -14.58
N GLY C 720 6.69 -35.22 -15.89
CA GLY C 720 7.93 -35.77 -16.56
C GLY C 720 9.23 -35.58 -15.82
N LEU C 721 9.26 -36.15 -14.63
CA LEU C 721 10.47 -36.18 -13.87
C LEU C 721 11.09 -37.54 -14.12
N GLU C 722 10.72 -38.34 -15.14
CA GLU C 722 11.20 -39.75 -15.12
C GLU C 722 12.73 -39.87 -14.88
N ASP C 723 13.22 -40.79 -14.07
CA ASP C 723 14.69 -40.62 -13.90
C ASP C 723 15.40 -40.80 -15.23
N THR C 724 16.61 -40.27 -15.37
CA THR C 724 17.33 -40.29 -16.60
C THR C 724 18.78 -40.49 -16.16
N PRO C 725 19.49 -41.40 -16.86
CA PRO C 725 20.86 -41.78 -17.02
C PRO C 725 21.70 -40.60 -16.94
N GLN C 726 22.64 -40.64 -15.99
CA GLN C 726 23.36 -39.44 -15.60
C GLN C 726 24.50 -40.20 -15.65
N PHE C 727 25.70 -39.59 -16.02
CA PHE C 727 27.26 -39.95 -15.80
C PHE C 727 27.96 -39.33 -14.59
N LYS C 728 28.23 -40.18 -13.61
CA LYS C 728 29.14 -39.71 -12.60
C LYS C 728 30.54 -39.36 -13.16
N ILE C 729 31.38 -38.83 -12.26
CA ILE C 729 32.79 -38.62 -12.54
C ILE C 729 33.62 -38.46 -11.25
N ASP C 730 33.74 -39.49 -10.46
CA ASP C 730 34.21 -39.24 -9.10
C ASP C 730 35.65 -38.70 -8.88
N ILE C 731 35.92 -37.43 -8.65
CA ILE C 731 37.35 -37.01 -8.63
C ILE C 731 38.24 -37.64 -7.50
N ASP C 732 39.33 -38.40 -7.75
CA ASP C 732 40.18 -38.82 -6.58
C ASP C 732 40.97 -37.68 -6.00
N GLN C 733 40.55 -37.16 -4.88
CA GLN C 733 41.40 -36.19 -4.20
C GLN C 733 42.94 -36.54 -3.94
N GLU C 734 43.27 -37.68 -3.31
CA GLU C 734 44.64 -38.26 -3.41
C GLU C 734 45.51 -38.14 -4.76
N LYS C 735 45.21 -39.02 -5.73
CA LYS C 735 45.80 -39.04 -7.08
C LYS C 735 45.96 -37.67 -7.70
N ALA C 736 45.18 -36.69 -7.29
CA ALA C 736 45.43 -35.42 -7.86
C ALA C 736 46.48 -34.64 -7.05
N GLN C 737 46.50 -34.76 -5.70
CA GLN C 737 47.53 -34.03 -4.90
C GLN C 737 48.71 -34.89 -4.86
N ALA C 738 48.52 -36.04 -5.42
CA ALA C 738 49.54 -36.96 -5.66
C ALA C 738 50.40 -36.43 -6.80
N LEU C 739 49.73 -36.01 -7.83
CA LEU C 739 50.44 -35.68 -9.00
C LEU C 739 50.39 -34.18 -9.02
N GLY C 740 50.27 -33.60 -7.80
CA GLY C 740 50.22 -32.15 -7.58
C GLY C 740 49.46 -31.30 -8.62
N VAL C 741 48.28 -31.80 -9.09
CA VAL C 741 47.20 -30.95 -9.72
C VAL C 741 46.40 -30.44 -8.53
N SER C 742 45.90 -29.17 -8.53
CA SER C 742 45.02 -28.68 -7.41
C SER C 742 43.59 -28.96 -7.73
N ILE C 743 42.91 -29.66 -6.84
CA ILE C 743 41.50 -29.90 -6.98
C ILE C 743 40.76 -28.84 -7.86
N ASN C 744 40.56 -27.64 -7.29
CA ASN C 744 40.20 -26.36 -8.01
C ASN C 744 40.28 -26.24 -9.58
N ASP C 745 41.44 -26.62 -10.08
CA ASP C 745 41.83 -26.41 -11.43
C ASP C 745 41.09 -27.49 -12.11
N ILE C 746 41.04 -28.63 -11.47
CA ILE C 746 40.44 -29.72 -12.15
C ILE C 746 38.99 -29.36 -12.40
N ASN C 747 38.27 -29.12 -11.30
CA ASN C 747 36.95 -28.52 -11.21
C ASN C 747 36.57 -27.57 -12.39
N THR C 748 37.28 -26.41 -12.46
CA THR C 748 36.99 -25.39 -13.42
C THR C 748 37.23 -25.97 -14.75
N THR C 749 38.17 -26.88 -14.77
CA THR C 749 38.43 -27.57 -16.02
C THR C 749 37.16 -28.26 -16.45
N LEU C 750 36.75 -29.25 -15.66
CA LEU C 750 35.57 -30.00 -15.93
C LEU C 750 34.51 -29.10 -16.62
N GLY C 751 34.21 -28.08 -15.85
CA GLY C 751 33.02 -27.47 -16.14
C GLY C 751 33.61 -26.18 -16.29
N ALA C 752 34.54 -25.99 -17.14
CA ALA C 752 34.31 -24.72 -17.72
C ALA C 752 34.14 -25.20 -19.10
N ALA C 753 34.22 -26.50 -19.23
CA ALA C 753 34.71 -26.92 -20.49
C ALA C 753 33.53 -27.57 -21.10
N TRP C 754 32.73 -28.00 -20.11
CA TRP C 754 31.58 -28.85 -20.22
C TRP C 754 30.26 -28.17 -19.60
N GLY C 755 30.47 -26.99 -19.05
CA GLY C 755 29.49 -26.23 -18.27
C GLY C 755 30.12 -24.98 -18.73
N GLY C 756 29.51 -23.83 -18.66
CA GLY C 756 30.06 -22.70 -19.51
C GLY C 756 30.95 -22.08 -18.42
N SER C 757 31.71 -20.95 -18.57
CA SER C 757 31.86 -20.14 -17.36
C SER C 757 31.87 -18.82 -17.81
N TYR C 758 30.88 -18.04 -17.39
CA TYR C 758 30.87 -16.71 -17.96
C TYR C 758 31.96 -16.08 -17.28
N VAL C 759 32.88 -15.55 -18.08
CA VAL C 759 33.78 -14.60 -17.52
C VAL C 759 33.42 -13.16 -17.28
N ASN C 760 33.83 -12.21 -18.08
CA ASN C 760 33.21 -10.99 -17.58
C ASN C 760 32.28 -10.35 -18.70
N ASP C 761 32.36 -9.03 -18.88
CA ASP C 761 31.55 -8.46 -19.87
C ASP C 761 32.36 -7.74 -20.88
N PHE C 762 32.32 -8.26 -22.02
CA PHE C 762 32.74 -7.26 -22.92
C PHE C 762 31.74 -6.06 -23.49
N ILE C 763 32.21 -5.03 -24.13
CA ILE C 763 31.11 -4.42 -24.87
C ILE C 763 30.76 -4.67 -26.47
N ASP C 764 29.58 -5.23 -26.83
CA ASP C 764 29.01 -4.90 -28.17
C ASP C 764 28.58 -3.60 -28.19
N ARG C 765 29.06 -2.94 -29.26
CA ARG C 765 28.54 -1.59 -29.73
C ARG C 765 27.58 -1.00 -28.62
N GLY C 766 28.48 -0.58 -27.56
CA GLY C 766 28.16 0.18 -26.23
C GLY C 766 27.14 -0.50 -25.26
N ARG C 767 27.06 -1.82 -25.33
CA ARG C 767 25.90 -2.31 -24.78
C ARG C 767 26.28 -3.55 -24.13
N VAL C 768 26.66 -3.21 -22.87
CA VAL C 768 27.41 -4.03 -21.97
C VAL C 768 26.86 -5.42 -22.06
N LYS C 769 27.76 -6.42 -21.58
CA LYS C 769 27.71 -7.82 -22.16
C LYS C 769 28.39 -9.08 -21.85
N LYS C 770 27.66 -10.08 -21.43
CA LYS C 770 28.15 -11.40 -20.98
C LYS C 770 29.25 -12.06 -22.01
N VAL C 771 30.34 -12.66 -21.40
CA VAL C 771 31.55 -13.38 -22.07
C VAL C 771 31.88 -14.72 -21.33
N TYR C 772 31.94 -15.82 -22.04
CA TYR C 772 31.87 -17.26 -21.57
C TYR C 772 32.88 -18.34 -22.31
N VAL C 773 33.33 -19.27 -21.52
CA VAL C 773 34.63 -19.85 -21.92
C VAL C 773 33.89 -21.13 -21.87
N MET C 774 33.91 -21.90 -22.93
CA MET C 774 33.62 -23.29 -22.70
C MET C 774 34.01 -24.18 -23.88
N SER C 775 33.81 -25.48 -23.79
CA SER C 775 34.37 -26.20 -24.88
C SER C 775 33.70 -26.12 -26.37
N GLU C 776 34.42 -25.86 -27.44
CA GLU C 776 33.77 -26.13 -28.68
C GLU C 776 32.92 -27.35 -28.53
N ALA C 777 32.03 -27.50 -29.47
CA ALA C 777 31.07 -28.56 -29.34
C ALA C 777 31.78 -29.97 -29.38
N LYS C 778 32.70 -30.13 -30.34
CA LYS C 778 33.02 -31.50 -30.61
C LYS C 778 33.80 -32.11 -29.48
N TYR C 779 34.31 -31.31 -28.54
CA TYR C 779 35.20 -31.85 -27.58
C TYR C 779 34.59 -31.89 -26.34
N ARG C 780 33.23 -32.01 -26.38
CA ARG C 780 32.32 -32.45 -25.22
C ARG C 780 31.09 -33.40 -25.39
N MET C 781 30.95 -34.29 -26.40
CA MET C 781 29.67 -35.05 -26.53
C MET C 781 29.58 -36.42 -25.97
N LEU C 782 30.60 -37.26 -25.90
CA LEU C 782 30.27 -38.53 -25.22
C LEU C 782 31.38 -38.60 -24.25
N PRO C 783 31.30 -39.54 -23.30
CA PRO C 783 32.03 -39.44 -22.06
C PRO C 783 33.39 -39.99 -22.28
N ASP C 784 33.51 -40.69 -23.40
CA ASP C 784 34.85 -40.91 -23.94
C ASP C 784 35.60 -39.52 -24.21
N ASP C 785 34.88 -38.42 -24.44
CA ASP C 785 35.66 -37.23 -24.73
C ASP C 785 36.39 -36.87 -23.49
N ILE C 786 35.96 -37.41 -22.33
CA ILE C 786 36.49 -36.79 -21.14
C ILE C 786 37.97 -36.68 -21.28
N GLY C 787 38.60 -37.59 -22.00
CA GLY C 787 40.09 -37.59 -21.97
C GLY C 787 40.82 -36.55 -22.86
N ASP C 788 40.33 -35.35 -23.07
CA ASP C 788 40.98 -34.64 -24.16
C ASP C 788 41.62 -33.68 -23.24
N TRP C 789 41.17 -33.83 -22.01
CA TRP C 789 41.44 -32.81 -20.96
C TRP C 789 42.58 -33.43 -20.00
N TYR C 790 43.64 -32.60 -19.91
CA TYR C 790 44.77 -32.74 -19.03
C TYR C 790 44.69 -31.41 -18.31
N VAL C 791 45.75 -31.06 -17.62
CA VAL C 791 45.67 -30.13 -16.54
C VAL C 791 47.03 -30.06 -15.87
N ARG C 792 47.84 -29.06 -16.23
CA ARG C 792 49.08 -28.70 -15.51
C ARG C 792 48.91 -28.87 -14.05
N ALA C 793 49.97 -29.36 -13.44
CA ALA C 793 49.99 -29.64 -12.04
C ALA C 793 51.13 -28.75 -11.86
N ALA C 794 51.78 -28.86 -10.70
CA ALA C 794 52.85 -27.91 -10.29
C ALA C 794 54.30 -28.29 -10.66
N ASP C 795 54.49 -29.51 -11.16
CA ASP C 795 55.71 -29.70 -11.93
C ASP C 795 55.61 -29.27 -13.44
N GLY C 796 54.55 -28.63 -13.90
CA GLY C 796 54.51 -28.39 -15.32
C GLY C 796 54.06 -29.66 -16.04
N GLN C 797 53.96 -30.77 -15.31
CA GLN C 797 53.51 -32.01 -15.96
C GLN C 797 52.14 -31.77 -16.64
N MET C 798 51.93 -32.08 -17.92
CA MET C 798 50.51 -32.19 -18.36
C MET C 798 49.67 -33.39 -17.75
N VAL C 799 49.19 -33.36 -16.48
CA VAL C 799 48.30 -34.47 -16.01
C VAL C 799 46.98 -34.54 -16.76
N PRO C 800 46.50 -35.72 -17.02
CA PRO C 800 45.15 -35.99 -17.33
C PRO C 800 44.39 -36.68 -16.27
N PHE C 801 43.18 -36.21 -16.16
CA PHE C 801 42.03 -36.94 -15.75
C PHE C 801 42.30 -38.36 -15.46
N SER C 802 42.65 -39.25 -16.39
CA SER C 802 42.54 -40.68 -15.98
C SER C 802 43.53 -41.00 -14.91
N ALA C 803 44.38 -40.05 -14.69
CA ALA C 803 45.27 -40.14 -13.62
C ALA C 803 44.65 -39.81 -12.25
N PHE C 804 43.63 -38.98 -12.15
CA PHE C 804 43.01 -38.79 -10.79
C PHE C 804 41.46 -39.08 -10.64
N SER C 805 40.80 -39.65 -11.66
CA SER C 805 39.33 -39.73 -11.70
C SER C 805 38.90 -41.07 -12.05
N SER C 806 37.64 -41.22 -12.48
CA SER C 806 37.04 -42.51 -12.93
C SER C 806 35.51 -42.59 -13.06
N SER C 807 34.94 -42.35 -14.22
CA SER C 807 33.49 -42.18 -14.22
C SER C 807 32.64 -43.41 -14.57
N ARG C 808 31.56 -43.77 -13.79
CA ARG C 808 30.52 -44.89 -14.09
C ARG C 808 29.15 -44.42 -14.66
N TRP C 809 28.37 -45.20 -15.39
CA TRP C 809 27.01 -44.62 -15.56
C TRP C 809 26.25 -44.54 -14.15
N GLU C 810 25.19 -43.72 -14.01
CA GLU C 810 24.00 -43.95 -13.17
C GLU C 810 22.72 -43.10 -13.60
N TYR C 811 21.67 -43.42 -12.80
CA TYR C 811 20.35 -42.88 -12.90
C TYR C 811 20.18 -42.01 -11.75
N GLY C 812 19.70 -40.85 -12.15
CA GLY C 812 19.56 -39.69 -11.29
C GLY C 812 18.50 -38.87 -11.98
N SER C 813 18.01 -37.78 -11.35
CA SER C 813 16.74 -37.29 -11.78
C SER C 813 16.89 -35.91 -12.26
N PRO C 814 16.18 -35.62 -13.37
CA PRO C 814 16.23 -34.44 -14.10
C PRO C 814 15.37 -33.36 -13.64
N ARG C 815 14.61 -33.52 -12.54
CA ARG C 815 13.48 -32.54 -12.10
C ARG C 815 13.32 -32.88 -10.71
N LEU C 816 13.38 -31.94 -9.82
CA LEU C 816 13.28 -32.38 -8.43
C LEU C 816 12.15 -31.61 -7.64
N GLU C 817 11.10 -32.29 -7.16
CA GLU C 817 10.02 -31.39 -6.81
C GLU C 817 10.10 -30.82 -5.34
N ARG C 818 9.20 -29.89 -5.00
CA ARG C 818 8.94 -29.53 -3.63
C ARG C 818 7.54 -28.80 -3.50
N TYR C 819 6.78 -29.43 -2.62
CA TYR C 819 5.63 -28.83 -2.11
C TYR C 819 5.99 -28.44 -0.74
N ASN C 820 6.50 -27.25 -0.64
CA ASN C 820 6.63 -26.57 0.61
C ASN C 820 7.87 -27.20 1.12
N GLY C 821 8.09 -26.97 2.45
CA GLY C 821 9.25 -27.47 3.16
C GLY C 821 9.92 -28.63 2.39
N LEU C 822 9.05 -29.56 1.89
CA LEU C 822 9.39 -30.96 1.79
C LEU C 822 9.65 -31.49 0.36
N PRO C 823 10.23 -32.69 0.19
CA PRO C 823 10.34 -32.93 -1.25
C PRO C 823 9.01 -33.30 -2.01
N SER C 824 8.59 -32.51 -2.94
CA SER C 824 7.29 -32.85 -3.58
C SER C 824 7.12 -34.16 -4.22
N MET C 825 6.12 -34.18 -5.14
CA MET C 825 6.02 -35.07 -6.32
C MET C 825 4.59 -35.04 -6.92
N GLU C 826 4.41 -34.20 -7.96
CA GLU C 826 3.07 -33.87 -8.47
C GLU C 826 2.48 -34.91 -9.40
N ILE C 827 1.28 -35.38 -9.00
CA ILE C 827 0.46 -36.38 -9.70
C ILE C 827 -0.90 -35.75 -10.05
N LEU C 828 -0.95 -35.25 -11.25
CA LEU C 828 -2.14 -34.83 -11.82
C LEU C 828 -2.83 -36.05 -12.39
N GLY C 829 -4.03 -35.75 -12.95
CA GLY C 829 -5.21 -36.67 -13.20
C GLY C 829 -6.60 -35.98 -13.40
N GLN C 830 -7.66 -36.40 -12.70
CA GLN C 830 -8.98 -36.13 -13.16
C GLN C 830 -9.95 -37.27 -12.97
N ALA C 831 -11.24 -37.01 -12.70
CA ALA C 831 -12.18 -38.13 -12.64
C ALA C 831 -13.22 -38.31 -13.79
N ALA C 832 -12.85 -37.93 -15.04
CA ALA C 832 -13.60 -38.17 -16.32
C ALA C 832 -14.96 -38.83 -16.29
N PRO C 833 -15.86 -38.42 -17.26
CA PRO C 833 -17.37 -38.59 -17.13
C PRO C 833 -17.83 -39.85 -16.32
N GLY C 834 -18.68 -39.68 -15.32
CA GLY C 834 -19.07 -40.82 -14.51
C GLY C 834 -19.18 -40.25 -13.15
N LYS C 835 -18.36 -40.75 -12.23
CA LYS C 835 -18.23 -40.13 -10.88
C LYS C 835 -18.00 -38.59 -10.90
N SER C 836 -17.49 -38.07 -9.76
CA SER C 836 -17.56 -36.62 -9.45
C SER C 836 -16.31 -36.22 -8.79
N THR C 837 -15.62 -35.22 -9.29
CA THR C 837 -14.39 -34.76 -8.66
C THR C 837 -14.03 -35.02 -7.11
N GLY C 838 -14.92 -35.53 -6.29
CA GLY C 838 -14.58 -35.87 -4.89
C GLY C 838 -14.79 -37.34 -4.54
N GLU C 839 -15.03 -38.14 -5.57
CA GLU C 839 -15.00 -39.60 -5.56
C GLU C 839 -13.57 -39.91 -5.90
N ALA C 840 -12.97 -39.01 -6.70
CA ALA C 840 -11.63 -39.18 -7.18
C ALA C 840 -10.73 -38.97 -5.94
N MET C 841 -10.86 -37.77 -5.37
CA MET C 841 -10.07 -37.32 -4.24
C MET C 841 -10.27 -38.34 -3.23
N GLU C 842 -11.44 -38.40 -2.67
CA GLU C 842 -11.66 -39.49 -1.80
C GLU C 842 -10.82 -40.69 -2.22
N LEU C 843 -11.14 -41.27 -3.36
CA LEU C 843 -10.52 -42.55 -3.70
C LEU C 843 -9.00 -42.53 -3.36
N MET C 844 -8.33 -41.41 -3.72
CA MET C 844 -6.87 -41.28 -3.82
C MET C 844 -6.32 -41.24 -2.44
N GLU C 845 -6.85 -40.31 -1.65
CA GLU C 845 -6.51 -40.24 -0.24
C GLU C 845 -6.47 -41.62 0.38
N GLN C 846 -7.54 -42.33 0.09
CA GLN C 846 -7.74 -43.72 0.46
C GLN C 846 -6.47 -44.56 0.32
N LEU C 847 -6.13 -44.79 -0.95
CA LEU C 847 -5.00 -45.60 -1.28
C LEU C 847 -3.72 -44.84 -0.94
N ALA C 848 -3.83 -43.51 -0.80
CA ALA C 848 -2.69 -42.66 -0.46
C ALA C 848 -2.40 -42.69 1.03
N SER C 849 -2.87 -43.74 1.67
CA SER C 849 -2.39 -44.11 3.02
C SER C 849 -2.12 -45.67 3.09
N LYS C 850 -1.44 -46.19 2.06
CA LYS C 850 -1.07 -47.62 1.87
C LYS C 850 0.42 -47.55 1.82
N LEU C 851 0.87 -46.48 1.17
CA LEU C 851 2.15 -46.31 0.63
C LEU C 851 3.09 -46.38 1.78
N PRO C 852 4.20 -47.12 1.65
CA PRO C 852 5.18 -47.38 2.68
C PRO C 852 5.27 -46.27 3.69
N THR C 853 5.96 -46.53 4.78
CA THR C 853 5.99 -45.56 5.83
C THR C 853 6.72 -44.26 5.56
N GLY C 854 6.09 -43.17 6.02
CA GLY C 854 6.57 -41.81 5.84
C GLY C 854 6.20 -41.15 4.53
N VAL C 855 5.42 -41.75 3.68
CA VAL C 855 4.90 -40.92 2.61
C VAL C 855 3.68 -40.34 3.23
N GLY C 856 3.16 -39.28 2.63
CA GLY C 856 1.90 -38.61 2.97
C GLY C 856 1.65 -37.49 1.96
N TYR C 857 0.43 -36.98 1.79
CA TYR C 857 0.17 -36.21 0.56
C TYR C 857 -0.30 -34.82 0.83
N ASP C 858 -1.01 -34.20 -0.15
CA ASP C 858 -1.71 -32.87 0.02
C ASP C 858 -2.18 -32.33 -1.33
N TRP C 859 -3.27 -31.47 -1.40
CA TRP C 859 -3.71 -30.83 -2.68
C TRP C 859 -3.14 -29.39 -2.97
N THR C 860 -3.01 -28.98 -4.24
CA THR C 860 -2.71 -27.55 -4.57
C THR C 860 -3.75 -26.98 -5.55
N GLY C 861 -3.58 -25.71 -5.91
CA GLY C 861 -4.32 -25.11 -6.99
C GLY C 861 -5.71 -25.76 -7.16
N MET C 862 -6.18 -25.95 -8.41
CA MET C 862 -7.51 -26.56 -8.61
C MET C 862 -8.05 -27.39 -7.41
N SER C 863 -7.49 -28.51 -7.07
CA SER C 863 -8.12 -29.24 -5.96
C SER C 863 -7.61 -28.85 -4.55
N TYR C 864 -7.58 -27.55 -4.32
CA TYR C 864 -7.39 -26.97 -3.04
C TYR C 864 -8.64 -26.23 -2.74
N GLN C 865 -8.93 -25.20 -3.58
CA GLN C 865 -10.29 -24.54 -3.87
C GLN C 865 -11.56 -25.43 -4.20
N GLU C 866 -11.34 -26.72 -4.52
CA GLU C 866 -12.38 -27.77 -4.57
C GLU C 866 -12.57 -28.42 -3.24
N ARG C 867 -12.24 -27.62 -2.22
CA ARG C 867 -12.59 -27.82 -0.81
C ARG C 867 -12.65 -26.41 -0.20
N LEU C 868 -13.09 -25.44 -1.04
CA LEU C 868 -13.25 -23.98 -0.70
C LEU C 868 -14.39 -23.35 -1.53
N SER C 869 -14.04 -22.19 -2.14
CA SER C 869 -14.90 -21.28 -2.99
C SER C 869 -16.33 -21.74 -3.35
N GLY C 870 -17.32 -21.08 -2.73
CA GLY C 870 -18.76 -21.32 -3.01
C GLY C 870 -19.78 -21.72 -1.92
N ASN C 871 -20.09 -20.76 -1.00
CA ASN C 871 -20.95 -20.99 0.24
C ASN C 871 -22.42 -21.41 -0.06
N GLN C 872 -22.50 -22.66 -0.56
CA GLN C 872 -23.67 -23.31 -1.19
C GLN C 872 -24.58 -22.43 -2.14
N ALA C 873 -25.88 -22.55 -1.90
CA ALA C 873 -26.92 -21.89 -2.65
C ALA C 873 -28.31 -22.39 -2.21
N PRO C 874 -28.59 -23.74 -2.20
CA PRO C 874 -29.93 -24.02 -1.71
C PRO C 874 -29.89 -23.77 -0.21
N SER C 875 -28.72 -23.39 0.25
CA SER C 875 -28.55 -22.87 1.58
C SER C 875 -28.55 -21.34 1.49
N LEU C 876 -28.27 -20.80 0.29
CA LEU C 876 -28.35 -19.36 0.06
C LEU C 876 -29.71 -19.04 -0.40
N TYR C 877 -30.07 -19.53 -1.61
CA TYR C 877 -31.42 -19.36 -2.24
C TYR C 877 -32.68 -19.39 -1.28
N ALA C 878 -32.64 -20.24 -0.24
CA ALA C 878 -33.60 -20.30 0.91
C ALA C 878 -33.76 -19.00 1.68
N ILE C 879 -32.67 -18.30 1.82
CA ILE C 879 -32.67 -17.05 2.53
C ILE C 879 -33.16 -16.05 1.50
N SER C 880 -33.26 -16.49 0.25
CA SER C 880 -33.92 -15.65 -0.74
C SER C 880 -35.41 -15.91 -0.99
N LEU C 881 -35.86 -17.14 -0.74
CA LEU C 881 -37.30 -17.40 -0.49
C LEU C 881 -37.90 -16.55 0.68
N ILE C 882 -37.38 -16.83 1.91
CA ILE C 882 -37.70 -16.09 3.15
C ILE C 882 -37.65 -14.56 3.01
N VAL C 883 -36.83 -14.04 2.14
CA VAL C 883 -36.76 -12.61 2.06
C VAL C 883 -37.72 -12.11 0.99
N VAL C 884 -38.15 -13.03 0.11
CA VAL C 884 -39.12 -12.65 -0.88
C VAL C 884 -40.45 -12.62 -0.20
N PHE C 885 -40.82 -13.71 0.46
CA PHE C 885 -42.13 -13.80 1.16
C PHE C 885 -42.37 -12.61 2.09
N LEU C 886 -41.59 -12.52 3.17
CA LEU C 886 -41.55 -11.35 4.03
C LEU C 886 -41.65 -9.99 3.32
N CYS C 887 -41.02 -9.82 2.13
CA CYS C 887 -41.24 -8.56 1.31
C CYS C 887 -42.63 -8.57 0.61
N LEU C 888 -43.01 -9.71 -0.01
CA LEU C 888 -44.26 -9.85 -0.75
C LEU C 888 -45.42 -9.55 0.16
N ALA C 889 -45.52 -10.34 1.23
CA ALA C 889 -46.40 -10.04 2.34
C ALA C 889 -46.12 -8.68 2.93
N ALA C 890 -44.90 -8.21 2.98
CA ALA C 890 -44.74 -6.84 3.42
C ALA C 890 -45.50 -5.85 2.51
N LEU C 891 -45.49 -6.14 1.19
CA LEU C 891 -46.23 -5.36 0.14
C LEU C 891 -47.75 -5.58 0.23
N TYR C 892 -48.18 -6.87 0.22
CA TYR C 892 -49.63 -7.29 0.23
C TYR C 892 -50.42 -7.18 1.57
N GLU C 893 -49.75 -6.53 2.51
CA GLU C 893 -50.00 -6.64 3.96
C GLU C 893 -50.28 -8.08 4.60
N SER C 894 -50.00 -9.15 3.84
CA SER C 894 -50.69 -10.43 3.99
C SER C 894 -49.83 -11.61 4.38
N TRP C 895 -50.19 -12.31 5.45
CA TRP C 895 -49.50 -13.56 5.66
C TRP C 895 -49.97 -14.58 4.71
N SER C 896 -50.49 -14.19 3.55
CA SER C 896 -51.15 -15.18 2.69
C SER C 896 -51.24 -14.87 1.19
N ILE C 897 -51.69 -13.66 0.85
CA ILE C 897 -51.56 -13.12 -0.55
C ILE C 897 -50.19 -13.44 -1.39
N PRO C 898 -48.95 -13.42 -0.74
CA PRO C 898 -47.72 -13.65 -1.51
C PRO C 898 -47.58 -15.07 -2.05
N PHE C 899 -48.00 -16.10 -1.27
CA PHE C 899 -48.02 -17.50 -1.79
C PHE C 899 -48.75 -17.60 -3.16
N SER C 900 -49.55 -16.56 -3.49
CA SER C 900 -50.11 -16.35 -4.86
C SER C 900 -49.01 -15.97 -5.95
N VAL C 901 -47.94 -15.23 -5.51
CA VAL C 901 -46.83 -14.63 -6.33
C VAL C 901 -45.66 -15.59 -6.52
N MET C 902 -45.10 -16.03 -5.39
CA MET C 902 -43.97 -16.96 -5.36
C MET C 902 -44.23 -18.16 -6.23
N LEU C 903 -45.40 -18.77 -5.99
CA LEU C 903 -46.01 -19.86 -6.80
C LEU C 903 -45.71 -19.81 -8.32
N VAL C 904 -45.49 -18.58 -8.83
CA VAL C 904 -44.96 -18.41 -10.17
C VAL C 904 -43.59 -19.13 -10.17
N VAL C 905 -42.49 -18.48 -9.72
CA VAL C 905 -41.15 -19.15 -9.65
C VAL C 905 -41.04 -20.46 -10.51
N PRO C 906 -41.71 -21.59 -10.11
CA PRO C 906 -41.62 -22.86 -10.88
C PRO C 906 -41.93 -22.83 -12.40
N LEU C 907 -42.90 -21.99 -12.81
CA LEU C 907 -43.46 -21.85 -14.19
C LEU C 907 -42.37 -21.52 -15.25
N GLY C 908 -41.73 -20.34 -15.12
CA GLY C 908 -40.60 -19.95 -16.04
C GLY C 908 -39.36 -20.86 -16.09
N VAL C 909 -38.79 -21.12 -14.90
CA VAL C 909 -37.70 -22.06 -14.53
C VAL C 909 -37.63 -23.32 -15.38
N ILE C 910 -38.82 -23.84 -15.73
CA ILE C 910 -38.97 -25.07 -16.53
C ILE C 910 -39.12 -24.77 -18.02
N GLY C 911 -39.30 -23.50 -18.34
CA GLY C 911 -39.02 -23.02 -19.66
C GLY C 911 -37.57 -23.39 -19.83
N ALA C 912 -36.69 -22.58 -19.25
CA ALA C 912 -35.22 -22.85 -19.17
C ALA C 912 -34.66 -24.33 -18.97
N LEU C 913 -34.57 -24.85 -17.72
CA LEU C 913 -34.25 -26.26 -17.50
C LEU C 913 -34.87 -27.18 -18.59
N LEU C 914 -35.18 -26.62 -19.76
CA LEU C 914 -35.57 -27.43 -20.93
C LEU C 914 -35.02 -26.94 -22.29
N ALA C 915 -34.78 -25.64 -22.45
CA ALA C 915 -34.15 -25.14 -23.68
C ALA C 915 -32.66 -25.32 -23.52
N ALA C 916 -32.27 -25.34 -22.24
CA ALA C 916 -31.02 -25.91 -21.78
C ALA C 916 -30.87 -27.37 -22.21
N THR C 917 -31.63 -28.29 -21.64
CA THR C 917 -31.59 -29.71 -22.08
C THR C 917 -31.91 -29.96 -23.60
N PHE C 918 -32.69 -29.07 -24.21
CA PHE C 918 -33.09 -29.14 -25.62
C PHE C 918 -31.86 -28.94 -26.50
N ARG C 919 -31.28 -27.73 -26.42
CA ARG C 919 -29.93 -27.43 -26.96
C ARG C 919 -28.90 -28.15 -26.07
N GLY C 920 -27.71 -28.47 -26.61
CA GLY C 920 -26.68 -29.14 -25.78
C GLY C 920 -25.96 -28.10 -24.93
N LEU C 921 -26.58 -27.73 -23.82
CA LEU C 921 -26.10 -26.64 -22.99
C LEU C 921 -26.03 -27.20 -21.62
N THR C 922 -25.16 -26.62 -20.79
CA THR C 922 -25.08 -27.06 -19.39
C THR C 922 -25.64 -26.00 -18.48
N ASN C 923 -25.53 -26.20 -17.17
CA ASN C 923 -25.97 -25.20 -16.21
C ASN C 923 -24.91 -24.09 -16.02
N ASP C 924 -24.29 -23.58 -17.09
CA ASP C 924 -23.30 -22.49 -16.96
C ASP C 924 -23.78 -21.25 -16.14
N VAL C 925 -22.89 -20.49 -15.46
CA VAL C 925 -23.31 -19.22 -14.80
C VAL C 925 -24.30 -18.34 -15.60
N TYR C 926 -24.03 -18.08 -16.89
CA TYR C 926 -25.09 -17.50 -17.76
C TYR C 926 -26.37 -18.40 -17.87
N PHE C 927 -26.64 -19.22 -16.83
CA PHE C 927 -27.89 -19.95 -16.76
C PHE C 927 -28.73 -19.58 -15.57
N GLN C 928 -28.08 -19.30 -14.45
CA GLN C 928 -28.83 -18.92 -13.27
C GLN C 928 -29.17 -17.49 -13.41
N VAL C 929 -28.36 -16.78 -14.15
CA VAL C 929 -28.62 -15.39 -14.46
C VAL C 929 -29.80 -15.25 -15.48
N GLY C 930 -29.88 -16.14 -16.47
CA GLY C 930 -31.00 -16.26 -17.50
C GLY C 930 -32.24 -17.07 -17.07
N LEU C 931 -32.22 -17.31 -15.77
CA LEU C 931 -33.22 -17.97 -15.02
C LEU C 931 -33.64 -16.93 -13.90
N LEU C 932 -32.67 -16.19 -13.30
CA LEU C 932 -32.97 -15.28 -12.14
C LEU C 932 -33.61 -14.01 -12.60
N THR C 933 -33.26 -13.65 -13.84
CA THR C 933 -33.94 -12.61 -14.61
C THR C 933 -35.39 -13.00 -15.11
N THR C 934 -35.58 -14.21 -15.63
CA THR C 934 -36.92 -14.79 -15.79
C THR C 934 -37.54 -14.79 -14.40
N ILE C 935 -37.28 -15.80 -13.60
CA ILE C 935 -37.71 -15.85 -12.20
C ILE C 935 -38.43 -14.61 -11.62
N GLY C 936 -37.66 -13.54 -11.50
CA GLY C 936 -38.09 -12.37 -10.74
C GLY C 936 -38.99 -11.49 -11.56
N LEU C 937 -38.71 -11.43 -12.85
CA LEU C 937 -39.53 -10.74 -13.83
C LEU C 937 -40.90 -11.45 -14.02
N SER C 938 -40.88 -12.75 -14.26
CA SER C 938 -42.10 -13.51 -14.19
C SER C 938 -42.87 -13.35 -12.83
N ALA C 939 -42.15 -13.19 -11.72
CA ALA C 939 -42.81 -13.06 -10.41
C ALA C 939 -43.11 -11.61 -10.08
N LYS C 940 -42.62 -10.71 -10.96
CA LYS C 940 -43.03 -9.28 -11.03
C LYS C 940 -44.43 -9.08 -11.67
N ASN C 941 -44.54 -9.26 -12.99
CA ASN C 941 -45.82 -9.13 -13.66
C ASN C 941 -46.89 -9.91 -12.88
N ALA C 942 -46.47 -11.02 -12.24
CA ALA C 942 -47.26 -11.85 -11.29
C ALA C 942 -47.49 -11.21 -9.89
N ILE C 943 -47.45 -9.88 -9.89
CA ILE C 943 -47.61 -9.04 -8.72
C ILE C 943 -48.41 -7.84 -9.13
N LEU C 944 -48.61 -7.71 -10.44
CA LEU C 944 -49.38 -6.62 -10.99
C LEU C 944 -50.73 -7.22 -11.20
N ILE C 945 -50.75 -8.50 -11.55
CA ILE C 945 -51.94 -9.28 -11.27
C ILE C 945 -51.87 -9.81 -9.80
N VAL C 946 -51.81 -8.92 -8.82
CA VAL C 946 -52.37 -9.22 -7.51
C VAL C 946 -52.73 -7.84 -7.04
N GLU C 947 -51.93 -6.88 -7.44
CA GLU C 947 -52.19 -5.47 -7.25
C GLU C 947 -53.56 -5.05 -7.79
N PHE C 948 -53.69 -5.06 -9.12
CA PHE C 948 -54.97 -4.85 -9.91
C PHE C 948 -56.19 -5.75 -9.63
N ALA C 949 -55.91 -7.03 -9.25
CA ALA C 949 -56.81 -7.97 -8.51
C ALA C 949 -56.73 -7.85 -6.96
N LYS C 950 -57.07 -6.65 -6.49
CA LYS C 950 -56.99 -6.17 -5.10
C LYS C 950 -57.63 -4.79 -5.06
N ASP C 951 -57.03 -3.86 -5.83
CA ASP C 951 -57.52 -2.46 -6.10
C ASP C 951 -59.01 -2.37 -6.59
N LEU C 952 -59.37 -3.32 -7.47
CA LEU C 952 -60.77 -3.63 -7.78
C LEU C 952 -61.42 -4.72 -6.84
N MET C 953 -60.62 -5.36 -6.00
CA MET C 953 -61.20 -6.19 -4.96
C MET C 953 -61.44 -5.35 -3.72
N ASP C 954 -60.38 -4.75 -3.15
CA ASP C 954 -60.40 -4.12 -1.80
C ASP C 954 -60.83 -2.65 -1.65
N LYS C 955 -60.56 -1.83 -2.66
CA LYS C 955 -61.17 -0.47 -2.80
C LYS C 955 -62.02 -0.32 -4.09
N GLU C 956 -63.21 -0.95 -4.07
CA GLU C 956 -64.02 -1.20 -5.27
C GLU C 956 -65.22 -2.16 -5.06
N GLY C 957 -66.21 -2.03 -5.97
CA GLY C 957 -67.51 -2.75 -5.95
C GLY C 957 -67.50 -4.25 -6.30
N LYS C 958 -66.28 -4.83 -6.38
CA LYS C 958 -65.97 -6.20 -6.91
C LYS C 958 -65.32 -7.19 -5.88
N GLY C 959 -65.05 -8.42 -6.31
CA GLY C 959 -64.62 -9.54 -5.39
C GLY C 959 -64.18 -10.92 -5.97
N LEU C 960 -64.69 -12.03 -5.39
CA LEU C 960 -64.34 -13.47 -5.76
C LEU C 960 -63.44 -13.62 -7.01
N ILE C 961 -64.14 -13.59 -8.16
CA ILE C 961 -63.71 -13.78 -9.55
C ILE C 961 -64.00 -12.51 -10.42
N GLU C 962 -64.68 -11.50 -9.85
CA GLU C 962 -64.77 -10.14 -10.47
C GLU C 962 -63.56 -9.32 -10.02
N ALA C 963 -62.82 -9.97 -9.10
CA ALA C 963 -61.44 -9.66 -8.69
C ALA C 963 -60.55 -9.95 -9.87
N THR C 964 -60.10 -11.20 -9.87
CA THR C 964 -59.14 -11.67 -10.85
C THR C 964 -59.61 -11.20 -12.29
N LEU C 965 -60.94 -11.04 -12.47
CA LEU C 965 -61.65 -10.45 -13.68
C LEU C 965 -60.90 -9.38 -14.53
N ASP C 966 -60.68 -8.16 -14.02
CA ASP C 966 -60.06 -7.08 -14.81
C ASP C 966 -58.59 -7.01 -14.43
N ALA C 967 -58.27 -7.74 -13.36
CA ALA C 967 -56.89 -8.06 -13.04
C ALA C 967 -56.39 -8.79 -14.29
N VAL C 968 -56.60 -10.09 -14.38
CA VAL C 968 -56.06 -10.87 -15.49
C VAL C 968 -56.31 -10.27 -16.87
N ARG C 969 -57.50 -9.67 -17.12
CA ARG C 969 -57.92 -9.15 -18.48
C ARG C 969 -57.20 -7.87 -18.89
N MET C 970 -56.81 -7.09 -17.87
CA MET C 970 -56.09 -5.84 -18.05
C MET C 970 -54.55 -6.07 -18.25
N ARG C 971 -54.06 -6.97 -17.38
CA ARG C 971 -52.71 -7.50 -17.31
C ARG C 971 -52.54 -8.59 -18.38
N LEU C 972 -52.48 -8.13 -19.62
CA LEU C 972 -52.46 -9.02 -20.75
C LEU C 972 -51.76 -8.37 -21.91
N ARG C 973 -52.35 -7.30 -22.47
CA ARG C 973 -51.57 -6.44 -23.37
C ARG C 973 -50.18 -5.95 -22.81
N PRO C 974 -49.98 -5.83 -21.42
CA PRO C 974 -48.63 -5.45 -20.91
C PRO C 974 -47.70 -6.64 -20.85
N ILE C 975 -48.12 -7.69 -20.15
CA ILE C 975 -47.44 -8.93 -20.29
C ILE C 975 -46.96 -9.10 -21.72
N LEU C 976 -47.75 -9.67 -22.62
CA LEU C 976 -47.32 -9.87 -24.03
C LEU C 976 -46.55 -8.70 -24.67
N MET C 977 -46.49 -7.55 -24.00
CA MET C 977 -45.76 -6.42 -24.55
C MET C 977 -44.32 -6.45 -24.11
N THR C 978 -44.10 -7.13 -23.00
CA THR C 978 -42.79 -7.29 -22.37
C THR C 978 -42.20 -8.57 -22.85
N SER C 979 -42.67 -9.67 -22.28
CA SER C 979 -42.21 -10.99 -22.66
C SER C 979 -41.87 -11.08 -24.10
N LEU C 980 -42.68 -10.49 -24.99
CA LEU C 980 -42.38 -10.49 -26.46
C LEU C 980 -41.58 -9.20 -26.92
N ALA C 981 -41.20 -8.42 -25.91
CA ALA C 981 -40.27 -7.30 -26.05
C ALA C 981 -38.86 -7.82 -25.77
N PHE C 982 -38.75 -8.52 -24.62
CA PHE C 982 -37.55 -9.30 -24.18
C PHE C 982 -37.23 -10.53 -25.04
N ILE C 983 -37.94 -11.65 -24.90
CA ILE C 983 -37.77 -12.79 -25.84
C ILE C 983 -37.58 -12.37 -27.31
N LEU C 984 -38.00 -11.17 -27.71
CA LEU C 984 -37.68 -10.72 -29.05
C LEU C 984 -36.26 -10.21 -29.10
N GLY C 985 -35.91 -9.27 -28.22
CA GLY C 985 -34.54 -8.67 -28.16
C GLY C 985 -33.34 -9.64 -27.94
N VAL C 986 -33.61 -10.70 -27.17
CA VAL C 986 -32.73 -11.81 -26.87
C VAL C 986 -32.74 -12.78 -28.02
N MET C 987 -33.38 -12.42 -29.13
CA MET C 987 -33.40 -13.36 -30.25
C MET C 987 -31.89 -13.67 -30.53
N PRO C 988 -31.14 -12.67 -31.06
CA PRO C 988 -29.81 -13.04 -31.58
C PRO C 988 -29.21 -14.16 -30.70
N LEU C 989 -28.65 -13.76 -29.55
CA LEU C 989 -27.99 -14.68 -28.64
C LEU C 989 -28.18 -16.12 -29.08
N VAL C 990 -29.44 -16.57 -29.15
CA VAL C 990 -29.85 -18.02 -29.25
C VAL C 990 -29.12 -19.02 -30.24
N ILE C 991 -28.69 -18.51 -31.38
CA ILE C 991 -27.71 -19.22 -32.25
C ILE C 991 -26.54 -18.22 -32.49
N SER C 992 -26.93 -16.94 -32.39
CA SER C 992 -26.14 -15.85 -32.99
C SER C 992 -24.62 -16.10 -33.06
N THR C 993 -24.13 -15.71 -34.24
CA THR C 993 -22.70 -15.59 -34.56
C THR C 993 -21.80 -16.80 -34.04
N GLY C 994 -20.49 -16.56 -34.12
CA GLY C 994 -19.47 -17.42 -33.53
C GLY C 994 -18.61 -16.60 -32.56
N ALA C 995 -18.12 -15.43 -32.99
CA ALA C 995 -17.23 -14.55 -32.23
C ALA C 995 -17.50 -14.36 -30.69
N GLY C 996 -17.23 -15.36 -29.87
CA GLY C 996 -17.66 -15.37 -28.47
C GLY C 996 -19.06 -15.94 -28.40
N SER C 997 -19.40 -16.79 -29.39
CA SER C 997 -20.77 -17.28 -29.57
C SER C 997 -21.04 -17.85 -28.21
N GLY C 998 -20.44 -19.01 -27.91
CA GLY C 998 -20.66 -19.75 -26.64
C GLY C 998 -21.19 -19.04 -25.36
N ALA C 999 -21.07 -17.69 -25.35
CA ALA C 999 -21.56 -16.80 -24.29
C ALA C 999 -23.01 -16.60 -24.61
N GLN C 1000 -23.20 -15.80 -25.68
CA GLN C 1000 -24.53 -15.53 -26.34
C GLN C 1000 -25.59 -16.66 -26.38
N ASN C 1001 -25.21 -17.76 -27.01
CA ASN C 1001 -26.04 -18.92 -27.07
C ASN C 1001 -26.40 -19.40 -25.68
N ALA C 1002 -25.45 -19.30 -24.73
CA ALA C 1002 -25.72 -19.77 -23.38
C ALA C 1002 -26.78 -18.88 -22.74
N VAL C 1003 -26.47 -17.57 -22.59
CA VAL C 1003 -27.51 -16.58 -22.14
C VAL C 1003 -28.87 -16.82 -22.90
N GLY C 1004 -28.94 -16.36 -24.19
CA GLY C 1004 -30.01 -16.56 -25.25
C GLY C 1004 -30.95 -17.77 -25.25
N THR C 1005 -30.39 -18.96 -25.21
CA THR C 1005 -31.18 -20.15 -24.97
C THR C 1005 -31.34 -20.49 -23.43
N GLY C 1006 -31.20 -19.52 -22.55
CA GLY C 1006 -31.57 -19.77 -21.17
C GLY C 1006 -32.80 -18.98 -20.82
N VAL C 1007 -32.87 -17.80 -21.44
CA VAL C 1007 -33.95 -16.86 -21.24
C VAL C 1007 -35.15 -17.02 -22.25
N MET C 1008 -35.05 -16.57 -23.52
CA MET C 1008 -36.12 -16.91 -24.48
C MET C 1008 -36.72 -18.27 -24.08
N GLY C 1009 -35.85 -19.28 -23.95
CA GLY C 1009 -36.19 -20.61 -23.43
C GLY C 1009 -36.95 -20.84 -22.14
N GLY C 1010 -36.79 -19.97 -21.16
CA GLY C 1010 -37.59 -20.03 -19.95
C GLY C 1010 -38.64 -18.96 -19.89
N MET C 1011 -38.50 -17.97 -20.80
CA MET C 1011 -39.39 -16.82 -20.95
C MET C 1011 -40.77 -17.27 -21.49
N VAL C 1012 -40.79 -17.95 -22.65
CA VAL C 1012 -41.97 -18.69 -23.17
C VAL C 1012 -42.75 -19.52 -22.13
N THR C 1013 -42.12 -20.47 -21.45
CA THR C 1013 -42.90 -21.23 -20.51
C THR C 1013 -43.13 -20.49 -19.18
N ALA C 1014 -43.24 -19.16 -19.22
CA ALA C 1014 -43.61 -18.34 -18.05
C ALA C 1014 -44.43 -17.12 -18.44
N THR C 1015 -44.47 -16.83 -19.74
CA THR C 1015 -45.48 -15.96 -20.35
C THR C 1015 -46.86 -16.68 -20.38
N VAL C 1016 -47.21 -17.24 -21.57
CA VAL C 1016 -48.46 -18.03 -21.77
C VAL C 1016 -48.70 -18.94 -20.54
N LEU C 1017 -47.94 -20.05 -20.40
CA LEU C 1017 -48.03 -20.93 -19.21
C LEU C 1017 -47.68 -20.20 -17.95
N ALA C 1018 -48.34 -19.09 -17.71
CA ALA C 1018 -48.35 -18.45 -16.42
C ALA C 1018 -49.61 -17.60 -16.32
N ILE C 1019 -49.83 -16.76 -17.32
CA ILE C 1019 -50.98 -15.84 -17.37
C ILE C 1019 -52.33 -16.51 -17.03
N PHE C 1020 -52.52 -17.70 -17.59
CA PHE C 1020 -53.64 -18.56 -17.28
C PHE C 1020 -53.42 -19.12 -15.89
N PHE C 1021 -52.20 -19.46 -15.52
CA PHE C 1021 -52.06 -20.19 -14.29
C PHE C 1021 -51.94 -19.35 -13.03
N VAL C 1022 -51.61 -18.06 -13.18
CA VAL C 1022 -51.50 -17.09 -12.05
C VAL C 1022 -52.80 -16.90 -11.31
N PRO C 1023 -53.90 -16.69 -12.08
CA PRO C 1023 -55.17 -16.49 -11.42
C PRO C 1023 -55.38 -17.61 -10.41
N VAL C 1024 -55.57 -18.86 -10.85
CA VAL C 1024 -55.84 -19.93 -9.85
C VAL C 1024 -55.25 -19.58 -8.46
N PHE C 1025 -53.98 -19.21 -8.42
CA PHE C 1025 -53.17 -19.11 -7.22
C PHE C 1025 -53.83 -18.42 -6.06
N PHE C 1026 -54.39 -17.25 -6.37
CA PHE C 1026 -55.15 -16.40 -5.46
C PHE C 1026 -56.23 -17.14 -4.80
N VAL C 1027 -57.30 -17.22 -5.55
CA VAL C 1027 -58.46 -18.01 -5.21
C VAL C 1027 -58.01 -19.25 -4.40
N VAL C 1028 -56.91 -19.92 -4.87
CA VAL C 1028 -56.21 -21.15 -4.27
C VAL C 1028 -55.69 -20.87 -2.84
N VAL C 1029 -54.85 -19.84 -2.81
CA VAL C 1029 -54.51 -19.07 -1.63
C VAL C 1029 -55.71 -18.81 -0.76
N ARG C 1030 -56.21 -17.57 -0.85
CA ARG C 1030 -57.26 -16.99 0.00
C ARG C 1030 -58.59 -17.76 0.23
N ARG C 1031 -59.02 -18.62 -0.67
CA ARG C 1031 -60.11 -19.53 -0.32
C ARG C 1031 -59.74 -20.53 0.76
N ARG C 1032 -58.59 -21.22 0.60
CA ARG C 1032 -58.02 -22.21 1.60
C ARG C 1032 -57.34 -21.52 2.87
N PHE C 1033 -57.55 -20.19 2.97
CA PHE C 1033 -57.12 -19.31 4.10
C PHE C 1033 -58.34 -18.53 4.59
N SER C 1034 -59.44 -19.29 4.67
CA SER C 1034 -60.79 -18.78 4.93
C SER C 1034 -61.81 -19.94 4.74
N ARG C 1035 -61.45 -21.16 5.18
CA ARG C 1035 -62.18 -22.40 4.77
C ARG C 1035 -63.66 -22.40 5.29
N LYS C 1036 -63.97 -23.23 6.30
CA LYS C 1036 -65.35 -23.37 6.86
C LYS C 1036 -65.33 -24.35 8.05
#